data_4KYA
#
_entry.id   4KYA
#
_cell.length_a   53.531
_cell.length_b   145.079
_cell.length_c   176.614
_cell.angle_alpha   90.07
_cell.angle_beta   89.96
_cell.angle_gamma   90.07
#
_symmetry.space_group_name_H-M   'P 1'
#
loop_
_entity.id
_entity.type
_entity.pdbx_description
1 polymer 'Bifunctional dihydrofolate reductase-thymidylate synthase'
2 non-polymer "2'-DEOXYURIDINE 5'-MONOPHOSPHATE"
3 non-polymer 2-Amino-5-(1-naphthylsulfanyl)-3,9-dihydro-4H-pyrimido[4,5-b]indol-4-one
4 non-polymer 'FOLIC ACID'
5 non-polymer 'NADPH DIHYDRO-NICOTINAMIDE-ADENINE-DINUCLEOTIDE PHOSPHATE'
#
_entity_poly.entity_id   1
_entity_poly.type   'polypeptide(L)'
_entity_poly.pdbx_seq_one_letter_code
;MQKPVCLVVAMTPKRGIGINNGLPWPHLTTDFKHFSRVTKTTPEEASRFNAVVMGRKTWESMPRKFRPLVDRLNIVVSSS
LKEEDIAAEKPQAEGQQRVRVCASLPAALSLLEEEYKDSVDQIFVVGGAGLYEAALSLGVASHLYITRVAREFPCDVFFP
AFPGDDILSNKSTAAEKDNEATYRPIFISKTFSDNGVPYDFVVLEKRRKTDDAATAEPSNAMSSLTSTRETTPVHGLQAP
SSAAAIAPVLAWMDEEDRKKREQKELIRAVPHVHFRGHEEFQYLDLIADIINNGRTMDDRTGVGVISKFGCTMRYSLDQA
FPLLTTKRVFWKGVLEELLWFIRGDTNANHLSEKGVKIWDKNVTREFLDSRNLPHREVGDIGPGYGFQWRHFGAAYKDMH
TDYTGQGVDQLKNVIQMLRTNPTDRRMLMTAWNPAALDEMALPPCHLLCQFYVNDQKELSCIMYQRSCDVGLGVPFNIAS
YSLLTLMVAHVCNLKPKEFIHFMGNTHVYTNHVEALKEQLRREPRPFPIVNILNKERIKEIDDFTAEDFEVVGYVPHGRI
QMEMAV
;
_entity_poly.pdbx_strand_id   A,B,C,D,E,F,G,H
#
loop_
_chem_comp.id
_chem_comp.type
_chem_comp.name
_chem_comp.formula
1UG non-polymer 2-Amino-5-(1-naphthylsulfanyl)-3,9-dihydro-4H-pyrimido[4,5-b]indol-4-one 'C20 H14 N4 O S'
FOL non-polymer 'FOLIC ACID' 'C19 H19 N7 O6'
NDP non-polymer 'NADPH DIHYDRO-NICOTINAMIDE-ADENINE-DINUCLEOTIDE PHOSPHATE' 'C21 H30 N7 O17 P3'
UMP non-polymer '2'-DEOXYURIDINE 5'-MONOPHOSPHATE' 'C9 H13 N2 O8 P'
#
# COMPACT_ATOMS: atom_id res chain seq x y z
N PRO A 4 -9.83 45.71 -7.51
CA PRO A 4 -9.45 44.30 -7.53
C PRO A 4 -10.60 43.38 -7.12
N VAL A 5 -11.25 42.78 -8.10
CA VAL A 5 -12.47 42.01 -7.86
C VAL A 5 -12.22 40.50 -7.98
N CYS A 6 -12.97 39.71 -7.21
CA CYS A 6 -12.93 38.26 -7.31
C CYS A 6 -14.26 37.71 -7.79
N LEU A 7 -14.22 36.80 -8.75
CA LEU A 7 -15.44 36.14 -9.23
C LEU A 7 -15.69 34.85 -8.44
N VAL A 8 -16.96 34.53 -8.20
CA VAL A 8 -17.26 33.24 -7.54
C VAL A 8 -18.41 32.51 -8.25
N VAL A 9 -18.14 31.25 -8.63
CA VAL A 9 -19.06 30.49 -9.47
C VAL A 9 -19.17 29.01 -9.11
N ALA A 10 -20.27 28.40 -9.54
CA ALA A 10 -20.41 26.95 -9.60
C ALA A 10 -20.70 26.59 -11.05
N MET A 11 -20.09 25.54 -11.56
CA MET A 11 -20.01 25.36 -13.01
C MET A 11 -19.97 23.89 -13.47
N THR A 12 -20.70 23.59 -14.54
CA THR A 12 -20.67 22.28 -15.16
C THR A 12 -19.46 22.23 -16.12
N PRO A 13 -19.05 21.03 -16.56
CA PRO A 13 -17.88 20.95 -17.46
C PRO A 13 -18.06 21.75 -18.75
N LYS A 14 -19.29 21.85 -19.23
CA LYS A 14 -19.58 22.63 -20.42
C LYS A 14 -19.97 24.07 -20.04
N ARG A 15 -19.48 24.50 -18.88
CA ARG A 15 -19.58 25.88 -18.41
C ARG A 15 -20.99 26.37 -18.11
N GLY A 16 -21.92 25.44 -17.93
CA GLY A 16 -23.29 25.78 -17.59
C GLY A 16 -23.42 26.20 -16.14
N ILE A 17 -24.24 27.22 -15.89
CA ILE A 17 -24.40 27.72 -14.52
C ILE A 17 -25.86 27.83 -14.09
N GLY A 18 -26.79 27.81 -15.04
CA GLY A 18 -28.19 27.97 -14.71
C GLY A 18 -29.20 27.50 -15.74
N ILE A 19 -30.43 27.29 -15.29
CA ILE A 19 -31.55 26.96 -16.17
C ILE A 19 -32.87 27.46 -15.58
N ASN A 20 -33.69 28.11 -16.41
CA ASN A 20 -34.96 28.69 -15.98
C ASN A 20 -34.82 29.56 -14.74
N ASN A 21 -33.84 30.47 -14.79
CA ASN A 21 -33.57 31.38 -13.68
C ASN A 21 -33.39 30.65 -12.35
N GLY A 22 -32.80 29.46 -12.41
CA GLY A 22 -32.54 28.67 -11.23
C GLY A 22 -31.26 27.87 -11.41
N LEU A 23 -30.92 27.05 -10.43
CA LEU A 23 -29.72 26.22 -10.51
C LEU A 23 -30.02 24.91 -11.24
N PRO A 24 -29.06 24.44 -12.05
CA PRO A 24 -29.21 23.24 -12.87
C PRO A 24 -29.20 21.94 -12.08
N TRP A 25 -28.65 21.98 -10.87
CA TRP A 25 -28.42 20.77 -10.07
C TRP A 25 -29.22 20.79 -8.76
N PRO A 26 -29.33 19.63 -8.10
CA PRO A 26 -29.88 19.59 -6.74
C PRO A 26 -29.01 20.39 -5.76
N HIS A 27 -29.50 20.62 -4.55
N HIS A 27 -29.51 20.60 -4.54
CA HIS A 27 -28.83 21.50 -3.61
CA HIS A 27 -28.83 21.45 -3.57
C HIS A 27 -27.47 20.92 -3.18
C HIS A 27 -27.46 20.89 -3.20
N LEU A 28 -26.43 21.72 -3.37
CA LEU A 28 -25.08 21.34 -2.99
C LEU A 28 -24.69 22.09 -1.72
N THR A 29 -24.98 21.48 -0.58
CA THR A 29 -24.85 22.12 0.71
C THR A 29 -23.42 22.59 1.00
N THR A 30 -22.42 21.79 0.64
CA THR A 30 -21.04 22.16 0.91
C THR A 30 -20.62 23.29 0.00
N ASP A 31 -21.18 23.32 -1.20
CA ASP A 31 -20.93 24.42 -2.12
C ASP A 31 -21.52 25.71 -1.56
N PHE A 32 -22.71 25.61 -0.98
CA PHE A 32 -23.33 26.78 -0.38
C PHE A 32 -22.53 27.28 0.82
N LYS A 33 -22.06 26.35 1.64
CA LYS A 33 -21.21 26.67 2.77
C LYS A 33 -19.96 27.41 2.30
N HIS A 34 -19.36 26.87 1.24
CA HIS A 34 -18.21 27.48 0.59
C HIS A 34 -18.51 28.92 0.20
N PHE A 35 -19.60 29.12 -0.54
CA PHE A 35 -20.01 30.43 -1.02
C PHE A 35 -20.16 31.42 0.14
N SER A 36 -20.91 31.02 1.16
CA SER A 36 -21.12 31.85 2.34
C SER A 36 -19.80 32.25 2.99
N ARG A 37 -18.98 31.26 3.29
CA ARG A 37 -17.73 31.52 4.00
C ARG A 37 -16.75 32.36 3.19
N VAL A 38 -16.80 32.23 1.86
CA VAL A 38 -15.90 32.99 1.01
C VAL A 38 -16.38 34.44 0.88
N THR A 39 -17.69 34.63 0.75
CA THR A 39 -18.23 35.97 0.54
C THR A 39 -18.39 36.77 1.84
N LYS A 40 -18.40 36.11 2.99
CA LYS A 40 -18.65 36.82 4.25
C LYS A 40 -17.40 37.16 5.08
N THR A 41 -16.48 36.21 5.19
CA THR A 41 -15.38 36.33 6.16
C THR A 41 -14.45 37.52 5.94
N THR A 42 -14.37 38.37 6.95
CA THR A 42 -13.49 39.52 6.97
C THR A 42 -12.58 39.41 8.18
N PRO A 43 -11.29 39.79 8.05
CA PRO A 43 -10.40 39.79 9.21
C PRO A 43 -10.93 40.63 10.37
N ALA A 46 -13.77 43.10 11.08
CA ALA A 46 -13.68 43.99 12.24
C ALA A 46 -14.49 45.26 12.00
N SER A 47 -13.95 46.14 11.17
CA SER A 47 -14.60 47.40 10.85
C SER A 47 -15.37 47.30 9.54
N ARG A 48 -14.79 46.60 8.57
CA ARG A 48 -15.34 46.55 7.21
C ARG A 48 -16.13 45.28 6.94
N PHE A 49 -16.88 45.30 5.85
CA PHE A 49 -17.61 44.13 5.37
C PHE A 49 -17.30 43.92 3.90
N ASN A 50 -17.74 42.79 3.35
CA ASN A 50 -17.53 42.52 1.94
C ASN A 50 -18.72 42.92 1.07
N ALA A 51 -18.48 43.14 -0.21
CA ALA A 51 -19.56 43.49 -1.11
C ALA A 51 -19.79 42.40 -2.15
N VAL A 52 -21.05 42.08 -2.40
CA VAL A 52 -21.39 41.14 -3.46
C VAL A 52 -22.21 41.84 -4.54
N VAL A 53 -21.75 41.72 -5.78
CA VAL A 53 -22.41 42.33 -6.91
C VAL A 53 -23.03 41.26 -7.80
N MET A 54 -24.33 41.39 -8.06
CA MET A 54 -25.06 40.41 -8.85
C MET A 54 -25.94 41.09 -9.90
N GLY A 55 -26.34 40.33 -10.90
CA GLY A 55 -27.26 40.81 -11.90
C GLY A 55 -28.69 40.73 -11.38
N ARG A 56 -29.63 41.32 -12.10
CA ARG A 56 -31.01 41.36 -11.67
C ARG A 56 -31.62 39.95 -11.56
N LYS A 57 -31.36 39.13 -12.57
CA LYS A 57 -31.95 37.80 -12.65
C LYS A 57 -31.43 36.89 -11.54
N THR A 58 -30.21 37.14 -11.08
CA THR A 58 -29.64 36.35 -9.99
C THR A 58 -30.38 36.67 -8.70
N TRP A 59 -30.51 37.97 -8.44
CA TRP A 59 -31.31 38.47 -7.32
C TRP A 59 -32.71 37.88 -7.33
N GLU A 60 -33.33 37.85 -8.50
CA GLU A 60 -34.67 37.29 -8.62
C GLU A 60 -34.67 35.78 -8.45
N SER A 61 -33.51 35.16 -8.72
CA SER A 61 -33.40 33.71 -8.65
C SER A 61 -33.26 33.26 -7.20
N MET A 62 -32.62 34.10 -6.39
CA MET A 62 -32.49 33.81 -4.97
C MET A 62 -33.86 33.84 -4.28
N PRO A 63 -34.06 32.95 -3.30
CA PRO A 63 -35.30 32.91 -2.51
C PRO A 63 -35.47 34.17 -1.67
N ARG A 64 -36.72 34.53 -1.37
CA ARG A 64 -37.04 35.76 -0.65
C ARG A 64 -36.32 35.86 0.69
N LYS A 65 -36.34 34.76 1.45
CA LYS A 65 -35.83 34.77 2.82
C LYS A 65 -34.33 35.02 2.90
N PHE A 66 -33.60 34.64 1.87
CA PHE A 66 -32.15 34.71 1.89
C PHE A 66 -31.60 36.02 1.32
N ARG A 67 -32.47 36.81 0.71
CA ARG A 67 -32.01 38.06 0.11
C ARG A 67 -32.58 39.28 0.82
N PRO A 68 -31.76 40.33 0.96
CA PRO A 68 -30.36 40.40 0.53
C PRO A 68 -29.43 39.52 1.38
N LEU A 69 -28.31 39.11 0.81
CA LEU A 69 -27.35 38.27 1.50
C LEU A 69 -26.83 38.98 2.75
N VAL A 70 -27.08 38.38 3.91
CA VAL A 70 -26.78 39.00 5.19
C VAL A 70 -25.29 39.30 5.38
N ASP A 71 -25.01 40.39 6.09
CA ASP A 71 -23.66 40.79 6.47
C ASP A 71 -22.77 41.09 5.26
N ARG A 72 -23.38 41.26 4.09
CA ARG A 72 -22.67 41.63 2.88
C ARG A 72 -23.41 42.77 2.19
N LEU A 73 -22.66 43.75 1.70
CA LEU A 73 -23.27 44.84 0.94
C LEU A 73 -23.79 44.29 -0.38
N ASN A 74 -25.09 44.38 -0.61
CA ASN A 74 -25.67 43.86 -1.84
C ASN A 74 -25.81 44.92 -2.93
N ILE A 75 -25.11 44.71 -4.04
CA ILE A 75 -25.25 45.59 -5.19
C ILE A 75 -25.85 44.83 -6.37
N VAL A 76 -26.92 45.38 -6.93
CA VAL A 76 -27.59 44.75 -8.05
C VAL A 76 -27.47 45.62 -9.30
N VAL A 77 -26.99 45.02 -10.39
CA VAL A 77 -26.91 45.70 -11.67
C VAL A 77 -28.19 45.48 -12.47
N SER A 78 -28.92 46.58 -12.72
CA SER A 78 -30.16 46.53 -13.48
C SER A 78 -30.53 47.91 -13.97
N SER A 79 -31.45 47.96 -14.94
CA SER A 79 -31.95 49.24 -15.43
C SER A 79 -33.43 49.36 -15.15
N SER A 80 -34.10 48.21 -15.06
CA SER A 80 -35.53 48.18 -14.77
C SER A 80 -35.78 48.26 -13.27
N LEU A 81 -35.00 47.52 -12.49
CA LEU A 81 -35.14 47.52 -11.04
C LEU A 81 -34.65 48.82 -10.40
N LYS A 82 -35.31 49.22 -9.32
CA LYS A 82 -34.92 50.40 -8.57
C LYS A 82 -34.63 50.01 -7.13
N GLU A 83 -33.99 50.90 -6.38
CA GLU A 83 -33.63 50.61 -5.00
C GLU A 83 -34.86 50.47 -4.12
N GLU A 84 -35.90 51.24 -4.42
CA GLU A 84 -37.15 51.17 -3.67
C GLU A 84 -37.96 49.93 -4.00
N ASP A 85 -37.73 49.37 -5.19
CA ASP A 85 -38.34 48.11 -5.57
C ASP A 85 -37.86 47.02 -4.61
N ILE A 86 -36.59 47.09 -4.28
CA ILE A 86 -35.97 46.13 -3.37
C ILE A 86 -36.33 46.45 -1.93
N ALA A 87 -36.35 47.75 -1.60
CA ALA A 87 -36.66 48.20 -0.25
C ALA A 87 -38.07 47.81 0.16
N ALA A 88 -39.00 47.87 -0.80
CA ALA A 88 -40.40 47.56 -0.52
C ALA A 88 -40.70 46.07 -0.67
N GLU A 89 -39.67 45.30 -1.00
CA GLU A 89 -39.81 43.85 -1.14
C GLU A 89 -39.76 43.16 0.22
N LYS A 90 -38.94 43.71 1.11
CA LYS A 90 -38.80 43.20 2.48
C LYS A 90 -38.16 44.28 3.35
N PRO A 91 -38.71 44.48 4.56
CA PRO A 91 -38.16 45.46 5.50
C PRO A 91 -36.70 45.21 5.84
N GLN A 92 -35.87 46.24 5.68
CA GLN A 92 -34.45 46.15 6.00
C GLN A 92 -34.24 45.87 7.49
N ALA A 93 -33.49 44.81 7.79
CA ALA A 93 -33.19 44.46 9.16
C ALA A 93 -32.20 45.45 9.75
N GLU A 94 -32.17 45.55 11.07
CA GLU A 94 -31.27 46.48 11.75
C GLU A 94 -29.82 45.99 11.63
N GLY A 95 -28.92 46.94 11.43
CA GLY A 95 -27.50 46.64 11.35
C GLY A 95 -27.02 46.26 9.96
N GLN A 96 -27.95 46.00 9.06
CA GLN A 96 -27.62 45.59 7.71
C GLN A 96 -27.53 46.80 6.76
N GLN A 97 -26.83 46.60 5.65
CA GLN A 97 -26.68 47.66 4.65
C GLN A 97 -27.89 47.69 3.74
N ARG A 98 -28.21 48.87 3.24
CA ARG A 98 -29.30 49.01 2.28
C ARG A 98 -28.83 48.52 0.92
N VAL A 99 -29.70 47.81 0.22
CA VAL A 99 -29.35 47.24 -1.08
C VAL A 99 -29.24 48.34 -2.12
N ARG A 100 -28.16 48.33 -2.89
CA ARG A 100 -27.93 49.37 -3.89
C ARG A 100 -28.17 48.85 -5.30
N VAL A 101 -28.52 49.76 -6.22
CA VAL A 101 -28.76 49.39 -7.60
C VAL A 101 -27.98 50.28 -8.57
N CYS A 102 -27.21 49.64 -9.45
CA CYS A 102 -26.42 50.36 -10.45
C CYS A 102 -26.80 49.92 -11.85
N ALA A 103 -26.47 50.74 -12.84
CA ALA A 103 -26.88 50.48 -14.21
C ALA A 103 -25.81 49.74 -15.01
N SER A 104 -24.67 49.48 -14.37
CA SER A 104 -23.58 48.74 -14.99
C SER A 104 -22.52 48.36 -13.98
N LEU A 105 -21.64 47.43 -14.37
CA LEU A 105 -20.54 47.02 -13.50
C LEU A 105 -19.53 48.16 -13.25
N PRO A 106 -19.15 48.93 -14.28
CA PRO A 106 -18.30 50.09 -13.99
C PRO A 106 -18.98 51.08 -13.03
N ALA A 107 -20.30 51.20 -13.13
CA ALA A 107 -21.06 52.05 -12.20
C ALA A 107 -20.99 51.48 -10.79
N ALA A 108 -21.08 50.16 -10.70
CA ALA A 108 -20.99 49.47 -9.41
C ALA A 108 -19.65 49.73 -8.75
N LEU A 109 -18.57 49.53 -9.50
CA LEU A 109 -17.22 49.75 -8.99
C LEU A 109 -16.98 51.21 -8.62
N SER A 110 -17.46 52.11 -9.47
CA SER A 110 -17.36 53.55 -9.21
C SER A 110 -18.07 53.91 -7.92
N LEU A 111 -19.22 53.30 -7.69
CA LEU A 111 -19.97 53.50 -6.45
C LEU A 111 -19.17 53.01 -5.26
N LEU A 112 -18.66 51.78 -5.40
CA LEU A 112 -17.84 51.14 -4.38
C LEU A 112 -16.63 51.98 -3.99
N GLU A 113 -16.05 52.69 -4.95
CA GLU A 113 -14.90 53.53 -4.64
C GLU A 113 -15.33 54.88 -4.07
N GLU A 114 -16.40 55.45 -4.62
CA GLU A 114 -16.83 56.79 -4.25
C GLU A 114 -17.43 56.86 -2.84
N GLU A 115 -18.33 55.95 -2.50
CA GLU A 115 -18.96 56.01 -1.19
C GLU A 115 -18.93 54.71 -0.40
N TYR A 116 -17.89 53.90 -0.60
CA TYR A 116 -17.71 52.70 0.19
C TYR A 116 -16.25 52.35 0.44
N LYS A 117 -15.35 53.31 0.14
CA LYS A 117 -13.96 53.15 0.54
C LYS A 117 -13.87 53.30 2.04
N ASP A 118 -12.95 52.55 2.65
CA ASP A 118 -12.80 52.49 4.11
C ASP A 118 -14.05 51.82 4.74
N SER A 119 -14.96 51.38 3.88
CA SER A 119 -16.18 50.72 4.31
C SER A 119 -16.20 49.24 3.90
N VAL A 120 -15.75 48.95 2.68
CA VAL A 120 -15.75 47.58 2.19
C VAL A 120 -14.34 47.04 2.00
N ASP A 121 -14.18 45.73 2.18
CA ASP A 121 -12.89 45.08 1.98
C ASP A 121 -12.82 44.50 0.58
N GLN A 122 -13.41 43.32 0.39
CA GLN A 122 -13.34 42.62 -0.89
C GLN A 122 -14.62 42.75 -1.69
N ILE A 123 -14.47 42.72 -3.01
CA ILE A 123 -15.60 42.77 -3.93
C ILE A 123 -15.73 41.44 -4.68
N PHE A 124 -16.91 40.84 -4.58
CA PHE A 124 -17.18 39.56 -5.22
C PHE A 124 -18.26 39.66 -6.29
N VAL A 125 -17.91 39.32 -7.52
CA VAL A 125 -18.91 39.17 -8.57
C VAL A 125 -19.55 37.80 -8.41
N VAL A 126 -20.87 37.79 -8.33
CA VAL A 126 -21.61 36.63 -7.86
C VAL A 126 -22.52 36.04 -8.96
N GLY A 127 -22.86 36.85 -9.96
CA GLY A 127 -23.64 36.38 -11.10
C GLY A 127 -24.44 37.47 -11.79
N GLY A 128 -24.91 37.19 -13.00
CA GLY A 128 -24.67 35.93 -13.67
C GLY A 128 -23.79 36.11 -14.90
N ALA A 129 -24.18 35.50 -16.00
CA ALA A 129 -23.38 35.49 -17.23
C ALA A 129 -23.00 36.89 -17.70
N GLY A 130 -23.92 37.83 -17.57
CA GLY A 130 -23.66 39.21 -17.97
C GLY A 130 -22.56 39.85 -17.15
N LEU A 131 -22.65 39.71 -15.83
CA LEU A 131 -21.64 40.28 -14.94
C LEU A 131 -20.30 39.58 -15.05
N TYR A 132 -20.31 38.26 -15.26
CA TYR A 132 -19.07 37.52 -15.46
C TYR A 132 -18.39 37.98 -16.74
N GLU A 133 -19.18 38.06 -17.80
CA GLU A 133 -18.72 38.55 -19.09
C GLU A 133 -18.09 39.94 -18.99
N ALA A 134 -18.83 40.87 -18.38
CA ALA A 134 -18.37 42.24 -18.21
C ALA A 134 -17.08 42.29 -17.38
N ALA A 135 -17.08 41.57 -16.27
CA ALA A 135 -15.94 41.54 -15.36
C ALA A 135 -14.69 40.99 -16.03
N LEU A 136 -14.88 40.00 -16.90
CA LEU A 136 -13.77 39.43 -17.63
C LEU A 136 -13.31 40.39 -18.72
N SER A 137 -14.25 41.15 -19.27
CA SER A 137 -13.94 42.15 -20.30
C SER A 137 -13.07 43.27 -19.73
N LEU A 138 -13.49 43.81 -18.59
CA LEU A 138 -12.76 44.89 -17.94
C LEU A 138 -11.39 44.47 -17.45
N GLY A 139 -11.21 43.15 -17.25
CA GLY A 139 -9.95 42.63 -16.78
C GLY A 139 -9.71 42.91 -15.31
N VAL A 140 -10.79 43.21 -14.60
CA VAL A 140 -10.72 43.56 -13.19
C VAL A 140 -10.64 42.32 -12.30
N ALA A 141 -10.90 41.17 -12.89
CA ALA A 141 -10.93 39.91 -12.14
C ALA A 141 -9.53 39.39 -11.85
N SER A 142 -9.20 39.32 -10.56
CA SER A 142 -7.90 38.84 -10.12
C SER A 142 -7.92 37.35 -9.83
N HIS A 143 -9.00 36.89 -9.19
CA HIS A 143 -9.14 35.48 -8.83
C HIS A 143 -10.52 34.94 -9.16
N LEU A 144 -10.56 33.66 -9.55
CA LEU A 144 -11.83 32.99 -9.79
C LEU A 144 -12.05 31.86 -8.80
N TYR A 145 -13.09 31.97 -7.97
CA TYR A 145 -13.46 30.88 -7.07
C TYR A 145 -14.45 29.97 -7.78
N ILE A 146 -13.94 28.95 -8.45
CA ILE A 146 -14.80 28.09 -9.27
C ILE A 146 -15.13 26.77 -8.59
N THR A 147 -16.41 26.48 -8.49
CA THR A 147 -16.86 25.19 -7.99
C THR A 147 -17.20 24.28 -9.17
N ARG A 148 -16.21 23.47 -9.59
CA ARG A 148 -16.41 22.55 -10.71
C ARG A 148 -17.37 21.43 -10.35
N VAL A 149 -18.57 21.52 -10.93
CA VAL A 149 -19.56 20.44 -10.88
C VAL A 149 -19.21 19.42 -11.94
N ALA A 150 -19.09 18.16 -11.56
CA ALA A 150 -18.60 17.13 -12.49
C ALA A 150 -19.66 16.63 -13.47
N ARG A 151 -20.92 16.65 -13.03
CA ARG A 151 -22.02 16.18 -13.88
C ARG A 151 -22.48 17.25 -14.86
N GLU A 152 -23.01 16.81 -15.99
CA GLU A 152 -23.59 17.73 -16.94
C GLU A 152 -25.09 17.86 -16.69
N PHE A 153 -25.59 19.10 -16.72
CA PHE A 153 -27.00 19.37 -16.50
C PHE A 153 -27.56 20.27 -17.58
N PRO A 154 -28.87 20.18 -17.82
CA PRO A 154 -29.55 21.10 -18.75
C PRO A 154 -29.33 22.56 -18.33
N CYS A 155 -28.83 23.38 -19.25
CA CYS A 155 -28.51 24.77 -18.95
C CYS A 155 -28.83 25.73 -20.09
N ASP A 156 -29.35 26.91 -19.75
CA ASP A 156 -29.63 27.93 -20.75
C ASP A 156 -28.74 29.16 -20.53
N VAL A 157 -27.94 29.13 -19.46
CA VAL A 157 -27.01 30.21 -19.16
C VAL A 157 -25.64 29.66 -18.82
N PHE A 158 -24.61 30.16 -19.50
CA PHE A 158 -23.27 29.60 -19.38
C PHE A 158 -22.23 30.63 -18.95
N PHE A 159 -21.24 30.19 -18.18
CA PHE A 159 -20.09 31.01 -17.85
C PHE A 159 -19.28 31.21 -19.11
N PRO A 160 -18.80 32.43 -19.36
CA PRO A 160 -18.10 32.74 -20.62
C PRO A 160 -16.83 31.92 -20.83
N ALA A 161 -16.33 31.93 -22.06
CA ALA A 161 -15.08 31.25 -22.38
C ALA A 161 -13.90 32.13 -21.94
N PHE A 162 -13.00 31.55 -21.15
CA PHE A 162 -11.87 32.29 -20.65
C PHE A 162 -10.58 31.49 -20.82
N PRO A 163 -9.45 32.18 -21.10
CA PRO A 163 -8.17 31.50 -21.28
C PRO A 163 -7.79 30.67 -20.06
N GLY A 164 -7.65 29.36 -20.25
CA GLY A 164 -7.31 28.47 -19.16
C GLY A 164 -8.51 27.75 -18.61
N ASP A 165 -9.58 27.66 -19.41
CA ASP A 165 -10.78 26.95 -19.02
C ASP A 165 -10.62 25.43 -19.17
N ASP A 166 -9.40 25.01 -19.49
CA ASP A 166 -9.08 23.59 -19.63
C ASP A 166 -9.26 22.83 -18.33
N ILE A 167 -9.42 23.56 -17.22
CA ILE A 167 -9.70 22.95 -15.93
C ILE A 167 -11.15 22.48 -15.82
N LEU A 168 -11.92 22.71 -16.88
CA LEU A 168 -13.33 22.30 -16.91
C LEU A 168 -13.50 21.05 -17.77
N SER A 169 -13.17 21.16 -19.05
CA SER A 169 -13.26 20.03 -19.96
C SER A 169 -12.13 20.07 -20.98
N ASN A 170 -12.13 19.12 -21.90
CA ASN A 170 -11.12 19.07 -22.95
C ASN A 170 -11.44 20.04 -24.08
N LYS A 171 -10.40 20.65 -24.64
CA LYS A 171 -10.58 21.58 -25.76
C LYS A 171 -10.40 20.86 -27.09
N ALA A 181 -3.37 37.46 -21.13
CA ALA A 181 -3.28 36.97 -19.75
C ALA A 181 -4.21 35.78 -19.51
N THR A 182 -3.66 34.72 -18.90
CA THR A 182 -4.43 33.52 -18.64
C THR A 182 -4.75 33.35 -17.15
N TYR A 183 -5.78 32.58 -16.85
CA TYR A 183 -6.19 32.31 -15.48
C TYR A 183 -5.74 30.91 -15.05
N ARG A 184 -4.64 30.84 -14.31
CA ARG A 184 -4.08 29.54 -13.92
C ARG A 184 -4.48 29.13 -12.50
N PRO A 185 -4.71 27.82 -12.30
CA PRO A 185 -5.09 27.30 -10.98
C PRO A 185 -3.95 27.33 -9.98
N ILE A 186 -4.29 27.58 -8.72
CA ILE A 186 -3.29 27.64 -7.66
C ILE A 186 -3.76 26.78 -6.49
N PHE A 187 -4.99 26.28 -6.63
CA PHE A 187 -5.70 25.59 -5.57
C PHE A 187 -6.61 24.54 -6.21
N ILE A 188 -6.44 23.27 -5.83
CA ILE A 188 -7.37 22.22 -6.27
C ILE A 188 -7.68 21.28 -5.12
N SER A 189 -8.94 21.25 -4.69
CA SER A 189 -9.35 20.50 -3.51
C SER A 189 -9.72 19.05 -3.81
N LYS A 190 -9.96 18.28 -2.75
CA LYS A 190 -10.43 16.90 -2.91
C LYS A 190 -11.89 16.93 -3.36
N THR A 191 -12.35 15.84 -3.95
CA THR A 191 -13.71 15.80 -4.47
C THR A 191 -14.76 15.60 -3.39
N PHE A 192 -15.70 16.53 -3.32
CA PHE A 192 -16.88 16.41 -2.47
C PHE A 192 -18.06 15.91 -3.29
N SER A 193 -19.15 15.57 -2.62
CA SER A 193 -20.36 15.15 -3.31
C SER A 193 -21.61 15.39 -2.47
N ASP A 194 -22.67 15.86 -3.13
CA ASP A 194 -23.99 15.99 -2.51
C ASP A 194 -25.09 15.62 -3.50
N ASN A 195 -26.07 14.86 -3.04
CA ASN A 195 -27.20 14.45 -3.87
C ASN A 195 -26.79 13.83 -5.20
N GLY A 196 -25.83 12.90 -5.15
CA GLY A 196 -25.40 12.19 -6.34
C GLY A 196 -24.58 13.05 -7.28
N VAL A 197 -24.22 14.24 -6.81
CA VAL A 197 -23.44 15.18 -7.60
C VAL A 197 -22.03 15.35 -7.03
N PRO A 198 -21.03 14.92 -7.79
CA PRO A 198 -19.62 15.10 -7.45
C PRO A 198 -19.12 16.45 -7.91
N TYR A 199 -18.28 17.10 -7.11
CA TYR A 199 -17.75 18.41 -7.49
C TYR A 199 -16.54 18.76 -6.64
N ASP A 200 -15.71 19.68 -7.11
CA ASP A 200 -14.60 20.16 -6.28
C ASP A 200 -14.41 21.67 -6.40
N PHE A 201 -13.51 22.22 -5.60
CA PHE A 201 -13.29 23.66 -5.56
C PHE A 201 -11.89 24.04 -6.04
N VAL A 202 -11.83 24.97 -6.98
CA VAL A 202 -10.53 25.50 -7.43
C VAL A 202 -10.48 27.01 -7.37
N VAL A 203 -9.26 27.53 -7.18
CA VAL A 203 -9.03 28.96 -7.23
C VAL A 203 -8.08 29.28 -8.37
N LEU A 204 -8.58 30.06 -9.33
CA LEU A 204 -7.76 30.52 -10.44
C LEU A 204 -7.24 31.92 -10.15
N GLU A 205 -6.11 32.24 -10.77
CA GLU A 205 -5.45 33.52 -10.57
C GLU A 205 -4.98 34.08 -11.91
N LYS A 206 -5.15 35.39 -12.08
CA LYS A 206 -4.69 36.06 -13.30
C LYS A 206 -3.17 36.17 -13.28
N ARG A 207 -2.53 35.66 -14.32
CA ARG A 207 -1.07 35.52 -14.30
C ARG A 207 -0.34 36.30 -15.38
N ARG A 208 -0.91 36.33 -16.59
CA ARG A 208 -0.25 36.95 -17.75
C ARG A 208 1.11 36.31 -18.04
N SER A 241 18.01 33.58 20.60
CA SER A 241 18.30 32.30 19.98
C SER A 241 17.31 31.22 20.43
N SER A 242 16.05 31.41 20.09
CA SER A 242 15.01 30.45 20.46
C SER A 242 15.24 29.12 19.74
N ALA A 243 14.89 29.09 18.45
CA ALA A 243 15.06 27.89 17.65
C ALA A 243 16.00 28.17 16.48
N ALA A 244 16.21 29.46 16.21
CA ALA A 244 16.97 29.90 15.04
C ALA A 244 18.45 29.49 15.11
N ALA A 245 18.96 29.32 16.33
CA ALA A 245 20.37 28.99 16.51
C ALA A 245 20.66 27.50 16.26
N ILE A 246 19.63 26.77 15.86
CA ILE A 246 19.75 25.33 15.64
C ILE A 246 19.63 25.02 14.15
N ALA A 247 19.35 26.05 13.37
CA ALA A 247 19.38 25.96 11.90
C ALA A 247 20.77 25.67 11.30
N PRO A 248 21.88 26.00 11.99
CA PRO A 248 23.16 25.57 11.42
C PRO A 248 23.38 24.06 11.38
N VAL A 249 22.89 23.33 12.37
CA VAL A 249 23.01 21.87 12.35
C VAL A 249 22.09 21.32 11.26
N LEU A 250 20.97 21.98 11.06
CA LEU A 250 20.06 21.64 9.98
C LEU A 250 20.72 21.92 8.63
N ALA A 251 21.65 22.87 8.62
CA ALA A 251 22.23 23.38 7.39
C ALA A 251 23.13 22.37 6.69
N TRP A 252 23.78 21.50 7.47
CA TRP A 252 24.67 20.50 6.88
C TRP A 252 23.98 19.15 6.71
N MET A 253 22.81 19.00 7.32
CA MET A 253 21.99 17.82 7.09
C MET A 253 21.03 18.12 5.93
N ASP A 254 21.00 19.38 5.54
CA ASP A 254 20.12 19.85 4.47
C ASP A 254 20.74 19.59 3.11
N GLU A 255 19.89 19.42 2.09
CA GLU A 255 20.33 19.20 0.73
C GLU A 255 19.89 20.33 -0.20
N LEU A 266 13.58 18.16 -9.39
CA LEU A 266 13.65 18.78 -10.71
C LEU A 266 12.29 18.72 -11.42
N ILE A 267 11.77 17.51 -11.57
CA ILE A 267 10.46 17.32 -12.21
C ILE A 267 9.34 17.42 -11.18
N ARG A 268 8.32 18.22 -11.50
CA ARG A 268 7.15 18.32 -10.64
C ARG A 268 5.88 18.51 -11.46
N ALA A 269 4.82 17.79 -11.08
CA ALA A 269 3.53 17.94 -11.74
C ALA A 269 2.89 19.26 -11.33
N VAL A 270 2.37 19.99 -12.33
CA VAL A 270 1.73 21.30 -12.17
C VAL A 270 2.14 22.09 -10.92
N PRO A 271 3.35 22.67 -10.94
CA PRO A 271 3.96 23.33 -9.78
C PRO A 271 3.26 24.61 -9.34
N HIS A 272 2.52 25.23 -10.25
CA HIS A 272 1.80 26.46 -9.95
C HIS A 272 0.64 26.21 -8.99
N VAL A 273 0.18 24.97 -8.93
CA VAL A 273 -0.88 24.59 -8.01
C VAL A 273 -0.32 24.43 -6.60
N HIS A 274 -0.57 25.42 -5.76
CA HIS A 274 0.03 25.44 -4.42
C HIS A 274 -0.76 24.60 -3.41
N PHE A 275 -2.09 24.71 -3.42
CA PHE A 275 -2.85 23.77 -2.59
C PHE A 275 -3.25 22.55 -3.39
N ARG A 276 -2.75 21.39 -2.96
CA ARG A 276 -2.89 20.16 -3.71
C ARG A 276 -3.71 19.14 -2.92
N GLY A 277 -4.97 19.49 -2.65
CA GLY A 277 -5.85 18.63 -1.88
C GLY A 277 -6.35 17.44 -2.67
N HIS A 278 -6.40 17.59 -3.99
CA HIS A 278 -6.88 16.52 -4.87
C HIS A 278 -6.01 15.28 -4.70
N GLU A 279 -6.65 14.14 -4.44
CA GLU A 279 -5.93 12.93 -4.08
C GLU A 279 -5.17 12.30 -5.24
N GLU A 280 -5.35 12.83 -6.44
CA GLU A 280 -4.62 12.35 -7.62
C GLU A 280 -3.17 12.86 -7.59
N PHE A 281 -2.96 13.93 -6.82
CA PHE A 281 -1.64 14.48 -6.63
C PHE A 281 -0.72 13.45 -5.96
N GLN A 282 -1.31 12.47 -5.30
CA GLN A 282 -0.54 11.35 -4.76
C GLN A 282 0.11 10.60 -5.91
N TYR A 283 -0.68 10.27 -6.92
CA TYR A 283 -0.20 9.56 -8.09
C TYR A 283 0.79 10.40 -8.89
N LEU A 284 0.43 11.65 -9.15
CA LEU A 284 1.32 12.53 -9.90
C LEU A 284 2.68 12.69 -9.21
N ASP A 285 2.63 13.02 -7.92
CA ASP A 285 3.85 13.16 -7.12
C ASP A 285 4.61 11.84 -7.03
N LEU A 286 3.89 10.73 -7.12
CA LEU A 286 4.55 9.42 -7.11
C LEU A 286 5.37 9.28 -8.39
N ILE A 287 4.77 9.67 -9.52
CA ILE A 287 5.50 9.65 -10.79
C ILE A 287 6.73 10.54 -10.74
N ALA A 288 6.54 11.80 -10.36
CA ALA A 288 7.63 12.75 -10.29
C ALA A 288 8.74 12.27 -9.35
N ASP A 289 8.36 11.66 -8.23
CA ASP A 289 9.31 11.19 -7.24
C ASP A 289 10.09 9.99 -7.77
N ILE A 290 9.42 9.09 -8.46
CA ILE A 290 10.09 7.93 -9.05
C ILE A 290 11.08 8.40 -10.12
N ILE A 291 10.67 9.37 -10.92
CA ILE A 291 11.57 9.89 -11.96
C ILE A 291 12.79 10.57 -11.33
N ASN A 292 12.57 11.46 -10.38
CA ASN A 292 13.66 12.23 -9.78
C ASN A 292 14.63 11.42 -8.91
N ASN A 293 14.08 10.58 -8.04
CA ASN A 293 14.87 9.91 -7.02
C ASN A 293 15.04 8.41 -7.25
N GLY A 294 14.34 7.88 -8.24
CA GLY A 294 14.39 6.45 -8.51
C GLY A 294 15.74 6.00 -9.04
N ARG A 295 15.93 4.69 -9.15
CA ARG A 295 17.17 4.15 -9.68
C ARG A 295 16.93 3.43 -11.01
N THR A 296 17.82 3.65 -11.97
CA THR A 296 17.68 2.97 -13.25
C THR A 296 18.26 1.57 -13.19
N MET A 297 17.42 0.58 -13.47
CA MET A 297 17.75 -0.82 -13.35
C MET A 297 17.37 -1.60 -14.59
N ASP A 298 18.04 -2.73 -14.79
CA ASP A 298 17.64 -3.71 -15.81
C ASP A 298 16.36 -4.41 -15.38
N ASP A 299 15.82 -5.24 -16.24
CA ASP A 299 14.46 -5.73 -16.04
C ASP A 299 14.18 -7.03 -16.80
N ARG A 300 13.22 -7.80 -16.30
CA ARG A 300 12.82 -9.08 -16.89
C ARG A 300 12.48 -9.00 -18.38
N THR A 301 11.92 -7.86 -18.80
CA THR A 301 11.41 -7.71 -20.15
C THR A 301 12.45 -7.24 -21.15
N GLY A 302 13.52 -6.62 -20.66
CA GLY A 302 14.56 -6.11 -21.52
C GLY A 302 14.50 -4.60 -21.65
N VAL A 303 13.33 -4.05 -21.35
CA VAL A 303 13.17 -2.60 -21.31
C VAL A 303 13.73 -2.08 -19.99
N GLY A 304 14.34 -0.91 -20.01
CA GLY A 304 14.93 -0.35 -18.80
C GLY A 304 13.85 0.15 -17.86
N VAL A 305 14.15 0.21 -16.57
CA VAL A 305 13.15 0.64 -15.59
C VAL A 305 13.74 1.64 -14.60
N ILE A 306 12.91 2.57 -14.11
CA ILE A 306 13.32 3.43 -13.00
C ILE A 306 12.45 3.11 -11.80
N SER A 307 13.05 2.60 -10.73
CA SER A 307 12.27 2.06 -9.63
C SER A 307 12.56 2.69 -8.26
N LYS A 308 11.56 2.60 -7.39
CA LYS A 308 11.70 2.88 -5.97
C LYS A 308 11.09 1.72 -5.20
N PHE A 309 11.31 1.67 -3.88
CA PHE A 309 10.84 0.55 -3.08
C PHE A 309 10.06 1.02 -1.86
N GLY A 310 8.85 0.50 -1.70
CA GLY A 310 8.00 0.88 -0.58
C GLY A 310 7.30 2.20 -0.79
N CYS A 311 6.15 2.16 -1.44
CA CYS A 311 5.37 3.35 -1.74
C CYS A 311 3.93 3.23 -1.23
N THR A 312 3.33 4.36 -0.88
CA THR A 312 2.02 4.34 -0.24
C THR A 312 1.09 5.39 -0.83
N MET A 313 -0.13 4.96 -1.15
CA MET A 313 -1.19 5.91 -1.47
C MET A 313 -2.46 5.52 -0.73
N ARG A 314 -3.43 6.43 -0.65
CA ARG A 314 -4.75 6.06 -0.16
C ARG A 314 -5.81 7.02 -0.66
N TYR A 315 -6.92 6.45 -1.13
CA TYR A 315 -7.98 7.22 -1.76
C TYR A 315 -9.30 7.06 -1.00
N SER A 316 -10.05 8.15 -0.91
CA SER A 316 -11.31 8.17 -0.20
C SER A 316 -12.43 7.62 -1.08
N LEU A 317 -13.35 6.88 -0.47
CA LEU A 317 -14.41 6.23 -1.21
C LEU A 317 -15.80 6.68 -0.75
N ASP A 318 -15.85 7.55 0.25
CA ASP A 318 -17.13 7.96 0.84
C ASP A 318 -17.82 9.07 0.03
N GLN A 319 -17.03 9.90 -0.64
CA GLN A 319 -17.60 11.00 -1.41
C GLN A 319 -17.66 10.67 -2.91
N ALA A 320 -16.51 10.32 -3.48
CA ALA A 320 -16.43 9.98 -4.89
C ALA A 320 -15.53 8.77 -5.11
N PHE A 321 -15.28 8.44 -6.38
CA PHE A 321 -14.53 7.27 -6.74
C PHE A 321 -13.23 7.67 -7.46
N PRO A 322 -12.10 7.13 -6.99
CA PRO A 322 -10.77 7.49 -7.51
C PRO A 322 -10.50 6.89 -8.89
N LEU A 323 -11.29 7.26 -9.89
CA LEU A 323 -10.98 6.94 -11.27
C LEU A 323 -10.15 8.09 -11.82
N LEU A 324 -8.86 7.86 -11.99
CA LEU A 324 -7.89 8.90 -12.30
C LEU A 324 -8.30 9.72 -13.53
N THR A 325 -8.10 11.04 -13.44
CA THR A 325 -8.64 11.95 -14.43
C THR A 325 -7.58 12.62 -15.30
N THR A 326 -6.32 12.55 -14.88
CA THR A 326 -5.26 13.20 -15.64
C THR A 326 -4.93 12.39 -16.91
N LYS A 327 -5.57 11.22 -17.03
CA LYS A 327 -5.61 10.46 -18.27
C LYS A 327 -6.83 9.54 -18.19
N ARG A 328 -7.35 9.12 -19.35
CA ARG A 328 -8.54 8.27 -19.36
C ARG A 328 -8.23 6.83 -18.98
N VAL A 329 -8.99 6.29 -18.03
CA VAL A 329 -8.77 4.94 -17.53
C VAL A 329 -9.80 3.95 -18.07
N PHE A 330 -9.33 2.75 -18.42
CA PHE A 330 -10.16 1.71 -19.03
C PHE A 330 -11.15 1.07 -18.04
N TRP A 331 -12.22 1.80 -17.73
CA TRP A 331 -13.17 1.37 -16.71
C TRP A 331 -13.87 0.07 -17.07
N LYS A 332 -14.27 -0.06 -18.33
CA LYS A 332 -14.86 -1.30 -18.83
C LYS A 332 -13.93 -2.46 -18.55
N GLY A 333 -12.63 -2.20 -18.75
CA GLY A 333 -11.59 -3.14 -18.44
C GLY A 333 -11.56 -3.52 -16.97
N VAL A 334 -11.54 -2.53 -16.08
CA VAL A 334 -11.43 -2.87 -14.65
C VAL A 334 -12.67 -3.63 -14.17
N LEU A 335 -13.84 -3.26 -14.71
CA LEU A 335 -15.09 -3.89 -14.33
C LEU A 335 -15.12 -5.34 -14.79
N GLU A 336 -14.94 -5.53 -16.09
CA GLU A 336 -14.99 -6.87 -16.67
C GLU A 336 -13.93 -7.78 -16.05
N GLU A 337 -12.74 -7.25 -15.82
CA GLU A 337 -11.67 -8.06 -15.22
C GLU A 337 -11.97 -8.38 -13.76
N LEU A 338 -12.61 -7.47 -13.05
CA LEU A 338 -12.95 -7.73 -11.65
C LEU A 338 -14.02 -8.81 -11.54
N LEU A 339 -15.07 -8.68 -12.35
CA LEU A 339 -16.11 -9.71 -12.40
C LEU A 339 -15.49 -11.05 -12.77
N TRP A 340 -14.62 -11.01 -13.76
CA TRP A 340 -13.81 -12.15 -14.20
C TRP A 340 -13.06 -12.80 -13.04
N PHE A 341 -12.48 -11.98 -12.18
CA PHE A 341 -11.79 -12.44 -10.97
C PHE A 341 -12.77 -13.15 -10.03
N ILE A 342 -13.87 -12.48 -9.74
CA ILE A 342 -14.86 -12.99 -8.80
C ILE A 342 -15.40 -14.35 -9.23
N ARG A 343 -15.56 -14.53 -10.53
CA ARG A 343 -16.06 -15.81 -11.03
C ARG A 343 -15.04 -16.94 -10.88
N GLY A 344 -13.79 -16.57 -10.62
CA GLY A 344 -12.70 -17.53 -10.52
C GLY A 344 -12.31 -18.01 -11.91
N ASP A 345 -12.56 -17.17 -12.90
CA ASP A 345 -12.31 -17.52 -14.28
C ASP A 345 -10.83 -17.38 -14.64
N THR A 346 -10.32 -18.38 -15.35
CA THR A 346 -8.92 -18.38 -15.77
C THR A 346 -8.80 -18.38 -17.29
N ASN A 347 -9.91 -18.10 -17.95
CA ASN A 347 -9.98 -18.07 -19.40
C ASN A 347 -9.92 -16.64 -19.93
N ALA A 348 -8.76 -16.23 -20.42
CA ALA A 348 -8.54 -14.85 -20.86
C ALA A 348 -9.39 -14.51 -22.08
N ASN A 349 -9.77 -15.53 -22.85
CA ASN A 349 -10.55 -15.33 -24.06
C ASN A 349 -11.93 -14.77 -23.75
N HIS A 350 -12.46 -15.12 -22.58
CA HIS A 350 -13.72 -14.55 -22.11
C HIS A 350 -13.61 -13.04 -21.94
N LEU A 351 -12.44 -12.56 -21.54
CA LEU A 351 -12.19 -11.14 -21.45
C LEU A 351 -11.95 -10.55 -22.82
N SER A 352 -11.29 -11.33 -23.68
CA SER A 352 -10.87 -10.84 -24.98
C SER A 352 -12.04 -10.61 -25.92
N GLU A 353 -12.99 -11.54 -25.94
CA GLU A 353 -14.13 -11.44 -26.87
C GLU A 353 -15.20 -10.48 -26.34
N LYS A 354 -14.97 -9.94 -25.14
CA LYS A 354 -15.81 -8.86 -24.63
C LYS A 354 -15.20 -7.50 -24.91
N GLY A 355 -14.02 -7.49 -25.52
CA GLY A 355 -13.36 -6.25 -25.90
C GLY A 355 -12.27 -5.83 -24.94
N VAL A 356 -11.87 -6.75 -24.07
CA VAL A 356 -10.83 -6.49 -23.08
C VAL A 356 -9.61 -7.37 -23.35
N LYS A 357 -8.67 -6.84 -24.13
CA LYS A 357 -7.53 -7.62 -24.62
C LYS A 357 -6.30 -7.46 -23.75
N ILE A 358 -6.52 -7.17 -22.47
CA ILE A 358 -5.45 -6.82 -21.55
C ILE A 358 -4.60 -8.01 -21.13
N TRP A 359 -5.05 -9.20 -21.46
CA TRP A 359 -4.33 -10.41 -21.05
C TRP A 359 -3.69 -11.14 -22.23
N ASP A 360 -4.11 -10.79 -23.44
CA ASP A 360 -3.71 -11.52 -24.65
C ASP A 360 -2.20 -11.72 -24.77
N LYS A 361 -1.46 -10.62 -24.66
CA LYS A 361 -0.01 -10.66 -24.82
C LYS A 361 0.70 -11.58 -23.80
N ASN A 362 0.00 -12.00 -22.76
CA ASN A 362 0.60 -12.87 -21.75
C ASN A 362 -0.01 -14.27 -21.76
N VAL A 363 -0.87 -14.54 -22.73
CA VAL A 363 -1.44 -15.88 -22.88
C VAL A 363 -1.33 -16.38 -24.30
N THR A 364 -0.47 -15.72 -25.08
CA THR A 364 -0.15 -16.18 -26.42
C THR A 364 0.56 -17.54 -26.33
N ARG A 365 0.51 -18.31 -27.41
CA ARG A 365 1.23 -19.58 -27.47
C ARG A 365 2.72 -19.36 -27.20
N GLU A 366 3.26 -18.30 -27.80
CA GLU A 366 4.67 -17.95 -27.67
C GLU A 366 5.06 -17.68 -26.22
N PHE A 367 4.29 -16.84 -25.54
CA PHE A 367 4.58 -16.50 -24.15
C PHE A 367 4.38 -17.69 -23.22
N LEU A 368 3.29 -18.42 -23.43
CA LEU A 368 3.01 -19.63 -22.67
C LEU A 368 4.13 -20.65 -22.80
N ASP A 369 4.75 -20.69 -23.97
CA ASP A 369 5.89 -21.57 -24.19
C ASP A 369 7.14 -21.03 -23.52
N SER A 370 7.34 -19.72 -23.59
CA SER A 370 8.50 -19.09 -22.96
C SER A 370 8.41 -19.23 -21.43
N ARG A 371 7.20 -19.49 -20.95
CA ARG A 371 6.96 -19.73 -19.53
C ARG A 371 7.14 -21.22 -19.22
N ASN A 372 7.68 -21.96 -20.19
CA ASN A 372 7.85 -23.40 -20.09
C ASN A 372 6.53 -24.09 -19.74
N LEU A 373 5.50 -23.79 -20.54
CA LEU A 373 4.17 -24.37 -20.36
C LEU A 373 3.50 -24.68 -21.69
N PRO A 374 4.01 -25.68 -22.42
CA PRO A 374 3.44 -26.01 -23.74
C PRO A 374 2.08 -26.70 -23.64
N HIS A 375 1.75 -27.23 -22.47
CA HIS A 375 0.50 -27.96 -22.27
C HIS A 375 -0.71 -27.03 -22.21
N ARG A 376 -0.44 -25.74 -22.05
CA ARG A 376 -1.51 -24.76 -21.86
C ARG A 376 -2.18 -24.33 -23.16
N GLU A 377 -3.51 -24.39 -23.17
CA GLU A 377 -4.30 -23.87 -24.27
C GLU A 377 -4.16 -22.34 -24.30
N VAL A 378 -4.22 -21.76 -25.49
CA VAL A 378 -4.06 -20.31 -25.64
C VAL A 378 -5.17 -19.57 -24.90
N GLY A 379 -4.79 -18.74 -23.93
CA GLY A 379 -5.75 -17.99 -23.16
C GLY A 379 -5.81 -18.41 -21.69
N ASP A 380 -5.29 -19.59 -21.40
CA ASP A 380 -5.31 -20.13 -20.05
C ASP A 380 -4.20 -19.52 -19.20
N ILE A 381 -4.59 -18.69 -18.24
CA ILE A 381 -3.63 -17.99 -17.40
C ILE A 381 -3.10 -18.88 -16.29
N GLY A 382 -3.69 -20.06 -16.16
CA GLY A 382 -3.32 -20.98 -15.10
C GLY A 382 -4.03 -20.64 -13.80
N PRO A 383 -3.58 -21.24 -12.69
CA PRO A 383 -4.20 -21.04 -11.38
C PRO A 383 -3.86 -19.68 -10.75
N GLY A 384 -4.33 -18.60 -11.36
CA GLY A 384 -4.00 -17.26 -10.88
C GLY A 384 -5.18 -16.39 -10.47
N TYR A 385 -4.89 -15.38 -9.67
CA TYR A 385 -5.86 -14.41 -9.17
C TYR A 385 -7.20 -15.02 -8.75
N GLY A 386 -8.17 -14.99 -9.65
CA GLY A 386 -9.50 -15.50 -9.35
C GLY A 386 -9.51 -16.93 -8.83
N PHE A 387 -8.68 -17.76 -9.45
CA PHE A 387 -8.61 -19.16 -9.08
C PHE A 387 -8.13 -19.34 -7.66
N GLN A 388 -7.17 -18.53 -7.22
CA GLN A 388 -6.68 -18.63 -5.85
C GLN A 388 -7.72 -18.05 -4.91
N TRP A 389 -8.34 -16.95 -5.34
CA TRP A 389 -9.41 -16.30 -4.59
C TRP A 389 -10.52 -17.27 -4.18
N ARG A 390 -11.06 -17.97 -5.18
CA ARG A 390 -12.25 -18.79 -4.97
C ARG A 390 -11.91 -20.26 -4.68
N HIS A 391 -10.68 -20.66 -5.01
CA HIS A 391 -10.27 -22.05 -4.85
C HIS A 391 -8.80 -22.16 -4.48
N PHE A 392 -8.35 -21.45 -3.46
CA PHE A 392 -6.95 -21.49 -3.07
C PHE A 392 -6.46 -22.92 -2.79
N GLY A 393 -5.33 -23.28 -3.40
CA GLY A 393 -4.69 -24.55 -3.13
C GLY A 393 -5.19 -25.71 -3.97
N ALA A 394 -6.35 -25.54 -4.59
CA ALA A 394 -6.96 -26.59 -5.42
C ALA A 394 -6.03 -26.98 -6.57
N ALA A 395 -6.05 -28.27 -6.92
CA ALA A 395 -5.22 -28.77 -8.01
C ALA A 395 -5.78 -28.32 -9.36
N TYR A 396 -4.97 -27.59 -10.12
CA TYR A 396 -5.41 -27.03 -11.39
C TYR A 396 -5.31 -28.04 -12.53
N LYS A 397 -6.18 -27.87 -13.53
CA LYS A 397 -6.09 -28.65 -14.76
C LYS A 397 -6.07 -27.72 -15.97
N ASP A 398 -7.25 -27.24 -16.36
CA ASP A 398 -7.33 -26.22 -17.40
C ASP A 398 -8.47 -25.24 -17.10
N MET A 399 -8.64 -24.26 -17.98
CA MET A 399 -9.62 -23.21 -17.78
C MET A 399 -11.05 -23.66 -18.03
N HIS A 400 -11.22 -24.91 -18.46
CA HIS A 400 -12.54 -25.44 -18.78
C HIS A 400 -13.08 -26.32 -17.65
N THR A 401 -12.24 -26.59 -16.66
CA THR A 401 -12.59 -27.51 -15.58
C THR A 401 -13.48 -26.83 -14.55
N ASP A 402 -14.40 -27.61 -13.96
CA ASP A 402 -15.24 -27.12 -12.88
C ASP A 402 -14.54 -27.36 -11.54
N TYR A 403 -14.49 -26.33 -10.71
CA TYR A 403 -13.75 -26.41 -9.47
C TYR A 403 -14.59 -26.11 -8.22
N THR A 404 -15.91 -26.10 -8.38
CA THR A 404 -16.79 -25.76 -7.27
C THR A 404 -16.62 -26.73 -6.10
N GLY A 405 -16.29 -26.20 -4.94
CA GLY A 405 -16.11 -27.01 -3.74
C GLY A 405 -14.64 -27.33 -3.46
N GLN A 406 -13.80 -27.17 -4.47
CA GLN A 406 -12.37 -27.42 -4.32
C GLN A 406 -11.64 -26.18 -3.81
N GLY A 407 -10.70 -26.39 -2.89
CA GLY A 407 -9.87 -25.31 -2.40
C GLY A 407 -10.57 -24.39 -1.42
N VAL A 408 -9.89 -23.31 -1.05
CA VAL A 408 -10.42 -22.35 -0.09
C VAL A 408 -11.06 -21.15 -0.78
N ASP A 409 -12.29 -20.83 -0.39
CA ASP A 409 -13.01 -19.68 -0.94
C ASP A 409 -12.78 -18.43 -0.08
N GLN A 410 -11.63 -17.81 -0.29
CA GLN A 410 -11.21 -16.67 0.51
C GLN A 410 -12.21 -15.52 0.44
N LEU A 411 -12.87 -15.35 -0.70
CA LEU A 411 -13.80 -14.23 -0.87
C LEU A 411 -15.04 -14.42 0.01
N LYS A 412 -15.61 -15.62 -0.05
CA LYS A 412 -16.78 -15.93 0.76
C LYS A 412 -16.40 -15.90 2.24
N ASN A 413 -15.20 -16.39 2.56
CA ASN A 413 -14.69 -16.31 3.92
C ASN A 413 -14.66 -14.87 4.43
N VAL A 414 -14.01 -14.00 3.67
CA VAL A 414 -13.91 -12.59 4.00
C VAL A 414 -15.27 -11.94 4.18
N ILE A 415 -16.18 -12.21 3.24
CA ILE A 415 -17.50 -11.61 3.30
C ILE A 415 -18.28 -12.05 4.53
N GLN A 416 -18.35 -13.36 4.77
CA GLN A 416 -19.06 -13.88 5.94
C GLN A 416 -18.45 -13.33 7.23
N MET A 417 -17.13 -13.31 7.31
CA MET A 417 -16.43 -12.78 8.47
C MET A 417 -16.76 -11.30 8.66
N LEU A 418 -16.99 -10.60 7.55
CA LEU A 418 -17.36 -9.19 7.61
C LEU A 418 -18.80 -9.00 8.12
N ARG A 419 -19.68 -9.90 7.70
CA ARG A 419 -21.08 -9.81 8.05
C ARG A 419 -21.36 -10.26 9.48
N THR A 420 -20.50 -11.10 10.03
CA THR A 420 -20.74 -11.68 11.35
C THR A 420 -19.80 -11.14 12.43
N ASN A 421 -18.54 -10.92 12.09
CA ASN A 421 -17.54 -10.54 13.08
C ASN A 421 -16.58 -9.48 12.56
N PRO A 422 -17.04 -8.23 12.45
CA PRO A 422 -16.31 -7.15 11.77
C PRO A 422 -15.04 -6.68 12.48
N THR A 423 -14.71 -7.25 13.63
CA THR A 423 -13.52 -6.84 14.35
C THR A 423 -12.41 -7.88 14.24
N ASP A 424 -12.66 -8.90 13.43
CA ASP A 424 -11.68 -9.95 13.18
C ASP A 424 -10.51 -9.37 12.40
N ARG A 425 -9.29 -9.76 12.77
CA ARG A 425 -8.11 -9.23 12.11
C ARG A 425 -7.47 -10.26 11.17
N ARG A 426 -8.28 -11.18 10.65
CA ARG A 426 -7.79 -12.19 9.72
C ARG A 426 -8.57 -12.16 8.41
N MET A 427 -9.16 -11.01 8.09
CA MET A 427 -9.92 -10.85 6.86
C MET A 427 -9.00 -10.57 5.67
N LEU A 428 -8.39 -11.61 5.14
CA LEU A 428 -7.44 -11.43 4.05
C LEU A 428 -7.73 -12.34 2.87
N MET A 429 -7.30 -11.88 1.69
CA MET A 429 -7.42 -12.65 0.47
C MET A 429 -6.07 -12.61 -0.24
N THR A 430 -5.47 -13.77 -0.44
CA THR A 430 -4.15 -13.81 -1.08
C THR A 430 -4.17 -14.67 -2.34
N ALA A 431 -3.37 -14.27 -3.32
CA ALA A 431 -3.25 -15.01 -4.57
C ALA A 431 -1.82 -15.46 -4.77
N TRP A 432 -0.97 -15.16 -3.79
CA TRP A 432 0.43 -15.56 -3.85
C TRP A 432 0.60 -16.94 -3.26
N ASN A 433 0.51 -17.96 -4.11
CA ASN A 433 0.68 -19.34 -3.71
C ASN A 433 1.92 -19.94 -4.36
N PRO A 434 3.04 -19.96 -3.64
CA PRO A 434 4.34 -20.43 -4.12
C PRO A 434 4.32 -21.80 -4.79
N ALA A 435 3.34 -22.62 -4.44
CA ALA A 435 3.23 -23.95 -5.04
C ALA A 435 2.80 -23.89 -6.50
N ALA A 436 1.86 -22.99 -6.79
CA ALA A 436 1.24 -22.94 -8.12
C ALA A 436 1.81 -21.84 -9.00
N LEU A 437 2.87 -21.17 -8.54
CA LEU A 437 3.44 -20.04 -9.25
C LEU A 437 3.95 -20.40 -10.64
N ASP A 438 4.69 -21.50 -10.74
CA ASP A 438 5.27 -21.89 -12.02
C ASP A 438 4.21 -22.38 -13.00
N GLU A 439 3.02 -22.66 -12.49
CA GLU A 439 1.91 -23.11 -13.33
C GLU A 439 1.12 -21.93 -13.89
N MET A 440 1.35 -20.74 -13.32
CA MET A 440 0.66 -19.54 -13.77
C MET A 440 1.37 -18.91 -14.95
N ALA A 441 0.60 -18.21 -15.78
CA ALA A 441 1.18 -17.49 -16.92
C ALA A 441 2.02 -16.33 -16.42
N LEU A 442 1.54 -15.68 -15.37
CA LEU A 442 2.24 -14.54 -14.79
C LEU A 442 1.92 -14.45 -13.30
N PRO A 443 2.96 -14.49 -12.45
CA PRO A 443 2.79 -14.40 -11.01
C PRO A 443 2.03 -13.14 -10.62
N PRO A 444 1.09 -13.25 -9.69
CA PRO A 444 0.22 -12.13 -9.30
C PRO A 444 0.99 -10.91 -8.82
N CYS A 445 0.58 -9.74 -9.29
CA CYS A 445 1.20 -8.50 -8.86
C CYS A 445 0.40 -7.93 -7.68
N HIS A 446 -0.89 -7.67 -7.89
CA HIS A 446 -1.78 -7.39 -6.78
C HIS A 446 -2.12 -8.72 -6.11
N LEU A 447 -1.35 -9.06 -5.08
CA LEU A 447 -1.31 -10.43 -4.57
C LEU A 447 -2.03 -10.65 -3.25
N LEU A 448 -2.39 -9.57 -2.56
CA LEU A 448 -2.95 -9.69 -1.22
C LEU A 448 -3.78 -8.47 -0.84
N CYS A 449 -4.97 -8.70 -0.29
CA CYS A 449 -5.78 -7.59 0.19
C CYS A 449 -6.40 -7.90 1.55
N GLN A 450 -6.52 -6.87 2.37
CA GLN A 450 -7.05 -7.02 3.73
C GLN A 450 -8.11 -5.95 4.00
N PHE A 451 -9.17 -6.34 4.71
CA PHE A 451 -10.29 -5.43 4.97
C PHE A 451 -10.37 -5.01 6.45
N TYR A 452 -11.16 -3.97 6.70
CA TYR A 452 -11.22 -3.36 8.02
C TYR A 452 -12.54 -2.62 8.23
N VAL A 453 -13.14 -2.79 9.41
CA VAL A 453 -14.38 -2.10 9.75
C VAL A 453 -14.23 -1.40 11.10
N ASN A 454 -14.74 -0.17 11.17
CA ASN A 454 -14.58 0.63 12.39
C ASN A 454 -15.88 0.86 13.15
N ASP A 455 -15.91 1.96 13.89
CA ASP A 455 -17.09 2.40 14.64
C ASP A 455 -18.35 2.40 13.79
N GLN A 456 -18.32 3.22 12.74
CA GLN A 456 -19.53 3.57 12.00
C GLN A 456 -19.85 2.64 10.84
N LYS A 457 -19.50 1.37 10.98
CA LYS A 457 -19.73 0.37 9.93
C LYS A 457 -19.15 0.83 8.59
N GLU A 458 -17.90 1.29 8.63
CA GLU A 458 -17.23 1.78 7.43
C GLU A 458 -16.11 0.84 7.02
N LEU A 459 -16.09 0.47 5.74
CA LEU A 459 -15.12 -0.50 5.24
C LEU A 459 -13.90 0.18 4.63
N SER A 460 -12.72 -0.35 4.95
CA SER A 460 -11.47 0.08 4.35
C SER A 460 -10.69 -1.13 3.85
N CYS A 461 -9.87 -0.93 2.83
CA CYS A 461 -9.18 -2.04 2.19
C CYS A 461 -7.75 -1.69 1.79
N ILE A 462 -6.81 -2.53 2.22
CA ILE A 462 -5.42 -2.41 1.79
C ILE A 462 -5.10 -3.46 0.74
N MET A 463 -4.42 -3.06 -0.34
CA MET A 463 -3.93 -4.03 -1.30
C MET A 463 -2.42 -3.88 -1.45
N TYR A 464 -1.71 -4.99 -1.28
CA TYR A 464 -0.27 -5.00 -1.45
C TYR A 464 0.10 -5.47 -2.85
N GLN A 465 0.92 -4.68 -3.53
CA GLN A 465 1.31 -4.99 -4.89
C GLN A 465 2.83 -5.11 -4.99
N ARG A 466 3.31 -6.29 -5.33
CA ARG A 466 4.76 -6.53 -5.37
C ARG A 466 5.43 -5.72 -6.48
N SER A 467 4.77 -5.65 -7.63
CA SER A 467 5.32 -4.94 -8.78
C SER A 467 4.28 -3.99 -9.35
N CYS A 468 4.69 -2.77 -9.66
CA CYS A 468 3.74 -1.74 -10.06
C CYS A 468 4.20 -0.94 -11.28
N ASP A 469 3.63 -1.26 -12.44
CA ASP A 469 3.77 -0.41 -13.61
C ASP A 469 3.00 0.88 -13.35
N VAL A 470 3.72 1.92 -12.96
CA VAL A 470 3.08 3.16 -12.51
C VAL A 470 2.28 3.86 -13.60
N GLY A 471 2.89 4.04 -14.77
CA GLY A 471 2.24 4.75 -15.85
C GLY A 471 1.04 4.00 -16.41
N LEU A 472 1.13 2.68 -16.41
CA LEU A 472 0.15 1.86 -17.11
C LEU A 472 -0.84 1.14 -16.19
N GLY A 473 -0.31 0.40 -15.22
CA GLY A 473 -1.14 -0.48 -14.42
C GLY A 473 -1.75 0.10 -13.16
N VAL A 474 -0.99 0.94 -12.47
CA VAL A 474 -1.40 1.46 -11.16
C VAL A 474 -2.79 2.10 -11.13
N PRO A 475 -3.12 3.01 -12.09
CA PRO A 475 -4.48 3.58 -12.01
C PRO A 475 -5.56 2.50 -12.14
N PHE A 476 -5.33 1.57 -13.06
CA PHE A 476 -6.22 0.44 -13.27
C PHE A 476 -6.41 -0.36 -11.99
N ASN A 477 -5.32 -0.58 -11.26
CA ASN A 477 -5.38 -1.33 -10.01
C ASN A 477 -6.16 -0.58 -8.94
N ILE A 478 -5.85 0.70 -8.78
CA ILE A 478 -6.58 1.58 -7.89
C ILE A 478 -8.08 1.47 -8.13
N ALA A 479 -8.49 1.71 -9.37
CA ALA A 479 -9.89 1.60 -9.75
C ALA A 479 -10.44 0.21 -9.42
N SER A 480 -9.63 -0.81 -9.70
CA SER A 480 -10.04 -2.19 -9.52
C SER A 480 -10.41 -2.51 -8.08
N TYR A 481 -9.47 -2.28 -7.18
CA TYR A 481 -9.70 -2.63 -5.77
C TYR A 481 -10.62 -1.64 -5.07
N SER A 482 -10.71 -0.42 -5.58
CA SER A 482 -11.71 0.51 -5.09
C SER A 482 -13.11 -0.03 -5.40
N LEU A 483 -13.27 -0.47 -6.65
CA LEU A 483 -14.52 -1.10 -7.08
C LEU A 483 -14.84 -2.32 -6.24
N LEU A 484 -13.83 -3.17 -6.03
CA LEU A 484 -14.00 -4.34 -5.17
C LEU A 484 -14.51 -3.93 -3.80
N THR A 485 -13.90 -2.88 -3.24
CA THR A 485 -14.31 -2.38 -1.94
C THR A 485 -15.77 -1.92 -1.95
N LEU A 486 -16.17 -1.20 -2.98
CA LEU A 486 -17.58 -0.81 -3.13
C LEU A 486 -18.50 -2.03 -3.09
N MET A 487 -18.22 -3.00 -3.95
CA MET A 487 -19.06 -4.18 -4.06
C MET A 487 -19.17 -4.94 -2.74
N VAL A 488 -18.02 -5.26 -2.16
CA VAL A 488 -17.98 -5.93 -0.86
C VAL A 488 -18.78 -5.16 0.18
N ALA A 489 -18.58 -3.84 0.22
CA ALA A 489 -19.27 -3.00 1.20
C ALA A 489 -20.79 -3.08 1.04
N HIS A 490 -21.26 -3.00 -0.21
CA HIS A 490 -22.69 -3.11 -0.46
C HIS A 490 -23.23 -4.47 -0.06
N VAL A 491 -22.48 -5.52 -0.36
CA VAL A 491 -22.91 -6.88 -0.06
C VAL A 491 -22.91 -7.13 1.46
N CYS A 492 -22.11 -6.36 2.19
CA CYS A 492 -21.99 -6.56 3.64
C CYS A 492 -22.73 -5.50 4.46
N ASN A 493 -23.58 -4.70 3.80
CA ASN A 493 -24.27 -3.58 4.43
C ASN A 493 -23.33 -2.61 5.14
N LEU A 494 -22.29 -2.17 4.43
CA LEU A 494 -21.32 -1.25 5.00
C LEU A 494 -21.12 -0.03 4.10
N LYS A 495 -20.52 1.01 4.66
CA LYS A 495 -20.20 2.21 3.90
C LYS A 495 -18.74 2.19 3.46
N PRO A 496 -18.49 2.39 2.15
CA PRO A 496 -17.10 2.45 1.68
C PRO A 496 -16.39 3.70 2.18
N LYS A 497 -15.23 3.51 2.80
CA LYS A 497 -14.51 4.65 3.37
C LYS A 497 -13.20 4.93 2.64
N GLU A 498 -12.38 3.90 2.44
CA GLU A 498 -11.01 4.13 2.02
C GLU A 498 -10.35 2.91 1.36
N PHE A 499 -9.66 3.16 0.24
CA PHE A 499 -8.80 2.13 -0.35
C PHE A 499 -7.35 2.51 -0.15
N ILE A 500 -6.56 1.58 0.39
CA ILE A 500 -5.17 1.88 0.70
C ILE A 500 -4.22 1.06 -0.17
N HIS A 501 -3.31 1.76 -0.85
CA HIS A 501 -2.41 1.13 -1.80
C HIS A 501 -0.98 1.01 -1.28
N PHE A 502 -0.59 -0.23 -0.98
CA PHE A 502 0.78 -0.55 -0.56
C PHE A 502 1.57 -1.13 -1.72
N MET A 503 2.70 -0.52 -2.03
CA MET A 503 3.43 -0.86 -3.25
C MET A 503 4.88 -1.28 -2.98
N GLY A 504 5.24 -2.45 -3.47
CA GLY A 504 6.59 -2.97 -3.31
C GLY A 504 7.54 -2.37 -4.32
N ASN A 505 7.89 -3.14 -5.34
CA ASN A 505 8.73 -2.64 -6.42
C ASN A 505 7.92 -1.69 -7.29
N THR A 506 8.08 -0.39 -7.04
CA THR A 506 7.32 0.63 -7.76
C THR A 506 8.19 1.27 -8.83
N HIS A 507 7.75 1.17 -10.08
CA HIS A 507 8.61 1.51 -11.21
C HIS A 507 7.87 2.11 -12.39
N VAL A 508 8.59 2.92 -13.17
CA VAL A 508 8.09 3.35 -14.47
C VAL A 508 9.04 2.85 -15.56
N TYR A 509 8.49 2.51 -16.72
CA TYR A 509 9.31 2.03 -17.82
C TYR A 509 9.89 3.20 -18.58
N THR A 510 11.11 3.02 -19.09
CA THR A 510 11.85 4.09 -19.73
C THR A 510 11.17 4.60 -21.01
N ASN A 511 10.37 3.74 -21.64
CA ASN A 511 9.63 4.14 -22.84
C ASN A 511 8.32 4.85 -22.50
N HIS A 512 8.14 5.18 -21.23
CA HIS A 512 6.94 5.87 -20.76
C HIS A 512 7.25 7.27 -20.25
N VAL A 513 8.52 7.53 -19.98
CA VAL A 513 8.94 8.73 -19.25
C VAL A 513 8.51 10.03 -19.91
N GLU A 514 8.64 10.09 -21.23
N GLU A 514 8.65 10.11 -21.23
CA GLU A 514 8.24 11.26 -21.99
CA GLU A 514 8.23 11.29 -21.98
C GLU A 514 6.74 11.52 -21.84
C GLU A 514 6.73 11.53 -21.84
N ALA A 515 5.96 10.46 -22.01
CA ALA A 515 4.51 10.53 -21.92
C ALA A 515 4.06 10.92 -20.52
N LEU A 516 4.76 10.44 -19.50
CA LEU A 516 4.41 10.77 -18.13
C LEU A 516 4.74 12.23 -17.84
N LYS A 517 5.88 12.67 -18.38
CA LYS A 517 6.26 14.07 -18.32
C LYS A 517 5.18 14.93 -18.95
N GLU A 518 4.61 14.45 -20.05
CA GLU A 518 3.48 15.12 -20.68
C GLU A 518 2.29 15.15 -19.73
N GLN A 519 2.03 14.01 -19.09
CA GLN A 519 0.88 13.82 -18.22
C GLN A 519 0.93 14.72 -17.00
N LEU A 520 2.13 15.06 -16.54
CA LEU A 520 2.29 15.84 -15.32
C LEU A 520 1.98 17.32 -15.55
N ARG A 521 1.82 17.72 -16.81
CA ARG A 521 1.48 19.11 -17.10
C ARG A 521 -0.03 19.34 -16.95
N ARG A 522 -0.76 18.24 -16.83
CA ARG A 522 -2.22 18.29 -16.70
C ARG A 522 -2.64 18.34 -15.24
N GLU A 523 -3.47 19.33 -14.89
CA GLU A 523 -4.08 19.36 -13.57
C GLU A 523 -5.32 18.46 -13.55
N PRO A 524 -5.52 17.71 -12.46
CA PRO A 524 -6.60 16.73 -12.37
C PRO A 524 -8.00 17.34 -12.34
N ARG A 525 -8.99 16.52 -12.68
CA ARG A 525 -10.38 16.93 -12.68
C ARG A 525 -11.12 16.26 -11.52
N PRO A 526 -12.32 16.76 -11.16
CA PRO A 526 -13.08 16.10 -10.09
C PRO A 526 -13.30 14.62 -10.32
N PHE A 527 -13.04 13.81 -9.29
CA PHE A 527 -13.30 12.38 -9.34
C PHE A 527 -14.77 12.14 -9.62
N PRO A 528 -15.08 11.10 -10.41
CA PRO A 528 -16.48 10.77 -10.68
C PRO A 528 -17.12 9.99 -9.54
N ILE A 529 -18.39 9.64 -9.70
CA ILE A 529 -19.10 8.82 -8.73
C ILE A 529 -19.50 7.50 -9.37
N VAL A 530 -19.18 6.39 -8.71
CA VAL A 530 -19.58 5.08 -9.22
C VAL A 530 -20.79 4.57 -8.46
N ASN A 531 -21.95 4.58 -9.12
CA ASN A 531 -23.18 4.12 -8.51
C ASN A 531 -23.48 2.67 -8.82
N ILE A 532 -23.90 1.94 -7.80
CA ILE A 532 -24.35 0.57 -7.99
C ILE A 532 -25.84 0.57 -8.26
N LEU A 533 -26.21 0.09 -9.45
CA LEU A 533 -27.61 0.02 -9.83
C LEU A 533 -28.22 -1.30 -9.39
N ASN A 534 -29.53 -1.32 -9.22
CA ASN A 534 -30.28 -2.53 -8.88
C ASN A 534 -29.85 -3.17 -7.56
N LYS A 535 -29.57 -2.33 -6.56
CA LYS A 535 -29.11 -2.79 -5.27
C LYS A 535 -30.03 -3.84 -4.67
N GLU A 536 -31.34 -3.63 -4.79
CA GLU A 536 -32.35 -4.54 -4.25
C GLU A 536 -32.17 -5.96 -4.77
N ARG A 537 -31.68 -6.08 -6.00
CA ARG A 537 -31.49 -7.39 -6.62
C ARG A 537 -30.19 -8.04 -6.13
N ILE A 538 -29.24 -7.21 -5.73
CA ILE A 538 -27.90 -7.68 -5.41
C ILE A 538 -27.73 -7.94 -3.92
N LYS A 539 -27.60 -9.22 -3.55
CA LYS A 539 -27.46 -9.60 -2.15
C LYS A 539 -26.14 -10.31 -1.88
N GLU A 540 -25.58 -10.91 -2.93
CA GLU A 540 -24.31 -11.63 -2.80
C GLU A 540 -23.29 -11.13 -3.82
N ILE A 541 -22.01 -11.39 -3.55
CA ILE A 541 -20.93 -10.87 -4.37
C ILE A 541 -20.99 -11.38 -5.81
N ASP A 542 -21.57 -12.57 -5.99
CA ASP A 542 -21.66 -13.17 -7.31
C ASP A 542 -22.84 -12.62 -8.10
N ASP A 543 -23.72 -11.89 -7.43
CA ASP A 543 -24.94 -11.38 -8.06
C ASP A 543 -24.67 -10.21 -9.02
N PHE A 544 -23.49 -9.61 -8.91
CA PHE A 544 -23.12 -8.48 -9.76
C PHE A 544 -22.98 -8.86 -11.22
N THR A 545 -23.41 -7.96 -12.11
CA THR A 545 -23.16 -8.13 -13.54
C THR A 545 -22.53 -6.86 -14.10
N ALA A 546 -22.26 -6.86 -15.40
CA ALA A 546 -21.57 -5.75 -16.04
C ALA A 546 -22.44 -4.50 -16.14
N GLU A 547 -23.75 -4.69 -16.12
CA GLU A 547 -24.69 -3.58 -16.30
C GLU A 547 -25.22 -3.03 -14.98
N ASP A 548 -24.62 -3.46 -13.88
CA ASP A 548 -25.10 -3.05 -12.57
C ASP A 548 -24.33 -1.86 -12.02
N PHE A 549 -23.62 -1.16 -12.90
CA PHE A 549 -22.80 -0.03 -12.49
C PHE A 549 -23.05 1.21 -13.34
N GLU A 550 -22.65 2.36 -12.80
CA GLU A 550 -22.86 3.63 -13.48
C GLU A 550 -21.81 4.65 -13.09
N VAL A 551 -20.91 4.99 -14.02
CA VAL A 551 -19.93 6.04 -13.77
C VAL A 551 -20.54 7.39 -14.11
N VAL A 552 -20.42 8.33 -13.17
CA VAL A 552 -21.14 9.59 -13.26
C VAL A 552 -20.22 10.79 -13.04
N GLY A 553 -20.15 11.66 -14.03
CA GLY A 553 -19.36 12.88 -13.93
C GLY A 553 -17.89 12.66 -14.19
N TYR A 554 -17.57 11.63 -14.96
CA TYR A 554 -16.19 11.35 -15.32
C TYR A 554 -15.76 12.25 -16.47
N VAL A 555 -14.96 13.27 -16.16
CA VAL A 555 -14.45 14.18 -17.18
C VAL A 555 -12.91 14.16 -17.19
N PRO A 556 -12.33 13.13 -17.85
CA PRO A 556 -10.87 12.97 -17.86
C PRO A 556 -10.20 13.65 -19.06
N HIS A 557 -8.89 13.78 -19.00
CA HIS A 557 -8.12 14.28 -20.14
C HIS A 557 -8.04 13.20 -21.21
N GLY A 558 -7.42 13.53 -22.33
CA GLY A 558 -7.30 12.57 -23.42
C GLY A 558 -6.44 11.37 -23.08
N ARG A 559 -6.59 10.30 -23.83
CA ARG A 559 -5.77 9.11 -23.63
C ARG A 559 -4.31 9.37 -23.99
N ILE A 560 -3.41 8.71 -23.28
CA ILE A 560 -1.98 8.79 -23.59
C ILE A 560 -1.46 7.41 -23.94
N GLN A 561 -0.97 7.27 -25.18
CA GLN A 561 -0.48 5.98 -25.66
C GLN A 561 0.79 5.54 -24.95
N MET A 562 0.72 4.37 -24.31
CA MET A 562 1.87 3.77 -23.65
C MET A 562 1.86 2.27 -23.88
N GLU A 563 2.83 1.79 -24.66
CA GLU A 563 2.93 0.37 -24.98
C GLU A 563 3.27 -0.46 -23.75
N MET A 564 2.63 -1.62 -23.64
CA MET A 564 2.87 -2.52 -22.52
C MET A 564 4.24 -3.18 -22.66
N ALA A 565 5.04 -3.10 -21.60
CA ALA A 565 6.30 -3.83 -21.56
C ALA A 565 5.99 -5.32 -21.57
N VAL A 566 6.29 -5.96 -22.69
CA VAL A 566 5.89 -7.33 -22.98
C VAL A 566 6.42 -8.37 -22.00
N LYS B 3 25.20 38.29 24.99
CA LYS B 3 26.41 37.54 25.29
C LYS B 3 26.17 36.04 25.52
N PRO B 4 25.46 35.37 24.59
CA PRO B 4 25.16 33.95 24.85
C PRO B 4 26.36 33.04 24.60
N VAL B 5 26.37 31.88 25.24
CA VAL B 5 27.46 30.92 25.11
C VAL B 5 26.90 29.54 24.74
N CYS B 6 27.66 28.77 23.97
CA CYS B 6 27.26 27.42 23.61
C CYS B 6 28.41 26.42 23.77
N LEU B 7 28.10 25.25 24.32
CA LEU B 7 29.10 24.20 24.49
C LEU B 7 28.97 23.15 23.38
N VAL B 8 30.11 22.75 22.82
CA VAL B 8 30.11 21.72 21.78
C VAL B 8 30.95 20.52 22.24
N VAL B 9 30.31 19.36 22.33
CA VAL B 9 30.94 18.19 22.94
C VAL B 9 30.65 16.87 22.21
N ALA B 10 31.50 15.88 22.48
CA ALA B 10 31.26 14.49 22.09
C ALA B 10 31.59 13.60 23.27
N MET B 11 30.57 13.00 23.88
CA MET B 11 30.77 12.23 25.09
C MET B 11 30.10 10.85 25.07
N THR B 12 30.67 9.93 25.84
CA THR B 12 30.12 8.59 26.01
C THR B 12 28.86 8.65 26.89
N PRO B 13 28.15 7.53 27.07
CA PRO B 13 27.01 7.62 28.00
C PRO B 13 27.44 7.95 29.43
N LYS B 14 28.66 7.57 29.79
CA LYS B 14 29.19 7.87 31.12
C LYS B 14 29.89 9.23 31.15
N ARG B 15 29.57 10.07 30.16
CA ARG B 15 30.05 11.45 30.07
C ARG B 15 31.58 11.54 29.91
N GLY B 16 32.20 10.47 29.44
CA GLY B 16 33.62 10.48 29.19
C GLY B 16 33.95 11.21 27.90
N ILE B 17 35.02 12.01 27.90
CA ILE B 17 35.36 12.81 26.72
C ILE B 17 36.81 12.68 26.29
N GLY B 18 37.65 12.08 27.12
CA GLY B 18 39.06 11.98 26.78
C GLY B 18 39.89 11.02 27.61
N ILE B 19 41.07 10.69 27.09
CA ILE B 19 42.03 9.88 27.82
C ILE B 19 43.43 10.09 27.24
N ASN B 20 44.41 10.25 28.13
CA ASN B 20 45.79 10.54 27.76
C ASN B 20 45.88 11.76 26.85
N ASN B 21 45.14 12.81 27.21
CA ASN B 21 45.10 14.06 26.45
C ASN B 21 44.76 13.83 24.98
N GLY B 22 43.76 12.99 24.75
CA GLY B 22 43.33 12.67 23.40
C GLY B 22 41.91 12.17 23.38
N LEU B 23 41.50 11.55 22.27
CA LEU B 23 40.14 11.07 22.14
C LEU B 23 40.03 9.58 22.45
N PRO B 24 38.99 9.20 23.20
CA PRO B 24 38.74 7.82 23.65
C PRO B 24 38.38 6.89 22.50
N TRP B 25 37.66 7.42 21.52
CA TRP B 25 37.15 6.63 20.41
C TRP B 25 37.92 6.91 19.12
N PRO B 26 37.92 5.95 18.18
CA PRO B 26 38.50 6.18 16.86
C PRO B 26 37.80 7.30 16.12
N HIS B 27 38.39 7.74 15.00
CA HIS B 27 37.96 8.95 14.30
C HIS B 27 36.49 8.93 13.90
N LEU B 28 35.75 9.98 14.29
CA LEU B 28 34.35 10.13 13.92
C LEU B 28 34.17 11.24 12.87
N THR B 29 34.25 10.83 11.61
CA THR B 29 34.20 11.73 10.46
C THR B 29 33.00 12.67 10.48
N THR B 30 31.81 12.08 10.52
CA THR B 30 30.57 12.86 10.50
C THR B 30 30.51 13.80 11.69
N ASP B 31 31.01 13.36 12.83
CA ASP B 31 31.07 14.20 14.02
C ASP B 31 31.96 15.41 13.76
N PHE B 32 33.08 15.19 13.08
CA PHE B 32 33.99 16.29 12.78
C PHE B 32 33.38 17.27 11.78
N LYS B 33 32.67 16.75 10.78
CA LYS B 33 31.97 17.60 9.83
C LYS B 33 30.92 18.45 10.56
N HIS B 34 30.22 17.81 11.49
CA HIS B 34 29.23 18.48 12.33
C HIS B 34 29.87 19.61 13.14
N PHE B 35 31.00 19.32 13.79
CA PHE B 35 31.72 20.31 14.58
C PHE B 35 32.13 21.51 13.73
N SER B 36 32.81 21.21 12.62
CA SER B 36 33.34 22.24 11.73
C SER B 36 32.23 23.09 11.14
N ARG B 37 31.09 22.47 10.84
CA ARG B 37 29.96 23.20 10.28
C ARG B 37 29.29 24.09 11.32
N VAL B 38 29.03 23.52 12.49
CA VAL B 38 28.40 24.26 13.58
C VAL B 38 29.23 25.47 14.01
N THR B 39 30.53 25.27 14.15
CA THR B 39 31.39 26.30 14.71
C THR B 39 31.64 27.50 13.79
N LYS B 40 31.10 27.47 12.57
CA LYS B 40 31.27 28.62 11.68
C LYS B 40 30.00 29.00 10.92
N THR B 41 29.74 30.31 10.87
CA THR B 41 28.67 30.88 10.05
C THR B 41 28.88 32.38 9.88
N PHE B 49 32.89 36.65 11.70
CA PHE B 49 33.25 35.26 11.98
C PHE B 49 32.72 34.79 13.33
N ASN B 50 32.98 33.53 13.64
CA ASN B 50 32.62 32.96 14.93
C ASN B 50 33.84 32.78 15.82
N ALA B 51 33.61 32.50 17.10
CA ALA B 51 34.72 32.35 18.05
C ALA B 51 34.67 31.01 18.77
N VAL B 52 35.86 30.41 18.95
CA VAL B 52 35.99 29.17 19.70
C VAL B 52 36.92 29.37 20.90
N VAL B 53 36.54 28.81 22.04
CA VAL B 53 37.33 28.92 23.26
C VAL B 53 37.69 27.55 23.80
N MET B 54 38.98 27.33 24.02
CA MET B 54 39.47 26.01 24.43
C MET B 54 40.49 26.12 25.57
N GLY B 55 40.60 25.03 26.33
CA GLY B 55 41.53 24.98 27.45
C GLY B 55 42.96 24.83 26.99
N ARG B 56 43.89 24.81 27.95
CA ARG B 56 45.31 24.71 27.65
C ARG B 56 45.65 23.40 26.95
N LYS B 57 45.30 22.30 27.60
CA LYS B 57 45.64 20.97 27.09
C LYS B 57 44.86 20.64 25.81
N THR B 58 43.67 21.20 25.69
CA THR B 58 42.81 20.97 24.53
C THR B 58 43.47 21.48 23.24
N TRP B 59 44.20 22.58 23.36
CA TRP B 59 44.94 23.14 22.24
C TRP B 59 46.06 22.19 21.82
N GLU B 60 46.66 21.53 22.80
CA GLU B 60 47.74 20.60 22.54
C GLU B 60 47.24 19.29 21.95
N SER B 61 46.00 18.95 22.28
CA SER B 61 45.39 17.71 21.79
C SER B 61 45.29 17.72 20.26
N MET B 62 45.10 18.90 19.68
CA MET B 62 44.95 19.04 18.24
C MET B 62 46.28 18.96 17.50
N PRO B 63 46.31 18.22 16.37
CA PRO B 63 47.43 18.23 15.42
C PRO B 63 47.84 19.66 15.05
N ARG B 64 49.13 19.88 14.84
CA ARG B 64 49.67 21.21 14.57
C ARG B 64 49.08 21.82 13.31
N LYS B 65 48.80 20.99 12.31
CA LYS B 65 48.29 21.47 11.03
C LYS B 65 46.87 22.01 11.15
N PHE B 66 46.18 21.62 12.23
CA PHE B 66 44.81 22.06 12.46
C PHE B 66 44.70 23.14 13.53
N ARG B 67 45.72 23.26 14.37
CA ARG B 67 45.65 24.07 15.59
C ARG B 67 45.06 25.47 15.39
N PRO B 68 45.53 26.22 14.37
CA PRO B 68 44.75 27.44 14.15
C PRO B 68 43.42 27.12 13.45
N LEU B 69 42.37 26.87 14.23
CA LEU B 69 41.06 26.54 13.69
C LEU B 69 40.60 27.61 12.70
N VAL B 70 40.76 27.33 11.41
CA VAL B 70 40.58 28.31 10.36
C VAL B 70 39.17 28.90 10.29
N ASP B 71 39.10 30.18 9.93
CA ASP B 71 37.86 30.94 9.79
C ASP B 71 37.12 31.14 11.11
N ARG B 72 37.85 31.02 12.21
CA ARG B 72 37.26 31.22 13.54
C ARG B 72 38.30 31.82 14.49
N LEU B 73 37.88 32.80 15.29
CA LEU B 73 38.76 33.40 16.29
C LEU B 73 39.06 32.38 17.38
N ASN B 74 40.33 32.05 17.57
CA ASN B 74 40.70 31.07 18.58
C ASN B 74 41.09 31.72 19.90
N ILE B 75 40.67 31.10 21.01
CA ILE B 75 41.03 31.57 22.34
C ILE B 75 41.45 30.42 23.25
N VAL B 76 42.75 30.26 23.44
CA VAL B 76 43.27 29.30 24.41
C VAL B 76 43.27 29.97 25.78
N VAL B 77 42.91 29.24 26.82
CA VAL B 77 43.01 29.80 28.16
C VAL B 77 44.01 29.04 29.03
N SER B 78 44.93 29.78 29.62
CA SER B 78 45.96 29.20 30.48
C SER B 78 46.66 30.28 31.30
N SER B 79 47.87 29.99 31.75
CA SER B 79 48.68 30.97 32.46
C SER B 79 50.16 30.71 32.17
N SER B 80 50.43 29.86 31.20
CA SER B 80 51.80 29.44 30.93
C SER B 80 52.24 29.75 29.49
N LEU B 81 51.32 29.66 28.54
CA LEU B 81 51.69 29.70 27.13
C LEU B 81 51.78 31.10 26.53
N LYS B 82 52.24 31.16 25.28
CA LYS B 82 52.47 32.41 24.56
C LYS B 82 51.19 33.21 24.39
N VAL B 101 44.71 34.59 23.94
CA VAL B 101 45.15 33.78 25.08
C VAL B 101 44.83 34.49 26.40
N CYS B 102 43.78 34.03 27.07
CA CYS B 102 43.34 34.64 28.31
C CYS B 102 43.67 33.78 29.52
N ALA B 103 43.53 34.33 30.71
CA ALA B 103 43.94 33.65 31.94
C ALA B 103 42.77 32.95 32.63
N SER B 104 41.58 33.15 32.10
CA SER B 104 40.38 32.49 32.61
C SER B 104 39.26 32.60 31.59
N LEU B 105 38.19 31.85 31.81
CA LEU B 105 37.02 31.92 30.94
C LEU B 105 36.31 33.28 31.03
N PRO B 106 36.10 33.82 32.25
CA PRO B 106 35.53 35.17 32.29
C PRO B 106 36.38 36.20 31.56
N ALA B 107 37.71 36.08 31.68
CA ALA B 107 38.61 36.96 30.96
C ALA B 107 38.44 36.76 29.45
N ALA B 108 38.24 35.51 29.05
CA ALA B 108 38.05 35.18 27.65
C ALA B 108 36.79 35.83 27.11
N LEU B 109 35.77 35.90 27.95
CA LEU B 109 34.52 36.55 27.55
C LEU B 109 34.69 38.06 27.49
N SER B 110 35.44 38.60 28.46
CA SER B 110 35.72 40.03 28.51
C SER B 110 36.47 40.48 27.27
N LEU B 111 37.42 39.65 26.83
CA LEU B 111 38.20 39.93 25.62
C LEU B 111 37.31 39.90 24.38
N LEU B 112 36.17 39.21 24.50
CA LEU B 112 35.22 39.12 23.40
C LEU B 112 34.24 40.30 23.44
N GLU B 113 34.03 40.86 24.62
CA GLU B 113 33.11 41.98 24.76
C GLU B 113 33.78 43.30 24.43
N GLU B 114 34.96 43.53 24.99
CA GLU B 114 35.71 44.75 24.74
C GLU B 114 36.01 44.89 23.25
N GLU B 115 36.98 44.12 22.76
CA GLU B 115 37.26 44.08 21.34
C GLU B 115 36.49 42.93 20.71
N TYR B 116 36.55 42.85 19.38
CA TYR B 116 35.78 41.89 18.59
C TYR B 116 34.27 42.06 18.73
N LYS B 117 33.84 43.13 19.41
CA LYS B 117 32.41 43.37 19.64
C LYS B 117 31.65 43.34 18.31
N ASP B 118 32.30 43.89 17.28
CA ASP B 118 31.83 43.72 15.92
C ASP B 118 32.61 42.57 15.29
N SER B 119 31.97 41.92 14.32
CA SER B 119 32.51 40.79 13.55
C SER B 119 32.33 39.43 14.22
N VAL B 120 32.16 39.40 15.55
CA VAL B 120 31.88 38.12 16.20
C VAL B 120 30.36 37.91 16.25
N ASP B 121 29.94 36.67 15.97
CA ASP B 121 28.53 36.33 15.94
C ASP B 121 28.12 35.70 17.26
N GLN B 122 28.36 34.40 17.38
CA GLN B 122 28.11 33.67 18.60
C GLN B 122 29.40 32.99 19.04
N ILE B 123 29.49 32.61 20.29
CA ILE B 123 30.71 31.97 20.77
C ILE B 123 30.50 30.49 21.04
N PHE B 124 31.61 29.77 21.11
CA PHE B 124 31.59 28.34 21.41
C PHE B 124 32.67 27.99 22.41
N VAL B 125 32.44 26.92 23.18
CA VAL B 125 33.47 26.38 24.07
C VAL B 125 33.69 24.91 23.74
N VAL B 126 34.93 24.56 23.42
CA VAL B 126 35.24 23.22 22.90
C VAL B 126 36.32 22.50 23.69
N GLY B 128 38.05 21.86 26.76
CA GLY B 128 38.00 20.59 27.46
C GLY B 128 37.32 20.71 28.82
N ALA B 129 37.37 19.63 29.61
CA ALA B 129 36.76 19.64 30.93
C ALA B 129 37.44 20.67 31.80
N GLY B 130 36.71 21.18 32.79
CA GLY B 130 37.22 22.29 33.58
C GLY B 130 36.79 23.59 32.95
N LEU B 131 36.92 23.68 31.63
CA LEU B 131 36.38 24.82 30.90
C LEU B 131 34.87 24.66 30.80
N TYR B 132 34.44 23.43 30.53
CA TYR B 132 33.02 23.09 30.54
C TYR B 132 32.42 23.34 31.91
N GLU B 133 33.12 22.89 32.96
CA GLU B 133 32.61 23.03 34.32
C GLU B 133 32.68 24.49 34.77
N ALA B 134 33.61 25.24 34.20
CA ALA B 134 33.70 26.66 34.48
C ALA B 134 32.50 27.36 33.87
N ALA B 135 32.22 27.04 32.62
CA ALA B 135 31.10 27.62 31.88
C ALA B 135 29.77 27.26 32.53
N LEU B 136 29.71 26.07 33.12
CA LEU B 136 28.48 25.60 33.76
C LEU B 136 28.29 26.23 35.13
N SER B 137 29.36 26.28 35.93
CA SER B 137 29.28 26.88 37.26
C SER B 137 29.01 28.37 37.16
N LEU B 138 29.59 29.01 36.16
CA LEU B 138 29.36 30.44 35.91
C LEU B 138 28.03 30.65 35.20
N GLY B 139 27.37 29.55 34.86
CA GLY B 139 26.04 29.56 34.29
C GLY B 139 25.86 30.46 33.08
N VAL B 140 26.78 30.36 32.13
CA VAL B 140 26.73 31.20 30.93
C VAL B 140 26.35 30.42 29.68
N ALA B 141 26.44 29.09 29.77
CA ALA B 141 26.10 28.23 28.64
C ALA B 141 24.59 28.07 28.52
N SER B 142 24.02 28.58 27.43
CA SER B 142 22.58 28.53 27.21
C SER B 142 22.18 27.27 26.46
N HIS B 143 23.03 26.86 25.52
CA HIS B 143 22.77 25.67 24.69
C HIS B 143 23.92 24.67 24.74
N LEU B 144 23.58 23.39 24.59
CA LEU B 144 24.59 22.33 24.57
C LEU B 144 24.52 21.51 23.28
N TYR B 145 25.57 21.56 22.47
CA TYR B 145 25.65 20.73 21.27
C TYR B 145 26.38 19.43 21.59
N ILE B 146 25.63 18.40 21.99
CA ILE B 146 26.22 17.15 22.44
C ILE B 146 26.18 16.06 21.38
N THR B 147 27.33 15.45 21.13
CA THR B 147 27.42 14.25 20.30
C THR B 147 27.40 13.01 21.19
N ARG B 148 26.28 12.30 21.19
CA ARG B 148 26.12 11.14 22.05
C ARG B 148 26.82 9.91 21.49
N VAL B 149 28.08 9.72 21.86
CA VAL B 149 28.77 8.47 21.53
C VAL B 149 28.09 7.34 22.29
N ALA B 150 27.55 6.36 21.57
CA ALA B 150 26.75 5.31 22.18
C ALA B 150 27.59 4.26 22.91
N ARG B 151 28.81 4.03 22.41
CA ARG B 151 29.73 3.10 23.05
C ARG B 151 30.48 3.73 24.22
N GLU B 152 30.74 2.93 25.24
CA GLU B 152 31.62 3.38 26.31
C GLU B 152 33.06 3.06 25.97
N PHE B 153 33.97 3.94 26.40
CA PHE B 153 35.39 3.75 26.18
C PHE B 153 36.15 4.10 27.44
N PRO B 154 37.36 3.54 27.61
CA PRO B 154 38.24 3.94 28.70
C PRO B 154 38.49 5.44 28.68
N CYS B 155 38.28 6.09 29.82
CA CYS B 155 38.46 7.53 29.94
C CYS B 155 39.02 7.93 31.29
N ASP B 156 39.71 9.07 31.33
CA ASP B 156 40.19 9.62 32.58
C ASP B 156 39.72 11.07 32.73
N VAL B 157 38.98 11.56 31.74
CA VAL B 157 38.45 12.92 31.77
C VAL B 157 36.98 12.94 31.36
N PHE B 158 36.14 13.46 32.24
CA PHE B 158 34.70 13.39 32.06
C PHE B 158 34.01 14.75 32.00
N PHE B 159 32.95 14.84 31.20
CA PHE B 159 32.09 16.01 31.17
C PHE B 159 31.28 16.05 32.45
N PRO B 160 31.18 17.23 33.07
CA PRO B 160 30.51 17.41 34.36
C PRO B 160 29.06 16.93 34.35
N ALA B 161 28.57 16.46 35.48
CA ALA B 161 27.17 16.08 35.62
C ALA B 161 26.30 17.33 35.57
N PHE B 162 25.08 17.18 35.08
CA PHE B 162 24.20 18.34 34.91
C PHE B 162 22.73 17.89 34.79
N PRO B 163 21.80 18.78 35.16
CA PRO B 163 20.36 18.52 34.99
C PRO B 163 19.99 18.36 33.53
N GLY B 164 19.62 17.14 33.15
CA GLY B 164 19.36 16.83 31.75
C GLY B 164 20.16 15.59 31.39
N ASP B 165 21.01 15.18 32.33
CA ASP B 165 21.85 14.00 32.18
C ASP B 165 21.10 12.78 31.67
N ASP B 166 19.79 12.78 31.91
CA ASP B 166 18.89 11.73 31.42
C ASP B 166 19.07 11.41 29.94
N ILE B 167 19.58 12.36 29.16
CA ILE B 167 19.70 12.17 27.71
C ILE B 167 20.89 11.25 27.35
N LEU B 168 21.80 11.03 28.31
CA LEU B 168 22.95 10.17 28.07
C LEU B 168 22.68 8.72 28.49
N SER B 169 22.12 8.54 29.68
CA SER B 169 21.78 7.21 30.17
C SER B 169 20.79 7.31 31.33
N ASN B 170 20.57 6.20 32.03
CA ASN B 170 19.53 6.13 33.06
C ASN B 170 20.01 6.60 34.44
N LYS B 171 21.09 7.37 34.47
CA LYS B 171 21.64 7.88 35.72
C LYS B 171 20.59 8.66 36.51
N GLU B 180 14.91 25.96 39.69
CA GLU B 180 16.01 25.10 39.31
C GLU B 180 16.21 25.10 37.80
N ALA B 181 17.46 25.31 37.37
CA ALA B 181 17.77 25.33 35.95
C ALA B 181 18.03 23.92 35.41
N THR B 182 17.51 23.65 34.21
CA THR B 182 17.67 22.33 33.62
C THR B 182 17.77 22.40 32.10
N TYR B 183 18.48 21.45 31.52
CA TYR B 183 18.72 21.42 30.08
C TYR B 183 17.77 20.49 29.36
N ARG B 184 16.80 21.06 28.66
CA ARG B 184 15.85 20.27 27.89
C ARG B 184 16.31 20.13 26.45
N PRO B 185 16.23 18.91 25.90
CA PRO B 185 16.61 18.67 24.50
C PRO B 185 15.57 19.24 23.54
N ILE B 186 16.04 19.69 22.37
CA ILE B 186 15.20 20.39 21.42
C ILE B 186 15.45 19.84 20.02
N PHE B 187 16.59 19.19 19.88
CA PHE B 187 17.08 18.65 18.63
C PHE B 187 17.61 17.25 18.89
N ILE B 188 17.07 16.25 18.21
CA ILE B 188 17.63 14.90 18.29
C ILE B 188 17.73 14.31 16.90
N SER B 189 18.95 13.92 16.52
CA SER B 189 19.23 13.55 15.13
C SER B 189 19.14 12.05 14.84
N LYS B 190 19.22 11.73 13.56
CA LYS B 190 19.32 10.35 13.09
C LYS B 190 20.63 9.76 13.60
N THR B 191 20.65 8.45 13.82
CA THR B 191 21.87 7.80 14.31
C THR B 191 22.89 7.61 13.19
N PHE B 192 24.11 8.12 13.42
CA PHE B 192 25.20 7.95 12.48
C PHE B 192 26.20 6.95 13.03
N SER B 193 27.17 6.55 12.20
CA SER B 193 28.18 5.59 12.64
C SER B 193 29.48 5.73 11.87
N ASP B 194 30.59 5.66 12.60
CA ASP B 194 31.93 5.66 12.00
C ASP B 194 32.87 4.73 12.76
N ASN B 195 33.60 3.91 12.01
CA ASN B 195 34.54 2.93 12.57
C ASN B 195 33.93 2.07 13.65
N GLY B 196 32.69 1.65 13.45
CA GLY B 196 32.01 0.77 14.39
C GLY B 196 31.54 1.49 15.64
N VAL B 197 31.44 2.81 15.55
CA VAL B 197 30.95 3.63 16.65
C VAL B 197 29.68 4.37 16.24
N PRO B 198 28.55 4.04 16.88
CA PRO B 198 27.28 4.74 16.68
C PRO B 198 27.19 6.01 17.52
N TYR B 199 26.63 7.08 16.96
CA TYR B 199 26.41 8.29 17.74
C TYR B 199 25.26 9.15 17.25
N ASP B 200 24.88 10.12 18.07
CA ASP B 200 23.77 11.01 17.80
C ASP B 200 24.21 12.47 17.82
N PHE B 201 23.29 13.35 17.49
CA PHE B 201 23.51 14.78 17.68
C PHE B 201 22.30 15.39 18.36
N VAL B 202 22.51 15.90 19.58
CA VAL B 202 21.43 16.56 20.29
C VAL B 202 21.81 17.99 20.65
N VAL B 203 20.80 18.85 20.72
CA VAL B 203 20.99 20.22 21.16
C VAL B 203 20.07 20.50 22.35
N LEU B 204 20.67 20.94 23.45
CA LEU B 204 19.94 21.20 24.68
C LEU B 204 19.84 22.71 24.92
N GLU B 205 18.83 23.14 25.67
CA GLU B 205 18.72 24.54 26.04
C GLU B 205 18.29 24.66 27.51
N LYS B 206 18.69 25.77 28.15
CA LYS B 206 18.29 26.02 29.53
C LYS B 206 16.82 26.43 29.64
N ARG B 207 16.13 25.84 30.61
CA ARG B 207 14.73 26.15 30.88
C ARG B 207 14.39 26.05 32.35
N SER B 241 -0.44 37.44 -1.60
CA SER B 241 -1.51 37.68 -2.55
C SER B 241 -2.31 36.40 -2.83
N SER B 242 -1.61 35.36 -3.26
CA SER B 242 -2.24 34.09 -3.61
C SER B 242 -2.52 33.23 -2.38
N ALA B 243 -1.85 33.55 -1.27
CA ALA B 243 -2.09 32.85 -0.03
C ALA B 243 -3.35 33.40 0.62
N ALA B 244 -3.57 34.69 0.43
CA ALA B 244 -4.72 35.38 0.98
C ALA B 244 -6.00 34.92 0.27
N ALA B 245 -5.90 34.70 -1.03
CA ALA B 245 -7.04 34.22 -1.80
C ALA B 245 -7.40 32.80 -1.39
N ILE B 246 -6.38 32.01 -1.06
CA ILE B 246 -6.57 30.61 -0.71
C ILE B 246 -7.11 30.46 0.72
N ALA B 247 -6.65 31.32 1.60
CA ALA B 247 -6.92 31.25 3.04
C ALA B 247 -8.38 30.99 3.44
N PRO B 248 -9.34 31.79 2.93
CA PRO B 248 -10.71 31.62 3.46
C PRO B 248 -11.36 30.29 3.06
N VAL B 249 -10.74 29.53 2.17
CA VAL B 249 -11.26 28.23 1.78
C VAL B 249 -10.69 27.15 2.69
N LEU B 250 -9.37 27.22 2.89
CA LEU B 250 -8.69 26.38 3.86
C LEU B 250 -9.35 26.52 5.23
N ALA B 251 -9.79 27.74 5.53
CA ALA B 251 -10.46 28.03 6.79
C ALA B 251 -11.65 27.09 7.00
N TRP B 252 -12.66 27.21 6.13
CA TRP B 252 -13.89 26.44 6.30
C TRP B 252 -13.66 24.96 6.06
N MET B 253 -12.66 24.62 5.26
CA MET B 253 -12.34 23.22 5.04
C MET B 253 -11.73 22.58 6.29
N ASP B 254 -11.05 23.39 7.09
CA ASP B 254 -10.42 22.88 8.31
C ASP B 254 -11.37 22.91 9.50
N GLU B 255 -12.23 23.93 9.55
CA GLU B 255 -13.16 24.16 10.66
C GLU B 255 -13.73 22.90 11.29
N GLU B 256 -14.43 22.10 10.49
CA GLU B 256 -14.96 20.83 10.93
C GLU B 256 -14.17 19.69 10.32
N ASP B 257 -13.47 18.93 11.16
CA ASP B 257 -13.47 19.16 12.61
C ASP B 257 -12.22 19.93 13.03
N LYS B 264 -9.44 15.18 22.32
CA LYS B 264 -9.76 16.48 22.93
C LYS B 264 -8.49 17.25 23.25
N GLU B 265 -7.62 16.62 24.05
CA GLU B 265 -6.29 17.17 24.30
C GLU B 265 -5.23 16.22 23.75
N LEU B 266 -4.62 16.64 22.64
CA LEU B 266 -3.66 15.82 21.91
C LEU B 266 -2.44 15.48 22.74
N ILE B 267 -2.15 14.19 22.86
CA ILE B 267 -0.89 13.75 23.47
C ILE B 267 0.18 13.76 22.39
N ARG B 268 1.44 13.92 22.80
CA ARG B 268 2.53 13.99 21.83
C ARG B 268 3.84 13.55 22.46
N ALA B 269 4.64 12.82 21.67
CA ALA B 269 5.94 12.35 22.13
C ALA B 269 6.89 13.52 22.32
N VAL B 270 7.44 13.64 23.53
CA VAL B 270 8.36 14.71 23.95
C VAL B 270 8.27 15.98 23.11
N PRO B 271 7.18 16.75 23.28
CA PRO B 271 6.86 17.92 22.45
C PRO B 271 7.93 19.00 22.45
N HIS B 272 8.76 19.03 23.49
CA HIS B 272 9.81 20.03 23.60
C HIS B 272 10.89 19.84 22.54
N VAL B 273 10.92 18.66 21.93
CA VAL B 273 11.87 18.39 20.86
C VAL B 273 11.29 18.81 19.52
N HIS B 274 11.73 19.97 19.03
CA HIS B 274 11.20 20.50 17.78
C HIS B 274 11.81 19.81 16.57
N PHE B 275 13.12 19.58 16.59
CA PHE B 275 13.78 18.94 15.45
C PHE B 275 14.00 17.45 15.72
N ARG B 276 13.10 16.64 15.16
CA ARG B 276 13.00 15.22 15.50
C ARG B 276 13.55 14.31 14.41
N GLY B 277 14.88 14.24 14.31
CA GLY B 277 15.52 13.46 13.27
C GLY B 277 15.62 11.98 13.56
N HIS B 278 15.53 11.62 14.84
CA HIS B 278 15.61 10.22 15.24
C HIS B 278 14.49 9.40 14.60
N GLU B 279 14.82 8.21 14.12
CA GLU B 279 13.86 7.38 13.39
C GLU B 279 12.85 6.70 14.30
N GLU B 280 13.12 6.71 15.62
CA GLU B 280 12.22 6.12 16.60
C GLU B 280 10.97 7.00 16.78
N PHE B 281 11.10 8.26 16.40
CA PHE B 281 9.98 9.19 16.42
C PHE B 281 8.87 8.71 15.50
N GLN B 282 9.20 7.86 14.54
CA GLN B 282 8.18 7.21 13.72
C GLN B 282 7.27 6.40 14.63
N TYR B 283 7.89 5.59 15.47
CA TYR B 283 7.17 4.74 16.40
C TYR B 283 6.40 5.53 17.45
N LEU B 284 7.09 6.49 18.08
CA LEU B 284 6.44 7.31 19.10
C LEU B 284 5.25 8.08 18.52
N ASP B 285 5.45 8.75 17.39
CA ASP B 285 4.37 9.48 16.73
C ASP B 285 3.27 8.53 16.26
N LEU B 286 3.63 7.28 15.99
CA LEU B 286 2.63 6.29 15.63
C LEU B 286 1.73 6.04 16.82
N ILE B 287 2.34 5.82 17.97
CA ILE B 287 1.60 5.62 19.22
C ILE B 287 0.67 6.80 19.47
N ALA B 288 1.24 8.00 19.42
CA ALA B 288 0.47 9.22 19.62
C ALA B 288 -0.71 9.31 18.66
N ASP B 289 -0.45 9.05 17.38
CA ASP B 289 -1.47 9.16 16.35
C ASP B 289 -2.59 8.14 16.57
N ILE B 290 -2.23 6.97 17.07
CA ILE B 290 -3.24 5.95 17.32
C ILE B 290 -4.10 6.34 18.52
N ILE B 291 -3.44 6.84 19.58
CA ILE B 291 -4.18 7.22 20.78
C ILE B 291 -5.11 8.41 20.52
N ASN B 292 -4.64 9.36 19.72
CA ASN B 292 -5.41 10.58 19.45
C ASN B 292 -6.45 10.43 18.35
N ASN B 293 -6.17 9.60 17.35
CA ASN B 293 -7.01 9.54 16.15
C ASN B 293 -7.54 8.15 15.80
N GLY B 294 -7.37 7.20 16.70
CA GLY B 294 -7.84 5.85 16.46
C GLY B 294 -9.28 5.68 16.90
N ARG B 295 -9.87 4.52 16.57
CA ARG B 295 -11.23 4.20 17.02
C ARG B 295 -11.17 3.11 18.09
N THR B 296 -12.03 3.24 19.10
CA THR B 296 -12.10 2.24 20.15
C THR B 296 -12.94 1.04 19.72
N MET B 297 -12.30 -0.13 19.62
CA MET B 297 -12.94 -1.33 19.11
C MET B 297 -12.81 -2.50 20.08
N ASP B 298 -13.56 -3.56 19.80
CA ASP B 298 -13.40 -4.83 20.49
C ASP B 298 -12.46 -5.72 19.69
N ASP B 299 -12.22 -6.93 20.17
CA ASP B 299 -11.39 -7.89 19.44
C ASP B 299 -11.57 -9.33 19.96
N ARG B 300 -10.68 -10.20 19.53
CA ARG B 300 -10.70 -11.61 19.91
C ARG B 300 -10.42 -11.80 21.40
N THR B 301 -9.54 -10.97 21.93
CA THR B 301 -9.07 -11.13 23.30
C THR B 301 -10.10 -10.65 24.33
N GLY B 302 -10.95 -9.73 23.91
CA GLY B 302 -11.95 -9.14 24.80
C GLY B 302 -11.38 -8.02 25.65
N VAL B 303 -10.11 -7.71 25.41
CA VAL B 303 -9.44 -6.65 26.15
C VAL B 303 -9.86 -5.27 25.64
N GLY B 304 -10.04 -5.17 24.33
CA GLY B 304 -10.43 -3.92 23.71
C GLY B 304 -9.23 -3.11 23.27
N VAL B 305 -9.30 -2.53 22.08
CA VAL B 305 -8.16 -1.79 21.53
C VAL B 305 -8.55 -0.41 21.01
N ILE B 306 -7.54 0.39 20.72
CA ILE B 306 -7.71 1.62 19.96
C ILE B 306 -6.93 1.45 18.66
N SER B 307 -7.62 1.48 17.52
CA SER B 307 -6.99 1.03 16.29
C SER B 307 -7.08 2.01 15.12
N LYS B 308 -6.13 1.86 14.20
CA LYS B 308 -6.15 2.52 12.90
C LYS B 308 -5.88 1.47 11.84
N PHE B 309 -6.07 1.82 10.57
CA PHE B 309 -5.83 0.88 9.49
C PHE B 309 -4.90 1.49 8.44
N GLY B 310 -3.87 0.74 8.06
CA GLY B 310 -2.91 1.21 7.08
C GLY B 310 -1.91 2.20 7.64
N CYS B 311 -0.84 1.68 8.22
CA CYS B 311 0.20 2.52 8.79
C CYS B 311 1.56 2.09 8.27
N THR B 312 2.49 3.03 8.24
CA THR B 312 3.77 2.81 7.57
C THR B 312 4.95 3.36 8.37
N MET B 313 6.00 2.55 8.49
CA MET B 313 7.27 3.02 9.00
C MET B 313 8.40 2.55 8.10
N ARG B 314 9.58 3.11 8.27
CA ARG B 314 10.77 2.59 7.60
C ARG B 314 12.04 3.04 8.33
N TYR B 315 12.96 2.09 8.52
CA TYR B 315 14.15 2.33 9.31
C TYR B 315 15.42 2.04 8.51
N SER B 316 16.37 2.95 8.59
CA SER B 316 17.63 2.81 7.87
C SER B 316 18.52 1.76 8.52
N LEU B 317 19.30 1.05 7.71
CA LEU B 317 20.11 -0.06 8.21
C LEU B 317 21.62 0.09 7.93
N ASP B 318 22.00 1.14 7.21
CA ASP B 318 23.40 1.29 6.80
C ASP B 318 24.30 1.85 7.90
N GLN B 319 23.73 2.69 8.76
CA GLN B 319 24.52 3.31 9.83
C GLN B 319 24.36 2.55 11.13
N ALA B 320 23.11 2.29 11.54
CA ALA B 320 22.85 1.61 12.80
C ALA B 320 21.70 0.62 12.69
N PHE B 321 21.30 0.08 13.83
CA PHE B 321 20.24 -0.93 13.89
C PHE B 321 19.08 -0.41 14.73
N PRO B 322 17.85 -0.52 14.19
CA PRO B 322 16.66 0.00 14.87
C PRO B 322 16.23 -0.84 16.07
N LEU B 323 17.11 -0.99 17.05
CA LEU B 323 16.71 -1.59 18.32
C LEU B 323 16.24 -0.48 19.24
N LEU B 324 14.93 -0.42 19.46
CA LEU B 324 14.28 0.70 20.14
C LEU B 324 14.89 1.05 21.49
N THR B 325 14.88 2.33 21.83
CA THR B 325 15.59 2.81 23.02
C THR B 325 14.69 3.38 24.11
N THR B 326 13.45 3.73 23.78
CA THR B 326 12.53 4.28 24.76
C THR B 326 12.08 3.20 25.74
N LYS B 327 12.41 1.95 25.43
CA LYS B 327 12.23 0.82 26.34
C LYS B 327 13.15 -0.30 25.89
N ARG B 328 13.56 -1.16 26.83
CA ARG B 328 14.45 -2.24 26.48
C ARG B 328 13.71 -3.32 25.70
N VAL B 329 14.24 -3.65 24.53
CA VAL B 329 13.65 -4.67 23.67
C VAL B 329 14.31 -6.03 23.90
N PHE B 330 13.51 -7.09 23.93
CA PHE B 330 14.01 -8.43 24.19
C PHE B 330 14.83 -8.98 23.01
N TRP B 331 16.07 -8.55 22.93
CA TRP B 331 16.96 -8.91 21.83
C TRP B 331 17.17 -10.41 21.69
N LYS B 332 17.51 -11.07 22.79
CA LYS B 332 17.73 -12.51 22.78
C LYS B 332 16.50 -13.22 22.22
N GLY B 333 15.33 -12.77 22.66
CA GLY B 333 14.08 -13.29 22.15
C GLY B 333 13.96 -13.10 20.65
N VAL B 334 14.29 -11.90 20.17
CA VAL B 334 14.29 -11.62 18.74
C VAL B 334 15.14 -12.62 17.97
N LEU B 335 16.42 -12.66 18.33
CA LEU B 335 17.42 -13.52 17.69
C LEU B 335 17.02 -15.00 17.68
N GLU B 336 16.71 -15.53 18.87
CA GLU B 336 16.34 -16.93 18.99
C GLU B 336 15.08 -17.27 18.22
N GLU B 337 14.08 -16.39 18.29
CA GLU B 337 12.85 -16.64 17.54
C GLU B 337 13.11 -16.64 16.04
N LEU B 338 14.02 -15.77 15.59
CA LEU B 338 14.34 -15.71 14.16
C LEU B 338 15.10 -16.96 13.70
N LEU B 339 16.07 -17.39 14.49
CA LEU B 339 16.81 -18.61 14.16
C LEU B 339 15.86 -19.81 14.13
N TRP B 340 14.95 -19.83 15.09
CA TRP B 340 13.82 -20.75 15.13
C TRP B 340 13.08 -20.79 13.79
N PHE B 341 12.58 -19.62 13.40
CA PHE B 341 11.89 -19.44 12.12
C PHE B 341 12.68 -20.05 10.97
N ILE B 342 13.95 -19.67 10.87
CA ILE B 342 14.80 -20.11 9.77
C ILE B 342 14.97 -21.63 9.75
N ARG B 343 15.15 -22.23 10.93
CA ARG B 343 15.22 -23.69 11.00
C ARG B 343 13.89 -24.29 10.58
N GLY B 344 12.82 -23.50 10.73
CA GLY B 344 11.49 -23.98 10.36
C GLY B 344 10.96 -24.86 11.46
N ASP B 345 11.36 -24.53 12.68
CA ASP B 345 10.94 -25.24 13.87
C ASP B 345 9.55 -24.79 14.26
N THR B 346 8.68 -25.74 14.62
CA THR B 346 7.34 -25.42 15.06
C THR B 346 7.13 -25.85 16.51
N ASN B 347 8.25 -26.07 17.21
CA ASN B 347 8.23 -26.49 18.59
C ASN B 347 8.58 -25.30 19.49
N ALA B 348 7.60 -24.79 20.23
CA ALA B 348 7.80 -23.61 21.05
C ALA B 348 8.59 -23.91 22.33
N ASN B 349 8.68 -25.19 22.68
CA ASN B 349 9.42 -25.60 23.87
C ASN B 349 10.92 -25.39 23.67
N HIS B 350 11.35 -25.43 22.42
CA HIS B 350 12.75 -25.15 22.08
C HIS B 350 13.08 -23.69 22.33
N LEU B 351 12.05 -22.85 22.23
CA LEU B 351 12.18 -21.42 22.53
C LEU B 351 12.10 -21.19 24.03
N SER B 352 11.20 -21.93 24.68
CA SER B 352 10.93 -21.76 26.09
C SER B 352 12.09 -22.26 26.95
N GLU B 353 12.80 -23.27 26.44
N GLU B 353 12.81 -23.26 26.45
CA GLU B 353 13.95 -23.84 27.12
CA GLU B 353 13.94 -23.82 27.19
C GLU B 353 15.06 -22.82 27.24
C GLU B 353 15.18 -22.94 27.13
N LYS B 354 15.17 -21.95 26.23
CA LYS B 354 16.23 -20.96 26.17
C LYS B 354 15.84 -19.68 26.92
N GLY B 355 14.71 -19.73 27.60
CA GLY B 355 14.25 -18.59 28.39
C GLY B 355 13.41 -17.62 27.58
N VAL B 356 13.14 -17.98 26.33
CA VAL B 356 12.31 -17.16 25.45
C VAL B 356 10.89 -17.73 25.41
N LYS B 357 10.03 -17.22 26.28
CA LYS B 357 8.67 -17.76 26.41
C LYS B 357 7.60 -16.85 25.85
N ILE B 358 7.86 -16.29 24.67
CA ILE B 358 6.91 -15.39 24.03
C ILE B 358 5.75 -16.14 23.39
N TRP B 359 5.87 -17.46 23.29
CA TRP B 359 4.88 -18.26 22.60
C TRP B 359 4.00 -19.08 23.54
N ASP B 360 4.46 -19.26 24.77
CA ASP B 360 3.84 -20.18 25.72
C ASP B 360 2.32 -20.01 25.87
N LYS B 361 1.88 -18.77 26.12
CA LYS B 361 0.47 -18.50 26.36
C LYS B 361 -0.42 -18.84 25.16
N ASN B 362 0.20 -19.04 23.99
CA ASN B 362 -0.54 -19.37 22.78
C ASN B 362 -0.36 -20.83 22.37
N VAL B 363 0.35 -21.60 23.18
CA VAL B 363 0.54 -23.02 22.90
C VAL B 363 0.19 -23.89 24.10
N THR B 364 -0.59 -23.33 25.02
CA THR B 364 -1.10 -24.08 26.16
C THR B 364 -2.24 -24.99 25.72
N ARG B 365 -2.49 -26.02 26.53
CA ARG B 365 -3.59 -26.95 26.27
C ARG B 365 -4.92 -26.20 26.13
N GLU B 366 -5.13 -25.20 26.98
CA GLU B 366 -6.36 -24.43 26.98
C GLU B 366 -6.56 -23.67 25.67
N PHE B 367 -5.50 -23.01 25.20
CA PHE B 367 -5.57 -22.21 23.97
C PHE B 367 -5.69 -23.10 22.74
N LEU B 368 -4.93 -24.19 22.73
CA LEU B 368 -5.01 -25.15 21.63
C LEU B 368 -6.42 -25.73 21.55
N ASP B 369 -7.01 -26.00 22.71
CA ASP B 369 -8.37 -26.51 22.77
C ASP B 369 -9.37 -25.45 22.31
N SER B 370 -9.08 -24.18 22.62
CA SER B 370 -9.93 -23.09 22.16
C SER B 370 -9.84 -22.95 20.64
N ARG B 371 -8.71 -23.38 20.08
CA ARG B 371 -8.49 -23.34 18.64
C ARG B 371 -8.99 -24.61 17.95
N ASN B 372 -9.78 -25.40 18.67
CA ASN B 372 -10.26 -26.69 18.18
C ASN B 372 -9.11 -27.60 17.74
N LEU B 373 -8.05 -27.64 18.54
CA LEU B 373 -6.89 -28.48 18.25
C LEU B 373 -6.49 -29.32 19.45
N PRO B 374 -7.40 -30.19 19.94
CA PRO B 374 -7.08 -30.96 21.14
C PRO B 374 -6.02 -32.03 20.88
N HIS B 375 -5.74 -32.30 19.62
CA HIS B 375 -4.81 -33.36 19.24
C HIS B 375 -3.38 -32.83 19.10
N ARG B 376 -3.17 -31.59 19.50
CA ARG B 376 -1.84 -30.98 19.44
C ARG B 376 -1.09 -31.14 20.76
N GLU B 377 0.20 -31.42 20.68
CA GLU B 377 1.06 -31.46 21.85
C GLU B 377 1.27 -30.04 22.35
N VAL B 378 1.50 -29.88 23.64
CA VAL B 378 1.78 -28.57 24.20
C VAL B 378 3.09 -28.03 23.65
N GLY B 379 3.02 -26.87 22.99
CA GLY B 379 4.20 -26.26 22.39
C GLY B 379 4.14 -26.22 20.88
N ASP B 380 3.35 -27.12 20.29
CA ASP B 380 3.24 -27.22 18.85
C ASP B 380 2.41 -26.07 18.27
N ILE B 381 3.08 -25.16 17.57
CA ILE B 381 2.39 -24.01 16.98
C ILE B 381 1.73 -24.35 15.65
N GLY B 382 1.81 -25.62 15.25
CA GLY B 382 1.25 -26.05 13.99
C GLY B 382 2.08 -25.56 12.81
N PRO B 383 1.57 -25.73 11.60
CA PRO B 383 2.26 -25.34 10.36
C PRO B 383 2.33 -23.82 10.15
N GLY B 384 2.99 -23.11 11.07
CA GLY B 384 3.05 -21.67 11.00
C GLY B 384 4.44 -21.10 10.78
N TYR B 385 4.48 -19.81 10.42
CA TYR B 385 5.70 -19.04 10.17
C TYR B 385 6.84 -19.83 9.50
N GLY B 386 7.76 -20.35 10.31
CA GLY B 386 8.92 -21.07 9.80
C GLY B 386 8.59 -22.24 8.89
N PHE B 387 7.58 -23.01 9.28
CA PHE B 387 7.18 -24.17 8.51
C PHE B 387 6.70 -23.78 7.11
N GLN B 388 6.07 -22.62 7.01
CA GLN B 388 5.63 -22.14 5.71
C GLN B 388 6.84 -21.63 4.94
N TRP B 389 7.68 -20.87 5.65
CA TRP B 389 8.94 -20.36 5.10
C TRP B 389 9.75 -21.42 4.36
N ARG B 390 10.01 -22.53 5.05
CA ARG B 390 10.93 -23.54 4.52
C ARG B 390 10.20 -24.66 3.78
N HIS B 391 8.95 -24.90 4.15
CA HIS B 391 8.18 -25.99 3.54
C HIS B 391 6.74 -25.58 3.26
N PHE B 392 6.54 -24.50 2.50
CA PHE B 392 5.20 -24.07 2.12
C PHE B 392 4.39 -25.18 1.44
N GLY B 393 3.13 -25.32 1.84
CA GLY B 393 2.21 -26.24 1.20
C GLY B 393 2.39 -27.69 1.57
N ALA B 394 3.33 -27.97 2.47
CA ALA B 394 3.59 -29.34 2.89
C ALA B 394 2.56 -29.81 3.90
N ALA B 395 2.26 -31.10 3.89
CA ALA B 395 1.32 -31.67 4.84
C ALA B 395 1.95 -31.74 6.23
N TYR B 396 1.33 -31.08 7.20
CA TYR B 396 1.87 -31.01 8.55
C TYR B 396 1.38 -32.17 9.42
N LYS B 397 2.31 -32.80 10.13
CA LYS B 397 1.98 -33.86 11.07
C LYS B 397 2.06 -33.34 12.51
N ASP B 398 3.28 -33.22 13.01
CA ASP B 398 3.50 -32.66 14.34
C ASP B 398 4.90 -32.03 14.43
N MET B 399 5.22 -31.44 15.58
CA MET B 399 6.46 -30.70 15.74
C MET B 399 7.70 -31.58 15.86
N HIS B 400 7.52 -32.88 15.67
CA HIS B 400 8.63 -33.82 15.77
C HIS B 400 8.95 -34.44 14.42
N THR B 401 8.13 -34.13 13.42
CA THR B 401 8.26 -34.72 12.09
C THR B 401 9.32 -34.01 11.26
N ASP B 402 10.13 -34.79 10.56
CA ASP B 402 11.16 -34.24 9.68
C ASP B 402 10.59 -33.96 8.29
N TYR B 403 10.36 -32.67 8.00
CA TYR B 403 9.73 -32.27 6.74
C TYR B 403 10.75 -31.91 5.67
N THR B 404 11.98 -32.39 5.81
CA THR B 404 13.05 -31.99 4.88
C THR B 404 12.74 -32.47 3.46
N GLY B 405 13.02 -31.61 2.49
CA GLY B 405 12.75 -31.90 1.10
C GLY B 405 11.33 -31.59 0.66
N GLN B 406 10.41 -31.52 1.62
CA GLN B 406 9.00 -31.30 1.33
C GLN B 406 8.67 -29.82 1.15
N GLY B 407 7.65 -29.54 0.35
CA GLY B 407 7.15 -28.18 0.17
C GLY B 407 8.12 -27.27 -0.56
N VAL B 408 7.76 -25.98 -0.64
CA VAL B 408 8.60 -24.99 -1.30
C VAL B 408 9.50 -24.28 -0.29
N ASP B 409 10.78 -24.15 -0.62
CA ASP B 409 11.71 -23.43 0.24
C ASP B 409 11.84 -21.98 -0.20
N GLN B 410 10.88 -21.16 0.24
CA GLN B 410 10.82 -19.75 -0.13
C GLN B 410 12.08 -18.99 0.23
N LEU B 411 12.66 -19.30 1.38
CA LEU B 411 13.87 -18.62 1.82
C LEU B 411 15.03 -18.90 0.87
N LYS B 412 15.23 -20.18 0.59
CA LYS B 412 16.32 -20.61 -0.29
C LYS B 412 16.12 -20.06 -1.69
N ASN B 413 14.87 -20.03 -2.15
CA ASN B 413 14.57 -19.49 -3.47
C ASN B 413 14.84 -17.99 -3.54
N VAL B 414 14.43 -17.28 -2.49
CA VAL B 414 14.66 -15.85 -2.40
C VAL B 414 16.15 -15.53 -2.43
N ILE B 415 16.91 -16.26 -1.62
CA ILE B 415 18.36 -16.08 -1.60
C ILE B 415 18.98 -16.40 -2.96
N GLN B 416 18.56 -17.50 -3.57
CA GLN B 416 19.08 -17.90 -4.87
C GLN B 416 18.85 -16.80 -5.92
N MET B 417 17.61 -16.34 -6.01
CA MET B 417 17.25 -15.30 -6.96
C MET B 417 17.99 -14.01 -6.65
N LEU B 418 18.27 -13.77 -5.37
CA LEU B 418 19.04 -12.59 -4.99
C LEU B 418 20.47 -12.69 -5.50
N ARG B 419 21.05 -13.88 -5.41
CA ARG B 419 22.45 -14.07 -5.75
C ARG B 419 22.69 -14.26 -7.24
N THR B 420 21.65 -14.65 -7.99
CA THR B 420 21.82 -14.87 -9.41
C THR B 420 21.20 -13.77 -10.28
N ASN B 421 20.11 -13.18 -9.80
CA ASN B 421 19.36 -12.22 -10.61
C ASN B 421 18.54 -11.26 -9.74
N PRO B 422 19.20 -10.23 -9.18
CA PRO B 422 18.58 -9.34 -8.19
C PRO B 422 17.53 -8.38 -8.74
N THR B 423 17.33 -8.35 -10.04
CA THR B 423 16.36 -7.44 -10.64
C THR B 423 14.97 -8.08 -10.73
N ASP B 424 14.88 -9.35 -10.34
CA ASP B 424 13.61 -10.06 -10.35
C ASP B 424 12.66 -9.51 -9.29
N ARG B 425 11.41 -9.30 -9.67
CA ARG B 425 10.43 -8.70 -8.76
C ARG B 425 9.49 -9.74 -8.18
N ARG B 426 9.94 -10.99 -8.12
CA ARG B 426 9.17 -12.07 -7.54
C ARG B 426 9.89 -12.68 -6.34
N MET B 427 10.66 -11.85 -5.64
CA MET B 427 11.45 -12.33 -4.51
C MET B 427 10.69 -12.17 -3.19
N LEU B 428 9.61 -12.93 -3.05
CA LEU B 428 8.73 -12.83 -1.89
C LEU B 428 8.70 -14.08 -1.03
N MET B 429 8.47 -13.89 0.26
CA MET B 429 8.29 -14.97 1.20
C MET B 429 6.97 -14.77 1.94
N THR B 430 6.04 -15.68 1.76
CA THR B 430 4.72 -15.55 2.39
C THR B 430 4.53 -16.62 3.46
N ALA B 431 3.75 -16.29 4.49
CA ALA B 431 3.43 -17.23 5.55
C ALA B 431 1.93 -17.50 5.59
N TRP B 432 1.18 -16.77 4.77
CA TRP B 432 -0.26 -16.86 4.78
C TRP B 432 -0.78 -17.99 3.88
N ASN B 433 -1.02 -19.15 4.48
CA ASN B 433 -1.55 -20.30 3.75
C ASN B 433 -2.96 -20.65 4.24
N PRO B 434 -3.98 -20.16 3.52
CA PRO B 434 -5.40 -20.41 3.81
C PRO B 434 -5.74 -21.88 4.05
N ALA B 435 -5.02 -22.78 3.40
CA ALA B 435 -5.27 -24.21 3.52
C ALA B 435 -4.67 -24.80 4.80
N ALA B 436 -4.03 -23.97 5.60
CA ALA B 436 -3.35 -24.44 6.80
C ALA B 436 -3.66 -23.57 8.02
N LEU B 437 -4.38 -22.48 7.80
CA LEU B 437 -4.68 -21.51 8.86
C LEU B 437 -5.29 -22.17 10.09
N ASP B 438 -6.39 -22.89 9.90
CA ASP B 438 -7.10 -23.55 10.99
C ASP B 438 -6.21 -24.54 11.75
N GLU B 439 -5.13 -24.99 11.11
CA GLU B 439 -4.26 -25.99 11.71
C GLU B 439 -3.21 -25.35 12.61
N MET B 440 -3.13 -24.02 12.58
CA MET B 440 -2.10 -23.31 13.34
C MET B 440 -2.64 -22.76 14.64
N ALA B 441 -1.76 -22.63 15.63
CA ALA B 441 -2.11 -22.07 16.91
C ALA B 441 -2.59 -20.64 16.75
N LEU B 442 -1.79 -19.85 16.03
CA LEU B 442 -2.15 -18.47 15.72
C LEU B 442 -1.83 -18.13 14.26
N PRO B 443 -2.82 -17.59 13.54
CA PRO B 443 -2.60 -17.06 12.19
C PRO B 443 -1.47 -16.05 12.19
N PRO B 444 -0.58 -16.11 11.18
CA PRO B 444 0.63 -15.27 11.20
C PRO B 444 0.33 -13.77 11.12
N CYS B 445 0.97 -13.00 11.98
CA CYS B 445 0.82 -11.55 11.94
C CYS B 445 1.71 -10.99 10.85
N HIS B 446 3.03 -11.14 11.00
CA HIS B 446 3.94 -10.82 9.92
C HIS B 446 3.87 -11.94 8.88
N LEU B 447 3.09 -11.71 7.83
CA LEU B 447 2.72 -12.78 6.91
C LEU B 447 3.40 -12.72 5.55
N LEU B 448 4.17 -11.66 5.29
CA LEU B 448 4.79 -11.48 3.99
C LEU B 448 5.99 -10.55 4.01
N CYS B 449 7.04 -10.92 3.28
CA CYS B 449 8.16 -10.02 3.10
C CYS B 449 8.69 -10.06 1.68
N GLN B 450 9.16 -8.93 1.18
CA GLN B 450 9.69 -8.82 -0.18
C GLN B 450 11.02 -8.08 -0.17
N PHE B 451 11.98 -8.58 -0.94
CA PHE B 451 13.31 -8.00 -0.95
C PHE B 451 13.61 -7.25 -2.25
N TYR B 452 14.55 -6.30 -2.17
CA TYR B 452 14.82 -5.39 -3.27
C TYR B 452 16.28 -4.96 -3.31
N VAL B 453 16.89 -5.07 -4.48
CA VAL B 453 18.27 -4.62 -4.65
C VAL B 453 18.33 -3.49 -5.66
N ASN B 454 19.22 -2.53 -5.43
CA ASN B 454 19.44 -1.47 -6.40
C ASN B 454 20.76 -1.66 -7.14
N ASP B 455 21.28 -0.60 -7.73
CA ASP B 455 22.51 -0.68 -8.51
C ASP B 455 23.76 -0.60 -7.63
N GLN B 456 23.58 -0.38 -6.33
CA GLN B 456 24.70 -0.25 -5.41
C GLN B 456 24.84 -1.49 -4.53
N LYS B 457 24.23 -2.58 -4.96
CA LYS B 457 24.22 -3.84 -4.20
C LYS B 457 23.64 -3.65 -2.80
N GLU B 458 22.70 -2.71 -2.66
CA GLU B 458 22.07 -2.43 -1.38
C GLU B 458 20.73 -3.15 -1.25
N LEU B 459 20.60 -3.97 -0.21
CA LEU B 459 19.39 -4.74 0.01
C LEU B 459 18.39 -3.99 0.90
N SER B 460 17.11 -4.08 0.54
CA SER B 460 16.03 -3.51 1.33
C SER B 460 14.90 -4.52 1.46
N CYS B 461 14.16 -4.44 2.56
CA CYS B 461 13.11 -5.41 2.83
C CYS B 461 11.80 -4.75 3.27
N ILE B 462 10.71 -5.14 2.62
CA ILE B 462 9.36 -4.76 3.04
C ILE B 462 8.73 -5.92 3.80
N MET B 463 8.07 -5.61 4.91
CA MET B 463 7.33 -6.64 5.63
C MET B 463 5.91 -6.16 5.90
N TYR B 464 4.92 -6.93 5.43
CA TYR B 464 3.53 -6.60 5.68
C TYR B 464 3.01 -7.35 6.91
N GLN B 465 2.31 -6.63 7.77
CA GLN B 465 1.78 -7.20 9.00
C GLN B 465 0.29 -6.92 9.13
N ARG B 466 -0.51 -7.97 9.24
CA ARG B 466 -1.96 -7.84 9.27
C ARG B 466 -2.46 -7.25 10.58
N SER B 467 -1.71 -7.47 11.65
CA SER B 467 -2.16 -7.11 12.99
C SER B 467 -0.97 -6.75 13.87
N CYS B 468 -1.04 -5.57 14.48
CA CYS B 468 0.12 -5.05 15.19
C CYS B 468 -0.17 -4.57 16.61
N ASP B 469 0.29 -5.34 17.59
CA ASP B 469 0.29 -4.88 18.97
C ASP B 469 1.39 -3.83 19.11
N VAL B 470 1.00 -2.57 18.95
CA VAL B 470 1.95 -1.46 18.95
C VAL B 470 2.76 -1.39 20.23
N GLY B 471 2.12 -1.64 21.36
CA GLY B 471 2.80 -1.57 22.64
C GLY B 471 3.84 -2.65 22.84
N LEU B 472 3.51 -3.87 22.43
CA LEU B 472 4.33 -5.02 22.78
C LEU B 472 5.08 -5.62 21.60
N GLY B 473 4.36 -5.91 20.52
CA GLY B 473 4.92 -6.68 19.42
C GLY B 473 5.71 -5.94 18.36
N VAL B 474 5.31 -4.70 18.07
CA VAL B 474 5.90 -3.93 16.97
C VAL B 474 7.42 -3.72 17.04
N PRO B 475 7.95 -3.27 18.21
CA PRO B 475 9.41 -3.10 18.25
C PRO B 475 10.13 -4.40 17.98
N PHE B 476 9.62 -5.45 18.61
CA PHE B 476 10.10 -6.81 18.42
C PHE B 476 10.14 -7.17 16.94
N ASN B 477 9.07 -6.85 16.23
CA ASN B 477 8.99 -7.17 14.81
C ASN B 477 9.98 -6.38 13.97
N ILE B 478 10.09 -5.08 14.24
CA ILE B 478 11.09 -4.22 13.62
C ILE B 478 12.46 -4.86 13.73
N ALA B 479 12.85 -5.15 14.98
CA ALA B 479 14.14 -5.78 15.25
C ALA B 479 14.30 -7.09 14.50
N SER B 480 13.25 -7.90 14.52
CA SER B 480 13.26 -9.21 13.86
C SER B 480 13.56 -9.13 12.37
N TYR B 481 12.76 -8.38 11.63
CA TYR B 481 12.93 -8.36 10.19
C TYR B 481 14.11 -7.49 9.75
N SER B 482 14.50 -6.52 10.56
CA SER B 482 15.74 -5.80 10.28
C SER B 482 16.92 -6.77 10.38
N LEU B 483 16.90 -7.57 11.44
CA LEU B 483 17.92 -8.61 11.64
C LEU B 483 17.95 -9.58 10.47
N LEU B 484 16.76 -10.06 10.06
CA LEU B 484 16.66 -10.95 8.91
C LEU B 484 17.29 -10.30 7.68
N THR B 485 17.01 -9.02 7.47
CA THR B 485 17.59 -8.28 6.36
C THR B 485 19.12 -8.27 6.44
N LEU B 486 19.65 -8.02 7.64
CA LEU B 486 21.09 -8.06 7.85
C LEU B 486 21.68 -9.40 7.44
N MET B 487 21.07 -10.48 7.92
CA MET B 487 21.56 -11.84 7.64
C MET B 487 21.53 -12.17 6.14
N VAL B 488 20.37 -11.97 5.52
CA VAL B 488 20.23 -12.20 4.09
C VAL B 488 21.25 -11.38 3.29
N ALA B 489 21.36 -10.10 3.63
CA ALA B 489 22.34 -9.21 3.02
C ALA B 489 23.75 -9.78 3.14
N HIS B 490 24.06 -10.36 4.30
CA HIS B 490 25.39 -10.94 4.46
C HIS B 490 25.59 -12.16 3.56
N VAL B 491 24.65 -13.10 3.58
CA VAL B 491 24.84 -14.31 2.78
C VAL B 491 24.69 -14.05 1.27
N CYS B 492 24.27 -12.85 0.88
CA CYS B 492 24.15 -12.51 -0.53
C CYS B 492 25.20 -11.52 -1.02
N ASN B 493 26.18 -11.22 -0.17
CA ASN B 493 27.20 -10.21 -0.47
C ASN B 493 26.58 -8.85 -0.75
N LEU B 494 25.51 -8.51 -0.03
CA LEU B 494 24.83 -7.25 -0.20
C LEU B 494 24.96 -6.40 1.06
N LYS B 495 24.82 -5.08 0.89
CA LYS B 495 24.87 -4.16 2.02
C LYS B 495 23.46 -3.79 2.46
N PRO B 496 23.13 -4.07 3.73
CA PRO B 496 21.79 -3.73 4.24
C PRO B 496 21.55 -2.24 4.15
N LYS B 497 20.35 -1.85 3.73
CA LYS B 497 20.04 -0.44 3.50
C LYS B 497 18.83 0.02 4.28
N GLU B 498 17.74 -0.73 4.21
CA GLU B 498 16.47 -0.25 4.72
C GLU B 498 15.50 -1.38 5.04
N PHE B 499 14.75 -1.21 6.13
CA PHE B 499 13.60 -2.07 6.41
C PHE B 499 12.32 -1.27 6.33
N ILE B 500 11.42 -1.68 5.45
CA ILE B 500 10.15 -0.99 5.30
C ILE B 500 9.02 -1.78 5.94
N HIS B 501 8.33 -1.13 6.88
CA HIS B 501 7.32 -1.78 7.69
C HIS B 501 5.90 -1.35 7.29
N PHE B 502 5.18 -2.28 6.68
CA PHE B 502 3.78 -2.06 6.30
C PHE B 502 2.82 -2.73 7.28
N MET B 503 1.87 -1.96 7.79
CA MET B 503 1.01 -2.43 8.87
C MET B 503 -0.47 -2.28 8.51
N GLY B 504 -1.24 -3.34 8.72
CA GLY B 504 -2.67 -3.31 8.47
C GLY B 504 -3.45 -2.81 9.67
N ASN B 505 -4.04 -3.72 10.43
CA ASN B 505 -4.71 -3.36 11.67
C ASN B 505 -3.69 -2.98 12.74
N THR B 506 -3.49 -1.68 12.92
CA THR B 506 -2.52 -1.17 13.88
C THR B 506 -3.23 -0.69 15.13
N HIS B 507 -3.03 -1.40 16.24
CA HIS B 507 -3.84 -1.15 17.43
C HIS B 507 -3.03 -1.08 18.72
N VAL B 508 -3.55 -0.30 19.67
CA VAL B 508 -2.99 -0.22 21.01
C VAL B 508 -4.00 -0.74 22.03
N TYR B 509 -3.61 -1.74 22.81
CA TYR B 509 -4.51 -2.32 23.80
C TYR B 509 -4.78 -1.33 24.93
N THR B 510 -6.04 -1.25 25.33
CA THR B 510 -6.49 -0.28 26.33
C THR B 510 -5.72 -0.36 27.65
N ASN B 511 -5.22 -1.55 27.98
CA ASN B 511 -4.48 -1.74 29.22
C ASN B 511 -2.98 -1.50 29.02
N HIS B 512 -2.63 -0.84 27.93
CA HIS B 512 -1.24 -0.48 27.66
C HIS B 512 -1.08 1.03 27.62
N VAL B 513 -2.21 1.73 27.50
CA VAL B 513 -2.24 3.16 27.21
C VAL B 513 -1.42 4.01 28.16
N GLU B 514 -1.57 3.78 29.46
CA GLU B 514 -0.88 4.57 30.46
C GLU B 514 0.63 4.35 30.38
N ALA B 515 1.03 3.08 30.29
CA ALA B 515 2.44 2.73 30.18
C ALA B 515 3.06 3.36 28.94
N LEU B 516 2.30 3.36 27.85
CA LEU B 516 2.76 3.96 26.61
C LEU B 516 2.89 5.46 26.76
N LYS B 517 1.98 6.07 27.53
CA LYS B 517 2.03 7.49 27.78
C LYS B 517 3.23 7.83 28.64
N GLU B 518 3.66 6.85 29.42
CA GLU B 518 4.90 6.99 30.16
C GLU B 518 6.08 6.92 29.19
N GLN B 519 6.00 5.99 28.25
CA GLN B 519 7.08 5.78 27.28
C GLN B 519 7.26 7.00 26.38
N LEU B 520 6.17 7.70 26.11
CA LEU B 520 6.19 8.82 25.16
C LEU B 520 6.83 10.06 25.77
N ARG B 521 7.12 10.01 27.07
CA ARG B 521 7.82 11.10 27.73
C ARG B 521 9.33 10.91 27.66
N ARG B 522 9.73 9.78 27.07
CA ARG B 522 11.14 9.43 26.98
C ARG B 522 11.72 9.82 25.62
N GLU B 523 12.79 10.62 25.66
CA GLU B 523 13.53 10.96 24.46
C GLU B 523 14.44 9.81 24.06
N PRO B 524 14.41 9.43 22.77
CA PRO B 524 15.16 8.30 22.26
C PRO B 524 16.68 8.47 22.38
N ARG B 525 17.38 7.36 22.53
CA ARG B 525 18.84 7.36 22.58
C ARG B 525 19.39 6.85 21.24
N PRO B 526 20.69 7.05 20.99
CA PRO B 526 21.31 6.53 19.76
C PRO B 526 21.02 5.04 19.52
N PHE B 527 20.64 4.71 18.29
CA PHE B 527 20.52 3.31 17.89
C PHE B 527 21.87 2.62 18.02
N PRO B 528 21.87 1.35 18.44
CA PRO B 528 23.10 0.56 18.48
C PRO B 528 23.44 0.05 17.08
N ILE B 529 24.63 -0.51 16.89
CA ILE B 529 24.89 -1.22 15.65
C ILE B 529 24.97 -2.71 15.98
N VAL B 530 24.42 -3.53 15.11
CA VAL B 530 24.46 -4.98 15.29
C VAL B 530 25.52 -5.57 14.37
N ASN B 531 26.54 -6.17 14.96
CA ASN B 531 27.60 -6.80 14.17
C ASN B 531 27.41 -8.30 14.06
N ILE B 532 27.64 -8.82 12.85
CA ILE B 532 27.68 -10.25 12.64
C ILE B 532 29.11 -10.72 12.88
N LEU B 533 29.29 -11.60 13.86
CA LEU B 533 30.60 -12.16 14.13
C LEU B 533 30.85 -13.39 13.27
N ASN B 534 32.13 -13.72 13.06
CA ASN B 534 32.52 -14.91 12.29
C ASN B 534 31.96 -14.93 10.88
N LYS B 535 31.91 -13.78 10.22
CA LYS B 535 31.38 -13.66 8.87
C LYS B 535 32.02 -14.67 7.92
N GLU B 536 33.34 -14.82 8.04
CA GLU B 536 34.11 -15.73 7.20
C GLU B 536 33.54 -17.14 7.24
N ARG B 537 33.03 -17.54 8.40
CA ARG B 537 32.51 -18.89 8.56
C ARG B 537 31.09 -19.04 8.01
N ILE B 538 30.38 -17.92 7.89
CA ILE B 538 28.97 -17.97 7.51
C ILE B 538 28.76 -17.71 6.03
N LYS B 539 28.29 -18.74 5.33
CA LYS B 539 28.11 -18.67 3.89
C LYS B 539 26.66 -18.88 3.46
N GLU B 540 25.91 -19.65 4.24
CA GLU B 540 24.49 -19.87 3.98
C GLU B 540 23.64 -19.44 5.16
N ILE B 541 22.36 -19.18 4.90
CA ILE B 541 21.46 -18.65 5.92
C ILE B 541 21.29 -19.62 7.10
N ASP B 542 21.54 -20.90 6.86
CA ASP B 542 21.41 -21.92 7.89
C ASP B 542 22.61 -21.91 8.85
N ASP B 543 23.68 -21.24 8.46
CA ASP B 543 24.94 -21.28 9.20
C ASP B 543 24.96 -20.35 10.42
N PHE B 544 23.97 -19.48 10.53
CA PHE B 544 23.89 -18.55 11.66
C PHE B 544 23.56 -19.27 12.95
N THR B 545 24.21 -18.88 14.04
CA THR B 545 23.86 -19.36 15.37
C THR B 545 23.60 -18.18 16.30
N ALA B 546 23.20 -18.47 17.54
CA ALA B 546 22.83 -17.43 18.49
C ALA B 546 24.05 -16.71 19.06
N GLU B 547 25.23 -17.09 18.59
CA GLU B 547 26.48 -16.54 19.11
C GLU B 547 27.23 -15.73 18.07
N ASP B 548 26.62 -15.54 16.90
CA ASP B 548 27.27 -14.82 15.80
C ASP B 548 26.83 -13.37 15.71
N PHE B 549 26.39 -12.80 16.83
CA PHE B 549 25.93 -11.42 16.84
C PHE B 549 26.41 -10.68 18.07
N GLU B 550 26.77 -9.41 17.90
CA GLU B 550 26.98 -8.54 19.05
C GLU B 550 26.16 -7.27 18.88
N VAL B 551 25.57 -6.81 19.98
CA VAL B 551 24.80 -5.59 19.98
C VAL B 551 25.62 -4.48 20.62
N VAL B 552 26.14 -3.60 19.78
CA VAL B 552 27.13 -2.61 20.19
C VAL B 552 26.52 -1.22 20.42
N GLY B 553 26.71 -0.69 21.62
CA GLY B 553 26.30 0.66 21.95
C GLY B 553 24.82 0.82 22.26
N TYR B 554 24.24 -0.20 22.88
CA TYR B 554 22.81 -0.17 23.21
C TYR B 554 22.59 0.41 24.59
N VAL B 555 22.08 1.64 24.64
CA VAL B 555 21.80 2.32 25.90
C VAL B 555 20.34 2.74 25.98
N PRO B 556 19.45 1.79 26.35
CA PRO B 556 18.01 2.07 26.38
C PRO B 556 17.49 2.51 27.75
N HIS B 557 16.26 3.01 27.78
CA HIS B 557 15.61 3.30 29.05
C HIS B 557 15.20 1.99 29.71
N GLY B 558 14.64 2.09 30.91
CA GLY B 558 14.25 0.91 31.67
C GLY B 558 13.13 0.13 31.01
N ARG B 559 13.00 -1.14 31.38
CA ARG B 559 11.94 -1.99 30.84
C ARG B 559 10.57 -1.48 31.27
N ILE B 560 9.62 -1.46 30.35
CA ILE B 560 8.25 -1.11 30.68
C ILE B 560 7.35 -2.33 30.52
N GLN B 561 6.90 -2.87 31.64
CA GLN B 561 6.14 -4.11 31.65
C GLN B 561 4.74 -3.94 31.07
N MET B 562 4.40 -4.80 30.10
CA MET B 562 3.08 -4.81 29.50
C MET B 562 2.59 -6.25 29.33
N GLU B 563 1.42 -6.55 29.90
CA GLU B 563 0.87 -7.89 29.85
C GLU B 563 0.36 -8.23 28.46
N MET B 564 0.58 -9.46 28.03
CA MET B 564 0.18 -9.90 26.71
C MET B 564 -1.28 -10.35 26.69
N ALA B 565 -2.10 -9.63 25.94
CA ALA B 565 -3.50 -9.99 25.76
C ALA B 565 -3.60 -11.29 24.98
N VAL B 566 -3.91 -12.37 25.68
CA VAL B 566 -3.94 -13.70 25.06
C VAL B 566 -5.17 -13.88 24.18
N PRO C 4 31.92 -43.29 -9.17
CA PRO C 4 31.85 -44.25 -10.27
C PRO C 4 33.13 -44.27 -11.09
N VAL C 5 34.07 -45.13 -10.68
CA VAL C 5 35.41 -45.12 -11.26
C VAL C 5 35.62 -46.28 -12.24
N CYS C 6 36.51 -46.08 -13.21
CA CYS C 6 36.89 -47.13 -14.14
C CYS C 6 38.38 -47.45 -14.02
N LEU C 7 38.72 -48.74 -14.00
CA LEU C 7 40.11 -49.18 -13.96
C LEU C 7 40.63 -49.47 -15.37
N VAL C 8 41.87 -49.11 -15.66
CA VAL C 8 42.45 -49.44 -16.97
C VAL C 8 43.83 -50.11 -16.84
N VAL C 9 43.95 -51.31 -17.40
CA VAL C 9 45.13 -52.15 -17.21
C VAL C 9 45.63 -52.85 -18.46
N ALA C 10 46.93 -53.16 -18.47
CA ALA C 10 47.50 -54.11 -19.41
C ALA C 10 48.09 -55.24 -18.59
N MET C 11 47.86 -56.48 -19.01
CA MET C 11 48.01 -57.61 -18.09
C MET C 11 48.40 -58.93 -18.75
N THR C 12 49.30 -59.67 -18.10
CA THR C 12 49.69 -61.00 -18.57
C THR C 12 48.66 -62.03 -18.07
N PRO C 13 48.67 -63.26 -18.62
CA PRO C 13 47.69 -64.26 -18.15
C PRO C 13 47.81 -64.58 -16.66
N LYS C 14 49.00 -64.42 -16.10
CA LYS C 14 49.20 -64.63 -14.67
C LYS C 14 49.13 -63.31 -13.92
N ARG C 15 48.36 -62.38 -14.49
CA ARG C 15 48.03 -61.10 -13.86
C ARG C 15 49.22 -60.19 -13.58
N GLY C 16 50.34 -60.44 -14.27
CA GLY C 16 51.52 -59.62 -14.10
C GLY C 16 51.38 -58.31 -14.84
N ILE C 17 51.82 -57.22 -14.21
CA ILE C 17 51.67 -55.90 -14.82
C ILE C 17 52.97 -55.10 -14.89
N GLY C 18 53.97 -55.49 -14.09
CA GLY C 18 55.22 -54.74 -14.07
C GLY C 18 56.45 -55.47 -13.55
N ILE C 19 57.62 -54.92 -13.87
CA ILE C 19 58.87 -55.41 -13.32
C ILE C 19 59.93 -54.29 -13.26
N ASN C 20 60.63 -54.21 -12.13
CA ASN C 20 61.61 -53.15 -11.88
C ASN C 20 61.07 -51.76 -12.15
N ASN C 21 59.85 -51.51 -11.66
CA ASN C 21 59.18 -50.23 -11.86
C ASN C 21 59.08 -49.87 -13.33
N GLY C 22 58.89 -50.87 -14.18
CA GLY C 22 58.75 -50.68 -15.60
C GLY C 22 57.75 -51.67 -16.16
N LEU C 23 57.63 -51.72 -17.49
CA LEU C 23 56.72 -52.66 -18.13
C LEU C 23 57.46 -53.94 -18.52
N PRO C 24 56.77 -55.08 -18.37
CA PRO C 24 57.35 -56.41 -18.62
C PRO C 24 57.61 -56.69 -20.10
N TRP C 25 56.83 -56.05 -20.97
CA TRP C 25 56.85 -56.33 -22.40
C TRP C 25 57.50 -55.21 -23.22
N PRO C 26 57.86 -55.48 -24.47
CA PRO C 26 58.24 -54.42 -25.40
C PRO C 26 57.09 -53.46 -25.66
N HIS C 27 57.36 -52.34 -26.32
N HIS C 27 57.37 -52.34 -26.33
CA HIS C 27 56.36 -51.28 -26.48
CA HIS C 27 56.38 -51.29 -26.53
C HIS C 27 55.17 -51.74 -27.33
C HIS C 27 55.17 -51.79 -27.33
N LEU C 28 53.98 -51.59 -26.76
CA LEU C 28 52.75 -51.96 -27.44
C LEU C 28 52.02 -50.70 -27.88
N THR C 29 52.38 -50.22 -29.07
CA THR C 29 51.89 -48.95 -29.58
C THR C 29 50.37 -48.85 -29.62
N THR C 30 49.70 -49.94 -30.03
CA THR C 30 48.25 -49.94 -30.12
C THR C 30 47.64 -49.88 -28.73
N ASP C 31 48.29 -50.55 -27.77
CA ASP C 31 47.84 -50.50 -26.39
C ASP C 31 47.96 -49.08 -25.86
N PHE C 32 49.04 -48.40 -26.22
CA PHE C 32 49.23 -47.02 -25.80
C PHE C 32 48.19 -46.10 -26.44
N LYS C 33 47.86 -46.36 -27.70
CA LYS C 33 46.82 -45.59 -28.37
C LYS C 33 45.48 -45.79 -27.67
N HIS C 34 45.20 -47.04 -27.31
CA HIS C 34 44.01 -47.41 -26.56
C HIS C 34 43.92 -46.62 -25.25
N PHE C 35 44.98 -46.72 -24.45
CA PHE C 35 45.06 -46.03 -23.15
C PHE C 35 44.82 -44.53 -23.32
N SER C 36 45.56 -43.93 -24.26
CA SER C 36 45.43 -42.51 -24.56
C SER C 36 43.99 -42.11 -24.90
N ARG C 37 43.42 -42.77 -25.89
CA ARG C 37 42.07 -42.44 -26.32
C ARG C 37 41.05 -42.60 -25.18
N VAL C 38 41.10 -43.75 -24.51
CA VAL C 38 40.17 -44.05 -23.42
C VAL C 38 40.26 -43.02 -22.29
N THR C 39 41.48 -42.68 -21.89
CA THR C 39 41.63 -41.75 -20.78
C THR C 39 41.42 -40.28 -21.17
N LYS C 40 41.49 -39.97 -22.46
CA LYS C 40 41.38 -38.56 -22.88
C LYS C 40 39.99 -38.16 -23.39
N THR C 41 39.39 -39.00 -24.25
CA THR C 41 38.18 -38.59 -24.97
C THR C 41 36.99 -38.26 -24.08
N THR C 42 36.55 -37.00 -24.18
CA THR C 42 35.38 -36.49 -23.49
C THR C 42 34.42 -35.92 -24.53
N PRO C 43 33.11 -36.17 -24.37
CA PRO C 43 32.11 -35.63 -25.29
C PRO C 43 32.20 -34.11 -25.45
N ALA C 46 33.79 -31.20 -23.84
CA ALA C 46 33.47 -29.79 -24.11
C ALA C 46 33.95 -28.90 -22.97
N SER C 47 33.24 -28.96 -21.85
CA SER C 47 33.56 -28.13 -20.70
C SER C 47 34.52 -28.82 -19.73
N ARG C 48 34.40 -30.15 -19.64
CA ARG C 48 35.13 -30.90 -18.62
C ARG C 48 36.28 -31.73 -19.20
N PHE C 49 37.08 -32.28 -18.29
CA PHE C 49 38.18 -33.17 -18.67
C PHE C 49 38.13 -34.42 -17.79
N ASN C 50 38.95 -35.41 -18.12
CA ASN C 50 39.00 -36.64 -17.34
C ASN C 50 40.15 -36.63 -16.32
N ALA C 51 40.00 -37.43 -15.27
CA ALA C 51 41.02 -37.51 -14.24
C ALA C 51 41.64 -38.90 -14.21
N VAL C 52 42.97 -38.94 -14.12
CA VAL C 52 43.69 -40.20 -13.98
C VAL C 52 44.37 -40.25 -12.62
N VAL C 53 44.06 -41.27 -11.84
CA VAL C 53 44.64 -41.44 -10.52
C VAL C 53 45.65 -42.59 -10.53
N MET C 54 46.87 -42.31 -10.06
CA MET C 54 47.93 -43.30 -10.08
C MET C 54 48.72 -43.32 -8.78
N GLY C 55 49.46 -44.41 -8.57
CA GLY C 55 50.34 -44.53 -7.42
C GLY C 55 51.66 -43.83 -7.69
N ARG C 56 52.44 -43.59 -6.64
CA ARG C 56 53.70 -42.86 -6.76
C ARG C 56 54.68 -43.56 -7.69
N LYS C 57 54.76 -44.89 -7.58
CA LYS C 57 55.70 -45.67 -8.37
C LYS C 57 55.34 -45.68 -9.85
N THR C 58 54.05 -45.54 -10.15
CA THR C 58 53.61 -45.48 -11.54
C THR C 58 54.07 -44.16 -12.16
N TRP C 59 53.82 -43.08 -11.42
CA TRP C 59 54.31 -41.76 -11.79
C TRP C 59 55.82 -41.77 -12.01
N GLU C 60 56.54 -42.42 -11.12
CA GLU C 60 58.00 -42.49 -11.26
C GLU C 60 58.41 -43.41 -12.41
N SER C 61 57.50 -44.30 -12.80
CA SER C 61 57.79 -45.26 -13.87
C SER C 61 57.62 -44.61 -15.23
N MET C 62 56.64 -43.72 -15.34
CA MET C 62 56.42 -42.98 -16.58
C MET C 62 57.62 -42.12 -16.92
N PRO C 63 57.93 -41.98 -18.22
CA PRO C 63 59.03 -41.13 -18.68
C PRO C 63 58.78 -39.65 -18.38
N ARG C 64 59.84 -38.87 -18.19
CA ARG C 64 59.73 -37.47 -17.82
C ARG C 64 58.89 -36.65 -18.79
N LYS C 65 59.19 -36.80 -20.08
CA LYS C 65 58.59 -35.96 -21.12
C LYS C 65 57.08 -36.16 -21.25
N PHE C 66 56.59 -37.32 -20.82
CA PHE C 66 55.19 -37.66 -21.00
C PHE C 66 54.34 -37.30 -19.78
N ARG C 67 54.98 -37.05 -18.65
CA ARG C 67 54.25 -36.78 -17.42
C ARG C 67 54.33 -35.31 -17.02
N PRO C 68 53.23 -34.76 -16.50
CA PRO C 68 51.94 -35.43 -16.31
C PRO C 68 51.20 -35.69 -17.62
N LEU C 69 50.29 -36.65 -17.62
CA LEU C 69 49.53 -36.98 -18.81
C LEU C 69 48.71 -35.77 -19.27
N VAL C 70 48.97 -35.31 -20.49
CA VAL C 70 48.37 -34.09 -21.02
C VAL C 70 46.85 -34.17 -21.14
N ASP C 71 46.19 -33.04 -20.91
CA ASP C 71 44.74 -32.90 -21.03
C ASP C 71 43.98 -33.84 -20.10
N ARG C 72 44.62 -34.23 -19.00
CA ARG C 72 44.00 -35.05 -17.97
C ARG C 72 44.48 -34.59 -16.59
N LEU C 73 43.54 -34.46 -15.66
CA LEU C 73 43.91 -34.11 -14.30
C LEU C 73 44.68 -35.27 -13.67
N ASN C 74 45.94 -35.03 -13.34
CA ASN C 74 46.74 -36.07 -12.70
C ASN C 74 46.68 -36.00 -11.18
N ILE C 75 46.25 -37.11 -10.58
CA ILE C 75 46.28 -37.25 -9.14
C ILE C 75 47.19 -38.39 -8.76
N VAL C 76 48.15 -38.11 -7.87
CA VAL C 76 49.09 -39.12 -7.44
C VAL C 76 48.87 -39.45 -5.96
N VAL C 77 48.69 -40.73 -5.68
CA VAL C 77 48.55 -41.20 -4.31
C VAL C 77 49.92 -41.52 -3.72
N SER C 78 50.32 -40.74 -2.73
CA SER C 78 51.64 -40.91 -2.09
C SER C 78 51.68 -40.20 -0.74
N SER C 79 52.64 -40.58 0.09
CA SER C 79 52.84 -39.93 1.38
C SER C 79 54.22 -39.31 1.44
N SER C 80 55.11 -39.75 0.55
CA SER C 80 56.45 -39.22 0.47
C SER C 80 56.54 -38.06 -0.52
N LEU C 81 55.85 -38.20 -1.65
CA LEU C 81 55.86 -37.15 -2.67
C LEU C 81 54.96 -35.98 -2.31
N LYS C 82 55.26 -34.81 -2.86
CA LYS C 82 54.48 -33.61 -2.62
C LYS C 82 54.16 -32.87 -3.90
N GLU C 83 53.10 -32.06 -3.84
CA GLU C 83 52.67 -31.29 -5.00
C GLU C 83 53.77 -30.38 -5.53
N GLU C 84 54.63 -29.90 -4.64
CA GLU C 84 55.77 -29.08 -5.06
C GLU C 84 56.93 -29.94 -5.53
N ASP C 85 57.01 -31.15 -5.00
CA ASP C 85 57.99 -32.11 -5.50
C ASP C 85 57.71 -32.38 -6.97
N ILE C 86 56.44 -32.50 -7.31
CA ILE C 86 56.04 -32.73 -8.70
C ILE C 86 56.12 -31.44 -9.52
N ALA C 87 55.74 -30.32 -8.90
CA ALA C 87 55.73 -29.04 -9.58
C ALA C 87 57.12 -28.57 -10.00
N ALA C 88 58.11 -28.82 -9.15
CA ALA C 88 59.48 -28.39 -9.41
C ALA C 88 60.23 -29.39 -10.30
N GLU C 89 59.51 -30.41 -10.78
CA GLU C 89 60.09 -31.42 -11.65
C GLU C 89 60.07 -30.95 -13.10
N LYS C 90 58.99 -30.29 -13.49
CA LYS C 90 58.84 -29.74 -14.84
C LYS C 90 57.84 -28.58 -14.82
N PRO C 91 58.18 -27.46 -15.48
CA PRO C 91 57.29 -26.29 -15.55
C PRO C 91 55.91 -26.60 -16.11
N GLN C 92 54.89 -26.29 -15.33
CA GLN C 92 53.50 -26.51 -15.74
C GLN C 92 53.17 -25.78 -17.03
N ALA C 93 52.79 -26.53 -18.05
CA ALA C 93 52.42 -25.95 -19.33
C ALA C 93 51.11 -25.19 -19.21
N GLU C 94 50.97 -24.14 -20.01
CA GLU C 94 49.78 -23.30 -19.94
C GLU C 94 48.55 -24.05 -20.43
N GLY C 95 47.47 -23.98 -19.66
CA GLY C 95 46.23 -24.63 -20.03
C GLY C 95 46.03 -25.98 -19.36
N GLN C 96 47.10 -26.50 -18.77
CA GLN C 96 47.05 -27.81 -18.14
C GLN C 96 46.82 -27.70 -16.64
N GLN C 97 46.11 -28.69 -16.09
CA GLN C 97 45.82 -28.72 -14.66
C GLN C 97 47.08 -28.98 -13.85
N ARG C 98 47.13 -28.43 -12.64
CA ARG C 98 48.26 -28.70 -11.76
C ARG C 98 48.09 -30.09 -11.18
N VAL C 99 49.20 -30.80 -11.01
CA VAL C 99 49.17 -32.16 -10.52
C VAL C 99 48.87 -32.18 -9.02
N ARG C 100 47.88 -32.97 -8.63
CA ARG C 100 47.49 -33.04 -7.23
C ARG C 100 48.05 -34.30 -6.56
N VAL C 101 48.26 -34.23 -5.24
CA VAL C 101 48.77 -35.38 -4.49
C VAL C 101 47.90 -35.68 -3.27
N CYS C 102 47.47 -36.92 -3.16
CA CYS C 102 46.62 -37.35 -2.04
C CYS C 102 47.27 -38.50 -1.26
N ALA C 103 46.91 -38.62 0.01
CA ALA C 103 47.50 -39.63 0.88
C ALA C 103 46.83 -40.98 0.71
N SER C 104 45.71 -41.01 0.01
CA SER C 104 44.97 -42.25 -0.22
C SER C 104 43.96 -42.11 -1.33
N LEU C 105 43.42 -43.25 -1.78
CA LEU C 105 42.38 -43.26 -2.79
C LEU C 105 41.06 -42.62 -2.32
N PRO C 106 40.61 -42.95 -1.08
CA PRO C 106 39.44 -42.21 -0.60
C PRO C 106 39.66 -40.70 -0.55
N ALA C 107 40.91 -40.29 -0.28
CA ALA C 107 41.26 -38.88 -0.29
C ALA C 107 41.20 -38.33 -1.69
N ALA C 108 41.63 -39.14 -2.66
CA ALA C 108 41.58 -38.76 -4.06
C ALA C 108 40.16 -38.50 -4.50
N LEU C 109 39.27 -39.45 -4.19
CA LEU C 109 37.86 -39.35 -4.54
C LEU C 109 37.18 -38.19 -3.83
N SER C 110 37.47 -38.03 -2.55
CA SER C 110 36.93 -36.93 -1.76
C SER C 110 37.34 -35.59 -2.34
N LEU C 111 38.60 -35.51 -2.79
CA LEU C 111 39.11 -34.31 -3.44
C LEU C 111 38.36 -34.04 -4.75
N LEU C 112 38.24 -35.09 -5.54
CA LEU C 112 37.55 -35.04 -6.82
C LEU C 112 36.10 -34.57 -6.68
N GLU C 113 35.46 -34.93 -5.57
CA GLU C 113 34.10 -34.50 -5.32
C GLU C 113 34.06 -33.07 -4.77
N GLU C 114 35.02 -32.75 -3.92
CA GLU C 114 35.03 -31.47 -3.23
C GLU C 114 35.36 -30.30 -4.15
N GLU C 115 36.45 -30.39 -4.89
CA GLU C 115 36.86 -29.27 -5.72
C GLU C 115 37.01 -29.60 -7.20
N TYR C 116 36.34 -30.65 -7.67
CA TYR C 116 36.41 -30.99 -9.08
C TYR C 116 35.07 -31.47 -9.66
N LYS C 117 34.00 -31.29 -8.91
CA LYS C 117 32.67 -31.47 -9.49
C LYS C 117 32.42 -30.30 -10.42
N ASP C 118 31.64 -30.55 -11.47
CA ASP C 118 31.40 -29.55 -12.52
C ASP C 118 32.70 -29.32 -13.33
N SER C 119 33.76 -29.99 -12.92
CA SER C 119 35.07 -29.84 -13.55
C SER C 119 35.52 -31.11 -14.28
N VAL C 120 35.31 -32.27 -13.66
CA VAL C 120 35.75 -33.52 -14.26
C VAL C 120 34.58 -34.41 -14.69
N ASP C 121 34.83 -35.26 -15.67
CA ASP C 121 33.82 -36.18 -16.17
C ASP C 121 34.04 -37.58 -15.60
N GLN C 122 34.89 -38.37 -16.24
CA GLN C 122 35.16 -39.72 -15.81
C GLN C 122 36.42 -39.81 -14.97
N ILE C 123 36.47 -40.80 -14.08
CA ILE C 123 37.65 -41.02 -13.24
C ILE C 123 38.29 -42.37 -13.56
N PHE C 124 39.59 -42.34 -13.87
CA PHE C 124 40.31 -43.55 -14.25
C PHE C 124 41.44 -43.91 -13.28
N VAL C 125 41.34 -45.09 -12.67
CA VAL C 125 42.46 -45.65 -11.93
C VAL C 125 43.39 -46.33 -12.92
N VAL C 126 44.66 -45.96 -12.83
CA VAL C 126 45.63 -46.21 -13.88
C VAL C 126 46.79 -47.09 -13.41
N GLY C 127 47.06 -47.07 -12.10
CA GLY C 127 48.06 -47.94 -11.52
C GLY C 127 48.55 -47.48 -10.16
N GLY C 128 49.20 -48.36 -9.41
CA GLY C 128 49.42 -49.73 -9.82
C GLY C 128 48.69 -50.69 -8.91
N ALA C 129 49.38 -51.75 -8.50
CA ALA C 129 48.77 -52.83 -7.70
C ALA C 129 48.05 -52.31 -6.45
N GLY C 130 48.63 -51.33 -5.79
CA GLY C 130 48.04 -50.75 -4.59
C GLY C 130 46.71 -50.07 -4.88
N LEU C 131 46.70 -49.23 -5.91
CA LEU C 131 45.49 -48.52 -6.29
C LEU C 131 44.41 -49.44 -6.82
N TYR C 132 44.80 -50.45 -7.60
CA TYR C 132 43.85 -51.44 -8.10
C TYR C 132 43.24 -52.21 -6.94
N GLU C 133 44.09 -52.64 -6.02
CA GLU C 133 43.67 -53.36 -4.81
C GLU C 133 42.67 -52.54 -4.01
N ALA C 134 43.03 -51.29 -3.72
CA ALA C 134 42.17 -50.40 -2.94
C ALA C 134 40.84 -50.14 -3.63
N ALA C 135 40.92 -49.84 -4.92
CA ALA C 135 39.73 -49.53 -5.72
C ALA C 135 38.78 -50.73 -5.81
N LEU C 136 39.36 -51.92 -5.84
CA LEU C 136 38.56 -53.14 -5.87
C LEU C 136 37.98 -53.42 -4.49
N SER C 137 38.72 -53.01 -3.46
CA SER C 137 38.26 -53.17 -2.09
C SER C 137 37.04 -52.30 -1.81
N LEU C 138 37.15 -51.01 -2.15
CA LEU C 138 36.06 -50.06 -1.98
C LEU C 138 34.84 -50.45 -2.80
N GLY C 139 35.07 -51.16 -3.90
CA GLY C 139 33.99 -51.59 -4.77
C GLY C 139 33.49 -50.46 -5.64
N VAL C 140 34.31 -49.44 -5.79
CA VAL C 140 33.95 -48.27 -6.58
C VAL C 140 34.14 -48.52 -8.08
N ALA C 141 34.79 -49.62 -8.41
CA ALA C 141 35.08 -49.96 -9.80
C ALA C 141 33.84 -50.50 -10.51
N SER C 142 33.39 -49.77 -11.53
CA SER C 142 32.22 -50.17 -12.29
C SER C 142 32.62 -50.94 -13.55
N HIS C 143 33.71 -50.50 -14.17
CA HIS C 143 34.20 -51.12 -15.41
C HIS C 143 35.70 -51.35 -15.37
N LEU C 144 36.13 -52.43 -16.02
CA LEU C 144 37.56 -52.72 -16.14
C LEU C 144 38.01 -52.73 -17.59
N TYR C 145 38.89 -51.79 -17.96
CA TYR C 145 39.48 -51.79 -19.29
C TYR C 145 40.75 -52.61 -19.30
N ILE C 146 40.62 -53.91 -19.52
CA ILE C 146 41.78 -54.80 -19.43
C ILE C 146 42.37 -55.10 -20.79
N THR C 147 43.66 -54.85 -20.93
CA THR C 147 44.39 -55.24 -22.13
C THR C 147 45.12 -56.55 -21.87
N ARG C 148 44.48 -57.65 -22.26
CA ARG C 148 45.06 -58.98 -22.08
C ARG C 148 46.25 -59.20 -22.98
N VAL C 149 47.43 -59.21 -22.38
CA VAL C 149 48.65 -59.64 -23.05
C VAL C 149 48.68 -61.16 -23.01
N ALA C 150 48.95 -61.80 -24.15
CA ALA C 150 48.89 -63.26 -24.20
C ALA C 150 50.18 -63.93 -23.73
N ARG C 151 51.32 -63.29 -24.00
CA ARG C 151 52.61 -63.83 -23.57
C ARG C 151 52.83 -63.65 -22.08
N GLU C 152 53.65 -64.53 -21.50
CA GLU C 152 54.01 -64.41 -20.10
C GLU C 152 55.39 -63.77 -19.98
N PHE C 153 55.50 -62.77 -19.12
CA PHE C 153 56.76 -62.06 -18.94
C PHE C 153 57.17 -62.07 -17.47
N PRO C 154 58.48 -61.92 -17.21
CA PRO C 154 58.96 -61.75 -15.83
C PRO C 154 58.31 -60.56 -15.15
N CYS C 155 57.67 -60.79 -14.00
CA CYS C 155 56.97 -59.73 -13.29
C CYS C 155 57.19 -59.79 -11.78
N ASP C 156 57.20 -58.63 -11.14
CA ASP C 156 57.32 -58.56 -9.69
C ASP C 156 56.11 -57.86 -9.08
N VAL C 157 55.24 -57.34 -9.94
CA VAL C 157 54.02 -56.67 -9.49
C VAL C 157 52.82 -57.17 -10.28
N PHE C 158 51.77 -57.57 -9.57
CA PHE C 158 50.63 -58.22 -10.19
C PHE C 158 49.30 -57.51 -9.93
N PHE C 159 48.38 -57.62 -10.88
CA PHE C 159 47.01 -57.14 -10.69
C PHE C 159 46.32 -58.09 -9.72
N PRO C 160 45.57 -57.55 -8.75
CA PRO C 160 44.95 -58.38 -7.71
C PRO C 160 43.97 -59.41 -8.27
N ALA C 161 43.70 -60.44 -7.48
CA ALA C 161 42.72 -61.46 -7.87
C ALA C 161 41.31 -60.91 -7.74
N PHE C 162 40.50 -61.09 -8.78
CA PHE C 162 39.14 -60.58 -8.78
C PHE C 162 38.16 -61.61 -9.34
N PRO C 163 36.93 -61.63 -8.82
CA PRO C 163 35.91 -62.55 -9.30
C PRO C 163 35.65 -62.40 -10.80
N GLY C 164 35.93 -63.46 -11.56
CA GLY C 164 35.74 -63.44 -12.99
C GLY C 164 37.03 -63.18 -13.75
N ASP C 165 38.15 -63.58 -13.15
CA ASP C 165 39.45 -63.43 -13.79
C ASP C 165 39.74 -64.62 -14.73
N ASP C 166 38.71 -65.41 -14.98
CA ASP C 166 38.82 -66.55 -15.89
C ASP C 166 39.07 -66.10 -17.33
N ILE C 167 38.93 -64.80 -17.57
CA ILE C 167 39.25 -64.22 -18.87
C ILE C 167 40.75 -64.08 -19.06
N LEU C 168 41.51 -64.37 -18.01
CA LEU C 168 42.96 -64.27 -18.07
C LEU C 168 43.60 -65.65 -18.27
N SER C 169 43.31 -66.57 -17.37
CA SER C 169 43.82 -67.93 -17.50
C SER C 169 42.85 -68.91 -16.84
N ASN C 170 43.26 -70.17 -16.77
CA ASN C 170 42.42 -71.20 -16.16
C ASN C 170 42.64 -71.27 -14.66
N LYS C 171 41.59 -71.66 -13.93
CA LYS C 171 41.67 -71.79 -12.48
C LYS C 171 41.95 -73.24 -12.07
N ALA C 181 29.56 -59.75 -5.94
CA ALA C 181 29.48 -59.28 -7.31
C ALA C 181 30.68 -59.71 -8.15
N THR C 182 30.42 -60.12 -9.39
CA THR C 182 31.48 -60.53 -10.30
C THR C 182 31.65 -59.53 -11.44
N TYR C 183 32.84 -59.52 -12.03
CA TYR C 183 33.15 -58.63 -13.15
C TYR C 183 33.10 -59.39 -14.47
N ARG C 184 31.98 -59.25 -15.20
CA ARG C 184 31.77 -60.02 -16.42
C ARG C 184 32.05 -59.23 -17.69
N PRO C 185 32.64 -59.88 -18.70
CA PRO C 185 32.97 -59.24 -19.98
C PRO C 185 31.76 -58.84 -20.80
N ILE C 186 31.86 -57.71 -21.48
CA ILE C 186 30.78 -57.20 -22.31
C ILE C 186 31.34 -56.88 -23.71
N PHE C 187 32.66 -56.97 -23.79
CA PHE C 187 33.43 -56.51 -24.94
C PHE C 187 34.66 -57.40 -25.10
N ILE C 188 34.81 -58.05 -26.24
CA ILE C 188 36.05 -58.76 -26.55
C ILE C 188 36.45 -58.46 -28.00
N SER C 189 37.64 -57.90 -28.18
CA SER C 189 38.09 -57.46 -29.50
C SER C 189 38.86 -58.54 -30.25
N LYS C 190 39.25 -58.23 -31.49
CA LYS C 190 40.10 -59.12 -32.27
C LYS C 190 41.53 -59.01 -31.74
N THR C 191 42.36 -60.00 -32.05
CA THR C 191 43.73 -59.99 -31.54
C THR C 191 44.64 -59.06 -32.34
N PHE C 192 45.32 -58.19 -31.61
CA PHE C 192 46.35 -57.31 -32.17
C PHE C 192 47.72 -57.85 -31.79
N SER C 193 48.77 -57.28 -32.38
CA SER C 193 50.13 -57.65 -31.97
C SER C 193 51.16 -56.61 -32.39
N ASP C 194 52.07 -56.30 -31.46
CA ASP C 194 53.24 -55.47 -31.74
C ASP C 194 54.45 -56.13 -31.12
N ASN C 195 55.59 -56.03 -31.80
CA ASN C 195 56.86 -56.59 -31.32
C ASN C 195 56.78 -58.02 -30.81
N GLY C 196 56.13 -58.88 -31.60
CA GLY C 196 56.04 -60.30 -31.28
C GLY C 196 55.19 -60.60 -30.07
N VAL C 197 54.36 -59.64 -29.67
CA VAL C 197 53.48 -59.82 -28.52
C VAL C 197 52.03 -59.75 -28.95
N PRO C 198 51.29 -60.88 -28.88
CA PRO C 198 49.86 -60.90 -29.13
C PRO C 198 49.04 -60.43 -27.94
N TYR C 199 48.01 -59.63 -28.19
CA TYR C 199 47.16 -59.17 -27.11
C TYR C 199 45.81 -58.65 -27.61
N ASP C 200 44.80 -58.65 -26.74
CA ASP C 200 43.51 -58.06 -27.12
C ASP C 200 42.91 -57.20 -26.01
N PHE C 201 41.81 -56.52 -26.32
CA PHE C 201 41.17 -55.60 -25.38
C PHE C 201 39.81 -56.10 -24.94
N VAL C 202 39.60 -56.14 -23.63
CA VAL C 202 38.28 -56.48 -23.10
C VAL C 202 37.79 -55.44 -22.09
N VAL C 203 36.48 -55.30 -22.02
CA VAL C 203 35.86 -54.45 -21.03
C VAL C 203 34.97 -55.29 -20.13
N LEU C 204 35.29 -55.28 -18.84
CA LEU C 204 34.49 -55.96 -17.85
C LEU C 204 33.55 -54.99 -17.16
N GLU C 205 32.47 -55.51 -16.59
CA GLU C 205 31.44 -54.70 -15.96
C GLU C 205 31.02 -55.35 -14.65
N LYS C 206 30.74 -54.52 -13.64
CA LYS C 206 30.25 -55.03 -12.37
C LYS C 206 28.78 -55.44 -12.52
N ARG C 207 28.44 -56.65 -12.10
CA ARG C 207 27.13 -57.20 -12.41
C ARG C 207 26.32 -57.71 -11.22
N ARG C 208 27.02 -58.29 -10.23
CA ARG C 208 26.35 -58.88 -9.07
C ARG C 208 25.35 -59.96 -9.46
N SER C 241 5.54 -39.67 -41.12
CA SER C 241 5.79 -41.09 -41.34
C SER C 241 6.96 -41.30 -42.31
N SER C 242 8.18 -41.16 -41.80
CA SER C 242 9.38 -41.34 -42.62
C SER C 242 9.52 -42.79 -43.06
N ALA C 243 10.03 -43.64 -42.17
CA ALA C 243 10.21 -45.05 -42.47
C ALA C 243 9.42 -45.90 -41.50
N ALA C 244 8.87 -45.25 -40.48
CA ALA C 244 8.16 -45.93 -39.41
C ALA C 244 6.85 -46.58 -39.88
N ALA C 245 6.28 -46.04 -40.95
CA ALA C 245 5.00 -46.53 -41.47
C ALA C 245 5.20 -47.77 -42.34
N ILE C 246 6.43 -48.25 -42.42
CA ILE C 246 6.75 -49.39 -43.28
C ILE C 246 7.14 -50.59 -42.42
N ALA C 247 7.22 -50.36 -41.11
CA ALA C 247 7.38 -51.44 -40.14
C ALA C 247 6.20 -52.43 -40.03
N PRO C 248 4.98 -52.04 -40.46
CA PRO C 248 3.95 -53.09 -40.49
C PRO C 248 4.19 -54.18 -41.54
N VAL C 249 4.77 -53.83 -42.69
CA VAL C 249 5.10 -54.84 -43.69
C VAL C 249 6.25 -55.68 -43.18
N LEU C 250 7.14 -55.05 -42.43
CA LEU C 250 8.23 -55.77 -41.77
C LEU C 250 7.67 -56.73 -40.72
N ALA C 251 6.52 -56.37 -40.16
CA ALA C 251 5.95 -57.07 -39.01
C ALA C 251 5.51 -58.49 -39.33
N TRP C 252 5.02 -58.71 -40.55
CA TRP C 252 4.53 -60.02 -40.93
C TRP C 252 5.59 -60.83 -41.68
N MET C 253 6.70 -60.17 -42.02
CA MET C 253 7.83 -60.87 -42.62
C MET C 253 8.84 -61.21 -41.53
N ASP C 254 8.64 -60.63 -40.35
CA ASP C 254 9.54 -60.80 -39.22
C ASP C 254 9.14 -62.01 -38.38
N GLU C 255 10.10 -62.59 -37.67
CA GLU C 255 9.86 -63.70 -36.77
C GLU C 255 10.22 -63.34 -35.33
N LEU C 266 17.73 -69.54 -29.52
CA LEU C 266 17.54 -70.15 -28.21
C LEU C 266 18.87 -70.44 -27.52
N ILE C 267 19.84 -70.90 -28.29
CA ILE C 267 21.19 -71.13 -27.76
C ILE C 267 22.13 -70.05 -28.28
N ARG C 268 22.86 -69.41 -27.37
CA ARG C 268 23.85 -68.41 -27.76
C ARG C 268 25.11 -68.53 -26.91
N ALA C 269 26.26 -68.39 -27.55
CA ALA C 269 27.54 -68.40 -26.86
C ALA C 269 27.76 -67.07 -26.16
N VAL C 270 28.10 -67.14 -24.87
CA VAL C 270 28.31 -65.97 -24.00
C VAL C 270 27.54 -64.71 -24.39
N PRO C 271 26.21 -64.71 -24.16
CA PRO C 271 25.28 -63.66 -24.60
C PRO C 271 25.59 -62.30 -23.99
N HIS C 272 26.19 -62.29 -22.81
CA HIS C 272 26.47 -61.04 -22.10
C HIS C 272 27.57 -60.24 -22.82
N VAL C 273 28.35 -60.92 -23.64
CA VAL C 273 29.39 -60.24 -24.42
C VAL C 273 28.76 -59.54 -25.63
N HIS C 274 28.56 -58.23 -25.50
CA HIS C 274 27.87 -57.47 -26.54
C HIS C 274 28.75 -57.18 -27.74
N PHE C 275 29.97 -56.69 -27.53
CA PHE C 275 30.86 -56.51 -28.68
C PHE C 275 31.71 -57.74 -28.93
N ARG C 276 31.48 -58.37 -30.08
CA ARG C 276 32.11 -59.64 -30.40
C ARG C 276 33.12 -59.48 -31.54
N GLY C 277 34.16 -58.72 -31.27
CA GLY C 277 35.21 -58.49 -32.26
C GLY C 277 36.06 -59.71 -32.48
N HIS C 278 36.21 -60.53 -31.44
CA HIS C 278 37.06 -61.72 -31.50
C HIS C 278 36.57 -62.66 -32.59
N GLU C 279 37.48 -63.06 -33.47
CA GLU C 279 37.12 -63.82 -34.66
C GLU C 279 36.70 -65.26 -34.35
N GLU C 280 36.84 -65.67 -33.09
CA GLU C 280 36.42 -67.02 -32.66
C GLU C 280 34.90 -67.07 -32.51
N PHE C 281 34.29 -65.89 -32.39
CA PHE C 281 32.85 -65.79 -32.31
C PHE C 281 32.20 -66.27 -33.60
N GLN C 282 32.98 -66.31 -34.67
CA GLN C 282 32.51 -66.94 -35.91
C GLN C 282 32.22 -68.40 -35.65
N TYR C 283 33.18 -69.07 -35.04
CA TYR C 283 33.07 -70.49 -34.72
C TYR C 283 31.97 -70.74 -33.69
N LEU C 284 31.98 -69.98 -32.61
CA LEU C 284 30.97 -70.17 -31.56
C LEU C 284 29.55 -69.95 -32.11
N ASP C 285 29.37 -68.84 -32.82
CA ASP C 285 28.06 -68.54 -33.41
C ASP C 285 27.69 -69.54 -34.49
N LEU C 286 28.70 -70.16 -35.10
CA LEU C 286 28.45 -71.21 -36.08
C LEU C 286 27.86 -72.41 -35.35
N ILE C 287 28.45 -72.77 -34.22
CA ILE C 287 27.92 -73.87 -33.41
C ILE C 287 26.49 -73.60 -32.95
N ALA C 288 26.27 -72.42 -32.36
CA ALA C 288 24.94 -72.04 -31.90
C ALA C 288 23.93 -72.05 -33.05
N ASP C 289 24.37 -71.61 -34.22
CA ASP C 289 23.50 -71.55 -35.40
C ASP C 289 23.12 -72.94 -35.87
N ILE C 290 24.09 -73.84 -35.90
CA ILE C 290 23.81 -75.22 -36.30
C ILE C 290 22.87 -75.88 -35.32
N ILE C 291 23.10 -75.68 -34.02
CA ILE C 291 22.23 -76.29 -33.02
C ILE C 291 20.80 -75.73 -33.12
N ASN C 292 20.67 -74.43 -33.27
CA ASN C 292 19.35 -73.79 -33.30
C ASN C 292 18.55 -74.07 -34.58
N ASN C 293 19.18 -73.85 -35.73
CA ASN C 293 18.47 -73.84 -37.01
C ASN C 293 18.77 -75.05 -37.89
N GLY C 294 19.75 -75.85 -37.49
CA GLY C 294 20.13 -77.00 -38.30
C GLY C 294 19.06 -78.08 -38.33
N ARG C 295 19.20 -79.02 -39.26
CA ARG C 295 18.25 -80.11 -39.38
C ARG C 295 18.85 -81.40 -38.85
N THR C 296 18.03 -82.20 -38.16
CA THR C 296 18.51 -83.48 -37.66
C THR C 296 18.41 -84.55 -38.74
N MET C 297 19.56 -85.09 -39.11
CA MET C 297 19.65 -86.05 -40.20
C MET C 297 20.38 -87.32 -39.78
N ASP C 298 20.14 -88.39 -40.53
CA ASP C 298 20.90 -89.63 -40.39
C ASP C 298 22.29 -89.46 -41.00
N ASP C 299 23.13 -90.46 -40.86
CA ASP C 299 24.55 -90.29 -41.17
C ASP C 299 25.24 -91.62 -41.49
N ARG C 300 26.33 -91.54 -42.25
CA ARG C 300 27.10 -92.71 -42.66
C ARG C 300 27.50 -93.61 -41.49
N THR C 301 27.84 -92.99 -40.35
CA THR C 301 28.36 -93.72 -39.20
C THR C 301 27.26 -94.42 -38.38
N GLY C 302 26.07 -93.83 -38.37
CA GLY C 302 24.98 -94.36 -37.58
C GLY C 302 24.62 -93.41 -36.44
N VAL C 303 25.59 -92.58 -36.06
CA VAL C 303 25.35 -91.54 -35.08
C VAL C 303 24.55 -90.43 -35.74
N GLY C 304 23.64 -89.80 -34.98
CA GLY C 304 22.81 -88.74 -35.53
C GLY C 304 23.61 -87.49 -35.82
N VAL C 305 23.07 -86.61 -36.66
CA VAL C 305 23.77 -85.37 -36.98
C VAL C 305 22.80 -84.20 -37.01
N ILE C 306 23.29 -83.01 -36.69
CA ILE C 306 22.53 -81.78 -36.91
C ILE C 306 23.33 -80.92 -37.89
N SER C 307 22.76 -80.67 -39.07
CA SER C 307 23.55 -80.05 -40.13
C SER C 307 22.92 -78.82 -40.78
N LYS C 308 23.80 -77.99 -41.34
CA LYS C 308 23.41 -76.89 -42.22
C LYS C 308 24.22 -77.00 -43.51
N PHE C 309 23.87 -76.19 -44.50
CA PHE C 309 24.55 -76.27 -45.80
C PHE C 309 25.03 -74.89 -46.26
N GLY C 310 26.31 -74.80 -46.61
CA GLY C 310 26.89 -73.55 -47.03
C GLY C 310 27.17 -72.62 -45.86
N CYS C 311 28.37 -72.73 -45.30
CA CYS C 311 28.76 -71.90 -44.15
C CYS C 311 30.12 -71.25 -44.39
N THR C 312 30.28 -70.03 -43.90
CA THR C 312 31.46 -69.24 -44.22
C THR C 312 32.14 -68.66 -42.98
N MET C 313 33.46 -68.81 -42.92
CA MET C 313 34.26 -68.11 -41.91
C MET C 313 35.49 -67.50 -42.58
N ARG C 314 36.18 -66.61 -41.87
CA ARG C 314 37.48 -66.13 -42.32
C ARG C 314 38.27 -65.51 -41.16
N TYR C 315 39.54 -65.87 -41.09
CA TYR C 315 40.41 -65.46 -39.99
C TYR C 315 41.62 -64.68 -40.49
N SER C 316 42.00 -63.65 -39.73
CA SER C 316 43.12 -62.80 -40.10
C SER C 316 44.44 -63.44 -39.70
N LEU C 317 45.47 -63.25 -40.52
CA LEU C 317 46.75 -63.91 -40.27
C LEU C 317 47.90 -62.90 -40.12
N ASP C 318 47.59 -61.61 -40.23
CA ASP C 318 48.63 -60.60 -40.19
C ASP C 318 49.01 -60.21 -38.76
N GLN C 319 48.06 -60.29 -37.84
CA GLN C 319 48.33 -59.95 -36.45
C GLN C 319 48.69 -61.20 -35.64
N ALA C 320 47.76 -62.15 -35.60
CA ALA C 320 48.00 -63.39 -34.86
C ALA C 320 47.55 -64.61 -35.66
N PHE C 321 47.47 -65.76 -34.99
CA PHE C 321 47.15 -67.01 -35.65
C PHE C 321 45.90 -67.63 -35.03
N PRO C 322 44.93 -68.02 -35.87
CA PRO C 322 43.64 -68.52 -35.39
C PRO C 322 43.72 -69.95 -34.85
N LEU C 323 44.53 -70.15 -33.81
CA LEU C 323 44.48 -71.39 -33.06
C LEU C 323 43.45 -71.21 -31.96
N LEU C 324 42.28 -71.81 -32.14
CA LEU C 324 41.12 -71.57 -31.29
C LEU C 324 41.44 -71.74 -29.82
N THR C 325 40.82 -70.91 -28.99
CA THR C 325 41.18 -70.81 -27.58
C THR C 325 40.09 -71.27 -26.62
N THR C 326 38.86 -71.40 -27.13
CA THR C 326 37.74 -71.78 -26.28
C THR C 326 37.81 -73.27 -25.95
N LYS C 327 38.75 -73.96 -26.59
CA LYS C 327 39.14 -75.33 -26.23
C LYS C 327 40.54 -75.57 -26.78
N ARG C 328 41.30 -76.47 -26.17
CA ARG C 328 42.67 -76.72 -26.61
C ARG C 328 42.75 -77.53 -27.90
N VAL C 329 43.49 -76.99 -28.88
CA VAL C 329 43.62 -77.63 -30.19
C VAL C 329 44.96 -78.37 -30.32
N PHE C 330 44.91 -79.54 -30.95
CA PHE C 330 46.07 -80.42 -31.11
C PHE C 330 47.08 -79.90 -32.14
N TRP C 331 47.84 -78.87 -31.74
CA TRP C 331 48.73 -78.18 -32.67
C TRP C 331 49.84 -79.08 -33.20
N LYS C 332 50.39 -79.92 -32.33
CA LYS C 332 51.37 -80.91 -32.74
C LYS C 332 50.80 -81.77 -33.85
N GLY C 333 49.53 -82.12 -33.69
CA GLY C 333 48.79 -82.86 -34.69
C GLY C 333 48.67 -82.11 -36.00
N VAL C 334 48.24 -80.85 -35.98
CA VAL C 334 48.06 -80.14 -37.24
C VAL C 334 49.40 -79.95 -37.96
N LEU C 335 50.45 -79.68 -37.19
CA LEU C 335 51.78 -79.49 -37.77
C LEU C 335 52.29 -80.77 -38.41
N GLU C 336 52.30 -81.84 -37.63
CA GLU C 336 52.81 -83.13 -38.11
C GLU C 336 52.03 -83.60 -39.32
N GLU C 337 50.70 -83.48 -39.25
CA GLU C 337 49.85 -83.91 -40.37
C GLU C 337 50.07 -83.06 -41.61
N LEU C 338 50.32 -81.76 -41.43
CA LEU C 338 50.56 -80.88 -42.57
C LEU C 338 51.89 -81.22 -43.23
N LEU C 339 52.93 -81.41 -42.42
CA LEU C 339 54.23 -81.81 -42.95
C LEU C 339 54.11 -83.13 -43.71
N TRP C 340 53.31 -84.03 -43.13
CA TRP C 340 52.95 -85.31 -43.74
C TRP C 340 52.36 -85.10 -45.14
N PHE C 341 51.32 -84.27 -45.22
CA PHE C 341 50.70 -83.90 -46.49
C PHE C 341 51.72 -83.41 -47.50
N ILE C 342 52.57 -82.48 -47.07
CA ILE C 342 53.57 -81.90 -47.95
C ILE C 342 54.52 -82.95 -48.49
N ARG C 343 54.95 -83.86 -47.61
CA ARG C 343 55.79 -84.98 -48.05
C ARG C 343 55.03 -85.85 -49.04
N GLY C 344 53.70 -85.84 -48.93
CA GLY C 344 52.87 -86.62 -49.83
C GLY C 344 52.85 -88.05 -49.35
N ASP C 345 53.08 -88.21 -48.06
CA ASP C 345 53.12 -89.51 -47.42
C ASP C 345 51.71 -90.05 -47.24
N THR C 346 51.55 -91.35 -47.44
CA THR C 346 50.24 -91.99 -47.30
C THR C 346 50.29 -93.05 -46.20
N ASN C 347 51.41 -93.08 -45.48
CA ASN C 347 51.60 -94.03 -44.39
C ASN C 347 51.20 -93.41 -43.05
N ALA C 348 50.04 -93.79 -42.54
CA ALA C 348 49.51 -93.22 -41.31
C ALA C 348 50.33 -93.61 -40.09
N ASN C 349 51.12 -94.67 -40.22
CA ASN C 349 51.94 -95.14 -39.11
C ASN C 349 53.05 -94.15 -38.78
N HIS C 350 53.51 -93.41 -39.79
CA HIS C 350 54.49 -92.35 -39.59
C HIS C 350 53.93 -91.26 -38.69
N LEU C 351 52.62 -91.06 -38.78
CA LEU C 351 51.94 -90.10 -37.90
C LEU C 351 51.68 -90.73 -36.54
N SER C 352 51.37 -92.02 -36.54
CA SER C 352 50.96 -92.71 -35.33
C SER C 352 52.11 -92.90 -34.35
N GLU C 353 53.30 -93.17 -34.88
CA GLU C 353 54.46 -93.44 -34.02
C GLU C 353 55.13 -92.13 -33.57
N LYS C 354 54.63 -91.01 -34.07
CA LYS C 354 55.08 -89.70 -33.60
C LYS C 354 54.15 -89.16 -32.51
N GLY C 355 53.08 -89.89 -32.22
CA GLY C 355 52.16 -89.50 -31.18
C GLY C 355 50.86 -88.92 -31.69
N VAL C 356 50.67 -88.99 -33.01
CA VAL C 356 49.46 -88.47 -33.65
C VAL C 356 48.63 -89.61 -34.23
N LYS C 357 47.61 -90.04 -33.47
CA LYS C 357 46.83 -91.22 -33.85
C LYS C 357 45.49 -90.84 -34.48
N ILE C 358 45.45 -89.68 -35.10
CA ILE C 358 44.20 -89.14 -35.63
C ILE C 358 43.71 -89.89 -36.87
N TRP C 359 44.56 -90.75 -37.43
CA TRP C 359 44.23 -91.48 -38.64
C TRP C 359 43.97 -92.97 -38.39
N ASP C 360 44.45 -93.47 -37.25
CA ASP C 360 44.43 -94.89 -36.95
C ASP C 360 43.08 -95.56 -37.13
N LYS C 361 42.04 -94.97 -36.54
CA LYS C 361 40.70 -95.52 -36.61
C LYS C 361 40.14 -95.66 -38.03
N ASN C 362 40.82 -95.07 -39.01
CA ASN C 362 40.36 -95.13 -40.40
C ASN C 362 41.34 -95.89 -41.30
N VAL C 363 42.34 -96.51 -40.68
CA VAL C 363 43.28 -97.34 -41.44
C VAL C 363 43.50 -98.69 -40.76
N THR C 364 42.57 -99.06 -39.88
CA THR C 364 42.57 -100.38 -39.27
C THR C 364 42.27 -101.42 -40.35
N ARG C 365 42.64 -102.67 -40.08
CA ARG C 365 42.32 -103.76 -40.99
C ARG C 365 40.81 -103.86 -41.19
N GLU C 366 40.07 -103.70 -40.09
CA GLU C 366 38.63 -103.79 -40.10
C GLU C 366 37.99 -102.72 -40.98
N PHE C 367 38.46 -101.48 -40.85
CA PHE C 367 37.92 -100.37 -41.62
C PHE C 367 38.33 -100.46 -43.09
N LEU C 368 39.60 -100.76 -43.33
CA LEU C 368 40.10 -100.94 -44.68
C LEU C 368 39.33 -102.04 -45.41
N ASP C 369 38.95 -103.07 -44.66
CA ASP C 369 38.14 -104.15 -45.22
C ASP C 369 36.70 -103.70 -45.47
N SER C 370 36.15 -102.94 -44.53
CA SER C 370 34.79 -102.42 -44.67
C SER C 370 34.70 -101.46 -45.85
N ARG C 371 35.87 -100.96 -46.27
CA ARG C 371 35.97 -100.05 -47.41
C ARG C 371 36.20 -100.85 -48.70
N ASN C 372 36.03 -102.17 -48.59
CA ASN C 372 36.28 -103.09 -49.71
C ASN C 372 37.69 -102.92 -50.25
N LEU C 373 38.67 -103.04 -49.35
CA LEU C 373 40.08 -102.89 -49.72
C LEU C 373 40.99 -103.79 -48.87
N PRO C 374 40.90 -105.12 -49.09
CA PRO C 374 41.71 -106.06 -48.29
C PRO C 374 43.19 -106.02 -48.65
N HIS C 375 43.50 -105.52 -49.83
CA HIS C 375 44.88 -105.52 -50.33
C HIS C 375 45.75 -104.47 -49.63
N ARG C 376 45.12 -103.58 -48.88
CA ARG C 376 45.82 -102.48 -48.23
C ARG C 376 46.48 -102.93 -46.92
N GLU C 377 47.77 -102.63 -46.79
CA GLU C 377 48.49 -102.82 -45.54
C GLU C 377 47.92 -101.86 -44.49
N VAL C 378 47.98 -102.25 -43.23
CA VAL C 378 47.43 -101.43 -42.15
C VAL C 378 48.17 -100.10 -42.03
N GLY C 379 47.46 -99.00 -42.27
CA GLY C 379 48.04 -97.68 -42.19
C GLY C 379 48.04 -96.95 -43.51
N ASP C 380 47.77 -97.68 -44.59
CA ASP C 380 47.78 -97.10 -45.94
C ASP C 380 46.45 -96.42 -46.23
N ILE C 381 46.48 -95.10 -46.31
CA ILE C 381 45.28 -94.30 -46.56
C ILE C 381 44.92 -94.30 -48.04
N GLY C 382 45.77 -94.91 -48.86
CA GLY C 382 45.59 -94.91 -50.29
C GLY C 382 46.03 -93.59 -50.90
N PRO C 383 45.64 -93.34 -52.17
CA PRO C 383 46.02 -92.12 -52.89
C PRO C 383 45.21 -90.89 -52.44
N GLY C 384 45.44 -90.43 -51.21
CA GLY C 384 44.67 -89.31 -50.69
C GLY C 384 45.49 -88.10 -50.25
N TYR C 385 44.81 -86.95 -50.16
CA TYR C 385 45.39 -85.69 -49.72
C TYR C 385 46.77 -85.40 -50.28
N GLY C 386 47.81 -85.75 -49.53
CA GLY C 386 49.18 -85.49 -49.93
C GLY C 386 49.55 -86.09 -51.27
N PHE C 387 49.11 -87.32 -51.50
CA PHE C 387 49.42 -88.03 -52.73
C PHE C 387 48.84 -87.33 -53.95
N GLN C 388 47.68 -86.71 -53.79
CA GLN C 388 47.07 -85.99 -54.90
C GLN C 388 47.76 -84.63 -55.03
N TRP C 389 48.07 -84.02 -53.90
CA TRP C 389 48.80 -82.75 -53.86
C TRP C 389 50.09 -82.80 -54.66
N ARG C 390 50.90 -83.83 -54.41
CA ARG C 390 52.23 -83.90 -54.98
C ARG C 390 52.29 -84.78 -56.25
N HIS C 391 51.28 -85.63 -56.42
CA HIS C 391 51.27 -86.55 -57.54
C HIS C 391 49.86 -86.79 -58.08
N PHE C 392 49.11 -85.73 -58.35
CA PHE C 392 47.75 -85.89 -58.84
C PHE C 392 47.66 -86.77 -60.09
N GLY C 393 46.80 -87.79 -60.02
CA GLY C 393 46.52 -88.63 -61.18
C GLY C 393 47.40 -89.85 -61.32
N ALA C 394 48.54 -89.85 -60.62
CA ALA C 394 49.48 -90.95 -60.70
C ALA C 394 48.85 -92.27 -60.25
N ALA C 395 49.32 -93.38 -60.82
CA ALA C 395 48.81 -94.70 -60.45
C ALA C 395 49.38 -95.14 -59.10
N TYR C 396 48.49 -95.46 -58.17
CA TYR C 396 48.89 -95.79 -56.82
C TYR C 396 49.17 -97.28 -56.65
N LYS C 397 50.20 -97.60 -55.87
CA LYS C 397 50.49 -98.99 -55.52
C LYS C 397 50.30 -99.19 -54.02
N ASP C 398 51.35 -98.90 -53.25
CA ASP C 398 51.22 -98.89 -51.80
C ASP C 398 51.94 -97.68 -51.21
N MET C 399 51.94 -97.58 -49.89
CA MET C 399 52.54 -96.44 -49.20
C MET C 399 54.06 -96.52 -49.15
N HIS C 400 54.62 -97.61 -49.69
CA HIS C 400 56.07 -97.79 -49.67
C HIS C 400 56.69 -97.41 -51.00
N THR C 401 55.85 -97.13 -51.99
CA THR C 401 56.33 -96.86 -53.34
C THR C 401 56.85 -95.44 -53.51
N ASP C 402 57.90 -95.30 -54.32
CA ASP C 402 58.43 -93.98 -54.66
C ASP C 402 57.69 -93.45 -55.88
N TYR C 403 57.14 -92.25 -55.77
CA TYR C 403 56.34 -91.67 -56.84
C TYR C 403 56.95 -90.40 -57.41
N THR C 404 58.23 -90.17 -57.15
CA THR C 404 58.87 -88.92 -57.57
C THR C 404 58.88 -88.81 -59.09
N GLY C 405 58.28 -87.73 -59.60
CA GLY C 405 58.20 -87.50 -61.03
C GLY C 405 56.89 -87.93 -61.64
N GLN C 406 56.09 -88.66 -60.88
CA GLN C 406 54.81 -89.15 -61.37
C GLN C 406 53.67 -88.21 -60.95
N GLY C 407 52.73 -87.98 -61.86
CA GLY C 407 51.57 -87.15 -61.57
C GLY C 407 51.85 -85.67 -61.55
N VAL C 408 50.84 -84.88 -61.22
CA VAL C 408 50.97 -83.43 -61.19
C VAL C 408 51.34 -82.95 -59.78
N ASP C 409 52.37 -82.10 -59.69
CA ASP C 409 52.78 -81.52 -58.41
C ASP C 409 52.10 -80.17 -58.21
N GLN C 410 50.84 -80.23 -57.78
CA GLN C 410 50.01 -79.05 -57.60
C GLN C 410 50.63 -78.03 -56.66
N LEU C 411 51.31 -78.50 -55.62
CA LEU C 411 51.90 -77.59 -54.64
C LEU C 411 53.03 -76.77 -55.28
N LYS C 412 53.89 -77.46 -56.02
CA LYS C 412 55.00 -76.80 -56.70
C LYS C 412 54.48 -75.85 -57.77
N ASN C 413 53.47 -76.29 -58.51
CA ASN C 413 52.82 -75.43 -59.49
C ASN C 413 52.30 -74.13 -58.86
N VAL C 414 51.54 -74.29 -57.79
CA VAL C 414 50.99 -73.17 -57.04
C VAL C 414 52.08 -72.22 -56.56
N ILE C 415 53.14 -72.77 -55.99
CA ILE C 415 54.22 -71.93 -55.46
C ILE C 415 54.94 -71.16 -56.55
N GLN C 416 55.37 -71.86 -57.61
CA GLN C 416 56.05 -71.19 -58.72
C GLN C 416 55.17 -70.12 -59.33
N MET C 417 53.90 -70.45 -59.53
CA MET C 417 52.93 -69.49 -60.07
C MET C 417 52.80 -68.28 -59.15
N LEU C 418 52.95 -68.50 -57.85
CA LEU C 418 52.90 -67.40 -56.89
C LEU C 418 54.13 -66.53 -56.98
N ARG C 419 55.29 -67.16 -57.21
CA ARG C 419 56.55 -66.45 -57.25
C ARG C 419 56.73 -65.65 -58.54
N THR C 420 56.12 -66.12 -59.62
CA THR C 420 56.35 -65.52 -60.93
C THR C 420 55.16 -64.70 -61.45
N ASN C 421 53.95 -65.12 -61.13
CA ASN C 421 52.75 -64.51 -61.72
C ASN C 421 51.60 -64.40 -60.72
N PRO C 422 51.74 -63.51 -59.73
CA PRO C 422 50.82 -63.46 -58.58
C PRO C 422 49.39 -63.01 -58.90
N THR C 423 49.11 -62.65 -60.15
CA THR C 423 47.77 -62.21 -60.53
C THR C 423 47.04 -63.30 -61.31
N ASP C 424 47.63 -64.48 -61.35
CA ASP C 424 47.01 -65.62 -62.00
C ASP C 424 45.80 -66.06 -61.18
N ARG C 425 44.77 -66.55 -61.86
CA ARG C 425 43.56 -66.98 -61.16
C ARG C 425 43.34 -68.49 -61.25
N ARG C 426 44.42 -69.24 -61.46
CA ARG C 426 44.34 -70.69 -61.53
C ARG C 426 45.27 -71.34 -60.50
N MET C 427 45.53 -70.62 -59.42
CA MET C 427 46.37 -71.14 -58.34
C MET C 427 45.55 -72.02 -57.40
N LEU C 428 45.28 -73.25 -57.82
CA LEU C 428 44.46 -74.15 -57.01
C LEU C 428 45.14 -75.49 -56.77
N MET C 429 44.80 -76.08 -55.63
CA MET C 429 45.28 -77.41 -55.27
C MET C 429 44.08 -78.24 -54.86
N THR C 430 43.81 -79.30 -55.60
CA THR C 430 42.65 -80.15 -55.30
C THR C 430 43.08 -81.59 -55.01
N ALA C 431 42.35 -82.23 -54.09
CA ALA C 431 42.62 -83.61 -53.75
C ALA C 431 41.42 -84.48 -54.07
N TRP C 432 40.38 -83.84 -54.63
CA TRP C 432 39.18 -84.56 -55.04
C TRP C 432 39.37 -85.12 -56.44
N ASN C 433 39.78 -86.38 -56.50
CA ASN C 433 40.02 -87.06 -57.77
C ASN C 433 39.11 -88.27 -57.90
N PRO C 434 37.95 -88.09 -58.55
CA PRO C 434 36.87 -89.07 -58.70
C PRO C 434 37.33 -90.44 -59.19
N ALA C 435 38.50 -90.50 -59.85
CA ALA C 435 39.02 -91.75 -60.37
C ALA C 435 39.63 -92.62 -59.28
N ALA C 436 40.15 -91.97 -58.23
CA ALA C 436 40.89 -92.67 -57.20
C ALA C 436 40.16 -92.70 -55.85
N LEU C 437 38.91 -92.25 -55.84
CA LEU C 437 38.13 -92.15 -54.61
C LEU C 437 37.92 -93.49 -53.93
N ASP C 438 37.56 -94.51 -54.71
CA ASP C 438 37.29 -95.83 -54.17
C ASP C 438 38.55 -96.50 -53.63
N GLU C 439 39.70 -96.01 -54.07
CA GLU C 439 40.99 -96.54 -53.65
C GLU C 439 41.45 -95.93 -52.33
N MET C 440 40.86 -94.79 -51.98
CA MET C 440 41.22 -94.10 -50.74
C MET C 440 40.51 -94.71 -49.54
N ALA C 441 41.13 -94.60 -48.37
CA ALA C 441 40.51 -95.07 -47.14
C ALA C 441 39.32 -94.19 -46.79
N LEU C 442 39.44 -92.91 -47.08
CA LEU C 442 38.37 -91.96 -46.82
C LEU C 442 38.48 -90.77 -47.77
N PRO C 443 37.40 -90.50 -48.52
CA PRO C 443 37.36 -89.38 -49.47
C PRO C 443 37.69 -88.06 -48.77
N PRO C 444 38.54 -87.24 -49.39
CA PRO C 444 39.03 -86.00 -48.77
C PRO C 444 37.91 -85.03 -48.39
N CYS C 445 37.98 -84.50 -47.18
CA CYS C 445 37.00 -83.53 -46.72
C CYS C 445 37.46 -82.13 -47.10
N HIS C 446 38.63 -81.72 -46.61
CA HIS C 446 39.25 -80.50 -47.11
C HIS C 446 39.87 -80.83 -48.46
N LEU C 447 39.12 -80.58 -49.54
CA LEU C 447 39.44 -81.14 -50.84
C LEU C 447 40.07 -80.16 -51.83
N LEU C 448 39.89 -78.87 -51.60
CA LEU C 448 40.33 -77.86 -52.55
C LEU C 448 40.75 -76.56 -51.88
N CYS C 449 41.87 -75.98 -52.31
CA CYS C 449 42.26 -74.68 -51.81
C CYS C 449 42.79 -73.79 -52.93
N GLN C 450 42.52 -72.50 -52.80
CA GLN C 450 42.94 -71.52 -53.81
C GLN C 450 43.61 -70.31 -53.14
N PHE C 451 44.67 -69.81 -53.77
CA PHE C 451 45.44 -68.70 -53.22
C PHE C 451 45.21 -67.40 -53.97
N TYR C 452 45.64 -66.30 -53.37
CA TYR C 452 45.37 -64.97 -53.91
C TYR C 452 46.37 -63.94 -53.39
N VAL C 453 46.91 -63.13 -54.29
CA VAL C 453 47.84 -62.07 -53.92
C VAL C 453 47.33 -60.72 -54.42
N ASN C 454 47.55 -59.68 -53.64
CA ASN C 454 47.01 -58.36 -53.95
C ASN C 454 48.06 -57.27 -54.13
N ASP C 455 47.62 -56.02 -53.95
CA ASP C 455 48.49 -54.84 -54.06
C ASP C 455 49.77 -54.97 -53.25
N GLN C 456 49.62 -55.28 -51.97
CA GLN C 456 50.70 -55.16 -51.00
C GLN C 456 51.45 -56.47 -50.74
N LYS C 457 51.48 -57.34 -51.75
CA LYS C 457 52.16 -58.64 -51.62
C LYS C 457 51.63 -59.43 -50.43
N GLU C 458 50.31 -59.48 -50.29
CA GLU C 458 49.66 -60.17 -49.18
C GLU C 458 48.92 -61.42 -49.66
N LEU C 459 49.21 -62.56 -49.06
CA LEU C 459 48.60 -63.81 -49.48
C LEU C 459 47.33 -64.13 -48.70
N SER C 460 46.30 -64.54 -49.42
CA SER C 460 45.05 -65.01 -48.83
C SER C 460 44.72 -66.39 -49.39
N CYS C 461 44.02 -67.20 -48.60
CA CYS C 461 43.74 -68.58 -48.97
C CYS C 461 42.30 -68.98 -48.66
N ILE C 462 41.64 -69.59 -49.65
CA ILE C 462 40.31 -70.17 -49.45
C ILE C 462 40.43 -71.69 -49.46
N MET C 463 39.78 -72.35 -48.50
CA MET C 463 39.69 -73.80 -48.52
C MET C 463 38.24 -74.23 -48.48
N TYR C 464 37.86 -75.08 -49.42
CA TYR C 464 36.50 -75.62 -49.47
C TYR C 464 36.44 -77.01 -48.85
N GLN C 465 35.52 -77.19 -47.91
CA GLN C 465 35.40 -78.45 -47.19
C GLN C 465 34.00 -79.03 -47.38
N ARG C 466 33.93 -80.20 -48.00
CA ARG C 466 32.64 -80.82 -48.31
C ARG C 466 31.88 -81.25 -47.07
N SER C 467 32.63 -81.73 -46.07
CA SER C 467 32.03 -82.23 -44.84
C SER C 467 32.81 -81.71 -43.65
N CYS C 468 32.10 -81.16 -42.66
CA CYS C 468 32.77 -80.48 -41.56
C CYS C 468 32.27 -80.92 -40.19
N ASP C 469 33.03 -81.79 -39.53
CA ASP C 469 32.79 -82.08 -38.12
C ASP C 469 33.13 -80.83 -37.33
N VAL C 470 32.09 -80.10 -36.93
CA VAL C 470 32.26 -78.78 -36.34
C VAL C 470 32.94 -78.79 -34.98
N GLY C 471 32.47 -79.66 -34.09
CA GLY C 471 33.00 -79.71 -32.74
C GLY C 471 34.42 -80.22 -32.67
N LEU C 472 34.79 -81.10 -33.60
CA LEU C 472 36.04 -81.82 -33.52
C LEU C 472 37.06 -81.43 -34.60
N GLY C 473 36.63 -81.44 -35.85
CA GLY C 473 37.56 -81.28 -36.96
C GLY C 473 37.82 -79.84 -37.41
N VAL C 474 36.77 -79.03 -37.43
CA VAL C 474 36.86 -77.66 -37.97
C VAL C 474 38.00 -76.81 -37.38
N PRO C 475 38.16 -76.77 -36.05
CA PRO C 475 39.26 -75.93 -35.54
C PRO C 475 40.62 -76.40 -36.05
N PHE C 476 40.79 -77.72 -36.05
CA PHE C 476 41.97 -78.38 -36.56
C PHE C 476 42.24 -78.00 -38.01
N ASN C 477 41.20 -78.00 -38.83
CA ASN C 477 41.34 -77.61 -40.23
C ASN C 477 41.74 -76.15 -40.39
N ILE C 478 41.06 -75.27 -39.65
CA ILE C 478 41.39 -73.86 -39.60
C ILE C 478 42.88 -73.67 -39.34
N ALA C 479 43.33 -74.23 -38.22
CA ALA C 479 44.75 -74.18 -37.86
C ALA C 479 45.63 -74.71 -38.98
N SER C 480 45.21 -75.82 -39.56
CA SER C 480 45.99 -76.49 -40.59
C SER C 480 46.24 -75.62 -41.81
N TYR C 481 45.17 -75.14 -42.43
CA TYR C 481 45.34 -74.36 -43.66
C TYR C 481 45.83 -72.95 -43.39
N SER C 482 45.62 -72.44 -42.17
CA SER C 482 46.24 -71.18 -41.79
C SER C 482 47.76 -71.35 -41.73
N LEU C 483 48.20 -72.47 -41.15
CA LEU C 483 49.61 -72.82 -41.12
C LEU C 483 50.18 -72.97 -42.53
N LEU C 484 49.45 -73.68 -43.38
CA LEU C 484 49.84 -73.84 -44.78
C LEU C 484 50.03 -72.47 -45.42
N THR C 485 49.08 -71.56 -45.15
CA THR C 485 49.16 -70.21 -45.66
C THR C 485 50.42 -69.50 -45.19
N LEU C 486 50.74 -69.62 -43.91
CA LEU C 486 51.97 -69.07 -43.37
C LEU C 486 53.19 -69.57 -44.13
N MET C 487 53.30 -70.89 -44.23
CA MET C 487 54.46 -71.52 -44.87
C MET C 487 54.61 -71.09 -46.33
N VAL C 488 53.54 -71.23 -47.10
CA VAL C 488 53.54 -70.79 -48.49
C VAL C 488 53.96 -69.33 -48.61
N ALA C 489 53.38 -68.48 -47.77
CA ALA C 489 53.67 -67.05 -47.78
C ALA C 489 55.15 -66.78 -47.55
N HIS C 490 55.72 -67.44 -46.54
CA HIS C 490 57.15 -67.28 -46.26
C HIS C 490 58.00 -67.74 -47.44
N VAL C 491 57.67 -68.90 -48.00
CA VAL C 491 58.44 -69.47 -49.09
C VAL C 491 58.34 -68.60 -50.36
N CYS C 492 57.26 -67.83 -50.48
CA CYS C 492 57.08 -66.98 -51.66
C CYS C 492 57.34 -65.49 -51.39
N ASN C 493 58.00 -65.19 -50.27
CA ASN C 493 58.27 -63.81 -49.86
C ASN C 493 57.02 -62.94 -49.83
N LEU C 494 55.94 -63.46 -49.26
CA LEU C 494 54.69 -62.73 -49.17
C LEU C 494 54.26 -62.55 -47.72
N LYS C 495 53.26 -61.71 -47.50
CA LYS C 495 52.74 -61.49 -46.16
C LYS C 495 51.41 -62.22 -45.97
N PRO C 496 51.34 -63.09 -44.95
CA PRO C 496 50.07 -63.77 -44.65
C PRO C 496 48.99 -62.79 -44.25
N LYS C 497 47.85 -62.84 -44.94
CA LYS C 497 46.78 -61.87 -44.72
C LYS C 497 45.53 -62.51 -44.14
N GLU C 498 45.09 -63.62 -44.74
CA GLU C 498 43.76 -64.12 -44.44
C GLU C 498 43.53 -65.57 -44.87
N PHE C 499 42.99 -66.38 -43.97
CA PHE C 499 42.51 -67.71 -44.35
C PHE C 499 40.98 -67.68 -44.43
N ILE C 500 40.44 -68.21 -45.51
CA ILE C 500 39.00 -68.17 -45.70
C ILE C 500 38.40 -69.58 -45.76
N HIS C 501 37.45 -69.84 -44.89
CA HIS C 501 36.86 -71.17 -44.75
C HIS C 501 35.49 -71.27 -45.41
N PHE C 502 35.43 -72.05 -46.49
CA PHE C 502 34.18 -72.35 -47.18
C PHE C 502 33.74 -73.77 -46.86
N MET C 503 32.53 -73.90 -46.32
CA MET C 503 32.06 -75.17 -45.77
C MET C 503 30.78 -75.65 -46.44
N GLY C 504 30.78 -76.92 -46.85
CA GLY C 504 29.61 -77.51 -47.50
C GLY C 504 28.64 -78.08 -46.49
N ASN C 505 28.67 -79.39 -46.32
CA ASN C 505 27.86 -80.04 -45.29
C ASN C 505 28.44 -79.74 -43.91
N THR C 506 27.86 -78.76 -43.22
CA THR C 506 28.38 -78.31 -41.93
C THR C 506 27.53 -78.86 -40.79
N HIS C 507 28.11 -79.76 -40.01
CA HIS C 507 27.32 -80.54 -39.06
C HIS C 507 27.99 -80.74 -37.70
N VAL C 508 27.17 -80.94 -36.67
CA VAL C 508 27.67 -81.40 -35.38
C VAL C 508 27.05 -82.77 -35.07
N TYR C 509 27.80 -83.61 -34.39
CA TYR C 509 27.29 -84.94 -34.03
C TYR C 509 26.46 -84.84 -32.76
N THR C 510 25.42 -85.65 -32.69
CA THR C 510 24.47 -85.59 -31.57
C THR C 510 25.11 -85.95 -30.24
N ASN C 511 26.21 -86.69 -30.27
CA ASN C 511 26.94 -87.01 -29.04
C ASN C 511 28.00 -85.97 -28.72
N HIS C 512 27.81 -84.76 -29.26
CA HIS C 512 28.71 -83.64 -29.02
C HIS C 512 27.98 -82.42 -28.46
N VAL C 513 26.65 -82.43 -28.60
CA VAL C 513 25.83 -81.25 -28.33
C VAL C 513 25.99 -80.71 -26.90
N GLU C 514 26.01 -81.63 -25.94
N GLU C 514 26.00 -81.63 -25.92
CA GLU C 514 26.20 -81.28 -24.54
CA GLU C 514 26.18 -81.24 -24.52
C GLU C 514 27.52 -80.57 -24.33
C GLU C 514 27.54 -80.56 -24.31
N ALA C 515 28.58 -81.20 -24.84
CA ALA C 515 29.94 -80.67 -24.71
C ALA C 515 30.09 -79.31 -25.39
N LEU C 516 29.41 -79.13 -26.51
CA LEU C 516 29.47 -77.86 -27.24
C LEU C 516 28.73 -76.78 -26.46
N LYS C 517 27.60 -77.16 -25.89
CA LYS C 517 26.85 -76.25 -25.03
C LYS C 517 27.71 -75.82 -23.85
N GLU C 518 28.52 -76.74 -23.37
CA GLU C 518 29.49 -76.44 -22.33
C GLU C 518 30.51 -75.43 -22.86
N GLN C 519 31.00 -75.69 -24.07
CA GLN C 519 32.05 -74.91 -24.71
C GLN C 519 31.61 -73.48 -24.99
N LEU C 520 30.31 -73.29 -25.15
CA LEU C 520 29.79 -71.97 -25.51
C LEU C 520 29.69 -71.04 -24.29
N ARG C 521 29.79 -71.60 -23.09
CA ARG C 521 29.76 -70.78 -21.89
C ARG C 521 31.11 -70.08 -21.68
N ARG C 522 32.13 -70.59 -22.37
CA ARG C 522 33.47 -70.03 -22.28
C ARG C 522 33.64 -68.86 -23.24
N GLU C 523 34.26 -67.79 -22.76
CA GLU C 523 34.64 -66.68 -23.63
C GLU C 523 36.06 -66.89 -24.14
N PRO C 524 36.31 -66.57 -25.41
CA PRO C 524 37.60 -66.83 -26.05
C PRO C 524 38.74 -66.01 -25.47
N ARG C 525 39.97 -66.46 -25.73
CA ARG C 525 41.16 -65.77 -25.26
C ARG C 525 41.93 -65.21 -26.45
N PRO C 526 42.88 -64.29 -26.21
CA PRO C 526 43.68 -63.78 -27.34
C PRO C 526 44.36 -64.89 -28.13
N PHE C 527 44.24 -64.81 -29.46
CA PHE C 527 44.91 -65.76 -30.34
C PHE C 527 46.41 -65.69 -30.12
N PRO C 528 47.09 -66.84 -30.24
CA PRO C 528 48.55 -66.85 -30.12
C PRO C 528 49.22 -66.36 -31.40
N ILE C 529 50.55 -66.32 -31.39
CA ILE C 529 51.33 -66.01 -32.58
C ILE C 529 52.13 -67.24 -32.96
N VAL C 530 52.06 -67.63 -34.23
CA VAL C 530 52.88 -68.73 -34.72
C VAL C 530 54.10 -68.19 -35.45
N ASN C 531 55.27 -68.37 -34.85
CA ASN C 531 56.52 -67.91 -35.44
C ASN C 531 57.25 -69.01 -36.18
N ILE C 532 57.76 -68.68 -37.36
CA ILE C 532 58.60 -69.58 -38.12
C ILE C 532 60.07 -69.34 -37.75
N LEU C 533 60.67 -70.33 -37.10
CA LEU C 533 62.08 -70.24 -36.75
C LEU C 533 62.93 -70.63 -37.96
N ASN C 534 64.20 -70.24 -37.93
CA ASN C 534 65.17 -70.65 -38.95
C ASN C 534 64.79 -70.26 -40.38
N LYS C 535 64.14 -69.10 -40.51
CA LYS C 535 63.70 -68.62 -41.82
C LYS C 535 64.81 -68.65 -42.88
N GLU C 536 66.01 -68.20 -42.49
CA GLU C 536 67.14 -68.11 -43.41
C GLU C 536 67.50 -69.46 -44.02
N ARG C 537 67.17 -70.54 -43.31
CA ARG C 537 67.46 -71.89 -43.81
C ARG C 537 66.37 -72.37 -44.76
N ILE C 538 65.15 -71.87 -44.55
CA ILE C 538 64.00 -72.35 -45.28
C ILE C 538 63.73 -71.54 -46.54
N LYS C 539 63.96 -72.17 -47.69
CA LYS C 539 63.79 -71.51 -48.98
C LYS C 539 62.71 -72.18 -49.83
N GLU C 540 62.44 -73.46 -49.55
CA GLU C 540 61.40 -74.18 -50.27
C GLU C 540 60.42 -74.85 -49.31
N ILE C 541 59.26 -75.23 -49.83
CA ILE C 541 58.18 -75.76 -49.00
C ILE C 541 58.57 -77.08 -48.33
N ASP C 542 59.48 -77.82 -48.94
CA ASP C 542 59.91 -79.10 -48.41
C ASP C 542 61.00 -78.95 -47.36
N ASP C 543 61.48 -77.72 -47.16
CA ASP C 543 62.57 -77.47 -46.22
C ASP C 543 62.10 -77.43 -44.76
N PHE C 544 60.82 -77.13 -44.56
CA PHE C 544 60.24 -77.08 -43.21
C PHE C 544 60.37 -78.40 -42.48
N THR C 545 60.63 -78.33 -41.18
CA THR C 545 60.63 -79.52 -40.33
C THR C 545 59.74 -79.30 -39.12
N ALA C 546 59.70 -80.27 -38.21
CA ALA C 546 58.80 -80.22 -37.07
C ALA C 546 59.25 -79.21 -36.02
N GLU C 547 60.54 -78.83 -36.06
CA GLU C 547 61.10 -77.94 -35.06
C GLU C 547 61.26 -76.51 -35.55
N ASP C 548 60.73 -76.23 -36.72
CA ASP C 548 60.89 -74.90 -37.31
C ASP C 548 59.72 -73.99 -36.98
N PHE C 549 58.99 -74.32 -35.91
CA PHE C 549 57.82 -73.55 -35.54
C PHE C 549 57.77 -73.24 -34.04
N GLU C 550 56.98 -72.24 -33.68
CA GLU C 550 56.90 -71.78 -32.29
C GLU C 550 55.56 -71.12 -31.99
N VAL C 551 54.73 -71.79 -31.18
CA VAL C 551 53.47 -71.19 -30.74
C VAL C 551 53.72 -70.32 -29.52
N VAL C 552 53.18 -69.10 -29.55
CA VAL C 552 53.53 -68.10 -28.55
C VAL C 552 52.31 -67.37 -28.01
N GLY C 553 52.10 -67.46 -26.70
CA GLY C 553 51.00 -66.77 -26.05
C GLY C 553 49.69 -67.54 -26.15
N TYR C 554 49.79 -68.85 -26.30
CA TYR C 554 48.60 -69.69 -26.37
C TYR C 554 48.07 -69.98 -24.98
N VAL C 555 46.94 -69.38 -24.64
CA VAL C 555 46.30 -69.59 -23.34
C VAL C 555 44.87 -70.08 -23.52
N PRO C 556 44.69 -71.36 -23.89
CA PRO C 556 43.35 -71.90 -24.15
C PRO C 556 42.64 -72.39 -22.90
N HIS C 557 41.36 -72.71 -23.03
CA HIS C 557 40.63 -73.36 -21.95
C HIS C 557 40.97 -74.85 -21.93
N GLY C 558 40.42 -75.57 -20.96
CA GLY C 558 40.70 -76.99 -20.82
C GLY C 558 40.21 -77.79 -22.02
N ARG C 559 40.75 -78.99 -22.18
CA ARG C 559 40.32 -79.88 -23.24
C ARG C 559 38.90 -80.36 -23.00
N ILE C 560 38.17 -80.63 -24.08
CA ILE C 560 36.84 -81.19 -24.00
C ILE C 560 36.79 -82.54 -24.70
N GLN C 561 36.47 -83.59 -23.93
CA GLN C 561 36.41 -84.93 -24.48
C GLN C 561 35.25 -85.10 -25.45
N MET C 562 35.58 -85.34 -26.71
CA MET C 562 34.58 -85.62 -27.74
C MET C 562 35.04 -86.76 -28.62
N GLU C 563 34.32 -87.88 -28.54
CA GLU C 563 34.68 -89.07 -29.29
C GLU C 563 34.47 -88.89 -30.79
N MET C 564 35.32 -89.54 -31.58
CA MET C 564 35.24 -89.46 -33.03
C MET C 564 34.14 -90.36 -33.57
N ALA C 565 33.26 -89.79 -34.38
CA ALA C 565 32.28 -90.59 -35.11
C ALA C 565 33.03 -91.47 -36.11
N VAL C 566 33.05 -92.77 -35.81
CA VAL C 566 33.90 -93.74 -36.49
C VAL C 566 33.56 -93.96 -37.97
N LYS D 3 -2.96 -35.53 -42.07
CA LYS D 3 -3.97 -36.30 -42.80
C LYS D 3 -3.37 -37.12 -43.94
N PRO D 4 -2.45 -38.05 -43.63
CA PRO D 4 -1.80 -38.82 -44.70
C PRO D 4 -2.70 -39.93 -45.26
N VAL D 5 -2.46 -40.30 -46.51
CA VAL D 5 -3.23 -41.35 -47.19
C VAL D 5 -2.29 -42.36 -47.86
N CYS D 6 -2.65 -43.63 -47.80
CA CYS D 6 -1.85 -44.67 -48.45
C CYS D 6 -2.69 -45.52 -49.41
N LEU D 7 -2.15 -45.79 -50.59
CA LEU D 7 -2.83 -46.63 -51.57
C LEU D 7 -2.32 -48.07 -51.50
N VAL D 8 -3.25 -49.03 -51.41
CA VAL D 8 -2.88 -50.44 -51.38
C VAL D 8 -3.38 -51.13 -52.65
N VAL D 9 -2.43 -51.64 -53.44
CA VAL D 9 -2.74 -52.16 -54.78
C VAL D 9 -2.01 -53.46 -55.11
N ALA D 10 -2.54 -54.17 -56.10
CA ALA D 10 -1.88 -55.32 -56.70
C ALA D 10 -2.06 -55.26 -58.22
N MET D 11 -1.00 -54.92 -58.94
CA MET D 11 -1.10 -54.66 -60.37
C MET D 11 -0.08 -55.44 -61.20
N THR D 12 -0.44 -55.70 -62.46
CA THR D 12 0.43 -56.31 -63.44
C THR D 12 1.51 -55.31 -63.89
N PRO D 13 2.48 -55.74 -64.72
CA PRO D 13 3.42 -54.70 -65.19
C PRO D 13 2.76 -53.63 -66.05
N LYS D 14 1.67 -53.97 -66.73
CA LYS D 14 0.94 -53.02 -67.55
C LYS D 14 -0.11 -52.28 -66.72
N ARG D 15 0.09 -52.26 -65.40
CA ARG D 15 -0.77 -51.55 -64.46
C ARG D 15 -2.21 -52.05 -64.44
N GLY D 16 -2.43 -53.28 -64.90
CA GLY D 16 -3.76 -53.86 -64.87
C GLY D 16 -4.14 -54.34 -63.49
N ILE D 17 -5.37 -54.08 -63.07
CA ILE D 17 -5.79 -54.46 -61.71
C ILE D 17 -7.07 -55.27 -61.66
N GLY D 18 -7.82 -55.32 -62.76
CA GLY D 18 -9.09 -56.04 -62.75
C GLY D 18 -9.71 -56.36 -64.09
N ILE D 19 -10.69 -57.25 -64.07
CA ILE D 19 -11.44 -57.61 -65.27
C ILE D 19 -12.77 -58.26 -64.89
N ASN D 20 -13.85 -57.83 -65.55
CA ASN D 20 -15.20 -58.28 -65.23
C ASN D 20 -15.54 -58.11 -63.76
N ASN D 21 -15.17 -56.95 -63.20
CA ASN D 21 -15.37 -56.65 -61.80
C ASN D 21 -14.82 -57.73 -60.87
N GLY D 22 -13.61 -58.20 -61.19
CA GLY D 22 -12.96 -59.23 -60.40
C GLY D 22 -11.45 -59.15 -60.57
N LEU D 23 -10.75 -60.14 -60.03
CA LEU D 23 -9.30 -60.15 -60.10
C LEU D 23 -8.81 -60.88 -61.35
N PRO D 24 -7.77 -60.35 -61.99
CA PRO D 24 -7.20 -60.88 -63.24
C PRO D 24 -6.45 -62.18 -63.03
N TRP D 25 -5.81 -62.31 -61.88
CA TRP D 25 -4.95 -63.44 -61.57
C TRP D 25 -5.58 -64.35 -60.54
N PRO D 26 -5.19 -65.65 -60.53
CA PRO D 26 -5.63 -66.57 -59.50
C PRO D 26 -5.23 -66.13 -58.10
N HIS D 27 -5.76 -66.80 -57.09
CA HIS D 27 -5.63 -66.36 -55.70
C HIS D 27 -4.17 -66.19 -55.25
N LEU D 28 -3.85 -65.01 -54.73
CA LEU D 28 -2.52 -64.73 -54.21
C LEU D 28 -2.53 -64.68 -52.68
N THR D 29 -2.33 -65.83 -52.07
CA THR D 29 -2.43 -66.03 -50.63
C THR D 29 -1.57 -65.06 -49.84
N THR D 30 -0.27 -65.03 -50.14
CA THR D 30 0.66 -64.17 -49.42
C THR D 30 0.30 -62.70 -49.60
N ASP D 31 -0.20 -62.37 -50.79
CA ASP D 31 -0.64 -61.01 -51.07
C ASP D 31 -1.81 -60.65 -50.18
N PHE D 32 -2.71 -61.59 -49.96
CA PHE D 32 -3.84 -61.33 -49.06
C PHE D 32 -3.40 -61.21 -47.61
N LYS D 33 -2.49 -62.09 -47.19
CA LYS D 33 -1.91 -62.01 -45.85
C LYS D 33 -1.20 -60.68 -45.65
N HIS D 34 -0.71 -60.11 -46.75
CA HIS D 34 -0.01 -58.83 -46.74
C HIS D 34 -0.99 -57.67 -46.62
N PHE D 35 -2.05 -57.73 -47.41
CA PHE D 35 -3.14 -56.75 -47.37
C PHE D 35 -3.72 -56.66 -45.97
N SER D 36 -4.11 -57.81 -45.44
CA SER D 36 -4.76 -57.90 -44.13
C SER D 36 -3.87 -57.31 -43.03
N ARG D 37 -2.59 -57.65 -43.07
CA ARG D 37 -1.64 -57.14 -42.07
C ARG D 37 -1.42 -55.65 -42.19
N VAL D 38 -1.10 -55.20 -43.39
CA VAL D 38 -0.85 -53.78 -43.65
C VAL D 38 -2.04 -52.91 -43.23
N THR D 39 -3.24 -53.35 -43.57
CA THR D 39 -4.42 -52.51 -43.35
C THR D 39 -4.86 -52.39 -41.89
N LYS D 40 -4.22 -53.13 -40.97
CA LYS D 40 -4.60 -53.00 -39.57
C LYS D 40 -3.42 -53.01 -38.59
N THR D 41 -3.46 -52.08 -37.64
CA THR D 41 -2.53 -52.05 -36.50
C THR D 41 -3.10 -51.22 -35.36
N PHE D 49 -8.19 -48.16 -34.26
CA PHE D 49 -8.33 -48.97 -35.47
C PHE D 49 -7.99 -48.16 -36.72
N ASN D 50 -7.78 -48.88 -37.83
CA ASN D 50 -7.47 -48.24 -39.11
C ASN D 50 -8.70 -48.09 -40.00
N ALA D 51 -8.56 -47.32 -41.07
CA ALA D 51 -9.68 -47.08 -41.97
C ALA D 51 -9.36 -47.49 -43.41
N VAL D 52 -10.32 -48.14 -44.05
CA VAL D 52 -10.20 -48.51 -45.45
C VAL D 52 -11.31 -47.86 -46.29
N VAL D 53 -10.94 -47.35 -47.46
CA VAL D 53 -11.89 -46.69 -48.34
C VAL D 53 -11.90 -47.37 -49.70
N MET D 54 -13.10 -47.68 -50.20
CA MET D 54 -13.23 -48.42 -51.44
C MET D 54 -14.35 -47.89 -52.32
N GLY D 55 -14.21 -48.12 -53.63
CA GLY D 55 -15.19 -47.65 -54.60
C GLY D 55 -16.46 -48.48 -54.56
N ARG D 56 -17.44 -48.10 -55.37
CA ARG D 56 -18.72 -48.80 -55.38
C ARG D 56 -18.56 -50.25 -55.82
N LYS D 57 -17.99 -50.44 -57.00
CA LYS D 57 -17.85 -51.78 -57.57
C LYS D 57 -16.87 -52.65 -56.79
N THR D 58 -15.89 -52.02 -56.15
CA THR D 58 -14.89 -52.75 -55.38
C THR D 58 -15.52 -53.47 -54.20
N TRP D 59 -16.50 -52.83 -53.57
CA TRP D 59 -17.24 -53.41 -52.46
C TRP D 59 -18.03 -54.64 -52.93
N GLU D 60 -18.53 -54.56 -54.16
CA GLU D 60 -19.29 -55.66 -54.73
C GLU D 60 -18.38 -56.82 -55.13
N SER D 61 -17.15 -56.50 -55.54
CA SER D 61 -16.19 -57.52 -55.95
C SER D 61 -15.92 -58.52 -54.82
N MET D 62 -15.95 -58.04 -53.59
CA MET D 62 -15.72 -58.89 -52.43
C MET D 62 -16.89 -59.83 -52.17
N PRO D 63 -16.59 -61.10 -51.84
CA PRO D 63 -17.61 -62.03 -51.35
C PRO D 63 -18.28 -61.50 -50.08
N ARG D 64 -19.55 -61.86 -49.88
CA ARG D 64 -20.35 -61.28 -48.79
C ARG D 64 -19.78 -61.58 -47.40
N LYS D 65 -19.21 -62.77 -47.25
CA LYS D 65 -18.68 -63.19 -45.96
C LYS D 65 -17.49 -62.35 -45.52
N PHE D 66 -16.86 -61.69 -46.49
CA PHE D 66 -15.70 -60.84 -46.22
C PHE D 66 -16.03 -59.36 -46.26
N ARG D 67 -17.19 -59.02 -46.82
CA ARG D 67 -17.52 -57.62 -47.16
C ARG D 67 -17.31 -56.64 -46.00
N PRO D 68 -17.88 -56.92 -44.81
CA PRO D 68 -17.43 -56.01 -43.74
C PRO D 68 -16.01 -56.33 -43.31
N LEU D 69 -15.04 -55.65 -43.91
CA LEU D 69 -13.63 -55.85 -43.59
C LEU D 69 -13.38 -55.70 -42.09
N VAL D 70 -13.25 -56.84 -41.41
CA VAL D 70 -13.23 -56.88 -39.95
C VAL D 70 -12.05 -56.12 -39.33
N ASP D 71 -12.33 -55.52 -38.17
CA ASP D 71 -11.34 -54.77 -37.38
C ASP D 71 -10.83 -53.51 -38.08
N ARG D 72 -11.60 -53.01 -39.03
CA ARG D 72 -11.26 -51.76 -39.73
C ARG D 72 -12.52 -51.00 -40.10
N LEU D 73 -12.46 -49.68 -40.02
CA LEU D 73 -13.58 -48.85 -40.44
C LEU D 73 -13.71 -48.94 -41.95
N ASN D 74 -14.93 -49.14 -42.43
CA ASN D 74 -15.15 -49.27 -43.88
C ASN D 74 -15.87 -48.07 -44.48
N ILE D 75 -15.38 -47.59 -45.62
CA ILE D 75 -16.03 -46.49 -46.33
C ILE D 75 -16.18 -46.78 -47.82
N VAL D 76 -17.38 -47.23 -48.21
CA VAL D 76 -17.71 -47.36 -49.62
C VAL D 76 -18.11 -46.00 -50.15
N VAL D 77 -17.71 -45.67 -51.37
CA VAL D 77 -18.11 -44.39 -51.94
C VAL D 77 -18.93 -44.56 -53.21
N SER D 78 -20.07 -43.88 -53.26
CA SER D 78 -20.96 -43.93 -54.42
C SER D 78 -22.06 -42.88 -54.29
N SER D 79 -23.18 -43.14 -54.96
CA SER D 79 -24.33 -42.26 -54.91
C SER D 79 -25.62 -43.06 -55.04
N SER D 80 -25.51 -44.39 -54.99
CA SER D 80 -26.65 -45.25 -55.25
C SER D 80 -26.89 -46.33 -54.19
N LEU D 81 -26.05 -46.38 -53.16
CA LEU D 81 -26.15 -47.46 -52.17
C LEU D 81 -26.61 -47.01 -50.79
N LYS D 82 -26.94 -48.00 -49.96
CA LYS D 82 -27.49 -47.77 -48.62
C LYS D 82 -26.50 -47.00 -47.74
N VAL D 101 -20.55 -44.58 -45.77
CA VAL D 101 -20.84 -44.45 -47.19
C VAL D 101 -20.90 -42.98 -47.61
N CYS D 102 -19.85 -42.52 -48.27
CA CYS D 102 -19.75 -41.12 -48.67
C CYS D 102 -19.96 -40.95 -50.16
N ALA D 103 -20.13 -39.71 -50.60
CA ALA D 103 -20.48 -39.42 -52.00
C ALA D 103 -19.25 -39.15 -52.85
N SER D 104 -18.11 -39.01 -52.21
CA SER D 104 -16.84 -38.81 -52.91
C SER D 104 -15.68 -39.08 -51.96
N LEU D 105 -14.48 -39.14 -52.52
CA LEU D 105 -13.27 -39.33 -51.72
C LEU D 105 -13.00 -38.15 -50.78
N PRO D 106 -13.11 -36.89 -51.28
CA PRO D 106 -12.96 -35.79 -50.33
C PRO D 106 -14.01 -35.84 -49.22
N ALA D 107 -15.23 -36.23 -49.57
CA ALA D 107 -16.29 -36.39 -48.59
C ALA D 107 -15.93 -37.46 -47.56
N ALA D 108 -15.24 -38.50 -48.02
CA ALA D 108 -14.81 -39.58 -47.14
C ALA D 108 -13.76 -39.07 -46.17
N LEU D 109 -12.81 -38.31 -46.70
CA LEU D 109 -11.77 -37.71 -45.87
C LEU D 109 -12.38 -36.79 -44.83
N SER D 110 -13.40 -36.06 -45.24
CA SER D 110 -14.13 -35.17 -44.35
C SER D 110 -14.83 -35.96 -43.25
N LEU D 111 -15.44 -37.08 -43.64
CA LEU D 111 -16.11 -37.96 -42.68
C LEU D 111 -15.10 -38.56 -41.71
N LEU D 112 -13.85 -38.66 -42.16
CA LEU D 112 -12.79 -39.19 -41.33
C LEU D 112 -12.24 -38.13 -40.40
N GLU D 113 -12.33 -36.87 -40.81
CA GLU D 113 -11.80 -35.77 -40.02
C GLU D 113 -12.78 -35.29 -38.94
N GLU D 114 -14.02 -35.02 -39.36
CA GLU D 114 -15.06 -34.56 -38.45
C GLU D 114 -15.23 -35.54 -37.28
N GLU D 115 -15.85 -36.68 -37.55
CA GLU D 115 -15.92 -37.74 -36.57
C GLU D 115 -14.75 -38.68 -36.76
N TYR D 116 -14.65 -39.68 -35.88
CA TYR D 116 -13.53 -40.63 -35.88
C TYR D 116 -12.17 -39.97 -35.67
N LYS D 117 -12.15 -38.67 -35.37
CA LYS D 117 -10.89 -37.94 -35.23
C LYS D 117 -9.98 -38.62 -34.22
N ASP D 118 -10.60 -39.18 -33.19
CA ASP D 118 -9.91 -40.07 -32.27
C ASP D 118 -10.17 -41.51 -32.72
N SER D 119 -9.20 -42.38 -32.42
CA SER D 119 -9.19 -43.83 -32.73
C SER D 119 -8.62 -44.16 -34.11
N VAL D 120 -8.96 -43.41 -35.15
CA VAL D 120 -8.44 -43.73 -36.46
C VAL D 120 -6.95 -43.40 -36.51
N ASP D 121 -6.16 -44.37 -36.94
CA ASP D 121 -4.71 -44.22 -36.99
C ASP D 121 -4.30 -43.62 -38.33
N GLN D 122 -4.21 -44.48 -39.33
CA GLN D 122 -3.94 -44.06 -40.70
C GLN D 122 -5.03 -44.62 -41.60
N ILE D 123 -5.21 -44.02 -42.77
CA ILE D 123 -6.26 -44.48 -43.68
C ILE D 123 -5.68 -45.22 -44.86
N PHE D 124 -6.55 -45.93 -45.58
CA PHE D 124 -6.15 -46.66 -46.77
C PHE D 124 -7.18 -46.56 -47.88
N VAL D 125 -6.72 -46.62 -49.13
CA VAL D 125 -7.62 -46.68 -50.27
C VAL D 125 -7.35 -47.95 -51.07
N VAL D 126 -8.38 -48.79 -51.20
CA VAL D 126 -8.19 -50.12 -51.78
C VAL D 126 -9.14 -50.37 -52.97
N GLY D 128 -10.95 -49.18 -55.70
CA GLY D 128 -10.52 -49.57 -57.04
C GLY D 128 -10.09 -48.39 -57.87
N ALA D 129 -9.95 -48.59 -59.17
CA ALA D 129 -9.53 -47.54 -60.08
C ALA D 129 -10.57 -46.43 -60.12
N GLY D 130 -10.13 -45.21 -60.42
CA GLY D 130 -11.01 -44.07 -60.34
C GLY D 130 -10.93 -43.46 -58.95
N LEU D 131 -10.99 -44.30 -57.93
CA LEU D 131 -10.73 -43.86 -56.58
C LEU D 131 -9.24 -43.59 -56.47
N TYR D 132 -8.46 -44.46 -57.09
CA TYR D 132 -7.00 -44.28 -57.18
C TYR D 132 -6.65 -43.01 -57.92
N GLU D 133 -7.25 -42.81 -59.10
CA GLU D 133 -6.94 -41.65 -59.91
C GLU D 133 -7.45 -40.38 -59.25
N ALA D 134 -8.50 -40.51 -58.43
CA ALA D 134 -9.00 -39.39 -57.66
C ALA D 134 -8.00 -39.02 -56.60
N ALA D 135 -7.51 -40.04 -55.91
CA ALA D 135 -6.55 -39.90 -54.82
C ALA D 135 -5.23 -39.32 -55.33
N LEU D 136 -4.93 -39.60 -56.59
CA LEU D 136 -3.71 -39.13 -57.21
C LEU D 136 -3.84 -37.70 -57.74
N SER D 137 -4.95 -37.42 -58.41
CA SER D 137 -5.17 -36.07 -58.95
C SER D 137 -5.40 -35.06 -57.83
N LEU D 138 -5.95 -35.54 -56.72
CA LEU D 138 -6.15 -34.70 -55.53
C LEU D 138 -4.88 -34.66 -54.70
N GLY D 139 -3.87 -35.43 -55.14
CA GLY D 139 -2.55 -35.41 -54.54
C GLY D 139 -2.51 -35.59 -53.03
N VAL D 140 -3.29 -36.55 -52.52
CA VAL D 140 -3.38 -36.78 -51.09
C VAL D 140 -2.68 -38.07 -50.66
N ALA D 141 -2.23 -38.85 -51.64
CA ALA D 141 -1.56 -40.12 -51.36
C ALA D 141 -0.06 -39.93 -51.15
N SER D 142 0.41 -40.13 -49.93
CA SER D 142 1.81 -39.93 -49.61
C SER D 142 2.63 -41.19 -49.90
N HIS D 143 2.02 -42.35 -49.72
CA HIS D 143 2.69 -43.63 -49.90
C HIS D 143 1.90 -44.57 -50.81
N LEU D 144 2.61 -45.49 -51.46
CA LEU D 144 1.99 -46.51 -52.31
C LEU D 144 2.43 -47.91 -51.90
N TYR D 145 1.50 -48.71 -51.41
CA TYR D 145 1.77 -50.12 -51.13
C TYR D 145 1.40 -50.97 -52.35
N ILE D 146 2.40 -51.32 -53.16
CA ILE D 146 2.14 -51.99 -54.43
C ILE D 146 2.61 -53.44 -54.45
N THR D 147 1.71 -54.34 -54.83
CA THR D 147 2.07 -55.73 -55.07
C THR D 147 2.34 -55.96 -56.55
N ARG D 148 3.61 -56.08 -56.92
CA ARG D 148 3.99 -56.24 -58.31
C ARG D 148 3.77 -57.65 -58.82
N VAL D 149 2.62 -57.86 -59.46
CA VAL D 149 2.38 -59.11 -60.17
C VAL D 149 3.28 -59.16 -61.41
N ALA D 150 4.12 -60.20 -61.50
CA ALA D 150 5.10 -60.27 -62.58
C ALA D 150 4.49 -60.70 -63.91
N ARG D 151 3.46 -61.55 -63.86
CA ARG D 151 2.76 -61.98 -65.06
C ARG D 151 1.75 -60.95 -65.54
N GLU D 152 1.61 -60.83 -66.85
CA GLU D 152 0.52 -60.03 -67.40
C GLU D 152 -0.73 -60.89 -67.51
N PHE D 153 -1.88 -60.25 -67.37
CA PHE D 153 -3.16 -60.93 -67.49
C PHE D 153 -4.12 -60.05 -68.27
N PRO D 154 -5.13 -60.66 -68.90
CA PRO D 154 -6.21 -59.89 -69.53
C PRO D 154 -6.88 -58.96 -68.52
N CYS D 155 -7.02 -57.69 -68.87
CA CYS D 155 -7.61 -56.71 -67.98
C CYS D 155 -8.44 -55.68 -68.73
N ASP D 156 -9.44 -55.11 -68.06
CA ASP D 156 -10.21 -54.02 -68.63
C ASP D 156 -10.23 -52.82 -67.68
N VAL D 157 -9.50 -52.92 -66.58
CA VAL D 157 -9.40 -51.84 -65.61
C VAL D 157 -7.96 -51.70 -65.13
N PHE D 158 -7.41 -50.49 -65.29
CA PHE D 158 -5.99 -50.27 -65.02
C PHE D 158 -5.72 -49.21 -63.97
N PHE D 159 -4.59 -49.35 -63.28
CA PHE D 159 -4.10 -48.34 -62.36
C PHE D 159 -3.49 -47.19 -63.16
N PRO D 160 -3.80 -45.94 -62.76
CA PRO D 160 -3.35 -44.74 -63.47
C PRO D 160 -1.83 -44.65 -63.60
N ALA D 161 -1.34 -44.16 -64.74
CA ALA D 161 0.08 -43.92 -64.93
C ALA D 161 0.54 -42.83 -63.98
N PHE D 162 1.76 -42.95 -63.48
CA PHE D 162 2.27 -42.01 -62.49
C PHE D 162 3.79 -41.94 -62.52
N PRO D 163 4.35 -40.81 -62.05
CA PRO D 163 5.82 -40.70 -61.93
C PRO D 163 6.39 -41.74 -60.97
N GLY D 164 7.23 -42.62 -61.48
CA GLY D 164 7.74 -43.74 -60.70
C GLY D 164 7.34 -45.03 -61.38
N ASP D 165 6.54 -44.89 -62.43
CA ASP D 165 6.05 -46.02 -63.22
C ASP D 165 7.17 -46.97 -63.62
N ASP D 166 8.39 -46.44 -63.66
CA ASP D 166 9.60 -47.21 -63.97
C ASP D 166 9.74 -48.48 -63.13
N ILE D 167 9.04 -48.54 -61.99
CA ILE D 167 9.17 -49.69 -61.09
C ILE D 167 8.36 -50.90 -61.57
N LEU D 168 7.46 -50.68 -62.52
CA LEU D 168 6.65 -51.78 -63.04
C LEU D 168 7.24 -52.40 -64.29
N SER D 169 7.62 -51.57 -65.25
CA SER D 169 8.31 -52.04 -66.46
C SER D 169 9.06 -50.89 -67.11
N ASN D 170 9.61 -51.14 -68.30
CA ASN D 170 10.51 -50.19 -68.94
C ASN D 170 9.82 -49.04 -69.68
N LYS D 171 8.56 -48.77 -69.32
CA LYS D 171 7.77 -47.73 -69.95
C LYS D 171 8.52 -46.41 -70.04
N GLU D 180 8.53 -31.07 -59.52
CA GLU D 180 7.71 -32.15 -60.05
C GLU D 180 7.66 -33.33 -59.08
N ALA D 181 6.47 -33.66 -58.61
CA ALA D 181 6.29 -34.74 -57.64
C ALA D 181 6.50 -36.11 -58.28
N THR D 182 7.13 -37.01 -57.54
CA THR D 182 7.41 -38.36 -58.02
C THR D 182 7.46 -39.36 -56.88
N TYR D 183 7.18 -40.62 -57.19
CA TYR D 183 7.13 -41.68 -56.19
C TYR D 183 8.37 -42.55 -56.21
N ARG D 184 9.23 -42.35 -55.22
CA ARG D 184 10.46 -43.14 -55.10
C ARG D 184 10.24 -44.34 -54.19
N PRO D 185 10.73 -45.51 -54.60
CA PRO D 185 10.63 -46.73 -53.79
C PRO D 185 11.57 -46.70 -52.59
N ILE D 186 11.17 -47.39 -51.52
CA ILE D 186 11.89 -47.33 -50.26
C ILE D 186 11.97 -48.74 -49.66
N PHE D 187 11.10 -49.60 -50.18
CA PHE D 187 10.93 -50.97 -49.71
C PHE D 187 10.80 -51.87 -50.93
N ILE D 188 11.67 -52.87 -51.05
CA ILE D 188 11.53 -53.87 -52.10
C ILE D 188 11.76 -55.25 -51.52
N SER D 189 10.77 -56.14 -51.65
CA SER D 189 10.77 -57.42 -50.95
C SER D 189 11.30 -58.59 -51.76
N LYS D 190 11.44 -59.73 -51.09
CA LYS D 190 11.75 -61.00 -51.73
C LYS D 190 10.62 -61.36 -52.69
N THR D 191 10.92 -62.14 -53.72
CA THR D 191 9.90 -62.57 -54.67
C THR D 191 9.10 -63.76 -54.13
N PHE D 192 7.78 -63.60 -54.06
CA PHE D 192 6.91 -64.68 -53.61
C PHE D 192 6.19 -65.29 -54.81
N SER D 193 5.47 -66.38 -54.60
CA SER D 193 4.74 -67.01 -55.69
C SER D 193 3.55 -67.82 -55.20
N ASP D 194 2.42 -67.67 -55.88
CA ASP D 194 1.25 -68.50 -55.62
C ASP D 194 0.53 -68.83 -56.92
N ASN D 195 0.19 -70.10 -57.08
CA ASN D 195 -0.54 -70.60 -58.24
C ASN D 195 0.16 -70.27 -59.56
N GLY D 196 1.49 -70.28 -59.55
CA GLY D 196 2.26 -70.02 -60.75
C GLY D 196 2.37 -68.54 -61.07
N VAL D 197 2.01 -67.71 -60.08
CA VAL D 197 2.13 -66.27 -60.22
C VAL D 197 3.18 -65.73 -59.26
N PRO D 198 4.29 -65.21 -59.82
CA PRO D 198 5.34 -64.55 -59.04
C PRO D 198 4.99 -63.10 -58.76
N TYR D 199 5.22 -62.63 -57.54
CA TYR D 199 4.99 -61.22 -57.26
C TYR D 199 5.90 -60.61 -56.20
N ASP D 200 5.88 -59.29 -56.14
CA ASP D 200 6.74 -58.52 -55.26
C ASP D 200 5.94 -57.60 -54.35
N PHE D 201 6.60 -57.07 -53.32
CA PHE D 201 6.00 -56.05 -52.48
C PHE D 201 6.89 -54.83 -52.42
N VAL D 202 6.38 -53.69 -52.90
CA VAL D 202 7.13 -52.45 -52.81
C VAL D 202 6.33 -51.37 -52.12
N VAL D 203 7.05 -50.44 -51.49
CA VAL D 203 6.43 -49.26 -50.90
C VAL D 203 7.08 -48.01 -51.47
N LEU D 204 6.27 -47.13 -52.01
CA LEU D 204 6.75 -45.90 -52.62
C LEU D 204 6.34 -44.71 -51.77
N GLU D 205 7.07 -43.61 -51.88
CA GLU D 205 6.70 -42.38 -51.19
C GLU D 205 6.86 -41.17 -52.10
N LYS D 206 6.08 -40.12 -51.85
CA LYS D 206 6.22 -38.88 -52.59
C LYS D 206 7.48 -38.13 -52.20
N ARG D 207 8.23 -37.67 -53.21
CA ARG D 207 9.45 -36.90 -52.97
C ARG D 207 9.58 -35.74 -53.94
N SER D 241 24.57 -47.35 -20.23
CA SER D 241 25.65 -47.57 -19.28
C SER D 241 26.83 -48.30 -19.91
N SER D 242 26.57 -49.51 -20.40
CA SER D 242 27.63 -50.33 -21.00
C SER D 242 27.98 -49.84 -22.40
N ALA D 243 27.01 -49.30 -23.11
CA ALA D 243 27.24 -48.76 -24.44
C ALA D 243 28.19 -47.56 -24.37
N ALA D 244 28.04 -46.79 -23.28
CA ALA D 244 28.88 -45.63 -23.06
C ALA D 244 30.31 -46.03 -22.72
N ALA D 245 30.43 -47.11 -21.95
CA ALA D 245 31.75 -47.63 -21.58
C ALA D 245 32.45 -48.22 -22.81
N ILE D 246 31.67 -48.82 -23.69
CA ILE D 246 32.21 -49.49 -24.87
C ILE D 246 32.60 -48.49 -25.94
N ALA D 247 31.80 -47.44 -26.08
CA ALA D 247 31.92 -46.45 -27.15
C ALA D 247 33.34 -45.92 -27.44
N PRO D 248 34.08 -45.46 -26.42
CA PRO D 248 35.37 -44.84 -26.76
C PRO D 248 36.41 -45.81 -27.30
N VAL D 249 36.16 -47.11 -27.19
CA VAL D 249 37.07 -48.10 -27.74
C VAL D 249 36.75 -48.37 -29.20
N LEU D 250 35.46 -48.56 -29.47
CA LEU D 250 34.94 -48.64 -30.83
C LEU D 250 35.37 -47.42 -31.62
N ALA D 251 35.45 -46.27 -30.94
CA ALA D 251 35.86 -45.03 -31.57
C ALA D 251 37.24 -45.15 -32.21
N TRP D 252 38.26 -45.40 -31.39
CA TRP D 252 39.63 -45.47 -31.89
C TRP D 252 39.84 -46.69 -32.77
N MET D 253 39.06 -47.75 -32.54
CA MET D 253 39.17 -48.93 -33.38
C MET D 253 38.64 -48.68 -34.79
N ASP D 254 37.64 -47.80 -34.89
CA ASP D 254 37.05 -47.47 -36.19
C ASP D 254 37.87 -46.41 -36.91
N GLU D 255 38.31 -45.39 -36.16
CA GLU D 255 39.04 -44.22 -36.68
C GLU D 255 39.88 -44.50 -37.92
N GLU D 256 40.90 -45.32 -37.76
CA GLU D 256 41.75 -45.71 -38.88
C GLU D 256 41.45 -47.15 -39.30
N ASP D 257 40.93 -47.33 -40.51
CA ASP D 257 40.67 -46.21 -41.42
C ASP D 257 39.20 -45.81 -41.38
N LYS D 264 36.61 -43.04 -51.84
CA LYS D 264 36.44 -41.74 -51.19
C LYS D 264 34.96 -41.41 -51.03
N GLU D 265 34.22 -41.56 -52.12
CA GLU D 265 32.76 -41.45 -52.09
C GLU D 265 32.13 -42.78 -52.46
N LEU D 266 31.63 -43.48 -51.45
CA LEU D 266 31.08 -44.82 -51.60
C LEU D 266 29.89 -44.84 -52.54
N ILE D 267 29.98 -45.63 -53.60
CA ILE D 267 28.84 -45.84 -54.48
C ILE D 267 27.93 -46.89 -53.83
N ARG D 268 26.64 -46.83 -54.12
CA ARG D 268 25.69 -47.73 -53.49
C ARG D 268 24.46 -47.96 -54.38
N ALA D 269 24.01 -49.21 -54.41
CA ALA D 269 22.83 -49.57 -55.18
C ALA D 269 21.59 -48.89 -54.64
N VAL D 270 20.90 -48.15 -55.50
CA VAL D 270 19.68 -47.40 -55.20
C VAL D 270 19.50 -47.05 -53.72
N PRO D 271 20.30 -46.10 -53.21
CA PRO D 271 20.38 -45.76 -51.78
C PRO D 271 19.06 -45.27 -51.18
N HIS D 272 18.10 -44.92 -52.01
CA HIS D 272 16.80 -44.46 -51.52
C HIS D 272 15.96 -45.64 -51.01
N VAL D 273 16.35 -46.85 -51.36
CA VAL D 273 15.65 -48.04 -50.89
C VAL D 273 16.28 -48.53 -49.60
N HIS D 274 15.59 -48.26 -48.48
CA HIS D 274 16.11 -48.64 -47.16
C HIS D 274 15.85 -50.11 -46.84
N PHE D 275 14.65 -50.59 -47.10
CA PHE D 275 14.34 -51.99 -46.81
C PHE D 275 14.50 -52.86 -48.05
N ARG D 276 15.65 -53.53 -48.12
CA ARG D 276 16.09 -54.21 -49.34
C ARG D 276 15.97 -55.72 -49.24
N GLY D 277 14.75 -56.23 -49.37
CA GLY D 277 14.49 -57.65 -49.23
C GLY D 277 14.76 -58.47 -50.48
N HIS D 278 14.85 -57.80 -51.62
CA HIS D 278 15.11 -58.50 -52.88
C HIS D 278 16.48 -59.17 -52.84
N GLU D 279 16.57 -60.37 -53.39
CA GLU D 279 17.80 -61.15 -53.32
C GLU D 279 18.82 -60.70 -54.37
N GLU D 280 18.41 -59.83 -55.28
CA GLU D 280 19.31 -59.27 -56.30
C GLU D 280 20.21 -58.21 -55.69
N PHE D 281 19.77 -57.66 -54.55
CA PHE D 281 20.56 -56.71 -53.78
C PHE D 281 21.86 -57.35 -53.31
N GLN D 282 21.89 -58.68 -53.25
CA GLN D 282 23.12 -59.39 -52.98
C GLN D 282 24.14 -59.07 -54.07
N TYR D 283 23.70 -59.22 -55.32
CA TYR D 283 24.54 -58.97 -56.48
C TYR D 283 24.93 -57.50 -56.59
N LEU D 284 23.94 -56.62 -56.46
CA LEU D 284 24.21 -55.19 -56.55
C LEU D 284 25.21 -54.74 -55.46
N ASP D 285 24.96 -55.15 -54.23
CA ASP D 285 25.85 -54.82 -53.12
C ASP D 285 27.22 -55.47 -53.29
N LEU D 286 27.27 -56.59 -54.02
CA LEU D 286 28.54 -57.22 -54.33
C LEU D 286 29.33 -56.32 -55.27
N ILE D 287 28.65 -55.82 -56.29
CA ILE D 287 29.27 -54.90 -57.24
C ILE D 287 29.80 -53.66 -56.51
N ALA D 288 28.93 -53.05 -55.71
CA ALA D 288 29.30 -51.86 -54.95
C ALA D 288 30.50 -52.14 -54.03
N ASP D 289 30.45 -53.26 -53.30
CA ASP D 289 31.50 -53.60 -52.35
C ASP D 289 32.83 -53.83 -53.07
N ILE D 290 32.77 -54.40 -54.26
CA ILE D 290 33.97 -54.65 -55.05
C ILE D 290 34.56 -53.34 -55.54
N ILE D 291 33.71 -52.45 -56.06
CA ILE D 291 34.19 -51.18 -56.57
C ILE D 291 34.78 -50.31 -55.45
N ASN D 292 34.12 -50.29 -54.30
CA ASN D 292 34.53 -49.45 -53.18
C ASN D 292 35.71 -50.00 -52.37
N ASN D 293 35.74 -51.31 -52.17
CA ASN D 293 36.72 -51.91 -51.27
C ASN D 293 37.74 -52.84 -51.93
N GLY D 294 37.66 -52.97 -53.25
CA GLY D 294 38.53 -53.88 -53.96
C GLY D 294 39.90 -53.29 -54.25
N ARG D 295 40.81 -54.13 -54.74
CA ARG D 295 42.15 -53.69 -55.12
C ARG D 295 42.28 -53.71 -56.64
N THR D 296 42.88 -52.66 -57.20
CA THR D 296 43.09 -52.61 -58.65
C THR D 296 44.30 -53.46 -59.06
N MET D 297 44.05 -54.46 -59.89
CA MET D 297 45.07 -55.43 -60.26
C MET D 297 45.18 -55.59 -61.78
N ASP D 298 46.21 -56.32 -62.21
CA ASP D 298 46.35 -56.73 -63.60
C ASP D 298 45.81 -58.14 -63.77
N ASP D 299 45.86 -58.67 -64.99
CA ASP D 299 45.41 -60.03 -65.25
C ASP D 299 45.86 -60.57 -66.60
N ARG D 300 45.41 -61.78 -66.89
CA ARG D 300 45.70 -62.48 -68.14
C ARG D 300 45.41 -61.65 -69.37
N THR D 301 44.27 -60.96 -69.35
CA THR D 301 43.77 -60.23 -70.51
C THR D 301 44.51 -58.93 -70.77
N GLY D 302 45.08 -58.35 -69.72
CA GLY D 302 45.76 -57.07 -69.82
C GLY D 302 44.79 -55.91 -69.73
N VAL D 303 43.53 -56.22 -69.51
CA VAL D 303 42.49 -55.21 -69.39
C VAL D 303 42.56 -54.52 -68.04
N GLY D 304 42.85 -55.29 -66.99
CA GLY D 304 42.94 -54.76 -65.65
C GLY D 304 41.61 -54.86 -64.92
N VAL D 305 41.66 -55.22 -63.63
CA VAL D 305 40.44 -55.45 -62.87
C VAL D 305 40.45 -54.73 -61.52
N ILE D 306 39.31 -54.78 -60.85
CA ILE D 306 39.21 -54.39 -59.44
C ILE D 306 38.68 -55.59 -58.68
N SER D 307 39.51 -56.22 -57.87
CA SER D 307 39.16 -57.53 -57.34
C SER D 307 39.06 -57.60 -55.83
N LYS D 308 38.33 -58.62 -55.37
CA LYS D 308 38.31 -59.04 -53.98
C LYS D 308 38.45 -60.56 -53.95
N PHE D 309 38.63 -61.12 -52.77
CA PHE D 309 38.81 -62.57 -52.66
C PHE D 309 37.90 -63.18 -51.58
N GLY D 310 37.16 -64.21 -51.95
CA GLY D 310 36.25 -64.86 -51.03
C GLY D 310 34.95 -64.10 -50.88
N CYS D 311 33.98 -64.43 -51.73
CA CYS D 311 32.68 -63.76 -51.70
C CYS D 311 31.56 -64.77 -51.77
N THR D 312 30.43 -64.43 -51.15
CA THR D 312 29.34 -65.38 -50.98
C THR D 312 27.99 -64.79 -51.37
N MET D 313 27.22 -65.56 -52.14
CA MET D 313 25.82 -65.24 -52.37
C MET D 313 24.97 -66.49 -52.20
N ARG D 314 23.66 -66.32 -52.01
CA ARG D 314 22.77 -67.47 -52.04
C ARG D 314 21.35 -67.03 -52.43
N TYR D 315 20.75 -67.81 -53.33
CA TYR D 315 19.45 -67.47 -53.90
C TYR D 315 18.43 -68.57 -53.68
N SER D 316 17.28 -68.20 -53.11
CA SER D 316 16.22 -69.16 -52.85
C SER D 316 15.55 -69.63 -54.14
N LEU D 317 15.14 -70.90 -54.17
CA LEU D 317 14.59 -71.50 -55.38
C LEU D 317 13.17 -72.04 -55.24
N ASP D 318 12.54 -71.83 -54.09
CA ASP D 318 11.24 -72.44 -53.82
C ASP D 318 10.08 -71.59 -54.32
N GLN D 319 10.28 -70.28 -54.37
CA GLN D 319 9.22 -69.37 -54.81
C GLN D 319 9.42 -68.95 -56.25
N ALA D 320 10.65 -68.55 -56.59
CA ALA D 320 10.93 -68.06 -57.93
C ALA D 320 12.31 -68.46 -58.42
N PHE D 321 12.69 -67.96 -59.59
CA PHE D 321 13.99 -68.26 -60.18
C PHE D 321 14.84 -66.99 -60.26
N PRO D 322 16.09 -67.08 -59.81
CA PRO D 322 16.97 -65.90 -59.76
C PRO D 322 17.51 -65.52 -61.13
N LEU D 323 16.62 -65.16 -62.05
CA LEU D 323 17.04 -64.59 -63.31
C LEU D 323 17.12 -63.07 -63.15
N LEU D 324 18.35 -62.56 -63.13
CA LEU D 324 18.62 -61.15 -62.80
C LEU D 324 17.78 -60.17 -63.61
N THR D 325 17.30 -59.11 -62.95
CA THR D 325 16.34 -58.20 -63.56
C THR D 325 16.88 -56.80 -63.85
N THR D 326 17.99 -56.42 -63.23
CA THR D 326 18.58 -55.11 -63.47
C THR D 326 19.20 -55.03 -64.87
N LYS D 327 19.36 -56.19 -65.49
CA LYS D 327 19.75 -56.27 -66.89
C LYS D 327 19.22 -57.58 -67.46
N ARG D 328 18.92 -57.60 -68.76
CA ARG D 328 18.41 -58.81 -69.38
C ARG D 328 19.51 -59.86 -69.47
N VAL D 329 19.23 -61.05 -68.91
CA VAL D 329 20.17 -62.15 -68.93
C VAL D 329 19.91 -63.10 -70.09
N PHE D 330 20.97 -63.52 -70.77
CA PHE D 330 20.85 -64.40 -71.93
C PHE D 330 20.38 -65.80 -71.54
N TRP D 331 19.07 -65.93 -71.36
CA TRP D 331 18.48 -67.18 -70.91
C TRP D 331 18.71 -68.35 -71.85
N LYS D 332 18.50 -68.13 -73.14
CA LYS D 332 18.71 -69.19 -74.14
C LYS D 332 20.16 -69.65 -74.10
N GLY D 333 21.08 -68.70 -73.94
CA GLY D 333 22.48 -69.01 -73.78
C GLY D 333 22.72 -69.89 -72.57
N VAL D 334 22.13 -69.50 -71.44
CA VAL D 334 22.24 -70.29 -70.21
C VAL D 334 21.79 -71.74 -70.42
N LEU D 335 20.55 -71.89 -70.86
CA LEU D 335 19.93 -73.18 -71.09
C LEU D 335 20.73 -74.06 -72.05
N GLU D 336 21.00 -73.53 -73.23
CA GLU D 336 21.74 -74.26 -74.26
C GLU D 336 23.14 -74.65 -73.79
N GLU D 337 23.81 -73.74 -73.10
CA GLU D 337 25.15 -74.06 -72.59
C GLU D 337 25.07 -75.16 -71.54
N LEU D 338 24.02 -75.16 -70.73
CA LEU D 338 23.87 -76.19 -69.70
C LEU D 338 23.58 -77.56 -70.31
N LEU D 339 22.67 -77.61 -71.26
CA LEU D 339 22.37 -78.86 -71.96
C LEU D 339 23.63 -79.38 -72.64
N TRP D 340 24.34 -78.45 -73.26
CA TRP D 340 25.66 -78.70 -73.86
C TRP D 340 26.60 -79.37 -72.85
N PHE D 341 26.67 -78.82 -71.65
CA PHE D 341 27.48 -79.41 -70.58
C PHE D 341 27.05 -80.84 -70.31
N ILE D 342 25.75 -81.02 -70.08
CA ILE D 342 25.22 -82.31 -69.67
C ILE D 342 25.45 -83.41 -70.71
N ARG D 343 25.40 -83.05 -72.00
CA ARG D 343 25.66 -84.04 -73.04
C ARG D 343 27.11 -84.50 -73.03
N GLY D 344 27.98 -83.71 -72.42
CA GLY D 344 29.41 -83.99 -72.41
C GLY D 344 30.03 -83.52 -73.71
N ASP D 345 29.40 -82.51 -74.30
CA ASP D 345 29.84 -81.96 -75.58
C ASP D 345 30.99 -80.97 -75.38
N THR D 346 32.00 -81.06 -76.24
CA THR D 346 33.14 -80.14 -76.19
C THR D 346 33.26 -79.35 -77.50
N ASN D 347 32.20 -79.37 -78.30
CA ASN D 347 32.17 -78.65 -79.56
C ASN D 347 31.42 -77.33 -79.41
N ALA D 348 32.13 -76.21 -79.48
CA ALA D 348 31.52 -74.90 -79.28
C ALA D 348 30.74 -74.44 -80.51
N ASN D 349 30.97 -75.10 -81.63
CA ASN D 349 30.26 -74.78 -82.86
C ASN D 349 28.79 -75.18 -82.76
N HIS D 350 28.53 -76.20 -81.95
CA HIS D 350 27.16 -76.63 -81.67
C HIS D 350 26.41 -75.54 -80.92
N LEU D 351 27.16 -74.78 -80.11
CA LEU D 351 26.59 -73.65 -79.40
C LEU D 351 26.43 -72.45 -80.32
N SER D 352 27.43 -72.24 -81.17
CA SER D 352 27.45 -71.10 -82.09
C SER D 352 26.32 -71.18 -83.13
N GLU D 353 26.05 -72.40 -83.58
N GLU D 353 26.02 -72.39 -83.59
CA GLU D 353 25.02 -72.65 -84.59
CA GLU D 353 25.01 -72.57 -84.62
C GLU D 353 23.64 -72.22 -84.08
C GLU D 353 23.59 -72.37 -84.10
N LYS D 354 23.42 -72.38 -82.78
CA LYS D 354 22.13 -72.06 -82.18
C LYS D 354 22.06 -70.60 -81.76
N GLY D 355 23.06 -69.81 -82.13
CA GLY D 355 23.07 -68.40 -81.82
C GLY D 355 23.75 -68.08 -80.51
N VAL D 356 24.18 -69.12 -79.80
CA VAL D 356 24.88 -68.94 -78.54
C VAL D 356 26.39 -68.95 -78.76
N LYS D 357 26.97 -67.76 -78.98
CA LYS D 357 28.40 -67.68 -79.24
C LYS D 357 29.15 -67.05 -78.07
N ILE D 358 28.98 -67.63 -76.89
CA ILE D 358 29.69 -67.16 -75.70
C ILE D 358 31.07 -67.78 -75.63
N TRP D 359 31.34 -68.76 -76.48
CA TRP D 359 32.58 -69.51 -76.42
C TRP D 359 33.55 -69.19 -77.54
N ASP D 360 33.02 -68.58 -78.60
CA ASP D 360 33.78 -68.39 -79.84
C ASP D 360 35.15 -67.74 -79.66
N LYS D 361 35.19 -66.63 -78.92
CA LYS D 361 36.43 -65.88 -78.73
C LYS D 361 37.50 -66.68 -77.98
N ASN D 362 37.12 -67.82 -77.41
CA ASN D 362 38.07 -68.68 -76.70
C ASN D 362 38.34 -69.98 -77.43
N VAL D 363 37.81 -70.10 -78.65
CA VAL D 363 38.05 -71.28 -79.47
C VAL D 363 38.48 -70.92 -80.89
N THR D 364 38.90 -69.67 -81.06
CA THR D 364 39.47 -69.23 -82.33
C THR D 364 40.88 -69.82 -82.50
N ARG D 365 41.33 -69.87 -83.76
CA ARG D 365 42.67 -70.35 -84.08
C ARG D 365 43.74 -69.59 -83.29
N GLU D 366 43.57 -68.28 -83.22
CA GLU D 366 44.53 -67.41 -82.54
C GLU D 366 44.65 -67.75 -81.06
N PHE D 367 43.51 -67.85 -80.38
CA PHE D 367 43.50 -68.15 -78.95
C PHE D 367 43.98 -69.56 -78.67
N LEU D 368 43.56 -70.51 -79.50
CA LEU D 368 44.00 -71.90 -79.37
C LEU D 368 45.51 -71.99 -79.53
N ASP D 369 46.05 -71.18 -80.41
CA ASP D 369 47.49 -71.12 -80.61
C ASP D 369 48.17 -70.45 -79.42
N SER D 370 47.48 -69.49 -78.81
CA SER D 370 48.01 -68.81 -77.63
C SER D 370 48.05 -69.77 -76.45
N ARG D 371 47.16 -70.77 -76.47
CA ARG D 371 47.13 -71.81 -75.45
C ARG D 371 48.03 -72.98 -75.80
N ASN D 372 48.87 -72.78 -76.81
CA ASN D 372 49.78 -73.82 -77.31
C ASN D 372 49.03 -75.08 -77.72
N LEU D 373 47.92 -74.88 -78.45
CA LEU D 373 47.13 -75.99 -78.96
C LEU D 373 46.87 -75.82 -80.46
N PRO D 374 47.92 -75.88 -81.28
CA PRO D 374 47.72 -75.70 -82.72
C PRO D 374 46.98 -76.88 -83.35
N HIS D 375 46.99 -78.02 -82.67
CA HIS D 375 46.39 -79.24 -83.20
C HIS D 375 44.89 -79.32 -82.93
N ARG D 376 44.34 -78.28 -82.32
CA ARG D 376 42.91 -78.23 -82.02
C ARG D 376 42.13 -77.59 -83.16
N GLU D 377 41.00 -78.20 -83.53
CA GLU D 377 40.07 -77.59 -84.47
C GLU D 377 39.46 -76.34 -83.87
N VAL D 378 39.07 -75.40 -84.72
CA VAL D 378 38.33 -74.24 -84.26
C VAL D 378 36.98 -74.69 -83.69
N GLY D 379 36.75 -74.38 -82.42
CA GLY D 379 35.52 -74.75 -81.76
C GLY D 379 35.73 -75.77 -80.66
N ASP D 380 36.83 -76.50 -80.72
CA ASP D 380 37.12 -77.54 -79.74
C ASP D 380 37.66 -76.93 -78.46
N ILE D 381 36.88 -77.05 -77.38
CA ILE D 381 37.27 -76.48 -76.09
C ILE D 381 38.17 -77.42 -75.29
N GLY D 382 38.52 -78.55 -75.89
CA GLY D 382 39.31 -79.56 -75.21
C GLY D 382 38.51 -80.27 -74.15
N PRO D 383 39.16 -81.13 -73.35
CA PRO D 383 38.49 -81.89 -72.28
C PRO D 383 37.98 -81.03 -71.13
N GLY D 384 37.15 -80.02 -71.43
CA GLY D 384 36.66 -79.11 -70.42
C GLY D 384 35.28 -79.46 -69.89
N TYR D 385 34.82 -78.64 -68.94
CA TYR D 385 33.54 -78.77 -68.22
C TYR D 385 32.77 -80.10 -68.38
N GLY D 386 31.90 -80.15 -69.38
CA GLY D 386 31.06 -81.32 -69.61
C GLY D 386 31.80 -82.63 -69.75
N PHE D 387 32.92 -82.60 -70.48
CA PHE D 387 33.73 -83.80 -70.68
C PHE D 387 34.24 -84.34 -69.35
N GLN D 388 34.53 -83.46 -68.41
CA GLN D 388 34.96 -83.88 -67.09
C GLN D 388 33.76 -84.38 -66.30
N TRP D 389 32.65 -83.66 -66.40
CA TRP D 389 31.37 -84.02 -65.79
C TRP D 389 30.98 -85.47 -66.05
N ARG D 390 30.96 -85.84 -67.32
CA ARG D 390 30.45 -87.14 -67.72
C ARG D 390 31.56 -88.18 -67.85
N HIS D 391 32.77 -87.73 -68.18
CA HIS D 391 33.89 -88.65 -68.36
C HIS D 391 35.16 -88.13 -67.72
N PHE D 392 35.14 -87.92 -66.40
CA PHE D 392 36.34 -87.49 -65.69
C PHE D 392 37.50 -88.48 -65.86
N GLY D 393 38.67 -87.96 -66.17
CA GLY D 393 39.89 -88.76 -66.24
C GLY D 393 40.12 -89.49 -67.54
N ALA D 394 39.15 -89.42 -68.45
CA ALA D 394 39.26 -90.12 -69.73
C ALA D 394 40.28 -89.42 -70.64
N ALA D 395 40.92 -90.20 -71.51
CA ALA D 395 41.87 -89.66 -72.47
C ALA D 395 41.14 -88.94 -73.59
N TYR D 396 41.43 -87.65 -73.77
CA TYR D 396 40.75 -86.83 -74.76
C TYR D 396 41.43 -86.92 -76.13
N LYS D 397 40.63 -87.01 -77.19
CA LYS D 397 41.13 -86.99 -78.55
C LYS D 397 40.73 -85.70 -79.24
N ASP D 398 39.47 -85.63 -79.67
CA ASP D 398 38.94 -84.40 -80.26
C ASP D 398 37.42 -84.33 -80.04
N MET D 399 36.82 -83.24 -80.50
CA MET D 399 35.41 -82.98 -80.22
C MET D 399 34.46 -83.86 -81.03
N HIS D 400 35.02 -84.76 -81.83
CA HIS D 400 34.19 -85.64 -82.66
C HIS D 400 34.23 -87.08 -82.14
N THR D 401 35.15 -87.34 -81.22
CA THR D 401 35.31 -88.68 -80.67
C THR D 401 34.20 -89.01 -79.68
N ASP D 402 33.70 -90.25 -79.76
CA ASP D 402 32.69 -90.73 -78.83
C ASP D 402 33.34 -91.34 -77.60
N TYR D 403 33.10 -90.74 -76.44
CA TYR D 403 33.75 -91.18 -75.21
C TYR D 403 32.81 -91.94 -74.28
N THR D 404 31.72 -92.48 -74.82
CA THR D 404 30.72 -93.13 -73.98
C THR D 404 31.33 -94.34 -73.25
N GLY D 405 30.97 -94.49 -71.98
CA GLY D 405 31.48 -95.57 -71.17
C GLY D 405 32.84 -95.29 -70.53
N GLN D 406 33.54 -94.29 -71.07
CA GLN D 406 34.87 -93.96 -70.57
C GLN D 406 34.82 -92.97 -69.40
N GLY D 407 35.81 -93.04 -68.52
CA GLY D 407 35.93 -92.11 -67.41
C GLY D 407 34.84 -92.30 -66.36
N VAL D 408 34.80 -91.39 -65.40
CA VAL D 408 33.80 -91.43 -64.33
C VAL D 408 32.61 -90.52 -64.67
N ASP D 409 31.40 -91.05 -64.53
CA ASP D 409 30.20 -90.26 -64.76
C ASP D 409 29.72 -89.61 -63.46
N GLN D 410 30.35 -88.50 -63.10
CA GLN D 410 30.06 -87.79 -61.86
C GLN D 410 28.60 -87.41 -61.74
N LEU D 411 27.98 -87.02 -62.85
CA LEU D 411 26.59 -86.59 -62.83
C LEU D 411 25.66 -87.75 -62.48
N LYS D 412 25.84 -88.86 -63.18
CA LYS D 412 25.04 -90.06 -62.96
C LYS D 412 25.25 -90.59 -61.54
N ASN D 413 26.48 -90.51 -61.07
CA ASN D 413 26.80 -90.93 -59.71
C ASN D 413 26.07 -90.05 -58.68
N VAL D 414 26.14 -88.74 -58.88
CA VAL D 414 25.50 -87.78 -57.99
C VAL D 414 24.00 -88.02 -57.93
N ILE D 415 23.38 -88.20 -59.08
CA ILE D 415 21.95 -88.46 -59.13
C ILE D 415 21.61 -89.79 -58.47
N GLN D 416 22.42 -90.83 -58.73
CA GLN D 416 22.19 -92.14 -58.12
C GLN D 416 22.23 -92.07 -56.61
N MET D 417 23.24 -91.40 -56.09
CA MET D 417 23.41 -91.24 -54.65
C MET D 417 22.29 -90.39 -54.07
N LEU D 418 21.81 -89.43 -54.85
CA LEU D 418 20.70 -88.59 -54.41
C LEU D 418 19.42 -89.41 -54.28
N ARG D 419 19.21 -90.33 -55.22
CA ARG D 419 17.98 -91.12 -55.25
C ARG D 419 17.99 -92.29 -54.28
N THR D 420 19.17 -92.86 -54.03
CA THR D 420 19.25 -94.04 -53.16
C THR D 420 19.61 -93.70 -51.73
N ASN D 421 20.44 -92.68 -51.53
CA ASN D 421 20.97 -92.37 -50.21
C ASN D 421 21.35 -90.89 -50.06
N PRO D 422 20.35 -90.03 -49.81
CA PRO D 422 20.53 -88.58 -49.86
C PRO D 422 21.35 -87.98 -48.71
N THR D 423 21.62 -88.77 -47.68
CA THR D 423 22.35 -88.26 -46.52
C THR D 423 23.87 -88.39 -46.70
N ASP D 424 24.28 -88.91 -47.85
CA ASP D 424 25.70 -89.06 -48.15
C ASP D 424 26.34 -87.70 -48.40
N ARG D 425 27.55 -87.51 -47.87
CA ARG D 425 28.23 -86.23 -47.98
C ARG D 425 29.35 -86.23 -49.01
N ARG D 426 29.24 -87.16 -49.97
CA ARG D 426 30.23 -87.25 -51.05
C ARG D 426 29.57 -87.01 -52.40
N MET D 427 28.51 -86.21 -52.42
CA MET D 427 27.76 -85.95 -53.63
C MET D 427 28.29 -84.73 -54.39
N LEU D 428 29.53 -84.83 -54.87
CA LEU D 428 30.18 -83.71 -55.55
C LEU D 428 30.46 -83.98 -57.02
N MET D 429 30.60 -82.90 -57.77
CA MET D 429 30.95 -82.96 -59.18
C MET D 429 32.02 -81.91 -59.46
N THR D 430 33.21 -82.36 -59.84
CA THR D 430 34.33 -81.45 -60.05
C THR D 430 34.70 -81.34 -61.53
N ALA D 431 35.19 -80.17 -61.91
CA ALA D 431 35.63 -79.93 -63.28
C ALA D 431 37.13 -79.66 -63.31
N TRP D 432 37.74 -79.60 -62.14
CA TRP D 432 39.15 -79.26 -62.02
C TRP D 432 40.04 -80.50 -62.10
N ASN D 433 40.58 -80.77 -63.29
CA ASN D 433 41.51 -81.87 -63.50
C ASN D 433 42.89 -81.34 -63.89
N PRO D 434 43.80 -81.27 -62.92
CA PRO D 434 45.19 -80.83 -63.12
C PRO D 434 45.89 -81.54 -64.28
N ALA D 435 45.50 -82.78 -64.55
CA ALA D 435 46.15 -83.59 -65.59
C ALA D 435 45.59 -83.32 -66.98
N ALA D 436 44.73 -82.31 -67.10
CA ALA D 436 44.09 -82.02 -68.38
C ALA D 436 43.94 -80.52 -68.62
N LEU D 437 44.31 -79.71 -67.63
CA LEU D 437 44.17 -78.27 -67.71
C LEU D 437 44.82 -77.70 -68.96
N ASP D 438 46.09 -78.06 -69.17
CA ASP D 438 46.87 -77.58 -70.31
C ASP D 438 46.23 -77.94 -71.65
N GLU D 439 45.37 -78.95 -71.65
CA GLU D 439 44.75 -79.43 -72.89
C GLU D 439 43.46 -78.68 -73.20
N MET D 440 43.02 -77.86 -72.27
CA MET D 440 41.73 -77.18 -72.44
C MET D 440 41.92 -75.73 -72.86
N ALA D 441 40.97 -75.21 -73.62
CA ALA D 441 41.02 -73.85 -74.10
C ALA D 441 41.01 -72.86 -72.94
N LEU D 442 40.15 -73.12 -71.97
CA LEU D 442 40.07 -72.32 -70.77
C LEU D 442 39.86 -73.19 -69.54
N PRO D 443 40.74 -73.04 -68.54
CA PRO D 443 40.56 -73.70 -67.24
C PRO D 443 39.21 -73.32 -66.62
N PRO D 444 38.49 -74.31 -66.07
CA PRO D 444 37.10 -74.09 -65.64
C PRO D 444 36.97 -73.06 -64.52
N CYS D 445 36.04 -72.12 -64.68
CA CYS D 445 35.78 -71.13 -63.66
C CYS D 445 34.89 -71.76 -62.58
N HIS D 446 33.68 -72.15 -62.96
CA HIS D 446 32.84 -72.94 -62.07
C HIS D 446 33.34 -74.38 -62.10
N LEU D 447 34.17 -74.74 -61.11
CA LEU D 447 34.91 -75.98 -61.16
C LEU D 447 34.38 -77.07 -60.22
N LEU D 448 33.46 -76.72 -59.34
CA LEU D 448 32.94 -77.70 -58.39
C LEU D 448 31.51 -77.40 -57.94
N CYS D 449 30.71 -78.45 -57.77
CA CYS D 449 29.39 -78.28 -57.19
C CYS D 449 29.04 -79.44 -56.26
N GLN D 450 28.32 -79.14 -55.19
CA GLN D 450 27.94 -80.16 -54.22
C GLN D 450 26.45 -80.03 -53.88
N PHE D 451 25.78 -81.16 -53.72
CA PHE D 451 24.35 -81.15 -53.45
C PHE D 451 24.01 -81.62 -52.04
N TYR D 452 22.85 -81.21 -51.56
CA TYR D 452 22.47 -81.45 -50.16
C TYR D 452 20.97 -81.61 -50.01
N VAL D 453 20.54 -82.68 -49.34
CA VAL D 453 19.12 -82.88 -49.09
C VAL D 453 18.85 -82.84 -47.59
N ASN D 454 17.75 -82.22 -47.21
CA ASN D 454 17.33 -82.22 -45.82
C ASN D 454 16.21 -83.25 -45.60
N ASP D 455 15.49 -83.12 -44.50
CA ASP D 455 14.44 -84.08 -44.15
C ASP D 455 13.10 -83.74 -44.81
N GLN D 456 13.06 -82.62 -45.52
CA GLN D 456 11.84 -82.21 -46.22
C GLN D 456 11.97 -82.48 -47.72
N LYS D 457 12.91 -83.36 -48.08
CA LYS D 457 13.20 -83.69 -49.48
C LYS D 457 13.55 -82.46 -50.30
N GLU D 458 14.16 -81.45 -49.67
CA GLU D 458 14.52 -80.21 -50.35
C GLU D 458 15.98 -80.23 -50.79
N LEU D 459 16.22 -80.03 -52.08
CA LEU D 459 17.56 -80.05 -52.64
C LEU D 459 18.20 -78.66 -52.63
N SER D 460 19.48 -78.62 -52.27
CA SER D 460 20.27 -77.39 -52.31
C SER D 460 21.59 -77.67 -53.02
N CYS D 461 22.14 -76.64 -53.67
CA CYS D 461 23.39 -76.81 -54.42
C CYS D 461 24.38 -75.68 -54.17
N ILE D 462 25.60 -76.07 -53.81
CA ILE D 462 26.74 -75.16 -53.69
C ILE D 462 27.58 -75.22 -54.95
N MET D 463 28.00 -74.06 -55.46
CA MET D 463 28.92 -74.03 -56.57
C MET D 463 30.12 -73.15 -56.25
N TYR D 464 31.32 -73.70 -56.37
CA TYR D 464 32.53 -72.93 -56.15
C TYR D 464 33.08 -72.43 -57.48
N GLN D 465 33.39 -71.14 -57.54
CA GLN D 465 33.90 -70.53 -58.76
C GLN D 465 35.23 -69.82 -58.49
N ARG D 466 36.28 -70.27 -59.17
CA ARG D 466 37.62 -69.74 -58.95
C ARG D 466 37.78 -68.32 -59.45
N SER D 467 37.04 -67.98 -60.51
CA SER D 467 37.20 -66.69 -61.16
C SER D 467 35.84 -66.16 -61.60
N CYS D 468 35.54 -64.92 -61.24
CA CYS D 468 34.22 -64.37 -61.49
C CYS D 468 34.24 -63.02 -62.19
N ASP D 469 33.76 -62.99 -63.42
CA ASP D 469 33.47 -61.73 -64.10
C ASP D 469 32.12 -61.23 -63.62
N VAL D 470 32.15 -60.39 -62.59
CA VAL D 470 30.94 -59.90 -61.94
C VAL D 470 30.01 -59.19 -62.92
N GLY D 471 30.59 -58.37 -63.80
CA GLY D 471 29.80 -57.63 -64.76
C GLY D 471 29.09 -58.50 -65.78
N LEU D 472 29.78 -59.52 -66.27
CA LEU D 472 29.29 -60.27 -67.42
C LEU D 472 28.87 -61.70 -67.09
N GLY D 473 29.74 -62.46 -66.43
CA GLY D 473 29.54 -63.89 -66.26
C GLY D 473 28.73 -64.35 -65.06
N VAL D 474 28.78 -63.60 -63.97
CA VAL D 474 28.17 -64.03 -62.71
C VAL D 474 26.65 -64.26 -62.78
N PRO D 475 25.88 -63.31 -63.35
CA PRO D 475 24.44 -63.60 -63.44
C PRO D 475 24.16 -64.87 -64.23
N PHE D 476 24.87 -64.98 -65.35
CA PHE D 476 24.83 -66.14 -66.20
C PHE D 476 25.05 -67.42 -65.38
N ASN D 477 26.08 -67.41 -64.54
CA ASN D 477 26.41 -68.59 -63.74
C ASN D 477 25.32 -68.90 -62.71
N ILE D 478 24.85 -67.86 -62.02
CA ILE D 478 23.73 -68.01 -61.09
C ILE D 478 22.59 -68.74 -61.75
N ALA D 479 22.11 -68.19 -62.87
CA ALA D 479 21.02 -68.78 -63.62
C ALA D 479 21.33 -70.22 -64.01
N SER D 480 22.55 -70.45 -64.49
CA SER D 480 22.98 -71.77 -64.93
C SER D 480 22.85 -72.83 -63.84
N TYR D 481 23.53 -72.63 -62.72
CA TYR D 481 23.54 -73.64 -61.67
C TYR D 481 22.23 -73.72 -60.91
N SER D 482 21.47 -72.62 -60.88
CA SER D 482 20.12 -72.68 -60.32
C SER D 482 19.27 -73.61 -61.18
N LEU D 483 19.36 -73.40 -62.50
CA LEU D 483 18.66 -74.26 -63.46
C LEU D 483 19.04 -75.72 -63.27
N LEU D 484 20.35 -75.98 -63.19
CA LEU D 484 20.85 -77.33 -62.95
C LEU D 484 20.20 -77.91 -61.70
N THR D 485 20.15 -77.11 -60.63
CA THR D 485 19.51 -77.53 -59.39
C THR D 485 18.06 -77.93 -59.63
N LEU D 486 17.33 -77.11 -60.37
CA LEU D 486 15.94 -77.42 -60.71
C LEU D 486 15.82 -78.78 -61.41
N MET D 487 16.64 -78.98 -62.43
CA MET D 487 16.60 -80.21 -63.22
C MET D 487 16.91 -81.45 -62.38
N VAL D 488 18.03 -81.40 -61.66
CA VAL D 488 18.43 -82.50 -60.79
C VAL D 488 17.33 -82.81 -59.75
N ALA D 489 16.78 -81.76 -59.16
CA ALA D 489 15.68 -81.91 -58.21
C ALA D 489 14.52 -82.65 -58.85
N HIS D 490 14.15 -82.25 -60.06
CA HIS D 490 13.04 -82.92 -60.72
C HIS D 490 13.33 -84.39 -60.98
N VAL D 491 14.52 -84.72 -61.50
CA VAL D 491 14.80 -86.12 -61.80
C VAL D 491 15.05 -86.94 -60.53
N CYS D 492 15.19 -86.27 -59.39
CA CYS D 492 15.37 -86.99 -58.13
C CYS D 492 14.15 -86.93 -57.23
N ASN D 493 13.06 -86.34 -57.73
CA ASN D 493 11.82 -86.19 -56.98
C ASN D 493 12.00 -85.32 -55.74
N LEU D 494 12.91 -84.37 -55.84
CA LEU D 494 13.17 -83.43 -54.76
C LEU D 494 12.63 -82.06 -55.13
N LYS D 495 12.43 -81.20 -54.14
CA LYS D 495 11.98 -79.85 -54.38
C LYS D 495 13.17 -78.89 -54.29
N PRO D 496 13.40 -78.10 -55.34
CA PRO D 496 14.50 -77.14 -55.32
C PRO D 496 14.30 -76.12 -54.20
N LYS D 497 15.36 -75.86 -53.44
CA LYS D 497 15.27 -74.96 -52.30
C LYS D 497 16.20 -73.76 -52.42
N GLU D 498 17.47 -74.02 -52.68
CA GLU D 498 18.47 -72.96 -52.60
C GLU D 498 19.70 -73.22 -53.47
N PHE D 499 20.23 -72.16 -54.05
CA PHE D 499 21.54 -72.22 -54.72
C PHE D 499 22.55 -71.39 -53.96
N ILE D 500 23.62 -72.03 -53.50
CA ILE D 500 24.66 -71.32 -52.77
C ILE D 500 25.88 -71.09 -53.65
N HIS D 501 26.26 -69.83 -53.77
CA HIS D 501 27.30 -69.41 -54.69
C HIS D 501 28.57 -68.97 -53.96
N PHE D 502 29.60 -69.80 -54.05
CA PHE D 502 30.91 -69.51 -53.47
C PHE D 502 31.89 -69.01 -54.53
N MET D 503 32.50 -67.85 -54.27
CA MET D 503 33.33 -67.18 -55.26
C MET D 503 34.74 -66.92 -54.74
N GLY D 504 35.74 -67.27 -55.54
CA GLY D 504 37.13 -67.04 -55.18
C GLY D 504 37.61 -65.67 -55.59
N ASN D 505 38.31 -65.60 -56.73
CA ASN D 505 38.73 -64.32 -57.28
C ASN D 505 37.52 -63.60 -57.88
N THR D 506 37.02 -62.61 -57.15
CA THR D 506 35.82 -61.90 -57.57
C THR D 506 36.18 -60.51 -58.09
N HIS D 507 36.10 -60.32 -59.40
CA HIS D 507 36.63 -59.11 -60.01
C HIS D 507 35.65 -58.40 -60.94
N VAL D 508 35.83 -57.10 -61.07
CA VAL D 508 35.09 -56.29 -62.02
C VAL D 508 36.08 -55.66 -63.00
N TYR D 509 35.88 -55.89 -64.29
CA TYR D 509 36.79 -55.35 -65.30
C TYR D 509 36.64 -53.83 -65.40
N THR D 510 37.77 -53.14 -65.51
CA THR D 510 37.81 -51.69 -65.49
C THR D 510 36.94 -51.05 -66.57
N ASN D 511 36.81 -51.72 -67.73
CA ASN D 511 35.98 -51.20 -68.80
C ASN D 511 34.52 -51.62 -68.65
N HIS D 512 34.13 -51.99 -67.43
CA HIS D 512 32.75 -52.35 -67.13
C HIS D 512 32.16 -51.42 -66.07
N VAL D 513 33.05 -50.70 -65.40
CA VAL D 513 32.71 -49.93 -64.21
C VAL D 513 31.56 -48.94 -64.40
N GLU D 514 31.64 -48.17 -65.48
CA GLU D 514 30.62 -47.15 -65.75
C GLU D 514 29.26 -47.79 -66.02
N ALA D 515 29.27 -48.83 -66.85
CA ALA D 515 28.05 -49.56 -67.18
C ALA D 515 27.42 -50.14 -65.92
N LEU D 516 28.25 -50.68 -65.05
CA LEU D 516 27.79 -51.23 -63.78
C LEU D 516 27.23 -50.14 -62.89
N LYS D 517 27.82 -48.95 -62.97
CA LYS D 517 27.33 -47.82 -62.19
C LYS D 517 25.98 -47.38 -62.72
N GLU D 518 25.75 -47.62 -64.00
CA GLU D 518 24.44 -47.39 -64.58
C GLU D 518 23.46 -48.44 -64.07
N GLN D 519 23.92 -49.69 -64.01
CA GLN D 519 23.08 -50.80 -63.57
C GLN D 519 22.66 -50.64 -62.10
N LEU D 520 23.55 -50.06 -61.30
CA LEU D 520 23.31 -49.95 -59.86
C LEU D 520 22.24 -48.90 -59.54
N ARG D 521 21.86 -48.12 -60.54
CA ARG D 521 20.80 -47.12 -60.37
C ARG D 521 19.44 -47.72 -60.69
N ARG D 522 19.44 -49.00 -61.04
CA ARG D 522 18.21 -49.71 -61.40
C ARG D 522 17.68 -50.53 -60.24
N GLU D 523 16.44 -50.25 -59.85
CA GLU D 523 15.78 -51.04 -58.82
C GLU D 523 15.24 -52.33 -59.41
N PRO D 524 15.55 -53.46 -58.76
CA PRO D 524 15.18 -54.81 -59.23
C PRO D 524 13.68 -55.01 -59.36
N ARG D 525 13.29 -55.91 -60.25
CA ARG D 525 11.89 -56.30 -60.41
C ARG D 525 11.71 -57.74 -59.91
N PRO D 526 10.46 -58.17 -59.67
CA PRO D 526 10.17 -59.54 -59.28
C PRO D 526 10.91 -60.59 -60.10
N PHE D 527 11.51 -61.57 -59.42
CA PHE D 527 12.08 -62.72 -60.09
C PHE D 527 10.97 -63.48 -60.80
N PRO D 528 11.27 -64.02 -62.00
CA PRO D 528 10.31 -64.86 -62.69
C PRO D 528 10.30 -66.26 -62.09
N ILE D 529 9.33 -67.10 -62.47
CA ILE D 529 9.43 -68.51 -62.11
C ILE D 529 9.78 -69.29 -63.38
N VAL D 530 10.64 -70.29 -63.22
CA VAL D 530 10.98 -71.14 -64.35
C VAL D 530 10.28 -72.48 -64.21
N ASN D 531 9.42 -72.80 -65.17
CA ASN D 531 8.71 -74.07 -65.15
C ASN D 531 9.31 -75.10 -66.08
N ILE D 532 9.42 -76.33 -65.60
CA ILE D 532 9.80 -77.44 -66.44
C ILE D 532 8.54 -77.99 -67.09
N LEU D 533 8.54 -78.03 -68.42
CA LEU D 533 7.40 -78.55 -69.16
C LEU D 533 7.57 -80.05 -69.42
N ASN D 534 6.46 -80.74 -69.62
CA ASN D 534 6.48 -82.19 -69.91
C ASN D 534 7.22 -82.98 -68.83
N LYS D 535 6.87 -82.72 -67.57
CA LYS D 535 7.52 -83.38 -66.44
C LYS D 535 7.28 -84.89 -66.46
N GLU D 536 6.18 -85.31 -67.06
CA GLU D 536 5.83 -86.72 -67.14
C GLU D 536 6.83 -87.49 -68.00
N ARG D 537 7.32 -86.86 -69.05
CA ARG D 537 8.21 -87.50 -70.01
C ARG D 537 9.65 -87.54 -69.52
N ILE D 538 10.04 -86.56 -68.71
CA ILE D 538 11.42 -86.43 -68.28
C ILE D 538 11.72 -87.22 -67.01
N LYS D 539 12.46 -88.31 -67.16
CA LYS D 539 12.77 -89.19 -66.04
C LYS D 539 14.26 -89.20 -65.70
N GLU D 540 15.11 -88.98 -66.69
CA GLU D 540 16.55 -88.90 -66.46
C GLU D 540 17.11 -87.56 -66.93
N ILE D 541 18.28 -87.20 -66.41
CA ILE D 541 18.85 -85.88 -66.66
C ILE D 541 19.16 -85.65 -68.15
N ASP D 542 19.30 -86.72 -68.91
CA ASP D 542 19.58 -86.61 -70.34
C ASP D 542 18.33 -86.33 -71.15
N ASP D 543 17.17 -86.47 -70.53
CA ASP D 543 15.89 -86.36 -71.22
C ASP D 543 15.46 -84.91 -71.46
N PHE D 544 16.12 -83.97 -70.80
CA PHE D 544 15.80 -82.55 -70.97
C PHE D 544 16.16 -82.07 -72.36
N THR D 545 15.31 -81.22 -72.93
CA THR D 545 15.65 -80.53 -74.17
C THR D 545 15.53 -79.02 -73.98
N ALA D 546 15.76 -78.26 -75.04
CA ALA D 546 15.72 -76.81 -74.96
C ALA D 546 14.29 -76.29 -75.00
N GLU D 547 13.34 -77.21 -75.10
CA GLU D 547 11.93 -76.85 -75.25
C GLU D 547 11.09 -77.26 -74.05
N ASP D 548 11.76 -77.74 -73.00
CA ASP D 548 11.04 -78.20 -71.81
C ASP D 548 11.06 -77.17 -70.69
N PHE D 549 11.17 -75.90 -71.05
CA PHE D 549 11.21 -74.83 -70.07
C PHE D 549 10.39 -73.63 -70.51
N GLU D 550 9.71 -73.01 -69.55
CA GLU D 550 9.12 -71.69 -69.81
C GLU D 550 9.55 -70.73 -68.70
N VAL D 551 9.97 -69.54 -69.13
CA VAL D 551 10.31 -68.49 -68.18
C VAL D 551 9.13 -67.55 -68.04
N VAL D 552 8.55 -67.53 -66.85
CA VAL D 552 7.26 -66.90 -66.64
C VAL D 552 7.37 -65.66 -65.73
N GLY D 553 6.94 -64.52 -66.26
CA GLY D 553 6.90 -63.29 -65.50
C GLY D 553 8.21 -62.53 -65.48
N TYR D 554 9.04 -62.73 -66.50
CA TYR D 554 10.34 -62.07 -66.56
C TYR D 554 10.22 -60.67 -67.16
N VAL D 555 10.28 -59.66 -66.30
CA VAL D 555 10.22 -58.27 -66.74
C VAL D 555 11.46 -57.51 -66.31
N PRO D 556 12.56 -57.62 -67.09
CA PRO D 556 13.83 -56.99 -66.75
C PRO D 556 14.02 -55.61 -67.36
N HIS D 557 15.07 -54.90 -66.94
CA HIS D 557 15.45 -53.66 -67.60
C HIS D 557 16.15 -53.99 -68.90
N GLY D 558 16.49 -52.95 -69.66
CA GLY D 558 17.13 -53.15 -70.95
C GLY D 558 18.50 -53.78 -70.86
N ARG D 559 18.95 -54.38 -71.96
CA ARG D 559 20.27 -55.00 -72.02
C ARG D 559 21.36 -53.95 -71.82
N ILE D 560 22.36 -54.27 -71.01
CA ILE D 560 23.52 -53.40 -70.85
C ILE D 560 24.74 -54.05 -71.49
N GLN D 561 25.23 -53.42 -72.55
CA GLN D 561 26.30 -54.00 -73.35
C GLN D 561 27.67 -53.94 -72.65
N MET D 562 28.31 -55.10 -72.54
CA MET D 562 29.64 -55.21 -71.97
C MET D 562 30.51 -56.17 -72.78
N GLU D 563 31.63 -55.68 -73.28
CA GLU D 563 32.52 -56.49 -74.10
C GLU D 563 33.30 -57.48 -73.26
N MET D 564 33.49 -58.69 -73.79
CA MET D 564 34.19 -59.74 -73.09
C MET D 564 35.70 -59.59 -73.19
N ALA D 565 36.37 -59.47 -72.05
CA ALA D 565 37.82 -59.46 -72.02
C ALA D 565 38.35 -60.82 -72.42
N VAL D 566 38.84 -60.92 -73.65
CA VAL D 566 39.29 -62.20 -74.19
C VAL D 566 40.55 -62.70 -73.49
N PRO E 4 -60.46 -21.63 -80.36
CA PRO E 4 -60.17 -20.36 -79.66
C PRO E 4 -59.29 -19.42 -80.49
N VAL E 5 -59.82 -18.24 -80.81
CA VAL E 5 -59.13 -17.33 -81.70
C VAL E 5 -58.88 -15.97 -81.04
N CYS E 6 -57.84 -15.27 -81.50
CA CYS E 6 -57.53 -13.92 -81.01
C CYS E 6 -57.49 -12.91 -82.15
N LEU E 7 -58.21 -11.81 -82.01
CA LEU E 7 -58.19 -10.74 -83.00
C LEU E 7 -57.09 -9.74 -82.65
N VAL E 8 -56.41 -9.20 -83.66
CA VAL E 8 -55.41 -8.15 -83.38
C VAL E 8 -55.56 -6.95 -84.32
N VAL E 9 -55.69 -5.76 -83.73
CA VAL E 9 -56.05 -4.54 -84.47
C VAL E 9 -55.25 -3.31 -84.08
N ALA E 10 -55.21 -2.35 -85.00
CA ALA E 10 -54.84 -0.98 -84.71
C ALA E 10 -56.02 -0.11 -85.14
N MET E 11 -56.37 0.88 -84.33
CA MET E 11 -57.70 1.47 -84.43
C MET E 11 -57.80 2.93 -83.97
N THR E 12 -58.52 3.74 -84.74
CA THR E 12 -58.80 5.13 -84.37
C THR E 12 -59.93 5.15 -83.33
N PRO E 13 -60.17 6.33 -82.69
CA PRO E 13 -61.28 6.36 -81.72
C PRO E 13 -62.63 6.10 -82.35
N LYS E 14 -62.77 6.35 -83.64
CA LYS E 14 -64.01 6.08 -84.35
C LYS E 14 -63.93 4.77 -85.12
N ARG E 15 -63.11 3.86 -84.60
CA ARG E 15 -62.99 2.49 -85.08
C ARG E 15 -62.50 2.37 -86.53
N GLY E 16 -61.86 3.41 -87.03
CA GLY E 16 -61.29 3.39 -88.37
C GLY E 16 -59.99 2.61 -88.41
N ILE E 17 -59.82 1.76 -89.41
CA ILE E 17 -58.64 0.91 -89.48
C ILE E 17 -57.87 1.03 -90.79
N GLY E 18 -58.51 1.57 -91.83
CA GLY E 18 -57.86 1.66 -93.13
C GLY E 18 -58.42 2.69 -94.09
N ILE E 19 -57.63 3.03 -95.10
CA ILE E 19 -58.07 3.90 -96.18
C ILE E 19 -57.31 3.60 -97.48
N ASN E 20 -58.03 3.50 -98.59
CA ASN E 20 -57.46 3.16 -99.89
C ASN E 20 -56.63 1.89 -99.86
N ASN E 21 -57.14 0.88 -99.17
CA ASN E 21 -56.46 -0.39 -99.02
C ASN E 21 -55.06 -0.21 -98.42
N GLY E 22 -54.95 0.76 -97.52
CA GLY E 22 -53.70 1.02 -96.82
C GLY E 22 -53.99 1.50 -95.42
N LEU E 23 -52.95 1.88 -94.69
CA LEU E 23 -53.13 2.35 -93.31
C LEU E 23 -53.38 3.85 -93.28
N PRO E 24 -54.27 4.30 -92.38
CA PRO E 24 -54.69 5.70 -92.26
C PRO E 24 -53.60 6.62 -91.71
N TRP E 25 -52.67 6.05 -90.95
CA TRP E 25 -51.67 6.83 -90.22
C TRP E 25 -50.26 6.62 -90.77
N PRO E 26 -49.31 7.49 -90.37
CA PRO E 26 -47.89 7.23 -90.64
C PRO E 26 -47.42 5.96 -89.94
N HIS E 27 -46.22 5.50 -90.25
N HIS E 27 -46.21 5.50 -90.25
CA HIS E 27 -45.73 4.22 -89.75
CA HIS E 27 -45.69 4.25 -89.73
C HIS E 27 -45.53 4.25 -88.24
C HIS E 27 -45.55 4.29 -88.21
N LEU E 28 -46.12 3.28 -87.55
CA LEU E 28 -46.01 3.17 -86.10
C LEU E 28 -45.14 1.97 -85.76
N THR E 29 -43.85 2.23 -85.65
CA THR E 29 -42.85 1.18 -85.50
C THR E 29 -43.06 0.31 -84.26
N THR E 30 -43.42 0.93 -83.13
CA THR E 30 -43.62 0.17 -81.90
C THR E 30 -44.85 -0.71 -82.05
N ASP E 31 -45.85 -0.21 -82.75
CA ASP E 31 -47.04 -1.00 -83.05
C ASP E 31 -46.69 -2.20 -83.91
N PHE E 32 -45.82 -1.98 -84.91
CA PHE E 32 -45.41 -3.07 -85.78
C PHE E 32 -44.63 -4.12 -84.99
N LYS E 33 -43.79 -3.65 -84.07
CA LYS E 33 -43.04 -4.54 -83.19
C LYS E 33 -44.01 -5.38 -82.37
N HIS E 34 -45.02 -4.72 -81.82
CA HIS E 34 -46.08 -5.37 -81.06
C HIS E 34 -46.74 -6.48 -81.87
N PHE E 35 -47.20 -6.14 -83.07
CA PHE E 35 -47.85 -7.10 -83.97
C PHE E 35 -46.95 -8.30 -84.23
N SER E 36 -45.71 -8.02 -84.65
CA SER E 36 -44.74 -9.07 -84.93
C SER E 36 -44.57 -10.03 -83.74
N ARG E 37 -44.25 -9.47 -82.57
CA ARG E 37 -44.04 -10.29 -81.39
C ARG E 37 -45.27 -11.11 -81.04
N VAL E 38 -46.42 -10.47 -80.96
CA VAL E 38 -47.68 -11.14 -80.60
C VAL E 38 -48.02 -12.28 -81.54
N THR E 39 -47.89 -12.05 -82.84
CA THR E 39 -48.27 -13.08 -83.81
C THR E 39 -47.18 -14.16 -83.99
N LYS E 40 -45.95 -13.88 -83.57
CA LYS E 40 -44.87 -14.85 -83.80
C LYS E 40 -44.51 -15.70 -82.58
N THR E 41 -44.40 -15.08 -81.41
CA THR E 41 -43.86 -15.77 -80.23
C THR E 41 -44.65 -17.01 -79.81
N THR E 42 -43.94 -18.13 -79.77
CA THR E 42 -44.49 -19.42 -79.36
C THR E 42 -43.53 -20.08 -78.37
N PRO E 43 -44.06 -20.72 -77.31
CA PRO E 43 -43.21 -21.45 -76.37
C PRO E 43 -42.39 -22.55 -77.06
N ALA E 46 -41.22 -23.99 -80.13
CA ALA E 46 -40.48 -25.25 -80.13
C ALA E 46 -40.91 -26.13 -81.30
N SER E 47 -42.02 -26.84 -81.11
CA SER E 47 -42.52 -27.76 -82.12
C SER E 47 -43.46 -27.09 -83.10
N ARG E 48 -44.27 -26.16 -82.61
CA ARG E 48 -45.36 -25.58 -83.40
C ARG E 48 -45.13 -24.12 -83.75
N PHE E 49 -45.99 -23.61 -84.63
CA PHE E 49 -45.98 -22.20 -85.01
C PHE E 49 -47.38 -21.61 -84.89
N ASN E 50 -47.51 -20.31 -85.12
CA ASN E 50 -48.81 -19.66 -85.05
C ASN E 50 -49.43 -19.48 -86.43
N ALA E 51 -50.74 -19.34 -86.47
CA ALA E 51 -51.42 -19.11 -87.74
C ALA E 51 -52.05 -17.73 -87.78
N VAL E 52 -51.82 -17.00 -88.86
CA VAL E 52 -52.48 -15.72 -89.07
C VAL E 52 -53.45 -15.81 -90.25
N VAL E 53 -54.68 -15.42 -89.99
CA VAL E 53 -55.73 -15.42 -91.00
C VAL E 53 -56.10 -13.98 -91.36
N MET E 54 -56.11 -13.68 -92.66
CA MET E 54 -56.40 -12.34 -93.13
C MET E 54 -57.36 -12.33 -94.32
N GLY E 55 -57.86 -11.15 -94.65
CA GLY E 55 -58.70 -10.98 -95.82
C GLY E 55 -57.85 -10.72 -97.04
N ARG E 56 -58.44 -10.90 -98.23
CA ARG E 56 -57.71 -10.76 -99.48
C ARG E 56 -57.13 -9.36 -99.65
N LYS E 57 -57.92 -8.35 -99.28
CA LYS E 57 -57.51 -6.96 -99.43
C LYS E 57 -56.39 -6.60 -98.47
N THR E 58 -56.34 -7.28 -97.32
CA THR E 58 -55.27 -7.05 -96.37
C THR E 58 -53.96 -7.60 -96.93
N TRP E 59 -54.04 -8.83 -97.44
CA TRP E 59 -52.93 -9.44 -98.15
C TRP E 59 -52.42 -8.57 -99.27
N GLU E 60 -53.34 -7.98 -100.04
CA GLU E 60 -52.93 -7.11 -101.12
C GLU E 60 -52.37 -5.79 -100.60
N SER E 61 -52.76 -5.43 -99.37
CA SER E 61 -52.33 -4.17 -98.78
C SER E 61 -50.90 -4.27 -98.27
N MET E 62 -50.55 -5.43 -97.74
CA MET E 62 -49.19 -5.67 -97.27
C MET E 62 -48.20 -5.57 -98.42
N PRO E 63 -47.01 -5.00 -98.15
CA PRO E 63 -45.94 -4.91 -99.15
C PRO E 63 -45.46 -6.29 -99.60
N ARG E 64 -44.98 -6.38 -100.84
CA ARG E 64 -44.56 -7.65 -101.43
C ARG E 64 -43.49 -8.34 -100.59
N LYS E 65 -42.49 -7.58 -100.15
CA LYS E 65 -41.32 -8.14 -99.49
C LYS E 65 -41.64 -8.77 -98.13
N PHE E 66 -42.72 -8.31 -97.51
CA PHE E 66 -43.06 -8.76 -96.16
C PHE E 66 -44.05 -9.92 -96.15
N ARG E 67 -44.66 -10.19 -97.29
CA ARG E 67 -45.66 -11.24 -97.37
C ARG E 67 -45.16 -12.45 -98.16
N PRO E 68 -45.50 -13.66 -97.71
CA PRO E 68 -46.27 -13.94 -96.49
C PRO E 68 -45.50 -13.65 -95.21
N LEU E 69 -46.22 -13.36 -94.14
CA LEU E 69 -45.59 -13.08 -92.85
C LEU E 69 -44.76 -14.27 -92.40
N VAL E 70 -43.47 -14.03 -92.21
CA VAL E 70 -42.51 -15.09 -91.91
C VAL E 70 -42.82 -15.83 -90.61
N ASP E 71 -42.47 -17.11 -90.57
CA ASP E 71 -42.60 -17.96 -89.38
C ASP E 71 -44.04 -18.13 -88.90
N ARG E 72 -44.99 -17.69 -89.72
CA ARG E 72 -46.40 -17.81 -89.40
C ARG E 72 -47.17 -18.43 -90.56
N LEU E 73 -48.04 -19.37 -90.27
CA LEU E 73 -48.87 -19.97 -91.30
C LEU E 73 -49.84 -18.94 -91.82
N ASN E 74 -49.72 -18.58 -93.09
CA ASN E 74 -50.59 -17.58 -93.68
C ASN E 74 -51.84 -18.19 -94.33
N ILE E 75 -53.00 -17.80 -93.81
CA ILE E 75 -54.26 -18.20 -94.40
C ILE E 75 -55.01 -16.97 -94.89
N VAL E 76 -55.38 -16.98 -96.17
CA VAL E 76 -56.11 -15.86 -96.76
C VAL E 76 -57.53 -16.29 -97.12
N VAL E 77 -58.50 -15.51 -96.68
CA VAL E 77 -59.89 -15.75 -97.03
C VAL E 77 -60.26 -15.00 -98.30
N SER E 78 -60.57 -15.77 -99.35
CA SER E 78 -60.92 -15.18 -100.64
C SER E 78 -61.66 -16.19 -101.51
N SER E 79 -62.28 -15.70 -102.58
CA SER E 79 -62.95 -16.56 -103.53
C SER E 79 -62.43 -16.32 -104.93
N SER E 80 -61.77 -15.17 -105.11
CA SER E 80 -61.16 -14.82 -106.38
C SER E 80 -59.71 -15.29 -106.42
N LEU E 81 -58.97 -15.03 -105.35
CA LEU E 81 -57.58 -15.48 -105.25
C LEU E 81 -57.48 -16.98 -105.09
N LYS E 82 -56.44 -17.56 -105.67
CA LYS E 82 -56.16 -18.99 -105.53
C LYS E 82 -54.79 -19.17 -104.89
N GLU E 83 -54.50 -20.38 -104.44
CA GLU E 83 -53.24 -20.65 -103.77
C GLU E 83 -52.06 -20.51 -104.73
N GLU E 84 -52.30 -20.86 -105.99
CA GLU E 84 -51.27 -20.73 -107.01
C GLU E 84 -51.01 -19.29 -107.41
N ASP E 85 -52.03 -18.44 -107.25
CA ASP E 85 -51.86 -17.02 -107.50
C ASP E 85 -50.84 -16.44 -106.52
N ILE E 86 -50.85 -16.96 -105.31
CA ILE E 86 -49.92 -16.52 -104.27
C ILE E 86 -48.58 -17.21 -104.43
N ALA E 87 -48.61 -18.48 -104.81
CA ALA E 87 -47.40 -19.26 -105.00
C ALA E 87 -46.54 -18.68 -106.13
N ALA E 88 -47.20 -18.19 -107.16
CA ALA E 88 -46.50 -17.65 -108.33
C ALA E 88 -46.17 -16.16 -108.16
N GLU E 89 -46.52 -15.62 -107.00
CA GLU E 89 -46.24 -14.21 -106.70
C GLU E 89 -44.79 -14.04 -106.20
N LYS E 90 -44.32 -15.04 -105.47
CA LYS E 90 -42.97 -15.06 -104.92
C LYS E 90 -42.58 -16.47 -104.54
N PRO E 91 -41.35 -16.90 -104.89
CA PRO E 91 -40.87 -18.24 -104.55
C PRO E 91 -40.88 -18.51 -103.05
N GLN E 92 -41.57 -19.58 -102.66
CA GLN E 92 -41.65 -19.99 -101.26
C GLN E 92 -40.26 -20.26 -100.68
N ALA E 93 -39.93 -19.52 -99.62
CA ALA E 93 -38.64 -19.69 -98.96
C ALA E 93 -38.59 -21.02 -98.23
N GLU E 94 -37.39 -21.59 -98.11
CA GLU E 94 -37.21 -22.87 -97.46
C GLU E 94 -37.50 -22.77 -95.97
N GLY E 95 -38.20 -23.77 -95.43
CA GLY E 95 -38.52 -23.82 -94.02
C GLY E 95 -39.82 -23.12 -93.67
N GLN E 96 -40.40 -22.44 -94.65
CA GLN E 96 -41.63 -21.69 -94.44
C GLN E 96 -42.85 -22.45 -94.95
N GLN E 97 -44.00 -22.19 -94.33
CA GLN E 97 -45.24 -22.84 -94.71
C GLN E 97 -45.79 -22.27 -96.02
N ARG E 98 -46.52 -23.10 -96.76
CA ARG E 98 -47.15 -22.62 -97.99
C ARG E 98 -48.41 -21.85 -97.64
N VAL E 99 -48.66 -20.78 -98.37
CA VAL E 99 -49.82 -19.93 -98.09
C VAL E 99 -51.10 -20.63 -98.52
N ARG E 100 -52.07 -20.69 -97.60
CA ARG E 100 -53.32 -21.38 -97.89
C ARG E 100 -54.46 -20.40 -98.15
N VAL E 101 -55.42 -20.82 -98.96
CA VAL E 101 -56.56 -19.96 -99.29
C VAL E 101 -57.89 -20.65 -99.00
N CYS E 102 -58.76 -19.98 -98.25
CA CYS E 102 -60.07 -20.53 -97.90
C CYS E 102 -61.19 -19.59 -98.34
N ALA E 103 -62.37 -20.16 -98.57
CA ALA E 103 -63.51 -19.38 -99.07
C ALA E 103 -64.27 -18.68 -97.95
N SER E 104 -63.92 -18.97 -96.71
CA SER E 104 -64.57 -18.34 -95.57
C SER E 104 -63.81 -18.59 -94.27
N LEU E 105 -64.23 -17.90 -93.21
CA LEU E 105 -63.62 -18.08 -91.90
C LEU E 105 -63.92 -19.44 -91.27
N PRO E 106 -65.17 -19.91 -91.35
CA PRO E 106 -65.41 -21.29 -90.90
C PRO E 106 -64.56 -22.29 -91.67
N ALA E 107 -64.29 -22.00 -92.94
CA ALA E 107 -63.44 -22.84 -93.76
C ALA E 107 -62.00 -22.79 -93.27
N ALA E 108 -61.55 -21.59 -92.91
CA ALA E 108 -60.21 -21.41 -92.37
C ALA E 108 -60.02 -22.21 -91.09
N LEU E 109 -60.99 -22.10 -90.20
CA LEU E 109 -60.94 -22.82 -88.92
C LEU E 109 -61.03 -24.33 -89.09
N SER E 110 -61.91 -24.76 -90.00
CA SER E 110 -62.06 -26.18 -90.30
C SER E 110 -60.78 -26.75 -90.87
N LEU E 111 -60.12 -25.99 -91.74
CA LEU E 111 -58.83 -26.38 -92.29
C LEU E 111 -57.79 -26.50 -91.19
N LEU E 112 -57.76 -25.45 -90.36
CA LEU E 112 -56.82 -25.35 -89.25
C LEU E 112 -56.95 -26.53 -88.30
N GLU E 113 -58.17 -27.02 -88.10
CA GLU E 113 -58.37 -28.16 -87.22
C GLU E 113 -58.11 -29.48 -87.94
N GLU E 114 -58.45 -29.54 -89.22
CA GLU E 114 -58.35 -30.79 -89.98
C GLU E 114 -56.90 -31.17 -90.28
N GLU E 115 -56.13 -30.24 -90.82
CA GLU E 115 -54.77 -30.58 -91.20
C GLU E 115 -53.69 -29.68 -90.61
N TYR E 116 -54.00 -29.03 -89.49
CA TYR E 116 -52.98 -28.25 -88.80
C TYR E 116 -53.06 -28.41 -87.28
N LYS E 117 -53.83 -29.39 -86.82
CA LYS E 117 -53.82 -29.75 -85.41
C LYS E 117 -52.48 -30.39 -85.10
N ASP E 118 -51.96 -30.13 -83.89
CA ASP E 118 -50.64 -30.58 -83.46
C ASP E 118 -49.54 -29.85 -84.25
N SER E 119 -49.97 -29.01 -85.20
CA SER E 119 -49.07 -28.23 -86.03
C SER E 119 -49.06 -26.75 -85.64
N VAL E 120 -50.23 -26.21 -85.32
CA VAL E 120 -50.33 -24.80 -84.96
C VAL E 120 -50.73 -24.60 -83.49
N ASP E 121 -50.29 -23.50 -82.90
CA ASP E 121 -50.61 -23.20 -81.52
C ASP E 121 -51.77 -22.20 -81.44
N GLN E 122 -51.48 -20.93 -81.67
CA GLN E 122 -52.51 -19.90 -81.60
C GLN E 122 -52.98 -19.44 -82.98
N ILE E 123 -54.24 -19.00 -83.03
CA ILE E 123 -54.83 -18.50 -84.27
C ILE E 123 -55.20 -17.03 -84.13
N PHE E 124 -54.66 -16.21 -85.02
CA PHE E 124 -54.85 -14.77 -84.98
C PHE E 124 -55.60 -14.24 -86.20
N VAL E 125 -56.75 -13.62 -85.98
CA VAL E 125 -57.42 -12.87 -87.05
C VAL E 125 -56.77 -11.48 -87.14
N VAL E 126 -56.33 -11.15 -88.34
CA VAL E 126 -55.40 -10.05 -88.57
C VAL E 126 -56.04 -8.91 -89.39
N GLY E 127 -57.07 -9.25 -90.17
CA GLY E 127 -57.81 -8.24 -90.91
C GLY E 127 -58.48 -8.78 -92.16
N GLY E 128 -59.43 -8.02 -92.71
CA GLY E 128 -59.82 -6.74 -92.15
C GLY E 128 -61.25 -6.77 -91.64
N ALA E 129 -62.02 -5.75 -92.00
CA ALA E 129 -63.39 -5.57 -91.48
C ALA E 129 -64.27 -6.80 -91.65
N GLY E 130 -64.14 -7.47 -92.79
CA GLY E 130 -64.93 -8.66 -93.06
C GLY E 130 -64.63 -9.77 -92.08
N LEU E 131 -63.34 -10.07 -91.90
CA LEU E 131 -62.94 -11.13 -90.99
C LEU E 131 -63.22 -10.79 -89.53
N TYR E 132 -63.04 -9.51 -89.17
CA TYR E 132 -63.35 -9.07 -87.81
C TYR E 132 -64.84 -9.27 -87.53
N GLU E 133 -65.67 -8.76 -88.44
CA GLU E 133 -67.12 -8.91 -88.38
C GLU E 133 -67.53 -10.37 -88.24
N ALA E 134 -67.02 -11.23 -89.12
CA ALA E 134 -67.35 -12.64 -89.12
C ALA E 134 -66.94 -13.32 -87.81
N ALA E 135 -65.69 -13.07 -87.41
CA ALA E 135 -65.15 -13.66 -86.18
C ALA E 135 -65.92 -13.21 -84.95
N LEU E 136 -66.43 -12.00 -84.98
CA LEU E 136 -67.24 -11.48 -83.88
C LEU E 136 -68.63 -12.10 -83.92
N SER E 137 -69.09 -12.43 -85.12
CA SER E 137 -70.38 -13.08 -85.29
C SER E 137 -70.36 -14.49 -84.74
N LEU E 138 -69.35 -15.27 -85.15
CA LEU E 138 -69.20 -16.65 -84.71
C LEU E 138 -68.96 -16.76 -83.21
N GLY E 139 -68.45 -15.68 -82.62
CA GLY E 139 -68.20 -15.65 -81.19
C GLY E 139 -66.98 -16.48 -80.82
N VAL E 140 -66.12 -16.72 -81.79
CA VAL E 140 -64.92 -17.52 -81.59
C VAL E 140 -63.79 -16.69 -80.97
N ALA E 141 -64.01 -15.38 -80.90
CA ALA E 141 -62.99 -14.46 -80.39
C ALA E 141 -62.95 -14.42 -78.87
N SER E 142 -61.81 -14.82 -78.32
CA SER E 142 -61.64 -14.84 -76.87
C SER E 142 -60.96 -13.55 -76.38
N HIS E 143 -59.96 -13.10 -77.14
CA HIS E 143 -59.19 -11.92 -76.78
C HIS E 143 -59.01 -10.95 -77.94
N LEU E 144 -59.06 -9.66 -77.64
CA LEU E 144 -58.80 -8.63 -78.64
C LEU E 144 -57.54 -7.86 -78.33
N TYR E 145 -56.53 -7.98 -79.18
CA TYR E 145 -55.32 -7.17 -79.04
C TYR E 145 -55.49 -5.87 -79.80
N ILE E 146 -55.96 -4.84 -79.10
CA ILE E 146 -56.27 -3.58 -79.76
C ILE E 146 -55.21 -2.52 -79.53
N THR E 147 -54.69 -1.98 -80.62
CA THR E 147 -53.81 -0.82 -80.54
C THR E 147 -54.64 0.43 -80.76
N ARG E 148 -54.98 1.12 -79.67
CA ARG E 148 -55.76 2.35 -79.74
C ARG E 148 -54.91 3.51 -80.24
N VAL E 149 -55.17 3.91 -81.48
CA VAL E 149 -54.61 5.12 -82.05
C VAL E 149 -55.43 6.32 -81.59
N ALA E 150 -54.80 7.28 -80.92
CA ALA E 150 -55.54 8.35 -80.27
C ALA E 150 -56.00 9.44 -81.25
N ARG E 151 -55.34 9.54 -82.39
CA ARG E 151 -55.71 10.53 -83.41
C ARG E 151 -56.77 9.99 -84.36
N GLU E 152 -57.58 10.89 -84.91
CA GLU E 152 -58.56 10.49 -85.91
C GLU E 152 -58.00 10.74 -87.30
N PHE E 153 -58.14 9.73 -88.16
CA PHE E 153 -57.66 9.82 -89.53
C PHE E 153 -58.76 9.51 -90.53
N PRO E 154 -58.63 10.01 -91.77
CA PRO E 154 -59.55 9.64 -92.85
C PRO E 154 -59.57 8.14 -93.06
N CYS E 155 -60.75 7.54 -92.94
CA CYS E 155 -60.91 6.10 -93.06
C CYS E 155 -62.13 5.70 -93.88
N ASP E 156 -62.01 4.61 -94.64
CA ASP E 156 -63.14 4.09 -95.41
C ASP E 156 -63.47 2.66 -94.97
N VAL E 157 -62.65 2.12 -94.09
CA VAL E 157 -62.88 0.77 -93.54
C VAL E 157 -62.78 0.80 -92.02
N PHE E 158 -63.80 0.27 -91.35
CA PHE E 158 -63.90 0.38 -89.90
C PHE E 158 -63.99 -0.97 -89.19
N PHE E 159 -63.42 -1.04 -87.99
CA PHE E 159 -63.61 -2.19 -87.12
C PHE E 159 -65.06 -2.16 -86.62
N PRO E 160 -65.72 -3.32 -86.62
CA PRO E 160 -67.15 -3.38 -86.27
C PRO E 160 -67.45 -2.90 -84.86
N ALA E 161 -68.72 -2.57 -84.61
CA ALA E 161 -69.16 -2.17 -83.28
C ALA E 161 -69.27 -3.41 -82.40
N PHE E 162 -68.71 -3.34 -81.19
CA PHE E 162 -68.73 -4.49 -80.30
C PHE E 162 -69.01 -4.05 -78.86
N PRO E 163 -69.73 -4.90 -78.11
CA PRO E 163 -70.05 -4.60 -76.71
C PRO E 163 -68.79 -4.35 -75.89
N GLY E 164 -68.66 -3.12 -75.38
CA GLY E 164 -67.51 -2.76 -74.59
C GLY E 164 -66.49 -1.96 -75.39
N ASP E 165 -66.94 -1.31 -76.45
CA ASP E 165 -66.05 -0.47 -77.25
C ASP E 165 -65.90 0.94 -76.66
N ASP E 166 -66.39 1.10 -75.43
CA ASP E 166 -66.27 2.37 -74.71
C ASP E 166 -64.81 2.70 -74.41
N ILE E 167 -63.91 1.75 -74.66
CA ILE E 167 -62.47 1.99 -74.50
C ILE E 167 -61.90 2.75 -75.69
N LEU E 168 -62.74 3.03 -76.67
CA LEU E 168 -62.32 3.76 -77.86
C LEU E 168 -62.74 5.22 -77.81
N SER E 169 -64.04 5.44 -77.61
CA SER E 169 -64.57 6.80 -77.48
C SER E 169 -65.85 6.79 -76.65
N ASN E 170 -66.49 7.94 -76.54
CA ASN E 170 -67.73 8.03 -75.78
C ASN E 170 -68.93 7.61 -76.62
N LYS E 171 -69.96 7.10 -75.95
CA LYS E 171 -71.18 6.67 -76.64
C LYS E 171 -72.27 7.74 -76.56
N ALA E 181 -72.56 -11.23 -74.22
CA ALA E 181 -71.20 -11.21 -73.68
C ALA E 181 -70.47 -9.94 -74.07
N THR E 182 -69.77 -9.33 -73.11
CA THR E 182 -69.02 -8.11 -73.36
C THR E 182 -67.52 -8.37 -73.36
N TYR E 183 -66.78 -7.53 -74.10
CA TYR E 183 -65.32 -7.63 -74.16
C TYR E 183 -64.68 -6.61 -73.22
N ARG E 184 -64.23 -7.05 -72.06
CA ARG E 184 -63.69 -6.14 -71.05
C ARG E 184 -62.17 -6.13 -71.00
N PRO E 185 -61.58 -4.93 -70.81
CA PRO E 185 -60.12 -4.76 -70.76
C PRO E 185 -59.49 -5.39 -69.53
N ILE E 186 -58.32 -6.00 -69.71
CA ILE E 186 -57.59 -6.64 -68.62
C ILE E 186 -56.16 -6.10 -68.58
N PHE E 187 -55.82 -5.33 -69.62
CA PHE E 187 -54.48 -4.84 -69.87
C PHE E 187 -54.58 -3.45 -70.48
N ILE E 188 -53.97 -2.45 -69.84
CA ILE E 188 -53.88 -1.12 -70.45
C ILE E 188 -52.49 -0.53 -70.23
N SER E 189 -51.74 -0.37 -71.32
CA SER E 189 -50.34 0.05 -71.24
C SER E 189 -50.18 1.56 -71.15
N LYS E 190 -48.93 2.02 -70.99
CA LYS E 190 -48.63 3.45 -71.02
C LYS E 190 -48.69 3.93 -72.46
N THR E 191 -48.83 5.23 -72.64
CA THR E 191 -48.95 5.79 -73.99
C THR E 191 -47.61 5.88 -74.70
N PHE E 192 -47.54 5.27 -75.88
CA PHE E 192 -46.41 5.41 -76.78
C PHE E 192 -46.75 6.41 -77.87
N SER E 193 -45.77 6.79 -78.68
CA SER E 193 -46.04 7.67 -79.80
C SER E 193 -44.99 7.53 -80.89
N ASP E 194 -45.44 7.58 -82.14
CA ASP E 194 -44.55 7.62 -83.31
C ASP E 194 -45.08 8.57 -84.37
N ASN E 195 -44.18 9.37 -84.94
CA ASN E 195 -44.53 10.35 -85.97
C ASN E 195 -45.70 11.24 -85.60
N GLY E 196 -45.68 11.76 -84.38
CA GLY E 196 -46.71 12.68 -83.93
C GLY E 196 -48.05 12.00 -83.71
N VAL E 197 -48.03 10.67 -83.63
CA VAL E 197 -49.22 9.89 -83.36
C VAL E 197 -49.10 9.15 -82.04
N PRO E 198 -49.91 9.55 -81.06
CA PRO E 198 -49.99 8.88 -79.76
C PRO E 198 -50.91 7.67 -79.83
N TYR E 199 -50.56 6.60 -79.12
CA TYR E 199 -51.39 5.41 -79.10
C TYR E 199 -51.02 4.53 -77.92
N ASP E 200 -51.90 3.60 -77.55
CA ASP E 200 -51.52 2.63 -76.52
C ASP E 200 -52.05 1.24 -76.84
N PHE E 201 -51.72 0.27 -76.00
CA PHE E 201 -52.11 -1.11 -76.25
C PHE E 201 -53.03 -1.63 -75.16
N VAL E 202 -54.16 -2.20 -75.57
CA VAL E 202 -55.05 -2.85 -74.62
C VAL E 202 -55.40 -4.27 -75.06
N VAL E 203 -55.67 -5.12 -74.08
CA VAL E 203 -56.13 -6.47 -74.34
C VAL E 203 -57.51 -6.65 -73.75
N LEU E 204 -58.47 -7.01 -74.60
CA LEU E 204 -59.83 -7.25 -74.17
C LEU E 204 -60.08 -8.75 -74.06
N GLU E 205 -61.00 -9.13 -73.18
CA GLU E 205 -61.31 -10.52 -72.92
C GLU E 205 -62.81 -10.74 -72.93
N LYS E 206 -63.24 -11.88 -73.45
CA LYS E 206 -64.66 -12.24 -73.46
C LYS E 206 -65.08 -12.73 -72.08
N ARG E 207 -66.14 -12.13 -71.52
CA ARG E 207 -66.47 -12.37 -70.12
C ARG E 207 -67.89 -12.84 -69.83
N ARG E 208 -68.83 -12.45 -70.69
CA ARG E 208 -70.24 -12.81 -70.52
C ARG E 208 -70.79 -12.37 -69.16
N SER E 241 -38.55 -26.57 -45.96
CA SER E 241 -38.77 -25.25 -45.36
C SER E 241 -37.79 -24.22 -45.88
N SER E 242 -37.84 -23.95 -47.20
CA SER E 242 -36.96 -22.96 -47.81
C SER E 242 -37.26 -21.57 -47.25
N ALA E 243 -38.40 -21.02 -47.66
CA ALA E 243 -38.82 -19.71 -47.19
C ALA E 243 -40.24 -19.78 -46.66
N ALA E 244 -40.86 -20.94 -46.85
CA ALA E 244 -42.25 -21.16 -46.49
C ALA E 244 -42.47 -21.17 -44.98
N ALA E 245 -41.41 -21.39 -44.21
CA ALA E 245 -41.51 -21.49 -42.76
C ALA E 245 -41.43 -20.11 -42.10
N ILE E 246 -41.53 -19.06 -42.90
CA ILE E 246 -41.43 -17.70 -42.40
C ILE E 246 -42.74 -16.97 -42.63
N ALA E 247 -43.55 -17.53 -43.51
CA ALA E 247 -44.93 -17.11 -43.72
C ALA E 247 -45.78 -17.10 -42.43
N PRO E 248 -45.45 -17.94 -41.43
CA PRO E 248 -46.11 -17.74 -40.13
C PRO E 248 -45.78 -16.39 -39.47
N VAL E 249 -44.51 -15.98 -39.46
CA VAL E 249 -44.17 -14.66 -38.94
C VAL E 249 -44.79 -13.59 -39.83
N LEU E 250 -44.87 -13.87 -41.12
CA LEU E 250 -45.56 -12.97 -42.04
C LEU E 250 -47.03 -12.83 -41.64
N ALA E 251 -47.59 -13.92 -41.10
CA ALA E 251 -49.03 -14.06 -40.93
C ALA E 251 -49.65 -13.15 -39.87
N TRP E 252 -48.86 -12.72 -38.90
CA TRP E 252 -49.39 -11.88 -37.84
C TRP E 252 -49.00 -10.41 -38.03
N MET E 253 -48.13 -10.14 -38.99
CA MET E 253 -47.85 -8.77 -39.40
C MET E 253 -48.74 -8.43 -40.58
N ASP E 254 -49.29 -9.47 -41.20
CA ASP E 254 -50.15 -9.33 -42.36
C ASP E 254 -51.56 -8.93 -41.94
N GLU E 255 -52.27 -8.24 -42.83
CA GLU E 255 -53.65 -7.83 -42.58
C GLU E 255 -54.61 -8.50 -43.55
N LEU E 266 -60.92 -1.80 -50.25
CA LEU E 266 -62.36 -1.86 -50.51
C LEU E 266 -62.69 -1.27 -51.88
N ILE E 267 -62.51 0.02 -52.00
CA ILE E 267 -62.75 0.72 -53.26
C ILE E 267 -61.54 0.63 -54.18
N ARG E 268 -61.76 0.21 -55.43
CA ARG E 268 -60.69 0.19 -56.41
C ARG E 268 -61.19 0.58 -57.79
N ALA E 269 -60.39 1.39 -58.49
CA ALA E 269 -60.70 1.78 -59.86
C ALA E 269 -60.48 0.60 -60.81
N VAL E 270 -61.45 0.37 -61.70
CA VAL E 270 -61.46 -0.73 -62.68
C VAL E 270 -60.58 -1.95 -62.33
N PRO E 271 -61.05 -2.77 -61.38
CA PRO E 271 -60.28 -3.89 -60.83
C PRO E 271 -60.02 -5.01 -61.85
N HIS E 272 -60.88 -5.13 -62.86
CA HIS E 272 -60.72 -6.17 -63.87
C HIS E 272 -59.49 -5.92 -64.73
N VAL E 273 -59.02 -4.67 -64.74
CA VAL E 273 -57.80 -4.32 -65.46
C VAL E 273 -56.58 -4.76 -64.65
N HIS E 274 -56.00 -5.90 -65.03
CA HIS E 274 -54.92 -6.48 -64.23
C HIS E 274 -53.58 -5.81 -64.52
N PHE E 275 -53.25 -5.58 -65.78
CA PHE E 275 -52.02 -4.81 -66.04
C PHE E 275 -52.32 -3.32 -66.19
N ARG E 276 -51.77 -2.55 -65.26
CA ARG E 276 -52.06 -1.13 -65.17
C ARG E 276 -50.85 -0.28 -65.52
N GLY E 277 -50.40 -0.38 -66.78
CA GLY E 277 -49.26 0.36 -67.23
C GLY E 277 -49.56 1.84 -67.39
N HIS E 278 -50.81 2.15 -67.71
CA HIS E 278 -51.24 3.53 -67.93
C HIS E 278 -50.98 4.38 -66.70
N GLU E 279 -50.26 5.48 -66.90
CA GLU E 279 -49.78 6.30 -65.78
C GLU E 279 -50.90 7.05 -65.06
N GLU E 280 -52.13 6.97 -65.59
CA GLU E 280 -53.29 7.61 -64.96
C GLU E 280 -53.77 6.77 -63.77
N PHE E 281 -53.38 5.51 -63.76
CA PHE E 281 -53.70 4.61 -62.66
C PHE E 281 -53.05 5.10 -61.37
N GLN E 282 -52.02 5.94 -61.49
CA GLN E 282 -51.44 6.58 -60.33
C GLN E 282 -52.48 7.46 -59.67
N TYR E 283 -53.14 8.28 -60.49
CA TYR E 283 -54.18 9.18 -60.01
C TYR E 283 -55.40 8.41 -59.51
N LEU E 284 -55.87 7.45 -60.30
CA LEU E 284 -57.03 6.67 -59.89
C LEU E 284 -56.80 5.96 -58.56
N ASP E 285 -55.67 5.26 -58.48
CA ASP E 285 -55.30 4.56 -57.25
C ASP E 285 -55.03 5.53 -56.11
N LEU E 286 -54.66 6.76 -56.45
CA LEU E 286 -54.50 7.78 -55.42
C LEU E 286 -55.87 8.08 -54.82
N ILE E 287 -56.86 8.25 -55.68
CA ILE E 287 -58.23 8.49 -55.21
C ILE E 287 -58.73 7.33 -54.35
N ALA E 288 -58.64 6.11 -54.87
CA ALA E 288 -59.08 4.94 -54.13
C ALA E 288 -58.36 4.82 -52.78
N ASP E 289 -57.04 5.02 -52.79
CA ASP E 289 -56.24 4.93 -51.58
C ASP E 289 -56.68 5.96 -50.55
N ILE E 290 -56.87 7.19 -50.98
CA ILE E 290 -57.31 8.25 -50.07
C ILE E 290 -58.67 7.93 -49.48
N ILE E 291 -59.60 7.46 -50.33
CA ILE E 291 -60.93 7.13 -49.84
C ILE E 291 -60.89 5.98 -48.81
N ASN E 292 -60.06 4.97 -49.07
CA ASN E 292 -59.99 3.82 -48.18
C ASN E 292 -59.25 4.09 -46.86
N ASN E 293 -58.03 4.61 -46.95
CA ASN E 293 -57.16 4.71 -45.79
C ASN E 293 -57.04 6.10 -45.19
N GLY E 294 -57.51 7.11 -45.93
CA GLY E 294 -57.43 8.49 -45.46
C GLY E 294 -58.25 8.74 -44.21
N ARG E 295 -58.02 9.88 -43.58
CA ARG E 295 -58.74 10.21 -42.35
C ARG E 295 -59.74 11.33 -42.59
N THR E 296 -60.92 11.24 -41.97
CA THR E 296 -61.92 12.29 -42.11
C THR E 296 -61.66 13.43 -41.12
N MET E 297 -61.43 14.61 -41.66
CA MET E 297 -61.05 15.78 -40.89
C MET E 297 -61.93 16.97 -41.23
N ASP E 298 -62.03 17.88 -40.27
CA ASP E 298 -62.59 19.21 -40.50
C ASP E 298 -61.64 20.01 -41.39
N ASP E 299 -62.09 21.18 -41.82
CA ASP E 299 -61.37 21.90 -42.87
C ASP E 299 -61.74 23.39 -42.88
N ARG E 300 -60.83 24.20 -43.40
CA ARG E 300 -61.00 25.66 -43.46
C ARG E 300 -62.36 26.11 -44.00
N THR E 301 -62.86 25.39 -44.99
CA THR E 301 -64.06 25.79 -45.72
C THR E 301 -65.37 25.42 -44.99
N GLY E 302 -65.31 24.37 -44.17
CA GLY E 302 -66.49 23.89 -43.48
C GLY E 302 -66.98 22.58 -44.06
N VAL E 303 -66.56 22.32 -45.30
CA VAL E 303 -66.85 21.03 -45.92
C VAL E 303 -65.86 20.00 -45.38
N GLY E 304 -66.33 18.79 -45.15
CA GLY E 304 -65.48 17.73 -44.61
C GLY E 304 -64.46 17.25 -45.62
N VAL E 305 -63.36 16.67 -45.14
CA VAL E 305 -62.31 16.21 -46.05
C VAL E 305 -61.80 14.83 -45.65
N ILE E 306 -61.42 14.01 -46.62
CA ILE E 306 -60.70 12.78 -46.33
C ILE E 306 -59.27 12.93 -46.84
N SER E 307 -58.30 12.95 -45.92
CA SER E 307 -56.94 13.32 -46.31
C SER E 307 -55.88 12.28 -45.98
N LYS E 308 -54.79 12.35 -46.74
CA LYS E 308 -53.57 11.60 -46.47
C LYS E 308 -52.39 12.57 -46.52
N PHE E 309 -51.23 12.15 -46.03
CA PHE E 309 -50.07 13.02 -45.98
C PHE E 309 -48.85 12.39 -46.65
N GLY E 310 -48.26 13.12 -47.61
CA GLY E 310 -47.09 12.63 -48.31
C GLY E 310 -47.43 11.66 -49.42
N CYS E 311 -47.76 12.20 -50.60
CA CYS E 311 -48.13 11.37 -51.75
C CYS E 311 -47.28 11.72 -52.97
N THR E 312 -47.12 10.76 -53.87
CA THR E 312 -46.17 10.91 -54.96
C THR E 312 -46.70 10.34 -56.27
N MET E 313 -46.57 11.13 -57.33
CA MET E 313 -46.82 10.63 -58.69
C MET E 313 -45.69 11.07 -59.61
N ARG E 314 -45.62 10.49 -60.80
CA ARG E 314 -44.72 10.98 -61.83
C ARG E 314 -45.15 10.54 -63.22
N TYR E 315 -45.18 11.50 -64.14
CA TYR E 315 -45.69 11.28 -65.48
C TYR E 315 -44.61 11.51 -66.53
N SER E 316 -44.62 10.68 -67.56
CA SER E 316 -43.64 10.75 -68.63
C SER E 316 -44.02 11.83 -69.62
N LEU E 317 -43.01 12.51 -70.16
CA LEU E 317 -43.25 13.62 -71.07
C LEU E 317 -42.59 13.44 -72.43
N ASP E 318 -41.90 12.32 -72.62
CA ASP E 318 -41.16 12.10 -73.86
C ASP E 318 -42.03 11.48 -74.96
N GLN E 319 -43.01 10.67 -74.56
CA GLN E 319 -43.89 10.03 -75.53
C GLN E 319 -45.18 10.82 -75.74
N ALA E 320 -45.84 11.16 -74.65
CA ALA E 320 -47.08 11.94 -74.73
C ALA E 320 -47.22 12.92 -73.56
N PHE E 321 -48.40 13.50 -73.40
CA PHE E 321 -48.62 14.50 -72.38
C PHE E 321 -49.73 14.05 -71.44
N PRO E 322 -49.48 14.12 -70.12
CA PRO E 322 -50.41 13.61 -69.11
C PRO E 322 -51.61 14.53 -68.87
N LEU E 323 -52.43 14.71 -69.91
CA LEU E 323 -53.73 15.35 -69.73
C LEU E 323 -54.72 14.24 -69.41
N LEU E 324 -55.18 14.21 -68.17
CA LEU E 324 -55.98 13.10 -67.66
C LEU E 324 -57.21 12.83 -68.52
N THR E 325 -57.52 11.54 -68.71
CA THR E 325 -58.53 11.15 -69.69
C THR E 325 -59.79 10.53 -69.07
N THR E 326 -59.74 10.24 -67.78
CA THR E 326 -60.89 9.63 -67.12
C THR E 326 -61.96 10.70 -66.82
N LYS E 327 -61.60 11.95 -67.07
CA LYS E 327 -62.54 13.07 -67.07
C LYS E 327 -61.93 14.18 -67.93
N ARG E 328 -62.76 15.06 -68.49
CA ARG E 328 -62.25 16.13 -69.33
C ARG E 328 -61.61 17.25 -68.51
N VAL E 329 -60.36 17.58 -68.85
CA VAL E 329 -59.60 18.60 -68.13
C VAL E 329 -59.62 19.94 -68.87
N PHE E 330 -59.74 21.03 -68.11
CA PHE E 330 -59.85 22.38 -68.65
C PHE E 330 -58.51 22.92 -69.17
N TRP E 331 -58.10 22.42 -70.34
CA TRP E 331 -56.78 22.72 -70.88
C TRP E 331 -56.61 24.20 -71.22
N LYS E 332 -57.66 24.80 -71.77
CA LYS E 332 -57.66 26.23 -72.04
C LYS E 332 -57.33 26.99 -70.76
N GLY E 333 -57.93 26.53 -69.67
CA GLY E 333 -57.67 27.07 -68.35
C GLY E 333 -56.23 26.89 -67.92
N VAL E 334 -55.67 25.69 -68.08
CA VAL E 334 -54.29 25.48 -67.64
C VAL E 334 -53.33 26.36 -68.44
N LEU E 335 -53.60 26.50 -69.74
CA LEU E 335 -52.73 27.27 -70.62
C LEU E 335 -52.79 28.75 -70.29
N GLU E 336 -54.02 29.28 -70.22
CA GLU E 336 -54.21 30.69 -69.94
C GLU E 336 -53.65 31.05 -68.58
N GLU E 337 -53.92 30.22 -67.57
CA GLU E 337 -53.41 30.49 -66.23
C GLU E 337 -51.90 30.42 -66.18
N LEU E 338 -51.31 29.50 -66.93
CA LEU E 338 -49.85 29.38 -66.94
C LEU E 338 -49.19 30.59 -67.61
N LEU E 339 -49.72 31.00 -68.75
CA LEU E 339 -49.23 32.19 -69.44
C LEU E 339 -49.35 33.41 -68.54
N TRP E 340 -50.47 33.46 -67.82
CA TRP E 340 -50.75 34.45 -66.78
C TRP E 340 -49.62 34.50 -65.75
N PHE E 341 -49.35 33.35 -65.15
CA PHE E 341 -48.23 33.19 -64.21
C PHE E 341 -46.93 33.74 -64.76
N ILE E 342 -46.58 33.28 -65.97
CA ILE E 342 -45.33 33.68 -66.60
C ILE E 342 -45.26 35.19 -66.78
N ARG E 343 -46.37 35.80 -67.20
CA ARG E 343 -46.44 37.25 -67.29
C ARG E 343 -46.28 37.89 -65.91
N GLY E 344 -46.60 37.11 -64.88
CA GLY E 344 -46.49 37.60 -63.52
C GLY E 344 -47.65 38.49 -63.19
N ASP E 345 -48.77 38.23 -63.87
CA ASP E 345 -49.98 39.02 -63.72
C ASP E 345 -50.68 38.63 -62.43
N THR E 346 -51.27 39.62 -61.76
CA THR E 346 -51.99 39.37 -60.52
C THR E 346 -53.45 39.82 -60.66
N ASN E 347 -53.83 40.12 -61.89
CA ASN E 347 -55.20 40.54 -62.21
C ASN E 347 -56.03 39.36 -62.70
N ALA E 348 -56.92 38.86 -61.85
CA ALA E 348 -57.72 37.69 -62.17
C ALA E 348 -58.75 37.98 -63.26
N ASN E 349 -59.07 39.26 -63.44
CA ASN E 349 -60.04 39.67 -64.43
C ASN E 349 -59.55 39.41 -65.85
N HIS E 350 -58.23 39.46 -66.04
CA HIS E 350 -57.62 39.16 -67.33
C HIS E 350 -57.86 37.69 -67.68
N LEU E 351 -57.94 36.85 -66.66
CA LEU E 351 -58.27 35.44 -66.86
C LEU E 351 -59.77 35.25 -67.03
N SER E 352 -60.55 36.05 -66.30
CA SER E 352 -61.99 35.91 -66.29
C SER E 352 -62.62 36.30 -67.61
N GLU E 353 -62.12 37.39 -68.21
CA GLU E 353 -62.69 37.89 -69.46
C GLU E 353 -62.26 37.03 -70.66
N LYS E 354 -61.25 36.20 -70.45
CA LYS E 354 -60.84 35.25 -71.49
C LYS E 354 -61.64 33.96 -71.41
N GLY E 355 -62.52 33.87 -70.41
CA GLY E 355 -63.38 32.70 -70.27
C GLY E 355 -62.90 31.73 -69.23
N VAL E 356 -61.91 32.13 -68.44
CA VAL E 356 -61.36 31.29 -67.38
C VAL E 356 -61.67 31.89 -66.01
N LYS E 357 -62.73 31.39 -65.38
CA LYS E 357 -63.23 31.98 -64.14
C LYS E 357 -62.80 31.21 -62.91
N ILE E 358 -61.70 30.48 -63.03
CA ILE E 358 -61.25 29.59 -61.96
C ILE E 358 -60.76 30.34 -60.72
N TRP E 359 -60.55 31.64 -60.86
CA TRP E 359 -60.03 32.45 -59.75
C TRP E 359 -61.10 33.34 -59.11
N ASP E 360 -62.18 33.58 -59.85
CA ASP E 360 -63.20 34.56 -59.46
C ASP E 360 -63.69 34.43 -58.02
N LYS E 361 -64.09 33.23 -57.62
CA LYS E 361 -64.63 33.00 -56.29
C LYS E 361 -63.67 33.38 -55.16
N ASN E 362 -62.38 33.49 -55.46
CA ASN E 362 -61.39 33.83 -54.44
C ASN E 362 -60.88 35.26 -54.56
N VAL E 363 -61.49 36.05 -55.44
CA VAL E 363 -61.12 37.46 -55.56
C VAL E 363 -62.35 38.35 -55.53
N THR E 364 -63.46 37.80 -55.07
CA THR E 364 -64.67 38.59 -54.85
C THR E 364 -64.44 39.57 -53.72
N ARG E 365 -65.24 40.64 -53.69
CA ARG E 365 -65.16 41.62 -52.61
C ARG E 365 -65.37 40.94 -51.25
N GLU E 366 -66.33 40.03 -51.20
CA GLU E 366 -66.67 39.30 -49.99
C GLU E 366 -65.47 38.50 -49.46
N PHE E 367 -64.81 37.76 -50.34
CA PHE E 367 -63.69 36.93 -49.95
C PHE E 367 -62.46 37.77 -49.60
N LEU E 368 -62.22 38.79 -50.40
CA LEU E 368 -61.13 39.73 -50.15
C LEU E 368 -61.28 40.39 -48.77
N ASP E 369 -62.53 40.64 -48.38
CA ASP E 369 -62.80 41.20 -47.06
C ASP E 369 -62.67 40.14 -45.97
N SER E 370 -63.07 38.91 -46.28
CA SER E 370 -62.96 37.81 -45.34
C SER E 370 -61.49 37.46 -45.09
N ARG E 371 -60.63 37.92 -45.99
CA ARG E 371 -59.18 37.73 -45.88
C ARG E 371 -58.56 38.93 -45.17
N ASN E 372 -59.43 39.80 -44.64
CA ASN E 372 -59.02 41.06 -44.02
C ASN E 372 -58.17 41.88 -44.98
N LEU E 373 -58.71 42.14 -46.17
CA LEU E 373 -58.03 42.93 -47.19
C LEU E 373 -59.01 43.83 -47.95
N PRO E 374 -59.58 44.83 -47.27
CA PRO E 374 -60.56 45.71 -47.90
C PRO E 374 -59.95 46.64 -48.95
N HIS E 375 -58.64 46.85 -48.87
CA HIS E 375 -57.95 47.78 -49.75
C HIS E 375 -57.74 47.21 -51.15
N ARG E 376 -58.12 45.95 -51.34
CA ARG E 376 -57.91 45.27 -52.61
C ARG E 376 -59.06 45.51 -53.59
N GLU E 377 -58.69 45.78 -54.84
CA GLU E 377 -59.68 45.87 -55.91
C GLU E 377 -60.13 44.47 -56.26
N VAL E 378 -61.37 44.33 -56.74
CA VAL E 378 -61.92 43.02 -57.07
C VAL E 378 -61.17 42.39 -58.25
N GLY E 379 -60.50 41.27 -57.98
CA GLY E 379 -59.73 40.58 -58.99
C GLY E 379 -58.25 40.54 -58.67
N ASP E 380 -57.85 41.32 -57.66
CA ASP E 380 -56.46 41.40 -57.25
C ASP E 380 -56.09 40.27 -56.29
N ILE E 381 -55.35 39.30 -56.78
CA ILE E 381 -54.97 38.14 -55.99
C ILE E 381 -53.85 38.48 -55.01
N GLY E 382 -53.32 39.68 -55.11
CA GLY E 382 -52.18 40.09 -54.31
C GLY E 382 -50.88 39.56 -54.88
N PRO E 383 -49.81 39.60 -54.08
CA PRO E 383 -48.48 39.16 -54.53
C PRO E 383 -48.33 37.65 -54.53
N GLY E 384 -49.06 36.96 -55.40
CA GLY E 384 -49.03 35.50 -55.44
C GLY E 384 -48.50 34.89 -56.72
N TYR E 385 -48.15 33.61 -56.64
CA TYR E 385 -47.64 32.80 -57.75
C TYR E 385 -46.72 33.55 -58.72
N GLY E 386 -47.30 34.06 -59.80
CA GLY E 386 -46.54 34.76 -60.82
C GLY E 386 -45.72 35.92 -60.32
N PHE E 387 -46.31 36.68 -59.40
CA PHE E 387 -45.64 37.85 -58.84
C PHE E 387 -44.38 37.46 -58.10
N GLN E 388 -44.42 36.32 -57.40
CA GLN E 388 -43.23 35.85 -56.69
C GLN E 388 -42.24 35.29 -57.70
N TRP E 389 -42.77 34.58 -58.69
CA TRP E 389 -41.97 34.02 -59.78
C TRP E 389 -41.07 35.05 -60.45
N ARG E 390 -41.66 36.18 -60.85
CA ARG E 390 -40.94 37.16 -61.65
C ARG E 390 -40.38 38.31 -60.80
N HIS E 391 -40.91 38.46 -59.59
CA HIS E 391 -40.53 39.58 -58.74
C HIS E 391 -40.50 39.23 -57.27
N PHE E 392 -39.89 38.10 -56.92
CA PHE E 392 -39.86 37.66 -55.52
C PHE E 392 -39.33 38.74 -54.56
N GLY E 393 -40.15 39.09 -53.57
CA GLY E 393 -39.74 39.99 -52.51
C GLY E 393 -40.07 41.46 -52.75
N ALA E 394 -40.46 41.78 -53.99
CA ALA E 394 -40.80 43.15 -54.33
C ALA E 394 -42.01 43.64 -53.53
N ALA E 395 -42.02 44.93 -53.18
CA ALA E 395 -43.13 45.51 -52.44
C ALA E 395 -44.35 45.64 -53.34
N TYR E 396 -45.45 45.00 -52.93
CA TYR E 396 -46.66 44.98 -53.73
C TYR E 396 -47.55 46.20 -53.48
N LYS E 397 -48.20 46.69 -54.52
CA LYS E 397 -49.18 47.76 -54.39
C LYS E 397 -50.54 47.28 -54.87
N ASP E 398 -50.74 47.29 -56.19
CA ASP E 398 -51.94 46.70 -56.78
C ASP E 398 -51.60 45.95 -58.06
N MET E 399 -52.62 45.41 -58.71
CA MET E 399 -52.44 44.61 -59.92
C MET E 399 -52.17 45.47 -61.14
N HIS E 400 -52.21 46.78 -60.98
CA HIS E 400 -52.01 47.70 -62.10
C HIS E 400 -50.59 48.25 -62.13
N THR E 401 -49.80 47.91 -61.11
CA THR E 401 -48.47 48.48 -60.95
C THR E 401 -47.44 47.76 -61.82
N ASP E 402 -46.51 48.54 -62.39
CA ASP E 402 -45.42 47.96 -63.17
C ASP E 402 -44.26 47.61 -62.24
N TYR E 403 -43.82 46.36 -62.30
CA TYR E 403 -42.82 45.88 -61.36
C TYR E 403 -41.51 45.46 -62.03
N THR E 404 -41.33 45.86 -63.28
CA THR E 404 -40.16 45.41 -64.04
C THR E 404 -38.86 45.89 -63.37
N GLY E 405 -37.98 44.95 -63.08
CA GLY E 405 -36.72 45.27 -62.42
C GLY E 405 -36.78 45.20 -60.90
N GLN E 406 -37.96 44.86 -60.37
CA GLN E 406 -38.12 44.72 -58.93
C GLN E 406 -38.14 43.25 -58.51
N GLY E 407 -37.46 42.94 -57.41
CA GLY E 407 -37.45 41.60 -56.88
C GLY E 407 -36.66 40.62 -57.71
N VAL E 408 -36.70 39.34 -57.32
CA VAL E 408 -35.93 38.30 -57.99
C VAL E 408 -36.74 37.60 -59.09
N ASP E 409 -36.17 37.53 -60.29
CA ASP E 409 -36.80 36.84 -61.41
C ASP E 409 -36.37 35.37 -61.44
N GLN E 410 -37.01 34.58 -60.58
CA GLN E 410 -36.69 33.18 -60.42
C GLN E 410 -36.78 32.40 -61.72
N LEU E 411 -37.73 32.76 -62.58
CA LEU E 411 -37.91 32.04 -63.83
C LEU E 411 -36.71 32.24 -64.76
N LYS E 412 -36.31 33.51 -64.92
CA LYS E 412 -35.17 33.83 -65.76
C LYS E 412 -33.89 33.23 -65.20
N ASN E 413 -33.76 33.29 -63.87
CA ASN E 413 -32.64 32.65 -63.19
C ASN E 413 -32.55 31.16 -63.53
N VAL E 414 -33.65 30.46 -63.31
CA VAL E 414 -33.76 29.03 -63.59
C VAL E 414 -33.41 28.73 -65.04
N ILE E 415 -33.95 29.52 -65.96
CA ILE E 415 -33.72 29.29 -67.38
C ILE E 415 -32.26 29.48 -67.77
N GLN E 416 -31.67 30.61 -67.40
CA GLN E 416 -30.27 30.86 -67.74
C GLN E 416 -29.34 29.83 -67.10
N MET E 417 -29.64 29.47 -65.86
CA MET E 417 -28.90 28.42 -65.17
C MET E 417 -29.00 27.10 -65.92
N LEU E 418 -30.17 26.85 -66.50
CA LEU E 418 -30.38 25.64 -67.30
C LEU E 418 -29.57 25.68 -68.59
N ARG E 419 -29.50 26.85 -69.21
CA ARG E 419 -28.82 26.99 -70.50
C ARG E 419 -27.30 27.03 -70.38
N THR E 420 -26.80 27.40 -69.20
CA THR E 420 -25.37 27.61 -69.05
C THR E 420 -24.69 26.66 -68.06
N ASN E 421 -25.48 25.93 -67.27
CA ASN E 421 -24.92 25.08 -66.23
C ASN E 421 -25.92 24.04 -65.73
N PRO E 422 -26.28 23.07 -66.59
CA PRO E 422 -27.38 22.13 -66.31
C PRO E 422 -27.15 21.18 -65.14
N THR E 423 -25.96 21.19 -64.54
CA THR E 423 -25.66 20.28 -63.43
C THR E 423 -25.77 20.99 -62.09
N ASP E 424 -26.20 22.25 -62.13
CA ASP E 424 -26.41 23.03 -60.91
C ASP E 424 -27.59 22.44 -60.14
N ARG E 425 -27.49 22.45 -58.81
CA ARG E 425 -28.55 21.87 -57.98
C ARG E 425 -29.32 22.93 -57.20
N ARG E 426 -29.40 24.14 -57.75
CA ARG E 426 -30.14 25.22 -57.10
C ARG E 426 -31.15 25.84 -58.06
N MET E 427 -31.60 25.06 -59.03
CA MET E 427 -32.58 25.52 -60.01
C MET E 427 -34.00 25.40 -59.46
N LEU E 428 -34.39 26.36 -58.63
CA LEU E 428 -35.70 26.30 -58.00
C LEU E 428 -36.51 27.57 -58.18
N MET E 429 -37.82 27.41 -58.17
CA MET E 429 -38.75 28.51 -58.23
C MET E 429 -39.76 28.33 -57.10
N THR E 430 -39.81 29.29 -56.19
CA THR E 430 -40.72 29.21 -55.06
C THR E 430 -41.64 30.41 -55.00
N ALA E 431 -42.87 30.18 -54.58
CA ALA E 431 -43.85 31.26 -54.43
C ALA E 431 -44.28 31.37 -52.99
N TRP E 432 -43.67 30.54 -52.13
CA TRP E 432 -43.97 30.58 -50.72
C TRP E 432 -43.12 31.62 -50.03
N ASN E 433 -43.66 32.83 -49.89
CA ASN E 433 -42.97 33.93 -49.23
C ASN E 433 -43.73 34.37 -47.99
N PRO E 434 -43.34 33.85 -46.82
CA PRO E 434 -43.99 34.07 -45.52
C PRO E 434 -44.24 35.55 -45.19
N ALA E 435 -43.50 36.45 -45.83
CA ALA E 435 -43.67 37.87 -45.57
C ALA E 435 -44.94 38.40 -46.22
N ALA E 436 -45.24 37.93 -47.42
CA ALA E 436 -46.35 38.46 -48.21
C ALA E 436 -47.58 37.56 -48.21
N LEU E 437 -47.60 36.56 -47.33
CA LEU E 437 -48.70 35.59 -47.30
C LEU E 437 -50.03 36.23 -46.93
N ASP E 438 -50.01 37.14 -45.96
CA ASP E 438 -51.24 37.80 -45.51
C ASP E 438 -51.74 38.79 -46.56
N GLU E 439 -50.88 39.14 -47.50
CA GLU E 439 -51.22 40.09 -48.55
C GLU E 439 -51.85 39.39 -49.75
N MET E 440 -51.75 38.06 -49.78
CA MET E 440 -52.31 37.28 -50.88
C MET E 440 -53.76 36.91 -50.63
N ALA E 441 -54.53 36.77 -51.71
CA ALA E 441 -55.92 36.34 -51.61
C ALA E 441 -55.97 34.89 -51.14
N LEU E 442 -54.97 34.12 -51.54
CA LEU E 442 -54.89 32.70 -51.17
C LEU E 442 -53.46 32.22 -51.25
N PRO E 443 -52.93 31.70 -50.13
CA PRO E 443 -51.57 31.18 -50.06
C PRO E 443 -51.33 30.12 -51.13
N PRO E 444 -50.17 30.18 -51.80
CA PRO E 444 -49.86 29.28 -52.91
C PRO E 444 -49.96 27.81 -52.52
N CYS E 445 -50.67 27.03 -53.33
CA CYS E 445 -50.78 25.60 -53.10
C CYS E 445 -49.62 24.90 -53.80
N HIS E 446 -49.56 24.98 -55.13
CA HIS E 446 -48.37 24.57 -55.84
C HIS E 446 -47.28 25.60 -55.57
N LEU E 447 -46.48 25.35 -54.53
CA LEU E 447 -45.61 26.38 -53.98
C LEU E 447 -44.15 26.28 -54.44
N LEU E 448 -43.70 25.08 -54.80
CA LEU E 448 -42.30 24.95 -55.17
C LEU E 448 -42.08 24.13 -56.45
N CYS E 449 -41.05 24.45 -57.22
CA CYS E 449 -40.70 23.58 -58.34
C CYS E 449 -39.19 23.60 -58.61
N GLN E 450 -38.65 22.43 -58.91
CA GLN E 450 -37.21 22.28 -59.15
C GLN E 450 -36.96 21.49 -60.42
N PHE E 451 -35.91 21.87 -61.16
CA PHE E 451 -35.61 21.23 -62.43
C PHE E 451 -34.32 20.39 -62.37
N TYR E 452 -34.14 19.55 -63.39
CA TYR E 452 -33.03 18.61 -63.43
C TYR E 452 -32.69 18.19 -64.85
N VAL E 453 -31.40 18.13 -65.16
CA VAL E 453 -30.96 17.69 -66.49
C VAL E 453 -29.95 16.56 -66.34
N ASN E 454 -29.96 15.63 -67.28
CA ASN E 454 -29.12 14.45 -67.18
C ASN E 454 -28.13 14.27 -68.34
N ASP E 455 -27.71 13.02 -68.52
CA ASP E 455 -26.81 12.64 -69.60
C ASP E 455 -27.24 13.16 -70.97
N GLN E 456 -28.50 12.91 -71.31
CA GLN E 456 -28.97 13.10 -72.67
C GLN E 456 -29.72 14.41 -72.89
N LYS E 457 -29.36 15.43 -72.13
CA LYS E 457 -30.01 16.74 -72.20
C LYS E 457 -31.53 16.61 -72.06
N GLU E 458 -31.96 15.89 -71.04
CA GLU E 458 -33.39 15.67 -70.80
C GLU E 458 -33.84 16.34 -69.50
N LEU E 459 -34.90 17.11 -69.58
CA LEU E 459 -35.37 17.89 -68.44
C LEU E 459 -36.44 17.17 -67.64
N SER E 460 -36.27 17.15 -66.32
CA SER E 460 -37.27 16.64 -65.40
C SER E 460 -37.63 17.72 -64.39
N CYS E 461 -38.85 17.65 -63.87
CA CYS E 461 -39.35 18.69 -62.99
C CYS E 461 -40.13 18.11 -61.80
N ILE E 462 -39.80 18.57 -60.60
CA ILE E 462 -40.55 18.22 -59.39
C ILE E 462 -41.34 19.43 -58.92
N MET E 463 -42.61 19.23 -58.60
CA MET E 463 -43.39 20.31 -58.00
C MET E 463 -43.91 19.89 -56.63
N TYR E 464 -43.62 20.70 -55.62
CA TYR E 464 -44.17 20.48 -54.29
C TYR E 464 -45.37 21.37 -54.04
N GLN E 465 -46.47 20.70 -53.66
CA GLN E 465 -47.76 21.31 -53.44
C GLN E 465 -48.26 20.98 -52.04
N ARG E 466 -48.44 22.01 -51.21
CA ARG E 466 -48.81 21.81 -49.81
C ARG E 466 -50.21 21.23 -49.64
N SER E 467 -51.14 21.71 -50.45
CA SER E 467 -52.53 21.29 -50.33
C SER E 467 -53.05 20.84 -51.69
N CYS E 468 -53.75 19.73 -51.72
CA CYS E 468 -54.15 19.13 -52.99
C CYS E 468 -55.60 18.68 -53.03
N ASP E 469 -56.44 19.45 -53.72
CA ASP E 469 -57.78 19.00 -54.05
C ASP E 469 -57.65 17.94 -55.13
N VAL E 470 -57.77 16.67 -54.73
CA VAL E 470 -57.50 15.56 -55.63
C VAL E 470 -58.50 15.46 -56.77
N GLY E 471 -59.78 15.61 -56.46
CA GLY E 471 -60.82 15.47 -57.46
C GLY E 471 -60.81 16.58 -58.50
N LEU E 472 -60.55 17.80 -58.04
CA LEU E 472 -60.73 18.98 -58.90
C LEU E 472 -59.41 19.59 -59.38
N GLY E 473 -58.50 19.87 -58.45
CA GLY E 473 -57.31 20.63 -58.77
C GLY E 473 -56.11 19.87 -59.29
N VAL E 474 -55.88 18.67 -58.76
CA VAL E 474 -54.69 17.89 -59.07
C VAL E 474 -54.46 17.65 -60.57
N PRO E 475 -55.49 17.21 -61.33
CA PRO E 475 -55.22 17.02 -62.76
C PRO E 475 -54.78 18.30 -63.45
N PHE E 476 -55.45 19.40 -63.09
CA PHE E 476 -55.15 20.73 -63.57
C PHE E 476 -53.70 21.11 -63.29
N ASN E 477 -53.24 20.80 -62.08
CA ASN E 477 -51.85 21.10 -61.70
C ASN E 477 -50.84 20.25 -62.46
N ILE E 478 -51.14 18.96 -62.58
CA ILE E 478 -50.33 18.04 -63.38
C ILE E 478 -50.13 18.60 -64.77
N ALA E 479 -51.25 18.86 -65.46
CA ALA E 479 -51.21 19.45 -66.79
C ALA E 479 -50.41 20.75 -66.80
N SER E 480 -50.61 21.56 -65.76
CA SER E 480 -49.98 22.87 -65.67
C SER E 480 -48.46 22.78 -65.68
N TYR E 481 -47.91 22.06 -64.70
CA TYR E 481 -46.46 22.00 -64.57
C TYR E 481 -45.82 21.10 -65.63
N SER E 482 -46.58 20.17 -66.18
CA SER E 482 -46.09 19.40 -67.32
C SER E 482 -45.92 20.33 -68.52
N LEU E 483 -46.91 21.18 -68.75
CA LEU E 483 -46.85 22.20 -69.79
C LEU E 483 -45.66 23.13 -69.56
N LEU E 484 -45.49 23.59 -68.33
CA LEU E 484 -44.36 24.43 -67.96
C LEU E 484 -43.06 23.74 -68.33
N THR E 485 -42.97 22.46 -68.01
CA THR E 485 -41.78 21.66 -68.33
C THR E 485 -41.54 21.64 -69.83
N LEU E 486 -42.60 21.43 -70.61
CA LEU E 486 -42.47 21.48 -72.08
C LEU E 486 -41.88 22.81 -72.53
N MET E 487 -42.50 23.90 -72.09
CA MET E 487 -42.07 25.23 -72.52
C MET E 487 -40.62 25.53 -72.16
N VAL E 488 -40.30 25.35 -70.88
CA VAL E 488 -38.94 25.53 -70.40
C VAL E 488 -37.95 24.70 -71.23
N ALA E 489 -38.29 23.43 -71.45
CA ALA E 489 -37.43 22.53 -72.21
C ALA E 489 -37.18 23.04 -73.62
N HIS E 490 -38.24 23.51 -74.28
CA HIS E 490 -38.09 24.05 -75.62
C HIS E 490 -37.20 25.29 -75.62
N VAL E 491 -37.42 26.17 -74.65
CA VAL E 491 -36.66 27.42 -74.57
C VAL E 491 -35.18 27.15 -74.25
N CYS E 492 -34.90 26.02 -73.59
CA CYS E 492 -33.54 25.69 -73.20
C CYS E 492 -32.89 24.64 -74.09
N ASN E 493 -33.49 24.36 -75.24
CA ASN E 493 -33.02 23.32 -76.15
C ASN E 493 -32.83 21.97 -75.48
N LEU E 494 -33.82 21.55 -74.70
CA LEU E 494 -33.76 20.28 -73.99
C LEU E 494 -34.96 19.40 -74.33
N LYS E 495 -34.89 18.14 -73.93
CA LYS E 495 -35.97 17.20 -74.17
C LYS E 495 -36.77 16.96 -72.89
N PRO E 496 -38.09 17.18 -72.94
CA PRO E 496 -38.93 16.89 -71.78
C PRO E 496 -38.95 15.41 -71.45
N LYS E 497 -38.59 15.06 -70.22
CA LYS E 497 -38.53 13.67 -69.81
C LYS E 497 -39.63 13.29 -68.84
N GLU E 498 -39.78 14.06 -67.77
CA GLU E 498 -40.63 13.65 -66.67
C GLU E 498 -41.11 14.80 -65.79
N PHE E 499 -42.38 14.75 -65.39
CA PHE E 499 -42.89 15.65 -64.35
C PHE E 499 -43.16 14.86 -63.07
N ILE E 500 -42.64 15.34 -61.96
CA ILE E 500 -42.78 14.62 -60.69
C ILE E 500 -43.62 15.40 -59.69
N HIS E 501 -44.69 14.77 -59.22
CA HIS E 501 -45.66 15.42 -58.35
C HIS E 501 -45.51 15.00 -56.88
N PHE E 502 -44.99 15.92 -56.08
CA PHE E 502 -44.84 15.73 -54.64
C PHE E 502 -45.96 16.46 -53.90
N MET E 503 -46.72 15.72 -53.11
CA MET E 503 -47.94 16.24 -52.51
C MET E 503 -47.93 16.15 -50.99
N GLY E 504 -48.27 17.26 -50.34
CA GLY E 504 -48.32 17.31 -48.89
C GLY E 504 -49.65 16.84 -48.33
N ASN E 505 -50.51 17.79 -47.98
CA ASN E 505 -51.85 17.45 -47.53
C ASN E 505 -52.72 17.06 -48.71
N THR E 506 -52.78 15.76 -48.98
CA THR E 506 -53.49 15.22 -50.13
C THR E 506 -54.89 14.76 -49.73
N HIS E 507 -55.91 15.41 -50.27
CA HIS E 507 -57.26 15.23 -49.76
C HIS E 507 -58.34 15.24 -50.85
N VAL E 508 -59.47 14.61 -50.57
CA VAL E 508 -60.65 14.75 -51.41
C VAL E 508 -61.79 15.30 -50.55
N TYR E 509 -62.63 16.15 -51.13
CA TYR E 509 -63.74 16.73 -50.39
C TYR E 509 -64.90 15.74 -50.33
N THR E 510 -65.63 15.78 -49.23
CA THR E 510 -66.70 14.82 -48.98
C THR E 510 -67.86 14.93 -49.96
N ASN E 511 -68.01 16.11 -50.57
CA ASN E 511 -69.06 16.31 -51.57
C ASN E 511 -68.58 15.93 -52.99
N HIS E 512 -67.45 15.24 -53.04
CA HIS E 512 -66.87 14.79 -54.31
C HIS E 512 -66.88 13.26 -54.41
N VAL E 513 -67.03 12.61 -53.26
CA VAL E 513 -66.79 11.17 -53.13
C VAL E 513 -67.63 10.31 -54.07
N GLU E 514 -68.91 10.66 -54.20
N GLU E 514 -68.92 10.64 -54.21
CA GLU E 514 -69.82 9.96 -55.11
CA GLU E 514 -69.79 9.92 -55.12
C GLU E 514 -69.31 10.05 -56.55
C GLU E 514 -69.32 10.04 -56.56
N ALA E 515 -69.01 11.28 -56.96
CA ALA E 515 -68.55 11.55 -58.31
C ALA E 515 -67.22 10.86 -58.61
N LEU E 516 -66.34 10.79 -57.62
CA LEU E 516 -65.05 10.13 -57.80
C LEU E 516 -65.25 8.63 -57.91
N LYS E 517 -66.14 8.11 -57.08
CA LYS E 517 -66.53 6.70 -57.15
C LYS E 517 -67.04 6.36 -58.55
N GLU E 518 -67.82 7.28 -59.11
CA GLU E 518 -68.27 7.15 -60.50
C GLU E 518 -67.08 7.13 -61.44
N GLN E 519 -66.19 8.10 -61.26
CA GLN E 519 -65.02 8.29 -62.11
C GLN E 519 -64.11 7.08 -62.15
N LEU E 520 -64.06 6.33 -61.06
CA LEU E 520 -63.17 5.18 -60.97
C LEU E 520 -63.66 3.98 -61.79
N ARG E 521 -64.91 4.04 -62.25
CA ARG E 521 -65.45 2.95 -63.07
C ARG E 521 -64.99 3.08 -64.51
N ARG E 522 -64.41 4.23 -64.83
CA ARG E 522 -63.92 4.50 -66.18
C ARG E 522 -62.46 4.09 -66.30
N GLU E 523 -62.15 3.30 -67.33
CA GLU E 523 -60.76 3.02 -67.66
C GLU E 523 -60.20 4.16 -68.51
N PRO E 524 -58.92 4.49 -68.33
CA PRO E 524 -58.32 5.65 -69.01
C PRO E 524 -58.23 5.45 -70.52
N ARG E 525 -57.95 6.54 -71.22
CA ARG E 525 -57.72 6.51 -72.66
C ARG E 525 -56.28 6.94 -72.93
N PRO E 526 -55.77 6.67 -74.14
CA PRO E 526 -54.40 7.11 -74.44
C PRO E 526 -54.20 8.62 -74.24
N PHE E 527 -53.09 8.98 -73.62
CA PHE E 527 -52.74 10.38 -73.44
C PHE E 527 -52.57 11.06 -74.79
N PRO E 528 -52.93 12.34 -74.87
CA PRO E 528 -52.74 13.10 -76.10
C PRO E 528 -51.31 13.62 -76.24
N ILE E 529 -51.04 14.30 -77.34
CA ILE E 529 -49.73 14.93 -77.57
C ILE E 529 -49.90 16.43 -77.60
N VAL E 530 -49.14 17.15 -76.78
CA VAL E 530 -49.16 18.61 -76.81
C VAL E 530 -48.01 19.13 -77.65
N ASN E 531 -48.34 19.72 -78.79
CA ASN E 531 -47.33 20.24 -79.70
C ASN E 531 -47.18 21.75 -79.60
N ILE E 532 -45.93 22.20 -79.60
CA ILE E 532 -45.64 23.62 -79.63
C ILE E 532 -45.53 24.08 -81.07
N LEU E 533 -46.38 25.00 -81.47
CA LEU E 533 -46.37 25.53 -82.81
C LEU E 533 -45.44 26.73 -82.89
N ASN E 534 -44.95 27.04 -84.09
CA ASN E 534 -44.13 28.22 -84.33
C ASN E 534 -42.84 28.26 -83.50
N LYS E 535 -42.22 27.09 -83.35
CA LYS E 535 -41.01 26.96 -82.55
C LYS E 535 -39.93 27.96 -82.96
N GLU E 536 -39.74 28.13 -84.26
CA GLU E 536 -38.72 29.03 -84.81
C GLU E 536 -38.89 30.46 -84.30
N ARG E 537 -40.12 30.84 -83.98
CA ARG E 537 -40.40 32.18 -83.50
C ARG E 537 -40.12 32.29 -82.00
N ILE E 538 -40.25 31.17 -81.31
CA ILE E 538 -40.18 31.16 -79.85
C ILE E 538 -38.76 30.86 -79.36
N LYS E 539 -38.15 31.84 -78.69
CA LYS E 539 -36.79 31.71 -78.21
C LYS E 539 -36.68 31.95 -76.70
N GLU E 540 -37.64 32.68 -76.16
CA GLU E 540 -37.66 32.93 -74.73
C GLU E 540 -39.00 32.53 -74.12
N ILE E 541 -39.04 32.40 -72.79
CA ILE E 541 -40.22 31.93 -72.10
C ILE E 541 -41.42 32.87 -72.27
N ASP E 542 -41.13 34.14 -72.49
CA ASP E 542 -42.17 35.15 -72.62
C ASP E 542 -42.72 35.23 -74.05
N ASP E 543 -42.05 34.55 -74.97
CA ASP E 543 -42.43 34.59 -76.38
C ASP E 543 -43.70 33.79 -76.67
N PHE E 544 -44.01 32.83 -75.80
CA PHE E 544 -45.20 32.00 -75.97
C PHE E 544 -46.49 32.81 -75.95
N THR E 545 -47.46 32.38 -76.75
CA THR E 545 -48.81 32.96 -76.71
C THR E 545 -49.85 31.85 -76.56
N ALA E 546 -51.11 32.23 -76.61
CA ALA E 546 -52.20 31.27 -76.39
C ALA E 546 -52.43 30.38 -77.61
N GLU E 547 -51.98 30.82 -78.78
CA GLU E 547 -52.22 30.09 -80.01
C GLU E 547 -51.01 29.28 -80.45
N ASP E 548 -50.02 29.17 -79.57
CA ASP E 548 -48.78 28.50 -79.94
C ASP E 548 -48.77 27.03 -79.52
N PHE E 549 -49.95 26.50 -79.22
CA PHE E 549 -50.05 25.12 -78.78
C PHE E 549 -51.10 24.33 -79.55
N GLU E 550 -51.04 23.00 -79.41
CA GLU E 550 -51.94 22.13 -80.13
C GLU E 550 -52.10 20.79 -79.41
N VAL E 551 -53.29 20.55 -78.86
CA VAL E 551 -53.59 19.26 -78.23
C VAL E 551 -54.06 18.29 -79.28
N VAL E 552 -53.43 17.12 -79.34
CA VAL E 552 -53.65 16.18 -80.43
C VAL E 552 -53.96 14.77 -79.94
N GLY E 553 -55.15 14.28 -80.26
CA GLY E 553 -55.54 12.93 -79.88
C GLY E 553 -56.13 12.87 -78.48
N TYR E 554 -56.69 13.97 -78.02
CA TYR E 554 -57.35 13.99 -76.72
C TYR E 554 -58.73 13.37 -76.84
N VAL E 555 -58.89 12.18 -76.29
CA VAL E 555 -60.19 11.51 -76.27
C VAL E 555 -60.60 11.18 -74.83
N PRO E 556 -61.07 12.18 -74.08
CA PRO E 556 -61.44 11.98 -72.68
C PRO E 556 -62.90 11.55 -72.49
N HIS E 557 -63.23 11.09 -71.28
CA HIS E 557 -64.61 10.79 -70.96
C HIS E 557 -65.38 12.08 -70.72
N GLY E 558 -66.64 11.95 -70.32
CA GLY E 558 -67.48 13.12 -70.08
C GLY E 558 -67.01 13.93 -68.90
N ARG E 559 -67.41 15.20 -68.84
CA ARG E 559 -67.11 16.03 -67.69
C ARG E 559 -67.89 15.56 -66.46
N ILE E 560 -67.33 15.79 -65.28
CA ILE E 560 -68.00 15.47 -64.03
C ILE E 560 -68.12 16.70 -63.16
N GLN E 561 -69.37 17.12 -62.90
CA GLN E 561 -69.62 18.30 -62.10
C GLN E 561 -69.16 18.13 -60.65
N MET E 562 -68.22 18.99 -60.25
CA MET E 562 -67.76 19.02 -58.87
C MET E 562 -67.59 20.46 -58.39
N GLU E 563 -68.43 20.86 -57.45
CA GLU E 563 -68.43 22.22 -56.92
C GLU E 563 -67.14 22.54 -56.18
N MET E 564 -66.69 23.78 -56.28
CA MET E 564 -65.48 24.21 -55.60
C MET E 564 -65.75 24.48 -54.13
N ALA E 565 -64.99 23.82 -53.27
CA ALA E 565 -65.01 24.14 -51.84
C ALA E 565 -64.47 25.55 -51.67
N VAL E 566 -65.37 26.48 -51.39
CA VAL E 566 -65.09 27.91 -51.43
C VAL E 566 -64.10 28.39 -50.36
N LYS F 3 -36.92 -34.17 -40.02
CA LYS F 3 -36.92 -33.91 -38.59
C LYS F 3 -36.25 -32.56 -38.26
N PRO F 4 -36.75 -31.45 -38.82
CA PRO F 4 -36.08 -30.16 -38.62
C PRO F 4 -36.46 -29.51 -37.28
N VAL F 5 -35.59 -28.65 -36.77
CA VAL F 5 -35.81 -27.97 -35.50
C VAL F 5 -35.67 -26.45 -35.65
N CYS F 6 -36.43 -25.69 -34.85
CA CYS F 6 -36.31 -24.24 -34.84
C CYS F 6 -36.16 -23.70 -33.42
N LEU F 7 -35.26 -22.74 -33.24
CA LEU F 7 -35.06 -22.11 -31.94
C LEU F 7 -35.81 -20.78 -31.86
N VAL F 8 -36.58 -20.58 -30.79
CA VAL F 8 -37.30 -19.34 -30.57
C VAL F 8 -36.76 -18.61 -29.35
N VAL F 9 -36.13 -17.46 -29.58
CA VAL F 9 -35.42 -16.74 -28.52
C VAL F 9 -35.71 -15.25 -28.49
N ALA F 10 -35.34 -14.63 -27.37
CA ALA F 10 -35.36 -13.18 -27.23
C ALA F 10 -34.13 -12.75 -26.43
N MET F 11 -33.12 -12.22 -27.11
CA MET F 11 -31.84 -11.94 -26.46
C MET F 11 -31.37 -10.50 -26.65
N THR F 12 -30.59 -10.03 -25.68
CA THR F 12 -29.93 -8.73 -25.73
C THR F 12 -28.80 -8.77 -26.76
N PRO F 13 -28.16 -7.62 -27.05
CA PRO F 13 -27.02 -7.73 -27.98
C PRO F 13 -25.86 -8.54 -27.42
N LYS F 14 -25.76 -8.63 -26.10
CA LYS F 14 -24.73 -9.44 -25.47
C LYS F 14 -25.21 -10.87 -25.25
N ARG F 15 -26.24 -11.25 -25.99
CA ARG F 15 -26.81 -12.61 -25.97
C ARG F 15 -27.40 -13.01 -24.62
N GLY F 16 -27.68 -12.03 -23.77
CA GLY F 16 -28.30 -12.31 -22.49
C GLY F 16 -29.77 -12.64 -22.66
N ILE F 17 -30.27 -13.61 -21.89
CA ILE F 17 -31.66 -14.03 -22.03
C ILE F 17 -32.42 -14.14 -20.71
N GLY F 18 -31.70 -14.19 -19.60
CA GLY F 18 -32.35 -14.35 -18.31
C GLY F 18 -31.57 -13.95 -17.08
N ILE F 19 -32.27 -13.78 -15.97
CA ILE F 19 -31.64 -13.47 -14.70
C ILE F 19 -32.57 -13.84 -13.54
N ASN F 20 -32.03 -14.52 -12.54
CA ASN F 20 -32.80 -15.03 -11.41
C ASN F 20 -34.00 -15.85 -11.88
N ASN F 21 -33.76 -16.73 -12.85
CA ASN F 21 -34.78 -17.58 -13.43
C ASN F 21 -36.00 -16.79 -13.92
N GLY F 22 -35.72 -15.68 -14.59
CA GLY F 22 -36.77 -14.83 -15.12
C GLY F 22 -36.29 -14.03 -16.30
N LEU F 23 -37.08 -13.05 -16.71
CA LEU F 23 -36.71 -12.22 -17.86
C LEU F 23 -35.98 -10.95 -17.42
N PRO F 24 -34.94 -10.57 -18.18
CA PRO F 24 -34.10 -9.41 -17.89
C PRO F 24 -34.85 -8.09 -18.12
N TRP F 25 -35.74 -8.10 -19.11
CA TRP F 25 -36.45 -6.91 -19.54
C TRP F 25 -37.92 -6.94 -19.12
N PRO F 26 -38.53 -5.75 -18.96
CA PRO F 26 -39.97 -5.68 -18.69
C PRO F 26 -40.79 -6.29 -19.82
N HIS F 27 -42.08 -6.46 -19.59
CA HIS F 27 -42.95 -7.23 -20.49
C HIS F 27 -42.92 -6.72 -21.92
N LEU F 28 -42.66 -7.64 -22.87
CA LEU F 28 -42.66 -7.30 -24.29
C LEU F 28 -43.87 -7.92 -25.00
N THR F 29 -44.96 -7.15 -25.02
CA THR F 29 -46.25 -7.58 -25.56
C THR F 29 -46.15 -8.14 -26.97
N THR F 30 -45.63 -7.33 -27.89
CA THR F 30 -45.54 -7.72 -29.30
C THR F 30 -44.66 -8.95 -29.46
N ASP F 31 -43.62 -9.04 -28.64
CA ASP F 31 -42.75 -10.21 -28.66
C ASP F 31 -43.51 -11.45 -28.23
N PHE F 32 -44.40 -11.30 -27.26
CA PHE F 32 -45.20 -12.44 -26.81
C PHE F 32 -46.24 -12.85 -27.87
N LYS F 33 -46.85 -11.87 -28.51
CA LYS F 33 -47.76 -12.16 -29.62
C LYS F 33 -47.01 -12.94 -30.70
N HIS F 34 -45.79 -12.47 -30.99
CA HIS F 34 -44.90 -13.10 -31.96
C HIS F 34 -44.62 -14.56 -31.60
N PHE F 35 -44.21 -14.79 -30.36
CA PHE F 35 -43.93 -16.14 -29.86
C PHE F 35 -45.14 -17.04 -30.04
N SER F 36 -46.27 -16.61 -29.48
CA SER F 36 -47.49 -17.39 -29.49
C SER F 36 -47.97 -17.69 -30.90
N ARG F 37 -47.77 -16.75 -31.81
CA ARG F 37 -48.17 -16.94 -33.19
C ARG F 37 -47.27 -17.93 -33.91
N VAL F 38 -45.96 -17.73 -33.78
CA VAL F 38 -44.97 -18.61 -34.41
C VAL F 38 -45.12 -20.05 -33.93
N THR F 39 -45.30 -20.24 -32.64
CA THR F 39 -45.28 -21.59 -32.09
C THR F 39 -46.51 -22.44 -32.43
N LYS F 40 -47.47 -21.88 -33.16
CA LYS F 40 -48.64 -22.65 -33.56
C LYS F 40 -49.17 -22.30 -34.95
N THR F 41 -49.41 -23.34 -35.75
CA THR F 41 -50.07 -23.22 -37.05
C THR F 41 -50.48 -24.60 -37.56
N PHE F 49 -51.11 -30.29 -34.66
CA PHE F 49 -50.59 -29.27 -33.78
C PHE F 49 -49.06 -29.17 -33.85
N ASN F 50 -48.51 -28.16 -33.19
CA ASN F 50 -47.07 -28.00 -33.11
C ASN F 50 -46.52 -28.44 -31.75
N ALA F 51 -45.21 -28.54 -31.64
CA ALA F 51 -44.59 -28.99 -30.40
C ALA F 51 -43.57 -27.98 -29.87
N VAL F 52 -43.55 -27.80 -28.57
CA VAL F 52 -42.58 -26.95 -27.90
C VAL F 52 -41.77 -27.76 -26.88
N VAL F 53 -40.46 -27.56 -26.87
CA VAL F 53 -39.58 -28.27 -25.97
C VAL F 53 -38.79 -27.28 -25.10
N MET F 54 -38.92 -27.42 -23.78
CA MET F 54 -38.30 -26.48 -22.86
C MET F 54 -37.52 -27.15 -21.75
N GLY F 55 -36.53 -26.44 -21.21
CA GLY F 55 -35.70 -26.97 -20.16
C GLY F 55 -36.43 -27.04 -18.83
N ARG F 56 -35.75 -27.53 -17.80
CA ARG F 56 -36.36 -27.72 -16.49
C ARG F 56 -36.79 -26.38 -15.89
N LYS F 57 -35.82 -25.50 -15.66
CA LYS F 57 -36.09 -24.22 -15.03
C LYS F 57 -37.00 -23.33 -15.88
N THR F 58 -36.93 -23.49 -17.20
CA THR F 58 -37.74 -22.70 -18.13
C THR F 58 -39.23 -22.93 -17.89
N TRP F 59 -39.58 -24.17 -17.55
CA TRP F 59 -40.96 -24.53 -17.24
C TRP F 59 -41.41 -23.83 -15.96
N GLU F 60 -40.47 -23.63 -15.04
CA GLU F 60 -40.76 -23.00 -13.78
C GLU F 60 -40.86 -21.49 -13.91
N SER F 61 -40.15 -20.93 -14.89
CA SER F 61 -40.20 -19.50 -15.14
C SER F 61 -41.61 -19.05 -15.51
N MET F 62 -42.33 -19.90 -16.22
CA MET F 62 -43.70 -19.59 -16.61
C MET F 62 -44.66 -19.63 -15.43
N PRO F 63 -45.48 -18.56 -15.28
CA PRO F 63 -46.59 -18.57 -14.32
C PRO F 63 -47.51 -19.76 -14.55
N ARG F 64 -48.09 -20.29 -13.47
CA ARG F 64 -48.84 -21.54 -13.51
C ARG F 64 -50.04 -21.50 -14.44
N LYS F 65 -50.67 -20.34 -14.55
CA LYS F 65 -51.86 -20.19 -15.40
C LYS F 65 -51.51 -20.32 -16.87
N PHE F 66 -50.22 -20.19 -17.18
CA PHE F 66 -49.74 -20.29 -18.56
C PHE F 66 -48.98 -21.57 -18.84
N ARG F 67 -48.54 -22.26 -17.78
CA ARG F 67 -47.56 -23.35 -17.91
C ARG F 67 -47.92 -24.40 -18.96
N PRO F 68 -49.15 -24.95 -18.94
CA PRO F 68 -49.43 -25.77 -20.12
C PRO F 68 -49.67 -24.90 -21.35
N LEU F 69 -48.64 -24.71 -22.16
CA LEU F 69 -48.76 -23.92 -23.38
C LEU F 69 -49.83 -24.48 -24.30
N VAL F 70 -50.99 -23.82 -24.30
CA VAL F 70 -52.19 -24.33 -24.96
C VAL F 70 -52.05 -24.49 -26.48
N ASP F 71 -52.73 -25.51 -27.00
CA ASP F 71 -52.76 -25.85 -28.43
C ASP F 71 -51.38 -26.25 -28.96
N ARG F 72 -50.50 -26.69 -28.06
CA ARG F 72 -49.17 -27.14 -28.44
C ARG F 72 -48.71 -28.25 -27.51
N LEU F 73 -48.09 -29.28 -28.08
CA LEU F 73 -47.56 -30.38 -27.28
C LEU F 73 -46.38 -29.86 -26.47
N ASN F 74 -46.40 -30.09 -25.15
CA ASN F 74 -45.32 -29.61 -24.30
C ASN F 74 -44.34 -30.71 -23.92
N ILE F 75 -43.04 -30.39 -23.96
CA ILE F 75 -42.01 -31.34 -23.54
C ILE F 75 -40.98 -30.67 -22.63
N VAL F 76 -41.13 -30.87 -21.33
CA VAL F 76 -40.13 -30.42 -20.36
C VAL F 76 -39.00 -31.43 -20.34
N VAL F 77 -37.76 -30.98 -20.22
CA VAL F 77 -36.64 -31.91 -20.12
C VAL F 77 -35.86 -31.76 -18.82
N SER F 78 -35.72 -32.87 -18.11
CA SER F 78 -34.97 -32.90 -16.85
C SER F 78 -34.74 -34.35 -16.43
N SER F 79 -34.53 -34.56 -15.14
CA SER F 79 -34.36 -35.90 -14.59
C SER F 79 -34.92 -35.98 -13.18
N SER F 80 -35.65 -34.94 -12.78
CA SER F 80 -36.13 -34.85 -11.40
C SER F 80 -37.65 -34.71 -11.29
N LEU F 81 -38.29 -34.16 -12.32
CA LEU F 81 -39.70 -33.78 -12.22
C LEU F 81 -40.68 -34.87 -12.66
N LYS F 82 -41.96 -34.59 -12.43
CA LYS F 82 -43.04 -35.53 -12.69
C LYS F 82 -43.14 -35.91 -14.17
N VAL F 101 -42.33 -35.52 -20.77
CA VAL F 101 -41.14 -35.20 -19.98
C VAL F 101 -40.01 -36.20 -20.26
N CYS F 102 -38.97 -35.72 -20.94
CA CYS F 102 -37.85 -36.57 -21.33
C CYS F 102 -36.60 -36.25 -20.53
N ALA F 103 -35.58 -37.09 -20.67
CA ALA F 103 -34.36 -36.95 -19.88
C ALA F 103 -33.26 -36.24 -20.64
N SER F 104 -33.51 -35.96 -21.90
CA SER F 104 -32.56 -35.23 -22.75
C SER F 104 -33.26 -34.74 -24.00
N LEU F 105 -32.60 -33.84 -24.72
CA LEU F 105 -33.13 -33.33 -25.98
C LEU F 105 -33.19 -34.40 -27.08
N PRO F 106 -32.13 -35.22 -27.22
CA PRO F 106 -32.27 -36.32 -28.20
C PRO F 106 -33.42 -37.25 -27.85
N ALA F 107 -33.61 -37.52 -26.57
CA ALA F 107 -34.74 -38.33 -26.12
C ALA F 107 -36.06 -37.65 -26.46
N ALA F 108 -36.07 -36.32 -26.35
CA ALA F 108 -37.26 -35.54 -26.65
C ALA F 108 -37.60 -35.64 -28.13
N LEU F 109 -36.57 -35.68 -28.97
CA LEU F 109 -36.75 -35.84 -30.40
C LEU F 109 -37.25 -37.25 -30.72
N SER F 110 -36.66 -38.23 -30.02
CA SER F 110 -37.03 -39.63 -30.20
C SER F 110 -38.50 -39.85 -29.85
N LEU F 111 -38.96 -39.19 -28.78
CA LEU F 111 -40.34 -39.27 -28.35
C LEU F 111 -41.28 -38.63 -29.36
N LEU F 112 -40.73 -37.78 -30.22
CA LEU F 112 -41.50 -37.12 -31.25
C LEU F 112 -41.48 -37.91 -32.56
N GLU F 113 -40.45 -38.71 -32.75
CA GLU F 113 -40.37 -39.56 -33.93
C GLU F 113 -41.19 -40.84 -33.76
N GLU F 114 -41.01 -41.48 -32.61
CA GLU F 114 -41.74 -42.71 -32.27
C GLU F 114 -43.24 -42.45 -32.34
N GLU F 115 -43.79 -41.86 -31.29
CA GLU F 115 -45.19 -41.45 -31.29
C GLU F 115 -45.29 -40.04 -31.81
N TYR F 116 -46.52 -39.56 -31.95
CA TYR F 116 -46.82 -38.24 -32.49
C TYR F 116 -46.38 -38.06 -33.95
N LYS F 117 -45.85 -39.11 -34.57
CA LYS F 117 -45.33 -39.03 -35.94
C LYS F 117 -46.38 -38.42 -36.87
N ASP F 118 -47.64 -38.70 -36.58
CA ASP F 118 -48.74 -37.97 -37.17
C ASP F 118 -49.24 -36.94 -36.16
N SER F 119 -49.66 -35.80 -36.68
CA SER F 119 -50.25 -34.66 -35.94
C SER F 119 -49.22 -33.62 -35.48
N VAL F 120 -47.94 -33.97 -35.46
CA VAL F 120 -46.94 -32.94 -35.15
C VAL F 120 -46.38 -32.38 -36.47
N ASP F 121 -46.45 -31.06 -36.60
CA ASP F 121 -45.98 -30.39 -37.80
C ASP F 121 -44.48 -30.14 -37.70
N GLN F 122 -44.13 -29.01 -37.12
CA GLN F 122 -42.74 -28.65 -36.88
C GLN F 122 -42.54 -28.47 -35.37
N ILE F 123 -41.30 -28.62 -34.93
CA ILE F 123 -41.02 -28.50 -33.50
C ILE F 123 -40.30 -27.19 -33.18
N PHE F 124 -40.28 -26.84 -31.90
CA PHE F 124 -39.61 -25.64 -31.44
C PHE F 124 -38.86 -25.89 -30.14
N VAL F 125 -37.82 -25.10 -29.88
CA VAL F 125 -37.13 -25.12 -28.60
C VAL F 125 -37.14 -23.72 -28.00
N VAL F 126 -37.72 -23.60 -26.81
CA VAL F 126 -37.96 -22.30 -26.21
C VAL F 126 -37.23 -22.12 -24.87
N GLY F 128 -34.70 -23.03 -22.38
CA GLY F 128 -33.70 -22.05 -21.97
C GLY F 128 -32.30 -22.44 -22.43
N ALA F 129 -31.29 -21.72 -21.92
CA ALA F 129 -29.91 -21.99 -22.28
C ALA F 129 -29.51 -23.38 -21.82
N GLY F 130 -28.55 -23.99 -22.51
CA GLY F 130 -28.20 -25.36 -22.24
C GLY F 130 -29.01 -26.27 -23.14
N LEU F 131 -30.30 -26.00 -23.27
CA LEU F 131 -31.13 -26.68 -24.25
C LEU F 131 -30.82 -26.10 -25.62
N TYR F 132 -30.63 -24.78 -25.65
CA TYR F 132 -30.17 -24.09 -26.85
C TYR F 132 -28.81 -24.62 -27.28
N GLU F 133 -27.89 -24.70 -26.32
CA GLU F 133 -26.53 -25.14 -26.62
C GLU F 133 -26.48 -26.62 -26.96
N ALA F 134 -27.44 -27.38 -26.42
CA ALA F 134 -27.55 -28.79 -26.77
C ALA F 134 -28.01 -28.92 -28.20
N ALA F 135 -29.05 -28.17 -28.53
CA ALA F 135 -29.62 -28.14 -29.87
C ALA F 135 -28.62 -27.68 -30.91
N LEU F 136 -27.72 -26.79 -30.50
CA LEU F 136 -26.70 -26.26 -31.39
C LEU F 136 -25.53 -27.23 -31.56
N SER F 137 -25.04 -27.78 -30.44
CA SER F 137 -23.93 -28.72 -30.49
C SER F 137 -24.32 -30.01 -31.21
N LEU F 138 -25.57 -30.41 -31.06
CA LEU F 138 -26.09 -31.59 -31.76
C LEU F 138 -26.50 -31.24 -33.18
N GLY F 139 -26.33 -29.96 -33.53
CA GLY F 139 -26.51 -29.48 -34.90
C GLY F 139 -27.83 -29.86 -35.55
N VAL F 140 -28.93 -29.69 -34.82
CA VAL F 140 -30.24 -30.07 -35.34
C VAL F 140 -31.13 -28.86 -35.63
N ALA F 141 -30.70 -27.68 -35.19
CA ALA F 141 -31.47 -26.45 -35.40
C ALA F 141 -31.19 -25.87 -36.78
N SER F 142 -32.21 -25.86 -37.62
CA SER F 142 -32.07 -25.37 -38.99
C SER F 142 -32.33 -23.87 -39.09
N HIS F 143 -33.27 -23.39 -38.27
CA HIS F 143 -33.66 -21.98 -38.27
C HIS F 143 -33.61 -21.37 -36.87
N LEU F 144 -33.42 -20.06 -36.81
CA LEU F 144 -33.40 -19.32 -35.54
C LEU F 144 -34.37 -18.14 -35.55
N TYR F 145 -35.40 -18.20 -34.71
CA TYR F 145 -36.32 -17.08 -34.56
C TYR F 145 -35.88 -16.18 -33.41
N ILE F 146 -35.04 -15.20 -33.72
CA ILE F 146 -34.45 -14.34 -32.71
C ILE F 146 -35.16 -13.00 -32.57
N THR F 147 -35.58 -12.69 -31.35
CA THR F 147 -36.07 -11.35 -31.02
C THR F 147 -34.91 -10.50 -30.51
N ARG F 148 -34.44 -9.57 -31.35
CA ARG F 148 -33.30 -8.74 -30.99
C ARG F 148 -33.69 -7.61 -30.06
N VAL F 149 -33.51 -7.82 -28.77
CA VAL F 149 -33.68 -6.76 -27.79
C VAL F 149 -32.52 -5.77 -27.92
N ALA F 150 -32.83 -4.51 -28.21
CA ALA F 150 -31.79 -3.52 -28.48
C ALA F 150 -31.10 -3.02 -27.22
N ARG F 151 -31.83 -3.00 -26.11
CA ARG F 151 -31.28 -2.57 -24.82
C ARG F 151 -30.52 -3.71 -24.15
N GLU F 152 -29.46 -3.35 -23.43
CA GLU F 152 -28.77 -4.33 -22.59
C GLU F 152 -29.38 -4.34 -21.19
N PHE F 153 -29.39 -5.50 -20.57
CA PHE F 153 -29.90 -5.64 -19.22
C PHE F 153 -28.99 -6.56 -18.42
N PRO F 154 -28.97 -6.40 -17.10
CA PRO F 154 -28.29 -7.35 -16.22
C PRO F 154 -28.75 -8.78 -16.46
N CYS F 155 -27.80 -9.69 -16.67
CA CYS F 155 -28.13 -11.09 -16.95
C CYS F 155 -27.12 -12.03 -16.31
N ASP F 156 -27.56 -13.24 -16.02
CA ASP F 156 -26.67 -14.30 -15.55
C ASP F 156 -26.83 -15.56 -16.38
N VAL F 157 -27.63 -15.46 -17.44
CA VAL F 157 -27.83 -16.57 -18.36
C VAL F 157 -27.79 -16.08 -19.80
N PHE F 158 -26.92 -16.69 -20.61
CA PHE F 158 -26.67 -16.20 -21.97
C PHE F 158 -26.88 -17.26 -23.05
N PHE F 159 -27.36 -16.80 -24.20
CA PHE F 159 -27.49 -17.65 -25.39
C PHE F 159 -26.10 -17.90 -25.98
N PRO F 160 -25.84 -19.15 -26.37
CA PRO F 160 -24.53 -19.57 -26.90
C PRO F 160 -24.05 -18.72 -28.07
N ALA F 161 -22.73 -18.53 -28.17
CA ALA F 161 -22.15 -17.85 -29.31
C ALA F 161 -22.26 -18.76 -30.53
N PHE F 162 -22.51 -18.16 -31.69
CA PHE F 162 -22.71 -18.94 -32.91
C PHE F 162 -22.30 -18.14 -34.14
N PRO F 163 -21.91 -18.84 -35.23
CA PRO F 163 -21.60 -18.16 -36.50
C PRO F 163 -22.82 -17.40 -37.03
N GLY F 164 -22.70 -16.09 -37.13
CA GLY F 164 -23.81 -15.25 -37.52
C GLY F 164 -24.05 -14.23 -36.42
N ASP F 165 -23.32 -14.40 -35.33
CA ASP F 165 -23.40 -13.53 -34.16
C ASP F 165 -23.38 -12.04 -34.52
N ASP F 166 -22.82 -11.74 -35.69
CA ASP F 166 -22.77 -10.39 -36.23
C ASP F 166 -24.12 -9.68 -36.22
N ILE F 167 -25.22 -10.43 -36.22
CA ILE F 167 -26.55 -9.84 -36.28
C ILE F 167 -26.95 -9.17 -34.94
N LEU F 168 -26.24 -9.51 -33.87
CA LEU F 168 -26.54 -8.94 -32.56
C LEU F 168 -25.73 -7.69 -32.27
N SER F 169 -24.42 -7.77 -32.46
CA SER F 169 -23.55 -6.61 -32.32
C SER F 169 -22.26 -6.82 -33.10
N ASN F 170 -21.27 -5.95 -32.87
CA ASN F 170 -20.07 -5.92 -33.70
C ASN F 170 -18.98 -6.90 -33.28
N LYS F 171 -19.34 -7.90 -32.49
CA LYS F 171 -18.42 -8.90 -31.94
C LYS F 171 -17.37 -9.37 -32.95
N GLU F 180 -17.54 -24.61 -43.12
CA GLU F 180 -17.99 -24.08 -41.83
C GLU F 180 -19.47 -23.71 -41.88
N ALA F 181 -20.25 -24.24 -40.94
CA ALA F 181 -21.68 -23.98 -40.91
C ALA F 181 -21.98 -22.63 -40.26
N THR F 182 -22.74 -21.80 -40.96
CA THR F 182 -23.07 -20.47 -40.46
C THR F 182 -24.56 -20.15 -40.63
N TYR F 183 -25.05 -19.27 -39.76
CA TYR F 183 -26.45 -18.86 -39.76
C TYR F 183 -26.63 -17.51 -40.44
N ARG F 184 -27.22 -17.53 -41.64
CA ARG F 184 -27.47 -16.30 -42.37
C ARG F 184 -28.90 -15.83 -42.14
N PRO F 185 -29.08 -14.51 -41.95
CA PRO F 185 -30.43 -13.96 -41.78
C PRO F 185 -31.20 -13.95 -43.10
N ILE F 186 -32.52 -14.01 -43.01
CA ILE F 186 -33.37 -14.15 -44.18
C ILE F 186 -34.61 -13.27 -44.02
N PHE F 187 -34.87 -12.89 -42.78
CA PHE F 187 -36.03 -12.11 -42.38
C PHE F 187 -35.56 -11.06 -41.39
N ILE F 188 -35.82 -9.79 -41.67
CA ILE F 188 -35.54 -8.74 -40.69
C ILE F 188 -36.71 -7.77 -40.65
N SER F 189 -37.32 -7.64 -39.47
CA SER F 189 -38.58 -6.93 -39.33
C SER F 189 -38.42 -5.46 -38.98
N LYS F 190 -39.57 -4.77 -38.94
CA LYS F 190 -39.64 -3.40 -38.47
C LYS F 190 -39.27 -3.36 -37.00
N THR F 191 -38.80 -2.21 -36.51
CA THR F 191 -38.47 -2.08 -35.10
C THR F 191 -39.71 -1.81 -34.25
N PHE F 192 -39.97 -2.68 -33.28
CA PHE F 192 -41.10 -2.49 -32.37
C PHE F 192 -40.57 -2.01 -31.02
N SER F 193 -41.47 -1.63 -30.12
CA SER F 193 -41.04 -1.18 -28.80
C SER F 193 -42.14 -1.28 -27.75
N ASP F 194 -41.78 -1.81 -26.58
CA ASP F 194 -42.70 -1.85 -25.45
C ASP F 194 -42.00 -1.53 -24.13
N ASN F 195 -42.66 -0.72 -23.32
CA ASN F 195 -42.12 -0.28 -22.03
C ASN F 195 -40.72 0.32 -22.13
N GLY F 196 -40.46 1.02 -23.23
CA GLY F 196 -39.19 1.69 -23.42
C GLY F 196 -38.10 0.74 -23.89
N VAL F 197 -38.51 -0.43 -24.36
CA VAL F 197 -37.57 -1.42 -24.89
C VAL F 197 -37.83 -1.64 -26.38
N PRO F 198 -36.88 -1.24 -27.22
CA PRO F 198 -36.94 -1.48 -28.67
C PRO F 198 -36.45 -2.87 -29.04
N TYR F 199 -37.10 -3.53 -30.00
CA TYR F 199 -36.62 -4.83 -30.45
C TYR F 199 -36.99 -5.17 -31.89
N ASP F 200 -36.31 -6.20 -32.41
CA ASP F 200 -36.50 -6.65 -33.78
C ASP F 200 -36.91 -8.12 -33.82
N PHE F 201 -37.33 -8.56 -34.99
CA PHE F 201 -37.57 -9.98 -35.23
C PHE F 201 -36.77 -10.43 -36.44
N VAL F 202 -35.86 -11.38 -36.24
CA VAL F 202 -35.10 -11.93 -37.35
C VAL F 202 -35.21 -13.45 -37.41
N VAL F 203 -35.16 -13.98 -38.62
CA VAL F 203 -35.15 -15.43 -38.82
C VAL F 203 -33.86 -15.82 -39.55
N LEU F 204 -33.09 -16.69 -38.92
CA LEU F 204 -31.82 -17.14 -39.48
C LEU F 204 -31.97 -18.56 -39.99
N GLU F 205 -31.11 -18.95 -40.93
CA GLU F 205 -31.07 -20.35 -41.38
C GLU F 205 -29.63 -20.83 -41.55
N LYS F 206 -29.42 -22.13 -41.39
CA LYS F 206 -28.11 -22.71 -41.63
C LYS F 206 -27.77 -22.72 -43.12
N ARG F 207 -26.50 -22.46 -43.43
CA ARG F 207 -26.02 -22.52 -44.81
C ARG F 207 -24.59 -23.04 -44.89
N SER F 241 -55.14 -18.17 -68.01
CA SER F 241 -55.82 -17.87 -69.28
C SER F 241 -55.54 -16.44 -69.73
N SER F 242 -55.87 -15.48 -68.86
CA SER F 242 -55.66 -14.07 -69.17
C SER F 242 -54.20 -13.68 -69.02
N ALA F 243 -53.51 -14.30 -68.06
CA ALA F 243 -52.08 -14.06 -67.86
C ALA F 243 -51.30 -14.51 -69.08
N ALA F 244 -51.79 -15.59 -69.71
CA ALA F 244 -51.16 -16.13 -70.90
C ALA F 244 -51.35 -15.19 -72.07
N ALA F 245 -52.54 -14.58 -72.15
CA ALA F 245 -52.83 -13.61 -73.21
C ALA F 245 -52.03 -12.32 -73.01
N ILE F 246 -51.75 -11.99 -71.75
CA ILE F 246 -51.04 -10.77 -71.43
C ILE F 246 -49.54 -10.93 -71.65
N ALA F 247 -49.05 -12.13 -71.36
CA ALA F 247 -47.62 -12.45 -71.36
C ALA F 247 -46.81 -11.96 -72.58
N PRO F 248 -47.26 -12.26 -73.82
CA PRO F 248 -46.39 -11.93 -74.95
C PRO F 248 -46.24 -10.42 -75.19
N VAL F 249 -47.08 -9.62 -74.53
CA VAL F 249 -46.98 -8.17 -74.67
C VAL F 249 -46.00 -7.62 -73.63
N LEU F 250 -46.17 -8.06 -72.40
CA LEU F 250 -45.21 -7.78 -71.33
C LEU F 250 -43.81 -8.18 -71.75
N ALA F 251 -43.72 -9.27 -72.51
CA ALA F 251 -42.44 -9.77 -73.00
C ALA F 251 -41.68 -8.71 -73.79
N TRP F 252 -42.28 -8.24 -74.89
CA TRP F 252 -41.60 -7.28 -75.75
C TRP F 252 -41.51 -5.92 -75.08
N MET F 253 -42.47 -5.59 -74.22
CA MET F 253 -42.41 -4.33 -73.49
C MET F 253 -41.26 -4.30 -72.49
N ASP F 254 -40.87 -5.48 -71.99
CA ASP F 254 -39.79 -5.57 -71.02
C ASP F 254 -38.43 -5.77 -71.66
N GLU F 255 -38.41 -6.46 -72.81
CA GLU F 255 -37.19 -6.79 -73.54
C GLU F 255 -36.14 -5.69 -73.54
N GLU F 256 -36.44 -4.60 -74.22
CA GLU F 256 -35.55 -3.44 -74.24
C GLU F 256 -36.04 -2.38 -73.26
N ASP F 257 -35.26 -2.14 -72.21
CA ASP F 257 -34.00 -2.84 -71.99
C ASP F 257 -34.11 -3.81 -70.82
N LYS F 264 -24.67 -3.33 -65.26
CA LYS F 264 -24.53 -4.62 -65.91
C LYS F 264 -24.81 -5.76 -64.92
N GLU F 265 -24.06 -5.76 -63.83
CA GLU F 265 -24.31 -6.69 -62.73
C GLU F 265 -24.85 -5.94 -61.52
N LEU F 266 -26.16 -6.09 -61.28
CA LEU F 266 -26.87 -5.35 -60.25
C LEU F 266 -26.32 -5.58 -58.86
N ILE F 267 -26.03 -4.50 -58.15
CA ILE F 267 -25.67 -4.59 -56.73
C ILE F 267 -26.94 -4.53 -55.89
N ARG F 268 -26.89 -5.11 -54.70
CA ARG F 268 -28.08 -5.20 -53.87
C ARG F 268 -27.73 -5.34 -52.39
N ALA F 269 -28.48 -4.63 -51.54
CA ALA F 269 -28.25 -4.70 -50.10
C ALA F 269 -28.64 -6.05 -49.54
N VAL F 270 -27.67 -6.70 -48.88
CA VAL F 270 -27.79 -8.05 -48.30
C VAL F 270 -28.86 -8.92 -48.96
N PRO F 271 -28.60 -9.38 -50.19
CA PRO F 271 -29.56 -10.10 -51.03
C PRO F 271 -30.10 -11.38 -50.41
N HIS F 272 -29.39 -11.93 -49.43
CA HIS F 272 -29.83 -13.15 -48.76
C HIS F 272 -31.07 -12.91 -47.92
N VAL F 273 -31.31 -11.66 -47.54
CA VAL F 273 -32.47 -11.31 -46.75
C VAL F 273 -33.68 -11.09 -47.65
N HIS F 274 -34.54 -12.11 -47.74
CA HIS F 274 -35.72 -12.03 -48.59
C HIS F 274 -36.80 -11.13 -47.99
N PHE F 275 -37.11 -11.33 -46.72
CA PHE F 275 -38.18 -10.54 -46.09
C PHE F 275 -37.63 -9.32 -45.36
N ARG F 276 -37.70 -8.17 -46.02
CA ARG F 276 -37.02 -6.96 -45.57
C ARG F 276 -37.97 -5.94 -44.95
N GLY F 277 -38.35 -6.17 -43.71
CA GLY F 277 -39.29 -5.30 -43.02
C GLY F 277 -38.68 -4.06 -42.41
N HIS F 278 -37.38 -4.10 -42.17
CA HIS F 278 -36.67 -2.97 -41.58
C HIS F 278 -36.78 -1.75 -42.47
N GLU F 279 -36.97 -0.59 -41.87
CA GLU F 279 -37.19 0.65 -42.64
C GLU F 279 -35.89 1.21 -43.22
N GLU F 280 -34.75 0.73 -42.74
CA GLU F 280 -33.44 1.18 -43.24
C GLU F 280 -33.17 0.64 -44.64
N PHE F 281 -33.88 -0.43 -44.99
CA PHE F 281 -33.83 -1.00 -46.33
C PHE F 281 -34.29 0.01 -47.37
N GLN F 282 -35.03 1.02 -46.94
CA GLN F 282 -35.37 2.13 -47.82
C GLN F 282 -34.09 2.81 -48.27
N TYR F 283 -33.26 3.15 -47.30
CA TYR F 283 -32.00 3.82 -47.53
C TYR F 283 -31.02 2.95 -48.31
N LEU F 284 -30.88 1.70 -47.89
CA LEU F 284 -29.98 0.78 -48.58
C LEU F 284 -30.38 0.57 -50.04
N ASP F 285 -31.67 0.27 -50.26
CA ASP F 285 -32.19 0.11 -51.62
C ASP F 285 -32.11 1.40 -52.41
N LEU F 286 -32.09 2.53 -51.71
CA LEU F 286 -31.89 3.82 -52.38
C LEU F 286 -30.47 3.89 -52.91
N ILE F 287 -29.51 3.52 -52.06
CA ILE F 287 -28.11 3.45 -52.47
C ILE F 287 -27.96 2.57 -53.70
N ALA F 288 -28.44 1.34 -53.58
CA ALA F 288 -28.38 0.37 -54.67
C ALA F 288 -29.01 0.92 -55.95
N ASP F 289 -30.22 1.47 -55.83
CA ASP F 289 -30.95 1.97 -56.98
C ASP F 289 -30.22 3.12 -57.67
N ILE F 290 -29.56 3.95 -56.87
CA ILE F 290 -28.81 5.07 -57.42
C ILE F 290 -27.56 4.57 -58.15
N ILE F 291 -26.85 3.63 -57.54
CA ILE F 291 -25.62 3.12 -58.16
C ILE F 291 -25.94 2.35 -59.45
N ASN F 292 -27.04 1.60 -59.44
CA ASN F 292 -27.42 0.78 -60.59
C ASN F 292 -28.09 1.58 -61.72
N ASN F 293 -28.95 2.52 -61.38
CA ASN F 293 -29.81 3.17 -62.37
C ASN F 293 -29.59 4.67 -62.55
N GLY F 294 -28.67 5.24 -61.78
CA GLY F 294 -28.43 6.67 -61.84
C GLY F 294 -27.58 7.05 -63.05
N ARG F 295 -27.45 8.36 -63.28
CA ARG F 295 -26.62 8.85 -64.38
C ARG F 295 -25.36 9.50 -63.81
N THR F 296 -24.22 9.26 -64.45
CA THR F 296 -22.96 9.83 -63.99
C THR F 296 -22.81 11.27 -64.47
N MET F 297 -22.74 12.20 -63.51
CA MET F 297 -22.74 13.63 -63.82
C MET F 297 -21.57 14.36 -63.19
N ASP F 298 -21.39 15.62 -63.59
CA ASP F 298 -20.45 16.53 -62.93
C ASP F 298 -21.21 17.38 -61.92
N ASP F 299 -20.49 18.25 -61.20
CA ASP F 299 -21.13 19.14 -60.24
C ASP F 299 -20.25 20.31 -59.82
N ARG F 300 -20.75 21.07 -58.85
CA ARG F 300 -20.05 22.22 -58.29
C ARG F 300 -18.65 21.87 -57.78
N THR F 301 -18.56 20.75 -57.08
CA THR F 301 -17.32 20.36 -56.41
C THR F 301 -16.24 19.87 -57.37
N GLY F 302 -16.65 19.24 -58.46
CA GLY F 302 -15.72 18.69 -59.43
C GLY F 302 -15.35 17.26 -59.10
N VAL F 303 -16.04 16.69 -58.12
CA VAL F 303 -15.77 15.32 -57.69
C VAL F 303 -16.48 14.34 -58.60
N GLY F 304 -17.69 14.71 -59.04
CA GLY F 304 -18.48 13.86 -59.92
C GLY F 304 -19.42 12.97 -59.13
N VAL F 305 -20.64 12.81 -59.63
CA VAL F 305 -21.65 12.04 -58.90
C VAL F 305 -22.36 11.01 -59.78
N ILE F 306 -23.17 10.19 -59.13
CA ILE F 306 -24.14 9.34 -59.81
C ILE F 306 -25.51 9.72 -59.24
N SER F 307 -26.37 10.31 -60.07
CA SER F 307 -27.57 10.93 -59.53
C SER F 307 -28.87 10.40 -60.12
N LYS F 308 -29.93 10.58 -59.34
CA LYS F 308 -31.31 10.38 -59.78
C LYS F 308 -32.12 11.59 -59.35
N PHE F 309 -33.35 11.69 -59.83
CA PHE F 309 -34.19 12.85 -59.50
C PHE F 309 -35.57 12.40 -59.04
N GLY F 310 -36.00 12.91 -57.88
CA GLY F 310 -37.28 12.55 -57.32
C GLY F 310 -37.24 11.21 -56.63
N CYS F 311 -36.85 11.24 -55.36
CA CYS F 311 -36.80 10.03 -54.55
C CYS F 311 -37.53 10.24 -53.24
N THR F 312 -38.03 9.15 -52.66
CA THR F 312 -38.91 9.25 -51.51
C THR F 312 -38.60 8.21 -50.44
N MET F 313 -38.54 8.66 -49.20
CA MET F 313 -38.48 7.73 -48.07
C MET F 313 -39.49 8.14 -47.00
N ARG F 314 -39.83 7.22 -46.12
CA ARG F 314 -40.64 7.57 -44.96
C ARG F 314 -40.35 6.64 -43.79
N TYR F 315 -40.10 7.25 -42.63
CA TYR F 315 -39.72 6.51 -41.44
C TYR F 315 -40.70 6.76 -40.30
N SER F 316 -41.24 5.69 -39.74
CA SER F 316 -42.23 5.80 -38.68
C SER F 316 -41.58 6.19 -37.35
N LEU F 317 -42.32 6.95 -36.53
CA LEU F 317 -41.75 7.50 -35.31
C LEU F 317 -42.42 7.04 -34.01
N ASP F 318 -43.47 6.23 -34.11
CA ASP F 318 -44.26 5.87 -32.93
C ASP F 318 -43.61 4.79 -32.07
N GLN F 319 -42.87 3.88 -32.70
CA GLN F 319 -42.24 2.78 -31.98
C GLN F 319 -40.79 3.10 -31.64
N ALA F 320 -40.03 3.53 -32.64
CA ALA F 320 -38.61 3.82 -32.44
C ALA F 320 -38.17 5.06 -33.20
N PHE F 321 -36.86 5.30 -33.20
CA PHE F 321 -36.28 6.46 -33.87
C PHE F 321 -35.34 6.02 -34.98
N PRO F 322 -35.49 6.59 -36.18
CA PRO F 322 -34.69 6.19 -37.34
C PRO F 322 -33.26 6.69 -37.29
N LEU F 323 -32.51 6.26 -36.28
CA LEU F 323 -31.07 6.49 -36.25
C LEU F 323 -30.37 5.32 -36.92
N LEU F 324 -29.83 5.56 -38.12
CA LEU F 324 -29.31 4.50 -38.98
C LEU F 324 -28.30 3.58 -38.28
N THR F 325 -28.31 2.31 -38.67
CA THR F 325 -27.54 1.29 -37.95
C THR F 325 -26.43 0.64 -38.77
N THR F 326 -26.48 0.76 -40.09
CA THR F 326 -25.44 0.18 -40.94
C THR F 326 -24.14 0.98 -40.82
N LYS F 327 -24.24 2.16 -40.22
CA LYS F 327 -23.06 2.94 -39.88
C LYS F 327 -23.42 3.86 -38.72
N ARG F 328 -22.43 4.21 -37.91
CA ARG F 328 -22.66 5.08 -36.76
C ARG F 328 -22.96 6.50 -37.23
N VAL F 329 -24.07 7.06 -36.77
CA VAL F 329 -24.48 8.41 -37.15
C VAL F 329 -24.09 9.42 -36.07
N PHE F 330 -23.57 10.57 -36.50
CA PHE F 330 -23.13 11.61 -35.58
C PHE F 330 -24.29 12.28 -34.85
N TRP F 331 -24.77 11.59 -33.81
CA TRP F 331 -25.95 12.03 -33.07
C TRP F 331 -25.76 13.38 -32.39
N LYS F 332 -24.64 13.56 -31.72
CA LYS F 332 -24.35 14.82 -31.04
C LYS F 332 -24.38 15.96 -32.05
N GLY F 333 -23.79 15.71 -33.21
CA GLY F 333 -23.83 16.66 -34.30
C GLY F 333 -25.25 16.99 -34.72
N VAL F 334 -26.08 15.96 -34.85
CA VAL F 334 -27.49 16.15 -35.19
C VAL F 334 -28.17 17.10 -34.20
N LEU F 335 -28.14 16.69 -32.93
CA LEU F 335 -28.74 17.43 -31.83
C LEU F 335 -28.29 18.88 -31.76
N GLU F 336 -26.98 19.08 -31.71
CA GLU F 336 -26.41 20.42 -31.61
C GLU F 336 -26.73 21.27 -32.82
N GLU F 337 -26.68 20.70 -34.01
CA GLU F 337 -27.01 21.45 -35.21
C GLU F 337 -28.48 21.87 -35.21
N LEU F 338 -29.35 20.99 -34.72
CA LEU F 338 -30.78 21.33 -34.65
C LEU F 338 -31.06 22.41 -33.63
N LEU F 339 -30.43 22.32 -32.47
CA LEU F 339 -30.58 23.34 -31.44
C LEU F 339 -30.10 24.68 -31.97
N TRP F 340 -28.95 24.64 -32.64
CA TRP F 340 -28.40 25.77 -33.40
C TRP F 340 -29.46 26.40 -34.31
N PHE F 341 -30.01 25.58 -35.20
CA PHE F 341 -31.09 25.98 -36.09
C PHE F 341 -32.20 26.72 -35.34
N ILE F 342 -32.71 26.09 -34.29
CA ILE F 342 -33.84 26.65 -33.55
C ILE F 342 -33.50 27.98 -32.87
N ARG F 343 -32.30 28.10 -32.33
CA ARG F 343 -31.87 29.38 -31.79
C ARG F 343 -31.79 30.41 -32.91
N GLY F 344 -31.56 29.93 -34.13
CA GLY F 344 -31.46 30.82 -35.27
C GLY F 344 -30.08 31.43 -35.30
N ASP F 345 -29.12 30.63 -34.86
CA ASP F 345 -27.73 31.03 -34.81
C ASP F 345 -27.08 30.83 -36.17
N THR F 346 -26.30 31.81 -36.61
CA THR F 346 -25.62 31.73 -37.89
C THR F 346 -24.11 31.70 -37.71
N ASN F 347 -23.70 31.34 -36.49
CA ASN F 347 -22.28 31.27 -36.14
C ASN F 347 -21.83 29.81 -36.05
N ALA F 348 -21.00 29.39 -37.00
CA ALA F 348 -20.55 28.00 -37.06
C ALA F 348 -19.51 27.68 -35.99
N ASN F 349 -18.89 28.70 -35.43
CA ASN F 349 -17.88 28.49 -34.40
C ASN F 349 -18.50 27.97 -33.11
N HIS F 350 -19.78 28.30 -32.92
CA HIS F 350 -20.53 27.79 -31.78
C HIS F 350 -20.74 26.28 -31.92
N LEU F 351 -20.77 25.81 -33.16
CA LEU F 351 -20.87 24.39 -33.45
C LEU F 351 -19.49 23.73 -33.35
N SER F 352 -18.48 24.42 -33.85
CA SER F 352 -17.12 23.90 -33.89
C SER F 352 -16.53 23.74 -32.49
N GLU F 353 -16.86 24.67 -31.60
N GLU F 353 -16.86 24.66 -31.59
CA GLU F 353 -16.39 24.66 -30.22
CA GLU F 353 -16.32 24.61 -30.23
C GLU F 353 -16.87 23.41 -29.49
C GLU F 353 -16.92 23.48 -29.41
N LYS F 354 -18.09 22.98 -29.81
CA LYS F 354 -18.69 21.83 -29.14
C LYS F 354 -18.23 20.53 -29.78
N GLY F 355 -17.29 20.61 -30.71
CA GLY F 355 -16.74 19.42 -31.35
C GLY F 355 -17.50 19.03 -32.60
N VAL F 356 -18.47 19.84 -32.98
CA VAL F 356 -19.27 19.60 -34.19
C VAL F 356 -18.78 20.47 -35.33
N LYS F 357 -17.81 19.97 -36.10
CA LYS F 357 -17.20 20.76 -37.16
C LYS F 357 -17.71 20.39 -38.55
N ILE F 358 -19.00 20.18 -38.64
CA ILE F 358 -19.63 19.74 -39.89
C ILE F 358 -19.85 20.89 -40.84
N TRP F 359 -19.55 22.10 -40.38
CA TRP F 359 -19.80 23.31 -41.16
C TRP F 359 -18.51 24.01 -41.57
N ASP F 360 -17.42 23.69 -40.88
CA ASP F 360 -16.17 24.45 -41.00
C ASP F 360 -15.67 24.62 -42.44
N LYS F 361 -15.65 23.53 -43.20
CA LYS F 361 -15.13 23.56 -44.56
C LYS F 361 -15.94 24.47 -45.49
N ASN F 362 -17.10 24.93 -45.02
CA ASN F 362 -17.95 25.82 -45.81
C ASN F 362 -18.00 27.23 -45.25
N VAL F 363 -17.23 27.48 -44.20
CA VAL F 363 -17.17 28.82 -43.59
C VAL F 363 -15.73 29.28 -43.44
N THR F 364 -14.83 28.67 -44.21
CA THR F 364 -13.44 29.10 -44.27
C THR F 364 -13.31 30.35 -45.13
N ARG F 365 -12.23 31.08 -44.93
CA ARG F 365 -11.94 32.29 -45.70
C ARG F 365 -11.95 32.01 -47.20
N GLU F 366 -11.31 30.91 -47.59
CA GLU F 366 -11.21 30.54 -49.00
C GLU F 366 -12.57 30.30 -49.63
N PHE F 367 -13.42 29.54 -48.94
CA PHE F 367 -14.75 29.21 -49.46
C PHE F 367 -15.63 30.44 -49.50
N LEU F 368 -15.58 31.24 -48.44
CA LEU F 368 -16.36 32.47 -48.37
C LEU F 368 -15.95 33.42 -49.49
N ASP F 369 -14.66 33.42 -49.82
CA ASP F 369 -14.17 34.24 -50.92
C ASP F 369 -14.61 33.66 -52.26
N SER F 370 -14.73 32.33 -52.33
CA SER F 370 -15.22 31.67 -53.54
C SER F 370 -16.70 31.98 -53.74
N ARG F 371 -17.39 32.29 -52.64
CA ARG F 371 -18.80 32.65 -52.67
C ARG F 371 -18.98 34.17 -52.84
N ASN F 372 -17.90 34.85 -53.21
CA ASN F 372 -17.89 36.31 -53.34
C ASN F 372 -18.36 37.00 -52.06
N LEU F 373 -17.88 36.50 -50.92
CA LEU F 373 -18.22 37.08 -49.63
C LEU F 373 -16.96 37.35 -48.80
N PRO F 374 -16.09 38.26 -49.27
CA PRO F 374 -14.84 38.51 -48.54
C PRO F 374 -15.08 39.31 -47.26
N HIS F 375 -16.28 39.82 -47.08
CA HIS F 375 -16.63 40.64 -45.93
C HIS F 375 -17.27 39.80 -44.82
N ARG F 376 -17.20 38.48 -44.96
CA ARG F 376 -17.75 37.57 -43.96
C ARG F 376 -16.67 37.04 -43.03
N GLU F 377 -16.93 37.11 -41.73
CA GLU F 377 -16.06 36.50 -40.74
C GLU F 377 -16.00 35.00 -40.96
N VAL F 378 -14.89 34.37 -40.57
CA VAL F 378 -14.81 32.93 -40.59
C VAL F 378 -15.82 32.38 -39.59
N GLY F 379 -16.74 31.56 -40.08
CA GLY F 379 -17.78 30.97 -39.25
C GLY F 379 -19.17 31.45 -39.61
N ASP F 380 -19.27 32.64 -40.16
CA ASP F 380 -20.56 33.23 -40.50
C ASP F 380 -21.16 32.57 -41.73
N ILE F 381 -22.23 31.80 -41.53
CA ILE F 381 -22.89 31.10 -42.62
C ILE F 381 -23.88 32.00 -43.37
N GLY F 382 -23.85 33.28 -43.03
CA GLY F 382 -24.78 34.23 -43.63
C GLY F 382 -26.20 33.99 -43.15
N PRO F 383 -27.18 34.60 -43.82
CA PRO F 383 -28.59 34.47 -43.44
C PRO F 383 -29.22 33.16 -43.91
N GLY F 384 -28.66 32.03 -43.47
CA GLY F 384 -29.16 30.73 -43.86
C GLY F 384 -29.94 30.00 -42.79
N TYR F 385 -30.47 28.84 -43.16
CA TYR F 385 -31.29 27.94 -42.31
C TYR F 385 -32.00 28.59 -41.13
N GLY F 386 -31.42 28.48 -39.94
CA GLY F 386 -32.03 28.99 -38.72
C GLY F 386 -32.48 30.44 -38.78
N PHE F 387 -31.65 31.28 -39.40
CA PHE F 387 -31.97 32.70 -39.51
C PHE F 387 -33.22 32.93 -40.34
N GLN F 388 -33.43 32.09 -41.35
CA GLN F 388 -34.66 32.20 -42.14
C GLN F 388 -35.82 31.64 -41.34
N TRP F 389 -35.57 30.51 -40.66
CA TRP F 389 -36.53 29.88 -39.76
C TRP F 389 -37.18 30.86 -38.80
N ARG F 390 -36.35 31.59 -38.05
CA ARG F 390 -36.85 32.45 -36.98
C ARG F 390 -37.06 33.89 -37.43
N HIS F 391 -36.30 34.32 -38.43
CA HIS F 391 -36.38 35.70 -38.91
C HIS F 391 -36.41 35.80 -40.42
N PHE F 392 -37.33 35.10 -41.07
CA PHE F 392 -37.46 35.18 -42.53
C PHE F 392 -37.64 36.62 -43.01
N GLY F 393 -36.89 36.99 -44.05
CA GLY F 393 -37.04 38.29 -44.70
C GLY F 393 -36.28 39.43 -44.06
N ALA F 394 -35.73 39.19 -42.88
CA ALA F 394 -35.02 40.23 -42.13
C ALA F 394 -33.69 40.57 -42.79
N ALA F 395 -33.28 41.82 -42.65
CA ALA F 395 -32.00 42.27 -43.17
C ALA F 395 -30.86 41.71 -42.33
N TYR F 396 -29.92 41.02 -42.98
CA TYR F 396 -28.83 40.37 -42.28
C TYR F 396 -27.57 41.23 -42.25
N LYS F 397 -26.97 41.34 -41.06
CA LYS F 397 -25.72 42.07 -40.89
C LYS F 397 -24.56 41.09 -40.72
N ASP F 398 -24.41 40.54 -39.52
CA ASP F 398 -23.42 39.50 -39.28
C ASP F 398 -23.91 38.51 -38.22
N MET F 399 -23.04 37.58 -37.84
CA MET F 399 -23.41 36.51 -36.92
C MET F 399 -23.37 36.96 -35.45
N HIS F 400 -23.08 38.23 -35.22
CA HIS F 400 -23.03 38.76 -33.87
C HIS F 400 -24.21 39.69 -33.62
N THR F 401 -25.04 39.88 -34.64
CA THR F 401 -26.15 40.81 -34.56
C THR F 401 -27.39 40.17 -33.94
N ASP F 402 -28.01 40.88 -33.02
CA ASP F 402 -29.26 40.44 -32.41
C ASP F 402 -30.44 40.80 -33.32
N TYR F 403 -31.13 39.79 -33.83
CA TYR F 403 -32.22 40.02 -34.77
C TYR F 403 -33.60 39.80 -34.15
N THR F 404 -33.67 39.74 -32.83
CA THR F 404 -34.93 39.38 -32.18
C THR F 404 -36.04 40.39 -32.51
N GLY F 405 -37.20 39.87 -32.88
CA GLY F 405 -38.33 40.71 -33.25
C GLY F 405 -38.43 40.98 -34.73
N GLN F 406 -37.32 40.80 -35.45
CA GLN F 406 -37.29 41.08 -36.88
C GLN F 406 -37.73 39.87 -37.71
N GLY F 407 -38.38 40.14 -38.85
CA GLY F 407 -38.78 39.09 -39.77
C GLY F 407 -39.90 38.23 -39.27
N VAL F 408 -40.19 37.15 -39.99
CA VAL F 408 -41.27 36.23 -39.63
C VAL F 408 -40.73 35.04 -38.85
N ASP F 409 -41.39 34.70 -37.74
CA ASP F 409 -41.00 33.52 -36.97
C ASP F 409 -41.82 32.31 -37.40
N GLN F 410 -41.38 31.67 -38.48
CA GLN F 410 -42.07 30.53 -39.06
C GLN F 410 -42.27 29.40 -38.08
N LEU F 411 -41.25 29.13 -37.26
CA LEU F 411 -41.32 28.04 -36.29
C LEU F 411 -42.42 28.28 -35.26
N LYS F 412 -42.41 29.47 -34.68
CA LYS F 412 -43.40 29.86 -33.68
C LYS F 412 -44.79 29.88 -34.28
N ASN F 413 -44.91 30.37 -35.52
CA ASN F 413 -46.19 30.37 -36.19
C ASN F 413 -46.72 28.96 -36.41
N VAL F 414 -45.83 28.06 -36.83
CA VAL F 414 -46.17 26.66 -37.05
C VAL F 414 -46.67 26.04 -35.75
N ILE F 415 -45.94 26.26 -34.67
CA ILE F 415 -46.34 25.73 -33.37
C ILE F 415 -47.69 26.28 -32.92
N GLN F 416 -47.89 27.59 -33.07
CA GLN F 416 -49.14 28.23 -32.70
C GLN F 416 -50.32 27.64 -33.46
N MET F 417 -50.17 27.55 -34.78
CA MET F 417 -51.22 27.00 -35.63
C MET F 417 -51.47 25.53 -35.27
N LEU F 418 -50.42 24.81 -34.91
CA LEU F 418 -50.55 23.42 -34.49
C LEU F 418 -51.37 23.30 -33.21
N ARG F 419 -51.15 24.21 -32.27
CA ARG F 419 -51.79 24.14 -30.96
C ARG F 419 -53.21 24.70 -30.95
N THR F 420 -53.50 25.63 -31.86
CA THR F 420 -54.81 26.27 -31.88
C THR F 420 -55.75 25.68 -32.93
N ASN F 421 -55.20 25.28 -34.07
CA ASN F 421 -56.01 24.85 -35.20
C ASN F 421 -55.23 23.92 -36.13
N PRO F 422 -55.15 22.62 -35.77
CA PRO F 422 -54.28 21.66 -36.46
C PRO F 422 -54.74 21.26 -37.86
N THR F 423 -55.95 21.67 -38.25
CA THR F 423 -56.48 21.27 -39.55
C THR F 423 -56.08 22.24 -40.66
N ASP F 424 -55.38 23.31 -40.28
CA ASP F 424 -54.89 24.29 -41.24
C ASP F 424 -53.79 23.71 -42.11
N ARG F 425 -53.91 23.89 -43.42
CA ARG F 425 -52.98 23.27 -44.36
C ARG F 425 -51.85 24.21 -44.79
N ARG F 426 -51.60 25.24 -43.99
CA ARG F 426 -50.55 26.20 -44.31
C ARG F 426 -49.46 26.20 -43.24
N MET F 427 -49.26 25.05 -42.61
CA MET F 427 -48.28 24.90 -41.54
C MET F 427 -46.90 24.56 -42.10
N LEU F 428 -46.29 25.52 -42.80
CA LEU F 428 -45.01 25.29 -43.45
C LEU F 428 -43.89 26.16 -42.90
N MET F 429 -42.67 25.67 -43.05
CA MET F 429 -41.47 26.41 -42.73
C MET F 429 -40.48 26.26 -43.88
N THR F 430 -40.16 27.38 -44.52
CA THR F 430 -39.24 27.36 -45.65
C THR F 430 -37.92 28.03 -45.29
N ALA F 431 -36.86 27.63 -45.98
CA ALA F 431 -35.55 28.23 -45.78
C ALA F 431 -35.03 28.83 -47.07
N TRP F 432 -35.81 28.69 -48.13
CA TRP F 432 -35.42 29.14 -49.46
C TRP F 432 -35.86 30.58 -49.71
N ASN F 433 -34.94 31.51 -49.51
CA ASN F 433 -35.19 32.93 -49.76
C ASN F 433 -34.31 33.44 -50.88
N PRO F 434 -34.85 33.47 -52.10
CA PRO F 434 -34.16 33.96 -53.31
C PRO F 434 -33.45 35.30 -53.13
N ALA F 435 -33.97 36.14 -52.24
CA ALA F 435 -33.43 37.48 -52.02
C ALA F 435 -32.22 37.46 -51.09
N ALA F 436 -31.89 36.30 -50.55
CA ALA F 436 -30.80 36.18 -49.58
C ALA F 436 -29.81 35.08 -49.95
N LEU F 437 -30.13 34.33 -50.99
CA LEU F 437 -29.31 33.18 -51.41
C LEU F 437 -27.84 33.55 -51.57
N ASP F 438 -27.57 34.55 -52.40
CA ASP F 438 -26.22 35.00 -52.69
C ASP F 438 -25.44 35.42 -51.44
N GLU F 439 -26.16 35.69 -50.35
CA GLU F 439 -25.53 36.16 -49.13
C GLU F 439 -25.17 35.02 -48.19
N MET F 440 -25.58 33.81 -48.52
CA MET F 440 -25.34 32.67 -47.64
C MET F 440 -24.14 31.85 -48.10
N ALA F 441 -23.45 31.25 -47.13
CA ALA F 441 -22.28 30.42 -47.40
C ALA F 441 -22.67 29.26 -48.31
N LEU F 442 -23.80 28.64 -48.00
CA LEU F 442 -24.34 27.57 -48.83
C LEU F 442 -25.85 27.70 -48.93
N PRO F 443 -26.38 27.67 -50.16
CA PRO F 443 -27.83 27.58 -50.36
C PRO F 443 -28.39 26.36 -49.66
N PRO F 444 -29.51 26.50 -48.96
CA PRO F 444 -30.02 25.43 -48.09
C PRO F 444 -30.42 24.18 -48.86
N CYS F 445 -30.02 23.02 -48.35
CA CYS F 445 -30.40 21.75 -48.97
C CYS F 445 -31.79 21.35 -48.50
N HIS F 446 -31.92 21.02 -47.22
CA HIS F 446 -33.24 20.82 -46.64
C HIS F 446 -33.93 22.19 -46.54
N LEU F 447 -34.68 22.52 -47.57
CA LEU F 447 -35.24 23.87 -47.69
C LEU F 447 -36.70 23.98 -47.31
N LEU F 448 -37.41 22.86 -47.20
CA LEU F 448 -38.81 22.98 -46.81
C LEU F 448 -39.27 21.92 -45.81
N CYS F 449 -40.19 22.29 -44.92
CA CYS F 449 -40.84 21.29 -44.09
C CYS F 449 -42.28 21.68 -43.79
N GLN F 450 -43.17 20.69 -43.83
CA GLN F 450 -44.58 20.90 -43.59
C GLN F 450 -45.09 19.87 -42.58
N PHE F 451 -45.98 20.31 -41.68
CA PHE F 451 -46.48 19.44 -40.63
C PHE F 451 -47.95 19.09 -40.79
N TYR F 452 -48.36 17.97 -40.20
CA TYR F 452 -49.70 17.43 -40.41
C TYR F 452 -50.22 16.72 -39.17
N VAL F 453 -51.48 16.95 -38.85
CA VAL F 453 -52.11 16.27 -37.71
C VAL F 453 -53.35 15.54 -38.19
N ASN F 454 -53.64 14.40 -37.57
CA ASN F 454 -54.86 13.67 -37.87
C ASN F 454 -55.82 13.71 -36.67
N ASP F 455 -56.81 12.82 -36.68
CA ASP F 455 -57.83 12.80 -35.64
C ASP F 455 -57.33 12.12 -34.36
N GLN F 456 -56.16 11.50 -34.42
CA GLN F 456 -55.60 10.81 -33.27
C GLN F 456 -54.53 11.65 -32.58
N LYS F 457 -54.50 12.95 -32.89
CA LYS F 457 -53.49 13.87 -32.37
C LYS F 457 -52.07 13.41 -32.72
N GLU F 458 -51.91 12.81 -33.89
CA GLU F 458 -50.61 12.31 -34.32
C GLU F 458 -49.96 13.26 -35.33
N LEU F 459 -48.70 13.61 -35.08
CA LEU F 459 -47.97 14.55 -35.92
C LEU F 459 -47.10 13.84 -36.96
N SER F 460 -47.08 14.41 -38.17
CA SER F 460 -46.22 13.91 -39.24
C SER F 460 -45.53 15.09 -39.91
N CYS F 461 -44.32 14.85 -40.43
CA CYS F 461 -43.55 15.92 -41.04
C CYS F 461 -42.96 15.53 -42.40
N ILE F 462 -43.25 16.35 -43.41
CA ILE F 462 -42.64 16.23 -44.72
C ILE F 462 -41.46 17.19 -44.83
N MET F 463 -40.33 16.71 -45.32
CA MET F 463 -39.21 17.60 -45.56
C MET F 463 -38.73 17.51 -47.00
N TYR F 464 -38.75 18.63 -47.71
CA TYR F 464 -38.20 18.69 -49.06
C TYR F 464 -36.77 19.21 -49.06
N GLN F 465 -35.91 18.41 -49.65
CA GLN F 465 -34.48 18.67 -49.74
C GLN F 465 -34.03 18.66 -51.20
N ARG F 466 -33.50 19.78 -51.68
CA ARG F 466 -33.13 19.94 -53.07
C ARG F 466 -31.96 19.07 -53.51
N SER F 467 -31.06 18.79 -52.57
CA SER F 467 -29.81 18.13 -52.89
C SER F 467 -29.38 17.21 -51.77
N CYS F 468 -29.15 15.94 -52.09
CA CYS F 468 -28.92 14.94 -51.06
C CYS F 468 -27.62 14.14 -51.28
N ASP F 469 -26.64 14.37 -50.42
CA ASP F 469 -25.47 13.52 -50.36
C ASP F 469 -25.86 12.21 -49.67
N VAL F 470 -26.24 11.22 -50.47
CA VAL F 470 -26.74 9.96 -49.96
C VAL F 470 -25.77 9.28 -49.01
N GLY F 471 -24.49 9.29 -49.37
CA GLY F 471 -23.48 8.66 -48.55
C GLY F 471 -23.29 9.32 -47.20
N LEU F 472 -23.32 10.66 -47.20
CA LEU F 472 -22.91 11.41 -46.03
C LEU F 472 -24.06 12.09 -45.30
N GLY F 473 -24.76 12.97 -46.01
CA GLY F 473 -25.74 13.85 -45.39
C GLY F 473 -27.10 13.25 -45.05
N VAL F 474 -27.60 12.37 -45.93
CA VAL F 474 -28.96 11.85 -45.81
C VAL F 474 -29.33 11.25 -44.44
N PRO F 475 -28.50 10.33 -43.90
CA PRO F 475 -28.88 9.78 -42.59
C PRO F 475 -28.99 10.88 -41.53
N PHE F 476 -28.00 11.76 -41.56
CA PHE F 476 -27.94 12.92 -40.68
C PHE F 476 -29.23 13.74 -40.77
N ASN F 477 -29.71 13.97 -41.99
CA ASN F 477 -30.91 14.77 -42.20
C ASN F 477 -32.16 14.06 -41.69
N ILE F 478 -32.26 12.76 -41.99
CA ILE F 478 -33.33 11.92 -41.45
C ILE F 478 -33.42 12.09 -39.95
N ALA F 479 -32.28 11.88 -39.28
CA ALA F 479 -32.22 12.01 -37.82
C ALA F 479 -32.63 13.41 -37.37
N SER F 480 -32.14 14.41 -38.09
CA SER F 480 -32.40 15.80 -37.76
C SER F 480 -33.89 16.14 -37.76
N TYR F 481 -34.57 15.88 -38.88
CA TYR F 481 -35.97 16.27 -38.98
C TYR F 481 -36.90 15.31 -38.23
N SER F 482 -36.48 14.06 -38.05
CA SER F 482 -37.24 13.17 -37.17
C SER F 482 -37.21 13.73 -35.76
N LEU F 483 -36.02 14.12 -35.31
CA LEU F 483 -35.86 14.74 -34.01
C LEU F 483 -36.70 15.99 -33.88
N LEU F 484 -36.67 16.84 -34.90
CA LEU F 484 -37.48 18.06 -34.92
C LEU F 484 -38.95 17.70 -34.73
N THR F 485 -39.42 16.68 -35.45
CA THR F 485 -40.79 16.22 -35.31
C THR F 485 -41.08 15.81 -33.88
N LEU F 486 -40.17 15.05 -33.27
CA LEU F 486 -40.31 14.66 -31.87
C LEU F 486 -40.50 15.87 -30.95
N MET F 487 -39.60 16.84 -31.07
CA MET F 487 -39.64 18.04 -30.23
C MET F 487 -40.94 18.83 -30.40
N VAL F 488 -41.27 19.15 -31.64
CA VAL F 488 -42.50 19.88 -31.94
C VAL F 488 -43.74 19.15 -31.41
N ALA F 489 -43.79 17.84 -31.65
CA ALA F 489 -44.88 17.01 -31.14
C ALA F 489 -44.99 17.15 -29.63
N HIS F 490 -43.85 17.10 -28.94
CA HIS F 490 -43.88 17.23 -27.48
C HIS F 490 -44.40 18.60 -27.04
N VAL F 491 -43.89 19.68 -27.63
CA VAL F 491 -44.34 21.01 -27.21
C VAL F 491 -45.75 21.33 -27.71
N CYS F 492 -46.33 20.42 -28.51
CA CYS F 492 -47.70 20.61 -28.97
C CYS F 492 -48.68 19.58 -28.43
N ASN F 493 -48.18 18.70 -27.55
CA ASN F 493 -48.98 17.63 -26.95
C ASN F 493 -49.49 16.66 -28.01
N LEU F 494 -48.74 16.53 -29.09
CA LEU F 494 -49.04 15.58 -30.14
C LEU F 494 -48.10 14.39 -30.04
N LYS F 495 -48.52 13.26 -30.59
CA LYS F 495 -47.69 12.07 -30.60
C LYS F 495 -47.00 11.95 -31.95
N PRO F 496 -45.66 11.82 -31.95
CA PRO F 496 -44.93 11.68 -33.21
C PRO F 496 -45.34 10.41 -33.93
N LYS F 497 -45.61 10.54 -35.23
CA LYS F 497 -46.10 9.40 -36.00
C LYS F 497 -45.17 9.04 -37.15
N GLU F 498 -44.74 10.03 -37.92
CA GLU F 498 -44.02 9.74 -39.15
C GLU F 498 -43.17 10.91 -39.65
N PHE F 499 -42.04 10.58 -40.26
CA PHE F 499 -41.24 11.55 -40.99
C PHE F 499 -41.20 11.18 -42.47
N ILE F 500 -41.69 12.08 -43.31
CA ILE F 500 -41.68 11.86 -44.74
C ILE F 500 -40.58 12.67 -45.41
N HIS F 501 -39.69 11.97 -46.11
CA HIS F 501 -38.51 12.56 -46.71
C HIS F 501 -38.63 12.64 -48.23
N PHE F 502 -38.78 13.86 -48.74
CA PHE F 502 -38.85 14.12 -50.17
C PHE F 502 -37.51 14.64 -50.68
N MET F 503 -36.98 13.97 -51.71
CA MET F 503 -35.63 14.26 -52.18
C MET F 503 -35.61 14.63 -53.67
N GLY F 504 -34.95 15.74 -53.99
CA GLY F 504 -34.83 16.19 -55.37
C GLY F 504 -33.66 15.57 -56.11
N ASN F 505 -32.55 16.30 -56.17
CA ASN F 505 -31.33 15.76 -56.75
C ASN F 505 -30.67 14.79 -55.77
N THR F 506 -30.89 13.50 -56.00
CA THR F 506 -30.40 12.48 -55.09
C THR F 506 -29.14 11.83 -55.66
N HIS F 507 -27.98 12.20 -55.12
CA HIS F 507 -26.71 11.79 -55.73
C HIS F 507 -25.79 11.04 -54.77
N VAL F 508 -24.97 10.17 -55.35
CA VAL F 508 -23.91 9.49 -54.63
C VAL F 508 -22.56 9.89 -55.21
N TYR F 509 -21.69 10.44 -54.39
CA TYR F 509 -20.38 10.89 -54.86
C TYR F 509 -19.51 9.70 -55.23
N THR F 510 -18.79 9.84 -56.34
CA THR F 510 -18.00 8.75 -56.91
C THR F 510 -16.97 8.17 -55.94
N ASN F 511 -16.41 9.02 -55.08
CA ASN F 511 -15.40 8.57 -54.13
C ASN F 511 -16.01 7.95 -52.87
N HIS F 512 -17.33 7.74 -52.89
CA HIS F 512 -18.03 7.14 -51.76
C HIS F 512 -18.52 5.73 -52.08
N VAL F 513 -18.53 5.41 -53.37
CA VAL F 513 -19.18 4.21 -53.88
C VAL F 513 -18.69 2.91 -53.25
N GLU F 514 -17.38 2.77 -53.09
CA GLU F 514 -16.81 1.55 -52.53
C GLU F 514 -17.24 1.39 -51.07
N ALA F 515 -17.10 2.46 -50.30
CA ALA F 515 -17.48 2.45 -48.90
C ALA F 515 -18.96 2.12 -48.74
N LEU F 516 -19.77 2.69 -49.62
CA LEU F 516 -21.21 2.41 -49.63
C LEU F 516 -21.47 0.94 -49.96
N LYS F 517 -20.63 0.38 -50.82
CA LYS F 517 -20.76 -1.02 -51.20
C LYS F 517 -20.38 -1.91 -50.03
N GLU F 518 -19.51 -1.39 -49.17
CA GLU F 518 -19.20 -2.07 -47.92
C GLU F 518 -20.41 -1.99 -46.99
N GLN F 519 -21.02 -0.81 -46.93
CA GLN F 519 -22.16 -0.57 -46.06
C GLN F 519 -23.37 -1.42 -46.44
N LEU F 520 -23.48 -1.74 -47.73
CA LEU F 520 -24.64 -2.47 -48.23
C LEU F 520 -24.57 -3.95 -47.87
N ARG F 521 -23.41 -4.40 -47.40
CA ARG F 521 -23.25 -5.78 -46.98
C ARG F 521 -23.61 -5.96 -45.51
N ARG F 522 -24.08 -4.87 -44.89
CA ARG F 522 -24.40 -4.87 -43.48
C ARG F 522 -25.89 -4.98 -43.22
N GLU F 523 -26.28 -6.04 -42.53
CA GLU F 523 -27.67 -6.23 -42.12
C GLU F 523 -28.03 -5.26 -40.99
N PRO F 524 -29.10 -4.49 -41.18
CA PRO F 524 -29.53 -3.45 -40.24
C PRO F 524 -29.85 -4.00 -38.85
N ARG F 525 -29.60 -3.18 -37.83
CA ARG F 525 -29.92 -3.54 -36.45
C ARG F 525 -31.17 -2.79 -36.00
N PRO F 526 -31.77 -3.21 -34.87
CA PRO F 526 -32.94 -2.50 -34.35
C PRO F 526 -32.69 -1.01 -34.14
N PHE F 527 -33.62 -0.19 -34.65
CA PHE F 527 -33.61 1.23 -34.36
C PHE F 527 -33.65 1.45 -32.85
N PRO F 528 -32.94 2.46 -32.35
CA PRO F 528 -33.04 2.83 -30.94
C PRO F 528 -34.29 3.68 -30.72
N ILE F 529 -34.64 3.94 -29.48
CA ILE F 529 -35.69 4.93 -29.22
C ILE F 529 -35.02 6.16 -28.62
N VAL F 530 -35.52 7.33 -29.01
CA VAL F 530 -34.99 8.58 -28.48
C VAL F 530 -35.97 9.16 -27.47
N ASN F 531 -35.55 9.27 -26.23
CA ASN F 531 -36.40 9.84 -25.19
C ASN F 531 -36.06 11.29 -24.88
N ILE F 532 -37.10 12.10 -24.75
CA ILE F 532 -36.95 13.46 -24.27
C ILE F 532 -36.99 13.44 -22.75
N LEU F 533 -35.93 13.93 -22.12
CA LEU F 533 -35.86 13.99 -20.66
C LEU F 533 -36.42 15.32 -20.15
N ASN F 534 -36.84 15.34 -18.89
CA ASN F 534 -37.38 16.55 -18.28
C ASN F 534 -38.53 17.15 -19.06
N LYS F 535 -39.47 16.30 -19.47
CA LYS F 535 -40.61 16.74 -20.28
C LYS F 535 -41.48 17.74 -19.52
N GLU F 536 -41.45 17.65 -18.19
CA GLU F 536 -42.23 18.56 -17.37
C GLU F 536 -41.72 19.99 -17.48
N ARG F 537 -40.40 20.13 -17.60
CA ARG F 537 -39.78 21.45 -17.63
C ARG F 537 -39.92 22.13 -19.00
N ILE F 538 -40.01 21.32 -20.05
CA ILE F 538 -39.99 21.82 -21.41
C ILE F 538 -41.40 22.10 -21.94
N LYS F 539 -41.72 23.39 -22.12
CA LYS F 539 -43.05 23.80 -22.55
C LYS F 539 -43.04 24.49 -23.91
N GLU F 540 -41.91 25.08 -24.28
CA GLU F 540 -41.78 25.75 -25.56
C GLU F 540 -40.55 25.21 -26.31
N ILE F 541 -40.53 25.39 -27.63
CA ILE F 541 -39.48 24.82 -28.46
C ILE F 541 -38.10 25.36 -28.11
N ASP F 542 -38.04 26.55 -27.51
CA ASP F 542 -36.78 27.16 -27.14
C ASP F 542 -36.20 26.55 -25.86
N ASP F 543 -37.04 25.82 -25.13
CA ASP F 543 -36.67 25.31 -23.81
C ASP F 543 -35.79 24.07 -23.85
N PHE F 544 -35.65 23.47 -25.03
CA PHE F 544 -34.80 22.29 -25.19
C PHE F 544 -33.33 22.64 -25.04
N THR F 545 -32.58 21.77 -24.38
CA THR F 545 -31.12 21.87 -24.34
C THR F 545 -30.51 20.56 -24.85
N ALA F 546 -29.18 20.50 -24.93
CA ALA F 546 -28.50 19.34 -25.47
C ALA F 546 -28.45 18.19 -24.48
N GLU F 547 -29.04 18.38 -23.31
CA GLU F 547 -28.99 17.39 -22.25
C GLU F 547 -30.36 16.76 -21.98
N ASP F 548 -31.36 17.16 -22.76
CA ASP F 548 -32.73 16.68 -22.55
C ASP F 548 -33.08 15.50 -23.45
N PHE F 549 -32.07 14.77 -23.89
CA PHE F 549 -32.29 13.62 -24.76
C PHE F 549 -31.44 12.43 -24.35
N GLU F 550 -32.03 11.24 -24.39
CA GLU F 550 -31.24 10.02 -24.26
C GLU F 550 -31.51 9.11 -25.44
N VAL F 551 -30.45 8.56 -26.01
CA VAL F 551 -30.58 7.60 -27.10
C VAL F 551 -30.44 6.19 -26.54
N VAL F 552 -31.53 5.44 -26.62
CA VAL F 552 -31.66 4.18 -25.91
C VAL F 552 -31.69 2.98 -26.87
N GLY F 553 -30.74 2.07 -26.69
CA GLY F 553 -30.70 0.84 -27.45
C GLY F 553 -30.08 0.98 -28.84
N TYR F 554 -29.09 1.86 -28.95
CA TYR F 554 -28.43 2.10 -30.22
C TYR F 554 -27.21 1.19 -30.38
N VAL F 555 -27.34 0.16 -31.20
CA VAL F 555 -26.25 -0.78 -31.46
C VAL F 555 -25.90 -0.82 -32.95
N PRO F 556 -25.13 0.17 -33.43
CA PRO F 556 -24.81 0.28 -34.85
C PRO F 556 -23.53 -0.44 -35.24
N HIS F 557 -23.31 -0.59 -36.54
CA HIS F 557 -22.05 -1.12 -37.04
C HIS F 557 -20.98 -0.04 -36.90
N GLY F 558 -19.74 -0.38 -37.21
CA GLY F 558 -18.64 0.55 -37.07
C GLY F 558 -18.77 1.74 -37.99
N ARG F 559 -18.06 2.83 -37.65
CA ARG F 559 -18.08 4.03 -38.47
C ARG F 559 -17.45 3.75 -39.83
N ILE F 560 -18.06 4.28 -40.88
CA ILE F 560 -17.49 4.19 -42.21
C ILE F 560 -17.06 5.57 -42.70
N GLN F 561 -15.75 5.79 -42.74
CA GLN F 561 -15.19 7.10 -43.06
C GLN F 561 -15.47 7.51 -44.51
N MET F 562 -16.05 8.70 -44.67
CA MET F 562 -16.30 9.27 -45.98
C MET F 562 -15.94 10.75 -46.01
N GLU F 563 -15.09 11.14 -46.95
CA GLU F 563 -14.65 12.53 -47.05
C GLU F 563 -15.69 13.41 -47.74
N MET F 564 -15.91 14.59 -47.18
CA MET F 564 -16.91 15.52 -47.70
C MET F 564 -16.38 16.27 -48.92
N ALA F 565 -17.14 16.18 -50.02
CA ALA F 565 -16.83 16.96 -51.21
C ALA F 565 -17.13 18.43 -50.94
N VAL F 566 -16.07 19.21 -50.69
CA VAL F 566 -16.22 20.61 -50.32
C VAL F 566 -16.78 21.42 -51.49
N PRO G 4 38.39 18.92 97.23
CA PRO G 4 37.66 20.19 97.41
C PRO G 4 36.62 20.10 98.52
N VAL G 5 36.99 20.57 99.71
CA VAL G 5 36.17 20.41 100.89
C VAL G 5 35.49 21.73 101.30
N CYS G 6 34.34 21.62 101.96
CA CYS G 6 33.62 22.79 102.46
C CYS G 6 33.37 22.68 103.96
N LEU G 7 33.74 23.72 104.70
CA LEU G 7 33.52 23.76 106.15
C LEU G 7 32.13 24.34 106.45
N VAL G 8 31.47 23.84 107.48
CA VAL G 8 30.18 24.42 107.88
C VAL G 8 30.08 24.62 109.39
N VAL G 9 29.74 25.84 109.81
CA VAL G 9 29.82 26.23 111.22
C VAL G 9 28.71 27.15 111.69
N ALA G 10 28.47 27.14 113.00
CA ALA G 10 27.71 28.18 113.67
C ALA G 10 28.64 28.82 114.70
N MET G 11 28.62 30.14 114.82
CA MET G 11 29.72 30.84 115.45
C MET G 11 29.34 32.17 116.13
N THR G 12 29.86 32.38 117.33
CA THR G 12 29.69 33.64 118.06
C THR G 12 30.65 34.70 117.49
N PRO G 13 30.48 35.99 117.85
CA PRO G 13 31.43 36.97 117.31
C PRO G 13 32.87 36.73 117.75
N LYS G 14 33.05 36.11 118.91
CA LYS G 14 34.39 35.79 119.39
C LYS G 14 34.77 34.36 119.00
N ARG G 15 34.21 33.90 117.90
CA ARG G 15 34.54 32.63 117.27
C ARG G 15 34.26 31.40 118.14
N GLY G 16 33.43 31.56 119.15
CA GLY G 16 33.06 30.45 120.02
C GLY G 16 32.08 29.54 119.33
N ILE G 17 32.26 28.23 119.49
CA ILE G 17 31.39 27.27 118.81
C ILE G 17 30.77 26.25 119.77
N GLY G 18 31.37 26.06 120.94
CA GLY G 18 30.88 25.06 121.87
C GLY G 18 31.27 25.23 123.32
N ILE G 19 30.52 24.55 124.20
CA ILE G 19 30.84 24.50 125.62
C ILE G 19 30.34 23.20 126.24
N ASN G 20 31.18 22.58 127.08
CA ASN G 20 30.88 21.30 127.72
C ASN G 20 30.41 20.24 126.73
N ASN G 21 31.11 20.14 125.62
CA ASN G 21 30.78 19.20 124.55
C ASN G 21 29.34 19.35 124.08
N GLY G 22 28.87 20.59 124.07
CA GLY G 22 27.52 20.90 123.61
C GLY G 22 27.51 22.26 122.94
N LEU G 23 26.34 22.73 122.55
CA LEU G 23 26.22 24.05 121.92
C LEU G 23 26.03 25.13 122.98
N PRO G 24 26.60 26.32 122.73
CA PRO G 24 26.57 27.43 123.68
C PRO G 24 25.20 28.09 123.79
N TRP G 25 24.42 28.03 122.72
CA TRP G 25 23.15 28.74 122.61
C TRP G 25 21.93 27.82 122.73
N PRO G 26 20.74 28.39 122.92
CA PRO G 26 19.51 27.60 122.78
C PRO G 26 19.33 27.10 121.35
N HIS G 27 18.35 26.24 121.13
N HIS G 27 18.34 26.23 121.14
CA HIS G 27 18.19 25.57 119.83
CA HIS G 27 18.14 25.59 119.84
C HIS G 27 17.81 26.56 118.73
C HIS G 27 17.83 26.61 118.75
N LEU G 28 18.58 26.56 117.66
CA LEU G 28 18.35 27.43 116.52
C LEU G 28 17.81 26.62 115.35
N THR G 29 16.49 26.48 115.32
CA THR G 29 15.82 25.61 114.37
C THR G 29 16.14 25.94 112.91
N THR G 30 16.19 27.22 112.57
CA THR G 30 16.48 27.62 111.19
C THR G 30 17.92 27.27 110.85
N ASP G 31 18.80 27.39 111.85
CA ASP G 31 20.20 27.03 111.66
C ASP G 31 20.31 25.54 111.39
N PHE G 32 19.52 24.75 112.12
CA PHE G 32 19.53 23.31 111.92
C PHE G 32 18.97 22.93 110.55
N LYS G 33 17.95 23.66 110.11
CA LYS G 33 17.38 23.45 108.77
C LYS G 33 18.46 23.74 107.72
N HIS G 34 19.17 24.85 107.93
CA HIS G 34 20.29 25.24 107.08
C HIS G 34 21.32 24.12 106.98
N PHE G 35 21.79 23.65 108.13
CA PHE G 35 22.78 22.57 108.19
C PHE G 35 22.29 21.33 107.44
N SER G 36 21.08 20.89 107.76
CA SER G 36 20.47 19.73 107.11
C SER G 36 20.45 19.86 105.59
N ARG G 37 19.84 20.93 105.10
CA ARG G 37 19.72 21.13 103.66
C ARG G 37 21.09 21.19 102.98
N VAL G 38 21.97 22.03 103.52
CA VAL G 38 23.31 22.21 102.94
C VAL G 38 24.09 20.90 102.87
N THR G 39 24.05 20.10 103.93
CA THR G 39 24.81 18.86 103.95
C THR G 39 24.13 17.72 103.19
N LYS G 40 22.83 17.81 102.96
CA LYS G 40 22.11 16.70 102.33
C LYS G 40 21.87 16.86 100.83
N THR G 41 21.46 18.05 100.40
CA THR G 41 21.01 18.26 99.02
C THR G 41 22.04 17.92 97.95
N THR G 42 21.67 16.97 97.09
CA THR G 42 22.49 16.55 95.96
C THR G 42 21.62 16.61 94.70
N PRO G 43 22.19 17.05 93.57
CA PRO G 43 21.52 17.09 92.26
C PRO G 43 20.70 15.84 91.96
N ALA G 46 21.27 12.23 92.94
CA ALA G 46 20.68 11.14 92.17
C ALA G 46 21.37 9.82 92.48
N SER G 47 22.59 9.67 91.97
CA SER G 47 23.36 8.45 92.15
C SER G 47 24.22 8.52 93.41
N ARG G 48 24.63 9.74 93.77
CA ARG G 48 25.64 9.93 94.82
C ARG G 48 25.08 10.66 96.04
N PHE G 49 25.80 10.55 97.15
CA PHE G 49 25.44 11.22 98.39
C PHE G 49 26.60 12.08 98.86
N ASN G 50 26.37 12.89 99.89
CA ASN G 50 27.43 13.72 100.45
C ASN G 50 28.09 13.07 101.65
N ALA G 51 29.31 13.51 101.96
CA ALA G 51 30.02 12.97 103.11
C ALA G 51 30.23 14.04 104.16
N VAL G 52 29.94 13.72 105.42
CA VAL G 52 30.23 14.63 106.53
C VAL G 52 31.35 14.07 107.39
N VAL G 53 32.39 14.89 107.58
CA VAL G 53 33.52 14.50 108.40
C VAL G 53 33.53 15.30 109.71
N MET G 54 33.59 14.58 110.82
CA MET G 54 33.54 15.20 112.13
C MET G 54 34.55 14.59 113.09
N GLY G 55 34.83 15.29 114.19
CA GLY G 55 35.69 14.78 115.23
C GLY G 55 34.93 13.88 116.19
N ARG G 56 35.66 13.18 117.05
CA ARG G 56 35.04 12.25 117.98
C ARG G 56 34.07 12.95 118.94
N LYS G 57 34.51 14.10 119.45
CA LYS G 57 33.73 14.83 120.45
C LYS G 57 32.47 15.41 119.87
N THR G 58 32.47 15.71 118.58
CA THR G 58 31.27 16.24 117.92
C THR G 58 30.23 15.12 117.82
N TRP G 59 30.69 13.96 117.35
CA TRP G 59 29.88 12.75 117.30
C TRP G 59 29.28 12.44 118.66
N GLU G 60 30.09 12.52 119.71
CA GLU G 60 29.59 12.26 121.05
C GLU G 60 28.65 13.37 121.52
N SER G 61 28.80 14.55 120.94
CA SER G 61 28.00 15.71 121.34
C SER G 61 26.60 15.60 120.75
N MET G 62 26.50 15.02 119.55
CA MET G 62 25.20 14.81 118.93
C MET G 62 24.36 13.80 119.71
N PRO G 63 23.04 14.02 119.73
CA PRO G 63 22.11 13.08 120.39
C PRO G 63 22.08 11.72 119.71
N ARG G 64 21.75 10.68 120.45
CA ARG G 64 21.78 9.30 119.95
C ARG G 64 20.87 9.11 118.74
N LYS G 65 19.64 9.62 118.82
CA LYS G 65 18.61 9.37 117.81
C LYS G 65 18.94 10.01 116.47
N PHE G 66 19.80 11.03 116.48
CA PHE G 66 20.10 11.77 115.27
C PHE G 66 21.37 11.30 114.58
N ARG G 67 22.15 10.45 115.26
CA ARG G 67 23.40 9.98 114.69
C ARG G 67 23.36 8.49 114.39
N PRO G 68 23.99 8.08 113.27
CA PRO G 68 24.69 8.93 112.31
C PRO G 68 23.73 9.79 111.49
N LEU G 69 24.24 10.91 110.96
CA LEU G 69 23.43 11.80 110.16
C LEU G 69 22.89 11.07 108.93
N VAL G 70 21.58 11.01 108.81
CA VAL G 70 20.92 10.24 107.78
C VAL G 70 21.25 10.71 106.35
N ASP G 71 21.31 9.75 105.43
CA ASP G 71 21.53 10.02 104.01
C ASP G 71 22.86 10.71 103.72
N ARG G 72 23.75 10.72 104.71
CA ARG G 72 25.08 11.27 104.55
C ARG G 72 26.13 10.28 105.05
N LEU G 73 27.20 10.12 104.28
CA LEU G 73 28.29 9.25 104.71
C LEU G 73 29.00 9.87 105.89
N ASN G 74 28.93 9.21 107.04
CA ASN G 74 29.56 9.73 108.25
C ASN G 74 30.98 9.21 108.44
N ILE G 75 31.93 10.14 108.48
CA ILE G 75 33.31 9.80 108.80
C ILE G 75 33.71 10.49 110.09
N VAL G 76 34.15 9.71 111.07
CA VAL G 76 34.59 10.24 112.33
C VAL G 76 36.09 10.10 112.48
N VAL G 77 36.76 11.19 112.84
CA VAL G 77 38.20 11.18 113.06
C VAL G 77 38.50 10.97 114.54
N SER G 78 39.13 9.83 114.84
CA SER G 78 39.48 9.48 116.21
C SER G 78 40.55 8.40 116.23
N SER G 79 41.19 8.23 117.39
CA SER G 79 42.17 7.16 117.56
C SER G 79 41.75 6.24 118.68
N SER G 80 40.80 6.69 119.50
CA SER G 80 40.26 5.88 120.58
C SER G 80 39.01 5.14 120.12
N LEU G 81 38.13 5.84 119.40
CA LEU G 81 36.93 5.22 118.85
C LEU G 81 37.25 4.27 117.71
N LYS G 82 36.47 3.20 117.60
CA LYS G 82 36.62 2.25 116.50
C LYS G 82 35.31 2.13 115.76
N GLU G 83 35.34 1.49 114.59
CA GLU G 83 34.15 1.38 113.76
C GLU G 83 33.08 0.51 114.42
N GLU G 84 33.51 -0.52 115.14
CA GLU G 84 32.58 -1.40 115.83
C GLU G 84 32.00 -0.75 117.09
N ASP G 85 32.72 0.22 117.62
CA ASP G 85 32.23 1.00 118.75
C ASP G 85 30.97 1.75 118.34
N ILE G 86 30.97 2.23 117.10
CA ILE G 86 29.84 2.95 116.55
C ILE G 86 28.78 1.99 116.04
N ALA G 87 29.24 0.89 115.44
CA ALA G 87 28.33 -0.13 114.91
C ALA G 87 27.47 -0.73 116.01
N ALA G 88 28.06 -0.95 117.17
CA ALA G 88 27.36 -1.58 118.28
C ALA G 88 26.56 -0.57 119.11
N GLU G 89 26.68 0.71 118.76
CA GLU G 89 25.98 1.76 119.47
C GLU G 89 24.50 1.81 119.06
N LYS G 90 24.24 1.50 117.78
CA LYS G 90 22.89 1.49 117.24
C LYS G 90 22.88 0.71 115.93
N PRO G 91 21.88 -0.18 115.76
CA PRO G 91 21.76 -0.97 114.54
C PRO G 91 21.69 -0.12 113.27
N GLN G 92 22.56 -0.42 112.31
CA GLN G 92 22.57 0.29 111.04
C GLN G 92 21.24 0.12 110.30
N ALA G 93 20.62 1.24 109.95
CA ALA G 93 19.38 1.20 109.19
C ALA G 93 19.66 0.77 107.76
N GLU G 94 18.66 0.17 107.12
CA GLU G 94 18.81 -0.28 105.74
C GLU G 94 18.91 0.90 104.79
N GLY G 95 19.81 0.79 103.81
CA GLY G 95 19.98 1.82 102.81
C GLY G 95 20.95 2.92 103.22
N GLN G 96 21.39 2.87 104.47
CA GLN G 96 22.30 3.87 104.99
C GLN G 96 23.75 3.39 104.96
N GLN G 97 24.68 4.33 104.89
CA GLN G 97 26.11 4.01 104.84
C GLN G 97 26.61 3.61 106.21
N ARG G 98 27.58 2.69 106.23
CA ARG G 98 28.21 2.34 107.49
C ARG G 98 29.16 3.48 107.89
N VAL G 99 29.17 3.80 109.17
CA VAL G 99 29.99 4.90 109.67
C VAL G 99 31.46 4.49 109.67
N ARG G 100 32.30 5.36 109.11
CA ARG G 100 33.72 5.05 109.01
C ARG G 100 34.52 5.81 110.06
N VAL G 101 35.68 5.27 110.43
CA VAL G 101 36.54 5.92 111.41
C VAL G 101 37.98 6.05 110.90
N CYS G 102 38.47 7.28 110.82
CA CYS G 102 39.84 7.53 110.37
C CYS G 102 40.67 8.14 111.50
N ALA G 103 41.99 8.05 111.37
CA ALA G 103 42.90 8.53 112.41
C ALA G 103 43.30 9.98 112.19
N SER G 104 42.92 10.54 111.05
CA SER G 104 43.22 11.93 110.73
C SER G 104 42.42 12.42 109.54
N LEU G 105 42.50 13.72 109.28
CA LEU G 105 41.82 14.31 108.14
C LEU G 105 42.42 13.89 106.80
N PRO G 106 43.77 13.87 106.69
CA PRO G 106 44.32 13.32 105.45
C PRO G 106 43.92 11.85 105.25
N ALA G 107 43.76 11.12 106.35
CA ALA G 107 43.27 9.74 106.28
C ALA G 107 41.85 9.72 105.75
N ALA G 108 41.03 10.63 106.25
CA ALA G 108 39.65 10.77 105.82
C ALA G 108 39.56 11.02 104.33
N LEU G 109 40.34 11.99 103.86
CA LEU G 109 40.33 12.36 102.45
C LEU G 109 40.88 11.25 101.55
N SER G 110 41.96 10.61 102.00
CA SER G 110 42.53 9.49 101.27
C SER G 110 41.52 8.36 101.13
N LEU G 111 40.79 8.09 102.21
CA LEU G 111 39.72 7.10 102.20
C LEU G 111 38.64 7.48 101.21
N LEU G 112 38.25 8.75 101.27
CA LEU G 112 37.23 9.31 100.39
C LEU G 112 37.59 9.15 98.92
N GLU G 113 38.86 9.33 98.60
CA GLU G 113 39.30 9.20 97.22
C GLU G 113 39.47 7.74 96.81
N GLU G 114 39.86 6.90 97.76
CA GLU G 114 40.19 5.51 97.46
C GLU G 114 38.96 4.63 97.32
N GLU G 115 37.99 4.78 98.21
CA GLU G 115 36.82 3.90 98.19
C GLU G 115 35.47 4.61 98.07
N TYR G 116 35.49 5.90 97.77
CA TYR G 116 34.23 6.63 97.68
C TYR G 116 34.16 7.60 96.50
N LYS G 117 35.13 7.52 95.59
CA LYS G 117 35.02 8.25 94.33
C LYS G 117 33.91 7.61 93.52
N ASP G 118 33.17 8.44 92.78
CA ASP G 118 32.02 8.01 92.00
C ASP G 118 30.87 7.61 92.95
N SER G 119 31.12 7.74 94.25
CA SER G 119 30.14 7.42 95.28
C SER G 119 29.71 8.68 96.04
N VAL G 120 30.66 9.56 96.35
CA VAL G 120 30.35 10.79 97.06
C VAL G 120 30.47 12.01 96.16
N ASP G 121 29.66 13.03 96.46
CA ASP G 121 29.70 14.28 95.70
C ASP G 121 30.51 15.33 96.45
N GLN G 122 29.91 15.90 97.49
CA GLN G 122 30.58 16.94 98.26
C GLN G 122 31.06 16.45 99.62
N ILE G 123 32.15 17.03 100.08
CA ILE G 123 32.72 16.70 101.39
C ILE G 123 32.62 17.91 102.32
N PHE G 124 31.96 17.70 103.47
CA PHE G 124 31.73 18.77 104.43
C PHE G 124 32.45 18.51 105.75
N VAL G 125 33.38 19.39 106.12
CA VAL G 125 33.93 19.35 107.47
C VAL G 125 32.92 20.02 108.40
N VAL G 126 32.54 19.29 109.45
CA VAL G 126 31.38 19.64 110.26
C VAL G 126 31.74 20.01 111.70
N GLY G 127 32.86 19.50 112.19
CA GLY G 127 33.35 19.86 113.51
C GLY G 127 34.35 18.86 114.09
N GLY G 128 35.12 19.30 115.08
CA GLY G 128 35.04 20.64 115.61
C GLY G 128 36.34 21.39 115.40
N ALA G 129 36.83 22.03 116.47
CA ALA G 129 38.01 22.88 116.40
C ALA G 129 39.23 22.19 115.78
N GLY G 130 39.43 20.92 116.10
CA GLY G 130 40.54 20.16 115.56
C GLY G 130 40.44 20.00 114.06
N LEU G 131 39.28 19.55 113.59
CA LEU G 131 39.09 19.35 112.16
C LEU G 131 39.09 20.65 111.38
N TYR G 132 38.57 21.72 111.98
CA TYR G 132 38.59 23.02 111.35
C TYR G 132 40.03 23.50 111.19
N GLU G 133 40.77 23.42 112.29
CA GLU G 133 42.18 23.79 112.31
C GLU G 133 42.97 23.03 111.26
N ALA G 134 42.79 21.72 111.22
CA ALA G 134 43.50 20.86 110.27
C ALA G 134 43.12 21.19 108.83
N ALA G 135 41.83 21.33 108.58
CA ALA G 135 41.31 21.61 107.24
C ALA G 135 41.79 22.95 106.73
N LEU G 136 41.95 23.91 107.64
CA LEU G 136 42.45 25.23 107.28
C LEU G 136 43.96 25.16 107.05
N SER G 137 44.62 24.30 107.81
CA SER G 137 46.06 24.11 107.66
C SER G 137 46.40 23.54 106.29
N LEU G 138 45.71 22.46 105.93
CA LEU G 138 45.90 21.81 104.64
C LEU G 138 45.58 22.74 103.48
N GLY G 139 44.71 23.71 103.72
CA GLY G 139 44.29 24.64 102.69
C GLY G 139 43.37 23.96 101.69
N VAL G 140 42.60 22.99 102.18
CA VAL G 140 41.69 22.22 101.35
C VAL G 140 40.30 22.85 101.32
N ALA G 141 40.07 23.81 102.21
CA ALA G 141 38.78 24.46 102.32
C ALA G 141 38.58 25.51 101.23
N SER G 142 37.57 25.30 100.39
CA SER G 142 37.25 26.23 99.32
C SER G 142 36.18 27.22 99.75
N HIS G 143 35.22 26.74 100.54
CA HIS G 143 34.10 27.55 100.99
C HIS G 143 33.79 27.35 102.46
N LEU G 144 33.41 28.44 103.13
CA LEU G 144 33.02 28.37 104.54
C LEU G 144 31.55 28.76 104.73
N TYR G 145 30.71 27.78 105.07
CA TYR G 145 29.33 28.07 105.40
C TYR G 145 29.22 28.48 106.87
N ILE G 146 29.31 29.77 107.14
CA ILE G 146 29.32 30.24 108.52
C ILE G 146 27.98 30.81 108.96
N THR G 147 27.51 30.34 110.11
CA THR G 147 26.31 30.92 110.71
C THR G 147 26.70 31.84 111.86
N ARG G 148 26.78 33.14 111.56
CA ARG G 148 27.15 34.14 112.55
C ARG G 148 26.06 34.32 113.57
N VAL G 149 26.30 33.80 114.77
CA VAL G 149 25.46 34.06 115.94
C VAL G 149 25.87 35.41 116.50
N ALA G 150 24.92 36.33 116.64
CA ALA G 150 25.25 37.70 117.03
C ALA G 150 25.51 37.85 118.54
N ARG G 151 24.89 36.98 119.34
CA ARG G 151 25.07 37.02 120.78
C ARG G 151 26.35 36.33 121.21
N GLU G 152 26.92 36.78 122.33
CA GLU G 152 28.07 36.13 122.90
C GLU G 152 27.61 35.14 123.97
N PHE G 153 28.21 33.96 123.98
CA PHE G 153 27.86 32.92 124.93
C PHE G 153 29.11 32.37 125.59
N PRO G 154 28.97 31.79 126.80
CA PRO G 154 30.07 31.06 127.42
C PRO G 154 30.58 29.94 126.52
N CYS G 155 31.88 29.95 126.21
CA CYS G 155 32.45 28.96 125.31
C CYS G 155 33.83 28.48 125.79
N ASP G 156 34.15 27.22 125.48
CA ASP G 156 35.45 26.66 125.81
C ASP G 156 36.13 26.08 124.58
N VAL G 157 35.40 26.09 123.45
CA VAL G 157 35.94 25.61 122.17
C VAL G 157 35.66 26.63 121.07
N PHE G 158 36.70 27.08 120.40
CA PHE G 158 36.57 28.18 119.44
C PHE G 158 36.97 27.78 118.02
N PHE G 159 36.35 28.43 117.04
CA PHE G 159 36.76 28.31 115.65
C PHE G 159 38.09 29.04 115.51
N PRO G 160 39.04 28.44 114.77
CA PRO G 160 40.37 29.02 114.65
C PRO G 160 40.38 30.40 113.98
N ALA G 161 41.48 31.13 114.16
CA ALA G 161 41.64 32.42 113.51
C ALA G 161 41.96 32.22 112.03
N PHE G 162 41.27 32.95 111.17
CA PHE G 162 41.48 32.82 109.73
C PHE G 162 41.47 34.18 109.05
N PRO G 163 42.28 34.34 107.99
CA PRO G 163 42.33 35.60 107.24
C PRO G 163 40.97 36.01 106.70
N GLY G 164 40.45 37.10 107.22
CA GLY G 164 39.16 37.60 106.79
C GLY G 164 38.05 37.26 107.77
N ASP G 165 38.41 37.13 109.05
CA ASP G 165 37.42 36.89 110.11
C ASP G 165 36.81 38.20 110.58
N ASP G 166 37.06 39.27 109.84
CA ASP G 166 36.50 40.58 110.12
C ASP G 166 34.97 40.56 109.97
N ILE G 167 34.46 39.50 109.35
CA ILE G 167 33.01 39.31 109.23
C ILE G 167 32.40 38.81 110.52
N LEU G 168 33.22 38.63 111.56
CA LEU G 168 32.74 38.19 112.85
C LEU G 168 32.74 39.33 113.86
N SER G 169 33.89 39.96 114.04
CA SER G 169 34.00 41.09 114.95
C SER G 169 35.11 42.03 114.49
N ASN G 170 35.36 43.07 115.27
CA ASN G 170 36.41 44.02 114.95
C ASN G 170 37.77 43.54 115.45
N LYS G 171 38.82 43.83 114.70
CA LYS G 171 40.16 43.42 115.09
C LYS G 171 40.89 44.51 115.87
N ALA G 181 46.34 33.74 101.14
CA ALA G 181 44.98 33.67 100.63
C ALA G 181 43.94 33.96 101.71
N THR G 182 43.05 34.90 101.42
CA THR G 182 42.00 35.28 102.37
C THR G 182 40.65 34.65 102.00
N TYR G 183 39.77 34.55 102.98
CA TYR G 183 38.43 33.99 102.77
C TYR G 183 37.39 35.11 102.70
N ARG G 184 37.03 35.53 101.48
CA ARG G 184 36.13 36.67 101.32
C ARG G 184 34.67 36.24 101.17
N PRO G 185 33.75 37.02 101.78
CA PRO G 185 32.32 36.72 101.70
C PRO G 185 31.75 36.92 100.31
N ILE G 186 30.83 36.05 99.91
CA ILE G 186 30.20 36.14 98.60
C ILE G 186 28.69 36.05 98.77
N PHE G 187 28.27 35.91 100.02
CA PHE G 187 26.88 35.68 100.38
C PHE G 187 26.64 36.21 101.79
N ILE G 188 25.65 37.08 101.95
CA ILE G 188 25.24 37.55 103.27
C ILE G 188 23.72 37.67 103.32
N SER G 189 23.07 36.87 104.17
CA SER G 189 21.61 36.80 104.23
C SER G 189 21.01 37.85 105.17
N LYS G 190 19.68 37.91 105.22
CA LYS G 190 18.99 38.76 106.18
C LYS G 190 19.10 38.14 107.57
N THR G 191 18.78 38.91 108.60
CA THR G 191 18.91 38.41 109.96
C THR G 191 17.71 37.57 110.39
N PHE G 192 17.99 36.33 110.80
CA PHE G 192 17.00 35.45 111.39
C PHE G 192 17.16 35.47 112.91
N SER G 193 16.20 34.89 113.62
CA SER G 193 16.29 34.81 115.08
C SER G 193 15.50 33.65 115.63
N ASP G 194 16.07 33.00 116.65
CA ASP G 194 15.36 31.96 117.40
C ASP G 194 15.72 32.02 118.88
N ASN G 195 14.71 31.92 119.74
CA ASN G 195 14.90 31.94 121.19
C ASN G 195 15.72 33.13 121.67
N GLY G 196 15.39 34.32 121.20
CA GLY G 196 16.06 35.53 121.64
C GLY G 196 17.48 35.64 121.12
N VAL G 197 17.81 34.78 120.16
CA VAL G 197 19.14 34.77 119.56
C VAL G 197 19.06 35.18 118.10
N PRO G 198 19.63 36.35 117.77
CA PRO G 198 19.75 36.85 116.42
C PRO G 198 20.99 36.29 115.72
N TYR G 199 20.86 35.92 114.46
CA TYR G 199 21.98 35.37 113.71
C TYR G 199 21.74 35.48 112.21
N ASP G 200 22.78 35.30 111.40
CA ASP G 200 22.58 35.24 109.95
C ASP G 200 23.55 34.26 109.31
N PHE G 201 23.36 34.00 108.01
CA PHE G 201 24.19 33.05 107.31
C PHE G 201 25.05 33.73 106.25
N VAL G 202 26.35 33.42 106.25
CA VAL G 202 27.24 33.89 105.20
C VAL G 202 28.04 32.76 104.60
N VAL G 203 28.44 32.93 103.34
CA VAL G 203 29.29 31.98 102.65
C VAL G 203 30.59 32.65 102.26
N LEU G 204 31.70 32.11 102.75
CA LEU G 204 33.01 32.62 102.40
C LEU G 204 33.63 31.77 101.31
N GLU G 205 34.52 32.39 100.53
CA GLU G 205 35.18 31.73 99.41
C GLU G 205 36.67 32.01 99.47
N LYS G 206 37.48 31.01 99.11
CA LYS G 206 38.92 31.19 99.03
C LYS G 206 39.27 31.96 97.75
N ARG G 207 40.08 33.00 97.88
CA ARG G 207 40.29 33.91 96.75
C ARG G 207 41.75 34.22 96.42
N ARG G 208 42.62 34.23 97.43
CA ARG G 208 44.02 34.60 97.25
C ARG G 208 44.16 35.98 96.62
N SER G 241 14.81 32.91 66.32
CA SER G 241 14.71 34.27 66.83
C SER G 241 13.53 34.43 67.78
N SER G 242 13.61 33.75 68.93
CA SER G 242 12.56 33.83 69.94
C SER G 242 12.52 35.22 70.56
N ALA G 243 13.39 35.45 71.54
CA ALA G 243 13.48 36.74 72.21
C ALA G 243 14.78 37.44 71.84
N ALA G 244 15.72 36.67 71.30
CA ALA G 244 17.07 37.17 71.02
C ALA G 244 17.09 38.26 69.95
N ALA G 245 16.13 38.24 69.04
CA ALA G 245 16.10 39.19 67.92
C ALA G 245 15.55 40.55 68.35
N ILE G 246 15.26 40.70 69.63
CA ILE G 246 14.65 41.92 70.14
C ILE G 246 15.62 42.67 71.05
N ALA G 247 16.77 42.05 71.31
CA ALA G 247 17.87 42.70 72.01
C ALA G 247 18.55 43.86 71.23
N PRO G 248 18.43 43.92 69.89
CA PRO G 248 18.97 45.13 69.25
C PRO G 248 18.20 46.42 69.59
N VAL G 249 16.90 46.35 69.80
CA VAL G 249 16.15 47.52 70.22
C VAL G 249 16.54 47.88 71.65
N LEU G 250 16.86 46.84 72.42
CA LEU G 250 17.39 47.03 73.77
C LEU G 250 18.77 47.68 73.71
N ALA G 251 19.48 47.47 72.60
CA ALA G 251 20.88 47.85 72.49
C ALA G 251 21.09 49.37 72.49
N TRP G 252 20.14 50.11 71.93
CA TRP G 252 20.28 51.56 71.86
C TRP G 252 19.55 52.27 72.99
N MET G 253 18.71 51.51 73.72
CA MET G 253 18.08 52.04 74.92
C MET G 253 18.94 51.73 76.14
N ASP G 254 19.92 50.85 75.94
CA ASP G 254 20.80 50.38 77.01
C ASP G 254 21.98 51.34 77.21
N GLU G 255 22.54 51.33 78.41
CA GLU G 255 23.70 52.14 78.74
C GLU G 255 24.88 51.29 79.17
N LEU G 266 29.77 53.02 89.14
CA LEU G 266 31.20 53.14 89.39
C LEU G 266 31.56 52.79 90.84
N ILE G 267 30.95 53.50 91.78
CA ILE G 267 31.14 53.21 93.20
C ILE G 267 30.10 52.22 93.69
N ARG G 268 30.56 51.14 94.32
CA ARG G 268 29.66 50.16 94.88
C ARG G 268 30.18 49.62 96.22
N ALA G 269 29.25 49.32 97.12
CA ALA G 269 29.59 48.76 98.43
C ALA G 269 29.85 47.26 98.33
N VAL G 270 30.98 46.82 98.89
CA VAL G 270 31.44 45.42 98.87
C VAL G 270 30.93 44.58 97.69
N PRO G 271 31.49 44.81 96.50
CA PRO G 271 31.02 44.22 95.24
C PRO G 271 31.20 42.70 95.15
N HIS G 272 32.14 42.15 95.90
CA HIS G 272 32.41 40.72 95.86
C HIS G 272 31.25 39.93 96.47
N VAL G 273 30.46 40.60 97.30
CA VAL G 273 29.27 39.99 97.87
C VAL G 273 28.14 39.95 96.85
N HIS G 274 27.88 38.77 96.28
CA HIS G 274 26.94 38.65 95.18
C HIS G 274 25.50 38.58 95.67
N PHE G 275 25.21 37.65 96.59
CA PHE G 275 23.89 37.64 97.20
C PHE G 275 23.82 38.65 98.33
N ARG G 276 22.93 39.63 98.20
CA ARG G 276 22.85 40.72 99.15
C ARG G 276 21.52 40.72 99.89
N GLY G 277 21.28 39.67 100.66
CA GLY G 277 20.04 39.51 101.40
C GLY G 277 19.92 40.46 102.56
N HIS G 278 21.06 40.82 103.15
CA HIS G 278 21.08 41.70 104.31
C HIS G 278 20.45 43.05 103.98
N GLU G 279 19.52 43.49 104.81
CA GLU G 279 18.70 44.66 104.51
C GLU G 279 19.48 45.96 104.63
N GLU G 280 20.70 45.90 105.16
CA GLU G 280 21.57 47.06 105.27
C GLU G 280 22.11 47.46 103.89
N PHE G 281 22.08 46.51 102.97
CA PHE G 281 22.48 46.75 101.59
C PHE G 281 21.56 47.77 100.93
N GLN G 282 20.37 47.95 101.49
CA GLN G 282 19.48 49.01 101.02
C GLN G 282 20.15 50.35 101.26
N TYR G 283 20.66 50.53 102.48
CA TYR G 283 21.32 51.76 102.88
C TYR G 283 22.65 51.95 102.12
N LEU G 284 23.45 50.90 102.07
CA LEU G 284 24.73 50.98 101.36
C LEU G 284 24.53 51.34 99.89
N ASP G 285 23.63 50.61 99.23
CA ASP G 285 23.32 50.87 97.82
C ASP G 285 22.67 52.24 97.66
N LEU G 286 22.01 52.73 98.70
CA LEU G 286 21.43 54.06 98.65
C LEU G 286 22.58 55.06 98.57
N ILE G 287 23.58 54.88 99.42
CA ILE G 287 24.77 55.73 99.41
C ILE G 287 25.48 55.71 98.05
N ALA G 288 25.79 54.50 97.58
CA ALA G 288 26.49 54.35 96.30
C ALA G 288 25.68 54.97 95.15
N ASP G 289 24.36 54.79 95.19
CA ASP G 289 23.48 55.33 94.17
C ASP G 289 23.51 56.85 94.18
N ILE G 290 23.37 57.44 95.37
CA ILE G 290 23.39 58.89 95.49
C ILE G 290 24.72 59.46 95.00
N ILE G 291 25.82 58.82 95.37
CA ILE G 291 27.13 59.28 94.91
C ILE G 291 27.27 59.18 93.39
N ASN G 292 26.84 58.07 92.81
CA ASN G 292 27.00 57.84 91.38
C ASN G 292 26.10 58.70 90.50
N ASN G 293 24.80 58.72 90.82
CA ASN G 293 23.81 59.33 89.93
C ASN G 293 23.21 60.62 90.45
N GLY G 294 23.51 60.97 91.71
CA GLY G 294 22.97 62.18 92.29
C GLY G 294 23.51 63.43 91.63
N ARG G 295 22.91 64.57 91.95
CA ARG G 295 23.35 65.84 91.39
C ARG G 295 24.01 66.71 92.46
N THR G 296 25.08 67.41 92.09
CA THR G 296 25.74 68.32 93.02
C THR G 296 25.04 69.67 93.05
N MET G 297 24.58 70.06 94.23
CA MET G 297 23.76 71.25 94.42
C MET G 297 24.26 72.07 95.59
N ASP G 298 23.93 73.36 95.57
CA ASP G 298 24.14 74.24 96.72
C ASP G 298 23.14 73.89 97.82
N ASP G 299 23.27 74.55 98.96
CA ASP G 299 22.54 74.11 100.15
C ASP G 299 22.46 75.21 101.20
N ARG G 300 21.41 75.16 102.02
CA ARG G 300 21.18 76.14 103.08
C ARG G 300 22.39 76.38 103.99
N THR G 301 23.08 75.30 104.34
CA THR G 301 24.17 75.37 105.30
C THR G 301 25.42 76.01 104.73
N GLY G 302 25.60 75.92 103.41
CA GLY G 302 26.77 76.46 102.77
C GLY G 302 27.67 75.35 102.24
N VAL G 303 27.58 74.18 102.86
CA VAL G 303 28.31 73.01 102.40
C VAL G 303 27.59 72.43 101.18
N GLY G 304 28.35 71.90 100.23
CA GLY G 304 27.77 71.35 99.02
C GLY G 304 27.05 70.04 99.30
N VAL G 305 26.16 69.64 98.40
CA VAL G 305 25.39 68.41 98.60
C VAL G 305 25.28 67.61 97.31
N ILE G 306 25.20 66.29 97.43
CA ILE G 306 24.85 65.46 96.28
C ILE G 306 23.52 64.79 96.56
N SER G 307 22.50 65.08 95.75
CA SER G 307 21.15 64.65 96.09
C SER G 307 20.42 63.86 95.01
N LYS G 308 19.45 63.07 95.47
CA LYS G 308 18.46 62.43 94.62
C LYS G 308 17.08 62.73 95.18
N PHE G 309 16.02 62.43 94.42
CA PHE G 309 14.68 62.72 94.87
C PHE G 309 13.78 61.48 94.81
N GLY G 310 13.08 61.22 95.91
CA GLY G 310 12.21 60.05 95.99
C GLY G 310 13.01 58.78 96.17
N CYS G 311 13.22 58.39 97.42
CA CYS G 311 13.97 57.19 97.74
C CYS G 311 13.21 56.32 98.73
N THR G 312 13.45 55.01 98.68
CA THR G 312 12.66 54.08 99.47
C THR G 312 13.52 53.00 100.12
N MET G 313 13.24 52.72 101.39
CA MET G 313 13.78 51.54 102.05
C MET G 313 12.69 50.87 102.87
N ARG G 314 12.91 49.63 103.29
CA ARG G 314 12.04 49.02 104.28
C ARG G 314 12.76 47.91 105.03
N TYR G 315 12.52 47.87 106.34
CA TYR G 315 13.25 46.96 107.23
C TYR G 315 12.29 46.10 108.04
N SER G 316 12.64 44.83 108.16
CA SER G 316 11.83 43.87 108.90
C SER G 316 12.01 44.05 110.40
N LEU G 317 10.94 43.85 111.15
CA LEU G 317 10.97 44.06 112.59
C LEU G 317 10.56 42.81 113.37
N ASP G 318 10.23 41.73 112.67
CA ASP G 318 9.72 40.54 113.31
C ASP G 318 10.83 39.57 113.76
N GLN G 319 12.00 39.68 113.13
CA GLN G 319 13.11 38.80 113.48
C GLN G 319 14.16 39.55 114.30
N ALA G 320 14.62 40.68 113.77
CA ALA G 320 15.61 41.50 114.48
C ALA G 320 15.32 42.98 114.28
N PHE G 321 16.23 43.82 114.76
CA PHE G 321 16.02 45.26 114.73
C PHE G 321 17.08 45.93 113.86
N PRO G 322 16.62 46.77 112.91
CA PRO G 322 17.51 47.42 111.94
C PRO G 322 18.37 48.53 112.55
N LEU G 323 19.21 48.16 113.52
CA LEU G 323 20.24 49.07 114.00
C LEU G 323 21.48 48.83 113.14
N LEU G 324 21.74 49.75 112.20
CA LEU G 324 22.77 49.56 111.19
C LEU G 324 24.13 49.21 111.79
N THR G 325 24.82 48.28 111.14
CA THR G 325 26.02 47.68 111.71
C THR G 325 27.31 48.12 111.03
N THR G 326 27.21 48.65 109.82
CA THR G 326 28.40 49.03 109.07
C THR G 326 29.07 50.26 109.69
N LYS G 327 28.37 50.89 110.64
CA LYS G 327 28.96 51.90 111.52
C LYS G 327 28.14 51.96 112.80
N ARG G 328 28.77 52.33 113.91
CA ARG G 328 28.08 52.33 115.20
C ARG G 328 27.07 53.45 115.32
N VAL G 329 25.83 53.10 115.65
CA VAL G 329 24.74 54.06 115.75
C VAL G 329 24.44 54.43 117.21
N PHE G 330 24.14 55.71 117.44
CA PHE G 330 23.93 56.27 118.77
C PHE G 330 22.57 55.89 119.37
N TRP G 331 22.47 54.63 119.81
CA TRP G 331 21.20 54.08 120.28
C TRP G 331 20.66 54.79 121.50
N LYS G 332 21.55 55.16 122.42
CA LYS G 332 21.18 55.94 123.59
C LYS G 332 20.50 57.23 123.11
N GLY G 333 21.08 57.80 122.06
CA GLY G 333 20.53 58.97 121.42
C GLY G 333 19.14 58.75 120.86
N VAL G 334 18.94 57.68 120.08
CA VAL G 334 17.62 57.48 119.48
C VAL G 334 16.56 57.20 120.55
N LEU G 335 16.95 56.46 121.60
CA LEU G 335 16.02 56.13 122.67
C LEU G 335 15.61 57.38 123.45
N GLU G 336 16.62 58.09 123.96
CA GLU G 336 16.38 59.29 124.74
C GLU G 336 15.58 60.31 123.94
N GLU G 337 15.96 60.51 122.68
CA GLU G 337 15.27 61.47 121.83
C GLU G 337 13.83 61.04 121.56
N LEU G 338 13.60 59.73 121.42
CA LEU G 338 12.24 59.24 121.17
C LEU G 338 11.34 59.44 122.38
N LEU G 339 11.84 59.08 123.56
CA LEU G 339 11.10 59.31 124.80
C LEU G 339 10.80 60.80 124.95
N TRP G 340 11.83 61.60 124.66
CA TRP G 340 11.74 63.05 124.64
C TRP G 340 10.61 63.54 123.75
N PHE G 341 10.48 62.92 122.57
CA PHE G 341 9.37 63.21 121.65
C PHE G 341 8.04 62.89 122.31
N ILE G 342 7.92 61.65 122.79
CA ILE G 342 6.67 61.17 123.36
C ILE G 342 6.17 62.06 124.50
N ARG G 343 7.08 62.56 125.31
CA ARG G 343 6.68 63.44 126.41
C ARG G 343 6.17 64.80 125.91
N GLY G 344 6.41 65.10 124.64
CA GLY G 344 6.01 66.38 124.08
C GLY G 344 6.98 67.46 124.51
N ASP G 345 8.17 67.05 124.91
CA ASP G 345 9.18 67.95 125.45
C ASP G 345 9.85 68.76 124.35
N THR G 346 10.07 70.05 124.61
CA THR G 346 10.72 70.93 123.64
C THR G 346 12.00 71.52 124.22
N ASN G 347 12.38 71.05 125.41
CA ASN G 347 13.60 71.51 126.07
C ASN G 347 14.79 70.63 125.73
N ALA G 348 15.67 71.12 124.85
CA ALA G 348 16.79 70.33 124.38
C ALA G 348 17.82 70.09 125.47
N ASN G 349 17.77 70.91 126.52
CA ASN G 349 18.69 70.77 127.63
C ASN G 349 18.45 69.47 128.39
N HIS G 350 17.20 69.03 128.39
CA HIS G 350 16.82 67.75 128.99
C HIS G 350 17.52 66.60 128.28
N LEU G 351 17.81 66.79 127.00
CA LEU G 351 18.57 65.80 126.23
C LEU G 351 20.06 66.01 126.44
N SER G 352 20.45 67.27 126.58
CA SER G 352 21.86 67.63 126.64
C SER G 352 22.52 67.18 127.93
N GLU G 353 21.81 67.28 129.05
CA GLU G 353 22.39 66.92 130.35
C GLU G 353 22.26 65.42 130.61
N LYS G 354 21.64 64.70 129.66
CA LYS G 354 21.62 63.25 129.71
C LYS G 354 22.72 62.64 128.85
N GLY G 355 23.48 63.49 128.17
CA GLY G 355 24.60 63.02 127.35
C GLY G 355 24.29 62.98 125.88
N VAL G 356 23.15 63.54 125.50
CA VAL G 356 22.72 63.57 124.10
C VAL G 356 22.68 65.02 123.59
N LYS G 357 23.74 65.43 122.89
CA LYS G 357 23.90 66.81 122.47
C LYS G 357 23.57 67.02 121.00
N ILE G 358 22.65 66.20 120.48
CA ILE G 358 22.36 66.20 119.06
C ILE G 358 21.49 67.39 118.63
N TRP G 359 21.05 68.18 119.61
CA TRP G 359 20.21 69.33 119.33
C TRP G 359 20.91 70.65 119.63
N ASP G 360 21.99 70.59 120.41
CA ASP G 360 22.68 71.79 120.89
C ASP G 360 22.98 72.82 119.81
N LYS G 361 23.66 72.39 118.76
CA LYS G 361 24.06 73.28 117.68
C LYS G 361 22.90 73.98 116.96
N ASN G 362 21.68 73.54 117.24
CA ASN G 362 20.49 74.13 116.61
C ASN G 362 19.59 74.85 117.61
N VAL G 363 20.07 75.00 118.83
CA VAL G 363 19.31 75.74 119.85
C VAL G 363 20.21 76.73 120.58
N THR G 364 21.38 76.98 120.02
CA THR G 364 22.28 78.01 120.55
C THR G 364 21.64 79.38 120.40
N ARG G 365 22.11 80.34 121.18
CA ARG G 365 21.64 81.72 121.07
C ARG G 365 21.85 82.26 119.65
N GLU G 366 23.02 81.96 119.11
CA GLU G 366 23.39 82.40 117.77
C GLU G 366 22.44 81.86 116.69
N PHE G 367 22.12 80.57 116.78
CA PHE G 367 21.24 79.93 115.80
C PHE G 367 19.80 80.40 115.97
N LEU G 368 19.35 80.47 117.22
CA LEU G 368 18.00 80.96 117.53
C LEU G 368 17.81 82.38 117.02
N ASP G 369 18.88 83.18 117.08
CA ASP G 369 18.83 84.54 116.57
C ASP G 369 18.87 84.57 115.04
N SER G 370 19.67 83.68 114.46
CA SER G 370 19.76 83.58 113.00
C SER G 370 18.43 83.09 112.42
N ARG G 371 17.62 82.47 113.27
CA ARG G 371 16.29 82.01 112.89
C ARG G 371 15.26 83.10 113.19
N ASN G 372 15.75 84.30 113.48
CA ASN G 372 14.92 85.44 113.82
C ASN G 372 14.00 85.13 115.00
N LEU G 373 14.60 84.63 116.08
CA LEU G 373 13.87 84.27 117.29
C LEU G 373 14.64 84.62 118.56
N PRO G 374 14.78 85.92 118.85
CA PRO G 374 15.55 86.36 120.03
C PRO G 374 14.82 86.06 121.34
N HIS G 375 13.50 85.85 121.26
CA HIS G 375 12.69 85.63 122.45
C HIS G 375 12.87 84.23 123.02
N ARG G 376 13.53 83.37 122.26
CA ARG G 376 13.69 81.97 122.64
C ARG G 376 14.83 81.77 123.64
N GLU G 377 14.53 81.12 124.75
CA GLU G 377 15.55 80.70 125.71
C GLU G 377 16.44 79.65 125.05
N VAL G 378 17.71 79.61 125.43
CA VAL G 378 18.65 78.67 124.84
C VAL G 378 18.24 77.22 125.15
N GLY G 379 17.98 76.45 124.10
CA GLY G 379 17.56 75.07 124.25
C GLY G 379 16.12 74.84 123.80
N ASP G 380 15.40 75.93 123.56
CA ASP G 380 14.00 75.86 123.18
C ASP G 380 13.85 75.66 121.68
N ILE G 381 13.43 74.46 121.27
CA ILE G 381 13.30 74.13 119.86
C ILE G 381 12.00 74.68 119.29
N GLY G 382 11.19 75.29 120.14
CA GLY G 382 9.90 75.80 119.72
C GLY G 382 8.87 74.69 119.61
N PRO G 383 7.72 74.99 119.00
CA PRO G 383 6.63 74.02 118.84
C PRO G 383 6.91 72.96 117.78
N GLY G 384 7.88 72.10 118.02
CA GLY G 384 8.26 71.09 117.04
C GLY G 384 8.10 69.66 117.49
N TYR G 385 8.14 68.74 116.52
CA TYR G 385 8.03 67.29 116.73
C TYR G 385 7.07 66.88 117.84
N GLY G 386 7.61 66.62 119.03
CA GLY G 386 6.81 66.18 120.16
C GLY G 386 5.63 67.07 120.47
N PHE G 387 5.85 68.38 120.37
CA PHE G 387 4.81 69.35 120.67
C PHE G 387 3.63 69.23 119.72
N GLN G 388 3.91 68.95 118.45
CA GLN G 388 2.83 68.79 117.48
C GLN G 388 2.19 67.43 117.67
N TRP G 389 3.01 66.43 117.97
CA TRP G 389 2.55 65.08 118.27
C TRP G 389 1.48 65.06 119.35
N ARG G 390 1.76 65.69 120.48
CA ARG G 390 0.89 65.60 121.64
C ARG G 390 -0.07 66.78 121.75
N HIS G 391 0.24 67.87 121.05
CA HIS G 391 -0.56 69.08 121.14
C HIS G 391 -0.63 69.83 119.82
N PHE G 392 -0.96 69.15 118.73
CA PHE G 392 -1.01 69.81 117.43
C PHE G 392 -1.94 71.03 117.44
N GLY G 393 -1.40 72.17 117.01
CA GLY G 393 -2.19 73.38 116.84
C GLY G 393 -2.21 74.30 118.04
N ALA G 394 -1.84 73.78 119.21
CA ALA G 394 -1.85 74.56 120.44
C ALA G 394 -0.91 75.77 120.34
N ALA G 395 -1.30 76.87 120.98
CA ALA G 395 -0.49 78.08 120.98
C ALA G 395 0.73 77.92 121.87
N TYR G 396 1.91 78.01 121.27
CA TYR G 396 3.16 77.80 121.98
C TYR G 396 3.62 79.06 122.72
N LYS G 397 4.11 78.88 123.94
CA LYS G 397 4.74 79.97 124.67
C LYS G 397 6.24 79.72 124.81
N ASP G 398 6.61 78.88 125.77
CA ASP G 398 8.00 78.45 125.91
C ASP G 398 8.07 76.97 126.26
N MET G 399 9.29 76.49 126.51
CA MET G 399 9.50 75.09 126.81
C MET G 399 9.18 74.75 128.26
N HIS G 400 8.81 75.76 129.04
CA HIS G 400 8.51 75.55 130.45
C HIS G 400 7.00 75.51 130.71
N THR G 401 6.22 75.76 129.67
CA THR G 401 4.77 75.85 129.81
C THR G 401 4.10 74.47 129.82
N ASP G 402 3.05 74.34 130.62
CA ASP G 402 2.25 73.12 130.66
C ASP G 402 1.20 73.19 129.56
N TYR G 403 1.07 72.12 128.77
CA TYR G 403 0.16 72.13 127.63
C TYR G 403 -0.86 71.01 127.68
N THR G 404 -1.00 70.35 128.82
CA THR G 404 -1.89 69.21 128.93
C THR G 404 -3.34 69.65 128.66
N GLY G 405 -3.99 68.95 127.73
CA GLY G 405 -5.35 69.30 127.34
C GLY G 405 -5.42 70.12 126.06
N GLN G 406 -4.39 70.92 125.83
CA GLN G 406 -4.33 71.78 124.65
C GLN G 406 -3.92 71.02 123.40
N GLY G 407 -4.55 71.37 122.28
CA GLY G 407 -4.18 70.81 120.99
C GLY G 407 -4.64 69.38 120.75
N VAL G 408 -4.25 68.84 119.60
CA VAL G 408 -4.62 67.47 119.24
C VAL G 408 -3.54 66.47 119.63
N ASP G 409 -3.93 65.43 120.36
CA ASP G 409 -3.01 64.38 120.77
C ASP G 409 -2.98 63.25 119.74
N GLN G 410 -2.24 63.49 118.66
CA GLN G 410 -2.17 62.56 117.55
C GLN G 410 -1.73 61.16 117.96
N LEU G 411 -0.79 61.09 118.91
CA LEU G 411 -0.26 59.79 119.33
C LEU G 411 -1.35 58.97 120.03
N LYS G 412 -2.09 59.62 120.93
CA LYS G 412 -3.18 58.95 121.63
C LYS G 412 -4.27 58.55 120.66
N ASN G 413 -4.61 59.46 119.74
CA ASN G 413 -5.58 59.16 118.69
C ASN G 413 -5.20 57.90 117.91
N VAL G 414 -3.95 57.86 117.45
CA VAL G 414 -3.42 56.74 116.69
C VAL G 414 -3.47 55.45 117.49
N ILE G 415 -3.04 55.51 118.75
CA ILE G 415 -3.01 54.30 119.57
C ILE G 415 -4.42 53.75 119.82
N GLN G 416 -5.33 54.61 120.25
CA GLN G 416 -6.71 54.18 120.49
C GLN G 416 -7.37 53.65 119.22
N MET G 417 -7.11 54.32 118.10
CA MET G 417 -7.61 53.88 116.81
C MET G 417 -7.04 52.51 116.45
N LEU G 418 -5.81 52.24 116.88
CA LEU G 418 -5.17 50.96 116.63
C LEU G 418 -5.76 49.86 117.51
N ARG G 419 -6.13 50.21 118.74
CA ARG G 419 -6.64 49.23 119.68
C ARG G 419 -8.13 48.93 119.47
N THR G 420 -8.84 49.84 118.81
CA THR G 420 -10.28 49.69 118.65
C THR G 420 -10.72 49.44 117.22
N ASN G 421 -9.97 49.97 116.25
CA ASN G 421 -10.37 49.87 114.84
C ASN G 421 -9.16 49.78 113.91
N PRO G 422 -8.49 48.62 113.90
CA PRO G 422 -7.20 48.46 113.22
C PRO G 422 -7.23 48.53 111.69
N THR G 423 -8.42 48.68 111.09
CA THR G 423 -8.53 48.74 109.64
C THR G 423 -8.80 50.16 109.16
N ASP G 424 -8.76 51.10 110.10
CA ASP G 424 -8.95 52.51 109.78
C ASP G 424 -7.77 53.00 108.94
N ARG G 425 -8.05 53.83 107.94
CA ARG G 425 -6.99 54.31 107.06
C ARG G 425 -6.64 55.77 107.31
N ARG G 426 -6.85 56.24 108.55
CA ARG G 426 -6.52 57.61 108.92
C ARG G 426 -5.63 57.67 110.15
N MET G 427 -4.86 56.61 110.36
CA MET G 427 -3.93 56.54 111.49
C MET G 427 -2.62 57.24 111.16
N LEU G 428 -2.61 58.56 111.28
CA LEU G 428 -1.41 59.32 110.94
C LEU G 428 -1.00 60.27 112.04
N MET G 429 0.30 60.54 112.10
CA MET G 429 0.85 61.51 113.01
C MET G 429 1.74 62.45 112.21
N THR G 430 1.37 63.73 112.17
CA THR G 430 2.14 64.70 111.41
C THR G 430 2.71 65.79 112.32
N ALA G 431 3.88 66.29 111.97
CA ALA G 431 4.52 67.36 112.72
C ALA G 431 4.67 68.59 111.84
N TRP G 432 4.29 68.46 110.58
CA TRP G 432 4.38 69.56 109.63
C TRP G 432 3.18 70.48 109.76
N ASN G 433 3.34 71.53 110.56
CA ASN G 433 2.28 72.50 110.77
C ASN G 433 2.72 73.88 110.28
N PRO G 434 2.40 74.20 109.02
CA PRO G 434 2.78 75.44 108.32
C PRO G 434 2.53 76.71 109.13
N ALA G 435 1.59 76.67 110.07
CA ALA G 435 1.28 77.83 110.90
C ALA G 435 2.42 78.13 111.89
N ALA G 436 3.05 77.09 112.40
CA ALA G 436 4.03 77.23 113.46
C ALA G 436 5.47 76.97 113.01
N LEU G 437 5.68 76.91 111.70
CA LEU G 437 6.99 76.58 111.16
C LEU G 437 8.04 77.65 111.48
N ASP G 438 7.65 78.92 111.39
CA ASP G 438 8.58 80.01 111.65
C ASP G 438 8.92 80.12 113.13
N GLU G 439 8.13 79.46 113.97
CA GLU G 439 8.35 79.50 115.41
C GLU G 439 9.25 78.36 115.87
N MET G 440 9.50 77.40 114.98
CA MET G 440 10.37 76.27 115.29
C MET G 440 11.84 76.62 115.04
N ALA G 441 12.73 75.97 115.78
CA ALA G 441 14.16 76.16 115.58
C ALA G 441 14.58 75.55 114.26
N LEU G 442 13.92 74.46 113.89
CA LEU G 442 14.20 73.78 112.63
C LEU G 442 12.96 72.99 112.21
N PRO G 443 12.45 73.27 111.00
CA PRO G 443 11.28 72.57 110.46
C PRO G 443 11.51 71.05 110.46
N PRO G 444 10.46 70.28 110.78
CA PRO G 444 10.60 68.83 110.94
C PRO G 444 11.06 68.13 109.66
N CYS G 445 12.08 67.29 109.78
CA CYS G 445 12.54 66.49 108.66
C CYS G 445 11.69 65.22 108.57
N HIS G 446 11.69 64.43 109.63
CA HIS G 446 10.74 63.33 109.73
C HIS G 446 9.40 63.91 110.17
N LEU G 447 8.55 64.21 109.20
CA LEU G 447 7.39 65.07 109.44
C LEU G 447 6.06 64.32 109.54
N LEU G 448 6.02 63.08 109.07
CA LEU G 448 4.76 62.34 109.00
C LEU G 448 4.96 60.83 109.09
N CYS G 449 4.10 60.16 109.85
CA CYS G 449 4.13 58.70 109.89
C CYS G 449 2.74 58.11 109.91
N GLN G 450 2.60 56.93 109.30
CA GLN G 450 1.32 56.24 109.20
C GLN G 450 1.46 54.78 109.60
N PHE G 451 0.42 54.23 110.23
CA PHE G 451 0.44 52.85 110.70
C PHE G 451 -0.53 51.95 109.95
N TYR G 452 -0.35 50.64 110.10
CA TYR G 452 -1.11 49.66 109.33
C TYR G 452 -1.16 48.31 110.03
N VAL G 453 -2.32 47.67 110.01
CA VAL G 453 -2.51 46.36 110.62
C VAL G 453 -3.17 45.40 109.65
N ASN G 454 -2.67 44.17 109.57
CA ASN G 454 -3.18 43.20 108.62
C ASN G 454 -3.93 42.03 109.25
N ASP G 455 -3.95 40.92 108.53
CA ASP G 455 -4.61 39.69 108.97
C ASP G 455 -4.16 39.25 110.36
N GLN G 456 -2.85 39.13 110.52
CA GLN G 456 -2.28 38.45 111.69
C GLN G 456 -1.91 39.40 112.81
N LYS G 457 -2.65 40.50 112.95
CA LYS G 457 -2.39 41.48 114.00
C LYS G 457 -0.94 41.96 113.98
N GLU G 458 -0.45 42.28 112.79
CA GLU G 458 0.92 42.74 112.63
C GLU G 458 0.97 44.22 112.24
N LEU G 459 1.84 44.97 112.90
CA LEU G 459 1.89 46.41 112.69
C LEU G 459 3.04 46.83 111.77
N SER G 460 2.72 47.59 110.74
CA SER G 460 3.73 48.17 109.86
C SER G 460 3.61 49.69 109.90
N CYS G 461 4.73 50.37 109.66
CA CYS G 461 4.80 51.82 109.80
C CYS G 461 5.59 52.47 108.66
N ILE G 462 5.03 53.55 108.12
CA ILE G 462 5.72 54.34 107.09
C ILE G 462 6.08 55.71 107.66
N MET G 463 7.29 56.17 107.39
CA MET G 463 7.66 57.53 107.76
C MET G 463 8.17 58.30 106.55
N TYR G 464 7.60 59.48 106.32
CA TYR G 464 8.03 60.33 105.23
C TYR G 464 9.00 61.39 105.74
N GLN G 465 10.14 61.51 105.07
CA GLN G 465 11.18 62.45 105.49
C GLN G 465 11.51 63.41 104.36
N ARG G 466 11.23 64.70 104.57
CA ARG G 466 11.42 65.69 103.52
C ARG G 466 12.89 65.88 103.17
N SER G 467 13.75 65.80 104.17
CA SER G 467 15.18 65.99 103.98
C SER G 467 15.96 64.91 104.72
N CYS G 468 16.98 64.35 104.07
CA CYS G 468 17.67 63.21 104.63
C CYS G 468 19.19 63.32 104.55
N ASP G 469 19.82 63.63 105.67
CA ASP G 469 21.27 63.51 105.79
C ASP G 469 21.61 62.02 105.83
N VAL G 470 22.00 61.49 104.68
CA VAL G 470 22.16 60.04 104.52
C VAL G 470 23.27 59.46 105.38
N GLY G 471 24.44 60.09 105.37
CA GLY G 471 25.58 59.59 106.12
C GLY G 471 25.37 59.64 107.62
N LEU G 472 24.68 60.67 108.09
CA LEU G 472 24.61 60.97 109.52
C LEU G 472 23.24 60.70 110.15
N GLY G 473 22.18 61.17 109.51
CA GLY G 473 20.86 61.14 110.10
C GLY G 473 20.03 59.89 109.85
N VAL G 474 20.07 59.40 108.61
CA VAL G 474 19.21 58.31 108.17
C VAL G 474 19.23 57.05 109.05
N PRO G 475 20.43 56.54 109.43
CA PRO G 475 20.39 55.36 110.28
C PRO G 475 19.68 55.62 111.60
N PHE G 476 19.97 56.78 112.18
CA PHE G 476 19.35 57.25 113.41
C PHE G 476 17.83 57.32 113.28
N ASN G 477 17.35 57.83 112.14
CA ASN G 477 15.91 57.89 111.89
C ASN G 477 15.29 56.51 111.79
N ILE G 478 15.92 55.64 111.00
CA ILE G 478 15.49 54.26 110.86
C ILE G 478 15.31 53.60 112.22
N ALA G 479 16.37 53.65 113.03
CA ALA G 479 16.33 53.11 114.38
C ALA G 479 15.22 53.74 115.20
N SER G 480 15.07 55.06 115.07
CA SER G 480 14.09 55.80 115.84
C SER G 480 12.66 55.34 115.59
N TYR G 481 12.25 55.36 114.32
CA TYR G 481 10.87 55.01 114.00
C TYR G 481 10.63 53.51 114.08
N SER G 482 11.68 52.71 113.94
CA SER G 482 11.55 51.28 114.17
C SER G 482 11.26 51.04 115.65
N LEU G 483 11.96 51.77 116.51
CA LEU G 483 11.72 51.72 117.95
C LEU G 483 10.30 52.16 118.29
N LEU G 484 9.87 53.27 117.69
CA LEU G 484 8.51 53.77 117.87
C LEU G 484 7.52 52.67 117.50
N THR G 485 7.77 52.00 116.39
CA THR G 485 6.91 50.91 115.93
C THR G 485 6.86 49.79 116.96
N LEU G 486 8.02 49.43 117.51
CA LEU G 486 8.07 48.42 118.58
C LEU G 486 7.17 48.81 119.73
N MET G 487 7.38 50.03 120.25
CA MET G 487 6.65 50.48 121.43
C MET G 487 5.13 50.54 121.19
N VAL G 488 4.74 51.18 120.10
CA VAL G 488 3.33 51.24 119.71
C VAL G 488 2.74 49.83 119.61
N ALA G 489 3.46 48.93 118.95
CA ALA G 489 3.00 47.55 118.76
C ALA G 489 2.77 46.87 120.11
N HIS G 490 3.72 47.05 121.03
CA HIS G 490 3.58 46.45 122.36
C HIS G 490 2.36 47.01 123.09
N VAL G 491 2.20 48.32 123.05
CA VAL G 491 1.11 48.98 123.75
C VAL G 491 -0.26 48.59 123.16
N CYS G 492 -0.28 48.26 121.88
CA CYS G 492 -1.53 47.91 121.20
C CYS G 492 -1.76 46.41 121.07
N ASN G 493 -0.96 45.61 121.78
CA ASN G 493 -0.99 44.15 121.66
C ASN G 493 -0.87 43.67 120.21
N LEU G 494 0.13 44.18 119.52
CA LEU G 494 0.36 43.82 118.12
C LEU G 494 1.78 43.32 117.91
N LYS G 495 2.02 42.69 116.77
CA LYS G 495 3.34 42.22 116.41
C LYS G 495 4.02 43.20 115.46
N PRO G 496 5.26 43.60 115.77
CA PRO G 496 6.00 44.46 114.84
C PRO G 496 6.39 43.73 113.57
N LYS G 497 6.04 44.29 112.42
CA LYS G 497 6.29 43.64 111.15
C LYS G 497 7.33 44.36 110.31
N GLU G 498 7.13 45.66 110.09
CA GLU G 498 7.92 46.37 109.11
C GLU G 498 7.96 47.88 109.31
N PHE G 499 9.14 48.47 109.16
CA PHE G 499 9.26 49.92 109.08
C PHE G 499 9.60 50.34 107.66
N ILE G 500 8.81 51.24 107.10
CA ILE G 500 8.99 51.65 105.72
C ILE G 500 9.43 53.11 105.63
N HIS G 501 10.58 53.32 104.99
CA HIS G 501 11.20 54.63 104.91
C HIS G 501 11.01 55.30 103.55
N PHE G 502 10.20 56.36 103.56
CA PHE G 502 9.97 57.18 102.37
C PHE G 502 10.75 58.49 102.48
N MET G 503 11.61 58.73 101.49
CA MET G 503 12.57 59.82 101.58
C MET G 503 12.41 60.83 100.44
N GLY G 504 12.24 62.10 100.80
CA GLY G 504 12.08 63.16 99.83
C GLY G 504 13.41 63.59 99.24
N ASN G 505 13.91 64.74 99.70
CA ASN G 505 15.24 65.18 99.31
C ASN G 505 16.29 64.33 100.01
N THR G 506 16.84 63.37 99.28
CA THR G 506 17.80 62.42 99.83
C THR G 506 19.21 62.77 99.39
N HIS G 507 20.06 63.16 100.34
CA HIS G 507 21.34 63.76 100.02
C HIS G 507 22.47 63.32 100.94
N VAL G 508 23.70 63.39 100.43
CA VAL G 508 24.88 63.27 101.27
C VAL G 508 25.70 64.56 101.16
N TYR G 509 26.33 64.97 102.26
CA TYR G 509 27.12 66.19 102.23
C TYR G 509 28.51 65.89 101.69
N THR G 510 29.07 66.86 100.97
CA THR G 510 30.35 66.67 100.28
C THR G 510 31.51 66.42 101.25
N ASN G 511 31.37 66.84 102.50
CA ASN G 511 32.39 66.58 103.51
C ASN G 511 32.17 65.22 104.19
N HIS G 512 31.38 64.38 103.55
CA HIS G 512 31.10 63.04 104.06
C HIS G 512 31.51 61.95 103.09
N VAL G 513 31.73 62.33 101.83
CA VAL G 513 31.91 61.38 100.73
C VAL G 513 33.09 60.42 100.94
N GLU G 514 34.20 60.96 101.42
N GLU G 514 34.24 60.94 101.38
CA GLU G 514 35.42 60.21 101.68
CA GLU G 514 35.39 60.08 101.62
C GLU G 514 35.21 59.13 102.74
C GLU G 514 35.05 59.03 102.67
N ALA G 515 34.45 59.49 103.77
CA ALA G 515 34.14 58.61 104.88
C ALA G 515 33.10 57.55 104.49
N LEU G 516 32.13 57.95 103.68
CA LEU G 516 31.11 57.01 103.22
C LEU G 516 31.74 55.98 102.30
N LYS G 517 32.67 56.42 101.46
CA LYS G 517 33.42 55.53 100.61
C LYS G 517 34.19 54.51 101.45
N GLU G 518 34.72 54.97 102.58
CA GLU G 518 35.33 54.07 103.54
C GLU G 518 34.29 53.06 104.04
N GLN G 519 33.13 53.58 104.43
CA GLN G 519 32.06 52.78 105.01
C GLN G 519 31.55 51.70 104.05
N LEU G 520 31.69 51.94 102.75
CA LEU G 520 31.16 51.01 101.77
C LEU G 520 32.05 49.78 101.57
N ARG G 521 33.26 49.81 102.11
CA ARG G 521 34.16 48.67 102.00
C ARG G 521 33.87 47.66 103.10
N ARG G 522 33.08 48.08 104.07
CA ARG G 522 32.70 47.23 105.19
C ARG G 522 31.44 46.42 104.85
N GLU G 523 31.50 45.10 105.06
CA GLU G 523 30.31 44.27 104.94
C GLU G 523 29.58 44.24 106.27
N PRO G 524 28.23 44.30 106.22
CA PRO G 524 27.41 44.41 107.43
C PRO G 524 27.42 43.16 108.31
N ARG G 525 27.05 43.34 109.57
CA ARG G 525 26.97 42.26 110.54
C ARG G 525 25.51 41.96 110.84
N PRO G 526 25.21 40.82 111.48
CA PRO G 526 23.82 40.53 111.83
C PRO G 526 23.18 41.63 112.69
N PHE G 527 21.95 42.01 112.35
CA PHE G 527 21.20 42.98 113.12
C PHE G 527 21.02 42.49 114.55
N PRO G 528 21.00 43.41 115.51
CA PRO G 528 20.73 43.02 116.90
C PRO G 528 19.25 42.80 117.17
N ILE G 529 18.93 42.38 118.39
CA ILE G 529 17.56 42.25 118.84
C ILE G 529 17.28 43.29 119.91
N VAL G 530 16.22 44.07 119.73
CA VAL G 530 15.82 45.03 120.75
C VAL G 530 14.68 44.46 121.58
N ASN G 531 14.97 44.13 122.83
CA ASN G 531 13.98 43.58 123.74
C ASN G 531 13.38 44.66 124.64
N ILE G 532 12.06 44.59 124.81
CA ILE G 532 11.38 45.48 125.74
C ILE G 532 11.25 44.79 127.08
N LEU G 533 11.94 45.33 128.08
CA LEU G 533 11.92 44.79 129.42
C LEU G 533 10.68 45.26 130.17
N ASN G 534 10.28 44.51 131.20
CA ASN G 534 9.20 44.91 132.10
C ASN G 534 7.86 45.12 131.41
N LYS G 535 7.56 44.26 130.43
CA LYS G 535 6.33 44.37 129.66
C LYS G 535 5.08 44.48 130.53
N GLU G 536 5.01 43.65 131.57
CA GLU G 536 3.86 43.60 132.46
C GLU G 536 3.56 44.96 133.07
N ARG G 537 4.59 45.78 133.23
CA ARG G 537 4.42 47.10 133.83
C ARG G 537 3.93 48.11 132.80
N ILE G 538 4.30 47.90 131.56
CA ILE G 538 4.06 48.89 130.50
C ILE G 538 2.76 48.63 129.77
N LYS G 539 1.77 49.50 129.99
CA LYS G 539 0.45 49.35 129.40
C LYS G 539 0.10 50.52 128.48
N GLU G 540 0.74 51.66 128.71
CA GLU G 540 0.49 52.84 127.88
C GLU G 540 1.81 53.39 127.34
N ILE G 541 1.72 54.17 126.26
CA ILE G 541 2.90 54.67 125.56
C ILE G 541 3.79 55.53 126.47
N ASP G 542 3.18 56.19 127.44
CA ASP G 542 3.91 57.09 128.32
C ASP G 542 4.60 56.33 129.46
N ASP G 543 4.34 55.04 129.55
CA ASP G 543 4.88 54.22 130.64
C ASP G 543 6.35 53.84 130.43
N PHE G 544 6.80 53.89 129.18
CA PHE G 544 8.18 53.54 128.86
C PHE G 544 9.19 54.46 129.52
N THR G 545 10.34 53.91 129.91
CA THR G 545 11.45 54.70 130.42
C THR G 545 12.74 54.29 129.72
N ALA G 546 13.85 54.93 130.10
CA ALA G 546 15.13 54.71 129.46
C ALA G 546 15.68 53.30 129.75
N GLU G 547 15.30 52.74 130.88
CA GLU G 547 15.83 51.45 131.31
C GLU G 547 14.91 50.28 130.97
N ASP G 548 13.95 50.52 130.08
CA ASP G 548 12.99 49.48 129.73
C ASP G 548 13.36 48.79 128.42
N PHE G 549 14.60 48.95 128.00
CA PHE G 549 15.04 48.39 126.73
C PHE G 549 16.36 47.64 126.85
N GLU G 550 16.63 46.78 125.87
CA GLU G 550 17.82 45.94 125.88
C GLU G 550 18.27 45.59 124.46
N VAL G 551 19.38 46.18 124.02
CA VAL G 551 19.95 45.83 122.72
C VAL G 551 20.84 44.61 122.89
N VAL G 552 20.65 43.63 122.03
CA VAL G 552 21.25 42.32 122.21
C VAL G 552 21.88 41.77 120.93
N GLY G 553 23.19 41.55 120.97
CA GLY G 553 23.90 41.02 119.82
C GLY G 553 24.32 42.09 118.84
N TYR G 554 24.46 43.32 119.34
CA TYR G 554 24.94 44.40 118.50
C TYR G 554 26.45 44.29 118.33
N VAL G 555 26.88 43.92 117.12
CA VAL G 555 28.31 43.83 116.82
C VAL G 555 28.66 44.71 115.62
N PRO G 556 28.66 46.04 115.82
CA PRO G 556 28.91 46.95 114.70
C PRO G 556 30.39 47.18 114.43
N HIS G 557 30.70 47.84 113.32
CA HIS G 557 32.06 48.27 113.06
C HIS G 557 32.37 49.51 113.90
N GLY G 558 33.56 50.08 113.71
CA GLY G 558 33.95 51.26 114.45
C GLY G 558 33.15 52.48 114.05
N ARG G 559 33.17 53.51 114.89
CA ARG G 559 32.52 54.78 114.55
C ARG G 559 33.27 55.47 113.41
N ILE G 560 32.55 56.28 112.66
CA ILE G 560 33.15 57.09 111.60
C ILE G 560 32.80 58.55 111.81
N GLN G 561 33.81 59.35 112.13
CA GLN G 561 33.62 60.76 112.45
C GLN G 561 33.12 61.55 111.24
N MET G 562 31.96 62.17 111.40
CA MET G 562 31.39 63.02 110.36
C MET G 562 30.75 64.26 110.99
N GLU G 563 31.33 65.42 110.71
CA GLU G 563 30.83 66.69 111.25
C GLU G 563 29.41 66.97 110.79
N MET G 564 28.62 67.56 111.69
CA MET G 564 27.25 67.92 111.35
C MET G 564 27.22 69.20 110.52
N ALA G 565 26.58 69.13 109.35
CA ALA G 565 26.35 70.32 108.55
C ALA G 565 25.50 71.30 109.35
N VAL G 566 26.18 72.26 109.97
CA VAL G 566 25.57 73.21 110.90
C VAL G 566 24.45 74.06 110.31
N LYS H 3 14.96 31.66 56.78
CA LYS H 3 14.58 32.80 55.96
C LYS H 3 13.55 33.72 56.64
N PRO H 4 13.83 34.18 57.88
CA PRO H 4 12.82 35.01 58.54
C PRO H 4 12.84 36.45 58.02
N VAL H 5 11.69 37.12 58.08
CA VAL H 5 11.58 38.50 57.62
C VAL H 5 11.01 39.38 58.73
N CYS H 6 11.46 40.63 58.80
CA CYS H 6 10.94 41.57 59.78
C CYS H 6 10.49 42.87 59.10
N LEU H 7 9.33 43.37 59.51
CA LEU H 7 8.81 44.63 58.97
C LEU H 7 9.10 45.79 59.91
N VAL H 8 9.62 46.89 59.37
CA VAL H 8 9.89 48.07 60.17
C VAL H 8 9.01 49.23 59.72
N VAL H 9 8.15 49.70 60.62
CA VAL H 9 7.13 50.69 60.30
C VAL H 9 6.97 51.79 61.33
N ALA H 10 6.43 52.93 60.88
CA ALA H 10 6.00 54.00 61.77
C ALA H 10 4.61 54.46 61.32
N MET H 11 3.60 54.13 62.11
CA MET H 11 2.21 54.36 61.69
C MET H 11 1.34 55.05 62.75
N THR H 12 0.36 55.80 62.28
CA THR H 12 -0.64 56.44 63.14
C THR H 12 -1.62 55.40 63.68
N PRO H 13 -2.53 55.77 64.61
CA PRO H 13 -3.46 54.74 65.07
C PRO H 13 -4.39 54.23 63.97
N LYS H 14 -4.65 55.05 62.95
CA LYS H 14 -5.47 54.62 61.82
C LYS H 14 -4.61 53.95 60.76
N ARG H 15 -3.43 53.47 61.17
CA ARG H 15 -2.51 52.73 60.32
C ARG H 15 -1.97 53.54 59.14
N GLY H 16 -2.03 54.86 59.23
CA GLY H 16 -1.52 55.72 58.18
C GLY H 16 0.00 55.78 58.22
N ILE H 17 0.64 55.76 57.06
CA ILE H 17 2.10 55.76 57.01
C ILE H 17 2.69 56.84 56.11
N GLY H 18 1.89 57.41 55.22
CA GLY H 18 2.41 58.40 54.29
C GLY H 18 1.38 59.27 53.60
N ILE H 19 1.87 60.32 52.94
CA ILE H 19 1.04 61.20 52.15
C ILE H 19 1.89 62.02 51.18
N ASN H 20 1.44 62.11 49.93
CA ASN H 20 2.19 62.75 48.86
C ASN H 20 3.60 62.21 48.74
N ASN H 21 3.72 60.88 48.80
CA ASN H 21 5.00 60.19 48.74
C ASN H 21 6.00 60.74 49.75
N GLY H 22 5.51 60.98 50.96
CA GLY H 22 6.35 61.51 52.04
C GLY H 22 5.80 61.09 53.38
N LEU H 23 6.30 61.70 54.44
CA LEU H 23 5.88 61.34 55.79
C LEU H 23 4.80 62.27 56.32
N PRO H 24 3.78 61.72 56.98
CA PRO H 24 2.62 62.46 57.48
C PRO H 24 2.99 63.41 58.61
N TRP H 25 3.90 62.96 59.46
CA TRP H 25 4.27 63.67 60.68
C TRP H 25 5.62 64.37 60.52
N PRO H 26 5.86 65.41 61.35
CA PRO H 26 7.19 66.04 61.37
C PRO H 26 8.26 65.07 61.82
N HIS H 27 9.53 65.51 61.78
CA HIS H 27 10.66 64.62 61.99
C HIS H 27 10.68 63.98 63.38
N LEU H 28 10.73 62.65 63.42
CA LEU H 28 10.83 61.90 64.66
C LEU H 28 12.24 61.34 64.87
N THR H 29 13.07 62.14 65.55
CA THR H 29 14.49 61.86 65.72
C THR H 29 14.76 60.50 66.35
N THR H 30 14.16 60.26 67.51
CA THR H 30 14.37 59.01 68.22
C THR H 30 13.89 57.82 67.40
N ASP H 31 12.83 58.04 66.64
CA ASP H 31 12.33 57.01 65.73
C ASP H 31 13.36 56.69 64.66
N PHE H 32 14.04 57.72 64.15
CA PHE H 32 15.06 57.49 63.13
C PHE H 32 16.28 56.78 63.73
N LYS H 33 16.68 57.17 64.93
CA LYS H 33 17.77 56.50 65.62
C LYS H 33 17.43 55.01 65.81
N HIS H 34 16.19 54.78 66.21
CA HIS H 34 15.63 53.44 66.39
C HIS H 34 15.72 52.63 65.10
N PHE H 35 15.26 53.22 64.01
CA PHE H 35 15.31 52.59 62.69
C PHE H 35 16.73 52.19 62.33
N SER H 36 17.63 53.17 62.40
CA SER H 36 19.02 52.98 62.02
C SER H 36 19.68 51.89 62.86
N ARG H 37 19.42 51.89 64.16
CA ARG H 37 20.01 50.91 65.05
C ARG H 37 19.47 49.50 64.81
N VAL H 38 18.15 49.41 64.64
CA VAL H 38 17.51 48.12 64.40
C VAL H 38 17.96 47.49 63.08
N THR H 39 18.00 48.28 62.02
CA THR H 39 18.25 47.72 60.69
C THR H 39 19.69 47.26 60.47
N LYS H 40 20.59 47.53 61.42
CA LYS H 40 21.96 47.05 61.25
C LYS H 40 22.55 46.42 62.52
N THR H 41 23.19 45.27 62.33
CA THR H 41 23.93 44.59 63.39
C THR H 41 24.92 43.59 62.81
N PHE H 49 26.66 41.87 57.30
CA PHE H 49 25.75 43.02 57.23
C PHE H 49 24.30 42.59 57.10
N ASN H 50 23.38 43.54 57.32
CA ASN H 50 21.96 43.27 57.18
C ASN H 50 21.41 43.74 55.83
N ALA H 51 20.15 43.42 55.57
CA ALA H 51 19.52 43.78 54.30
C ALA H 51 18.23 44.56 54.50
N VAL H 52 17.99 45.51 53.61
CA VAL H 52 16.75 46.28 53.60
C VAL H 52 16.08 46.18 52.23
N VAL H 53 14.76 46.02 52.23
CA VAL H 53 14.01 45.88 50.98
C VAL H 53 12.88 46.92 50.92
N MET H 54 12.99 47.83 49.95
CA MET H 54 12.02 48.93 49.84
C MET H 54 11.35 48.97 48.49
N GLY H 55 10.17 49.58 48.46
CA GLY H 55 9.40 49.70 47.23
C GLY H 55 9.98 50.75 46.30
N ARG H 56 9.38 50.90 45.12
CA ARG H 56 9.88 51.84 44.13
C ARG H 56 9.79 53.27 44.63
N LYS H 57 8.58 53.69 44.98
CA LYS H 57 8.33 55.05 45.44
C LYS H 57 9.04 55.34 46.76
N THR H 58 9.21 54.31 47.58
CA THR H 58 9.84 54.45 48.89
C THR H 58 11.29 54.89 48.76
N TRP H 59 11.96 54.43 47.71
CA TRP H 59 13.34 54.80 47.43
C TRP H 59 13.42 56.27 47.01
N GLU H 60 12.39 56.73 46.32
CA GLU H 60 12.32 58.11 45.88
C GLU H 60 11.98 59.04 47.03
N SER H 61 11.26 58.51 48.02
CA SER H 61 10.87 59.29 49.18
C SER H 61 12.08 59.78 49.95
N MET H 62 13.14 58.98 49.96
CA MET H 62 14.36 59.32 50.68
C MET H 62 15.18 60.39 49.97
N PRO H 63 15.68 61.37 50.74
CA PRO H 63 16.70 62.32 50.27
C PRO H 63 17.87 61.59 49.62
N ARG H 64 18.47 62.20 48.59
CA ARG H 64 19.52 61.55 47.82
C ARG H 64 20.77 61.27 48.65
N LYS H 65 21.05 62.14 49.62
CA LYS H 65 22.25 62.01 50.45
C LYS H 65 22.15 60.79 51.37
N PHE H 66 20.93 60.29 51.55
CA PHE H 66 20.70 59.13 52.41
C PHE H 66 20.38 57.86 51.61
N ARG H 67 20.06 58.03 50.32
CA ARG H 67 19.50 56.93 49.52
C ARG H 67 20.33 55.63 49.58
N PRO H 68 21.66 55.72 49.45
CA PRO H 68 22.35 54.46 49.76
C PRO H 68 22.42 54.24 51.26
N LEU H 69 21.44 53.52 51.81
CA LEU H 69 21.41 53.23 53.25
C LEU H 69 22.68 52.50 53.67
N VAL H 70 23.61 53.26 54.25
CA VAL H 70 24.96 52.78 54.52
C VAL H 70 25.01 51.58 55.47
N ASP H 71 25.98 50.70 55.21
CA ASP H 71 26.25 49.50 56.01
C ASP H 71 25.13 48.46 55.94
N ARG H 72 24.29 48.57 54.91
CA ARG H 72 23.22 47.61 54.70
C ARG H 72 22.98 47.39 53.21
N LEU H 73 22.73 46.14 52.83
CA LEU H 73 22.44 45.82 51.44
C LEU H 73 21.07 46.37 51.08
N ASN H 74 21.00 47.19 50.04
CA ASN H 74 19.73 47.77 49.61
C ASN H 74 19.09 47.01 48.46
N ILE H 75 17.78 46.81 48.55
CA ILE H 75 17.03 46.16 47.48
C ILE H 75 15.72 46.91 47.18
N VAL H 76 15.73 47.70 46.11
CA VAL H 76 14.52 48.33 45.61
C VAL H 76 13.76 47.34 44.74
N VAL H 77 12.44 47.33 44.85
CA VAL H 77 11.66 46.50 43.95
C VAL H 77 10.83 47.38 43.01
N SER H 78 10.87 47.04 41.72
CA SER H 78 10.16 47.81 40.70
C SER H 78 10.12 47.06 39.38
N SER H 79 9.82 47.77 38.31
CA SER H 79 9.83 47.20 36.98
C SER H 79 10.22 48.25 35.95
N SER H 80 10.67 49.40 36.42
CA SER H 80 10.98 50.51 35.54
C SER H 80 12.23 51.30 35.93
N LEU H 81 13.01 50.77 36.87
CA LEU H 81 14.20 51.48 37.33
C LEU H 81 15.50 50.73 37.05
N LYS H 82 16.62 51.42 37.30
CA LYS H 82 17.96 50.89 37.00
C LYS H 82 18.26 49.64 37.82
N VAL H 101 18.16 45.40 42.75
CA VAL H 101 16.91 45.87 42.15
C VAL H 101 16.13 44.72 41.54
N CYS H 102 15.25 44.13 42.34
CA CYS H 102 14.47 42.98 41.91
C CYS H 102 13.10 43.43 41.38
N ALA H 103 12.35 42.49 40.82
CA ALA H 103 11.09 42.82 40.16
C ALA H 103 9.88 42.42 41.00
N SER H 104 10.15 41.86 42.17
CA SER H 104 9.11 41.51 43.12
C SER H 104 9.74 41.18 44.47
N LEU H 105 8.92 41.08 45.50
CA LEU H 105 9.40 40.68 46.82
C LEU H 105 9.89 39.23 46.86
N PRO H 106 9.13 38.28 46.26
CA PRO H 106 9.68 36.92 46.20
C PRO H 106 11.02 36.85 45.48
N ALA H 107 11.14 37.57 44.37
CA ALA H 107 12.40 37.64 43.64
C ALA H 107 13.47 38.29 44.50
N ALA H 108 13.06 39.22 45.35
CA ALA H 108 13.99 39.89 46.24
C ALA H 108 14.52 38.94 47.29
N LEU H 109 13.68 37.99 47.70
CA LEU H 109 14.09 36.97 48.64
C LEU H 109 14.99 35.95 47.95
N SER H 110 14.68 35.66 46.69
CA SER H 110 15.46 34.73 45.89
C SER H 110 16.87 35.26 45.67
N LEU H 111 16.99 36.54 45.35
CA LEU H 111 18.27 37.21 45.18
C LEU H 111 19.09 37.19 46.48
N LEU H 112 18.38 37.07 47.60
CA LEU H 112 19.02 37.02 48.90
C LEU H 112 19.43 35.60 49.25
N GLU H 113 18.74 34.62 48.69
CA GLU H 113 19.03 33.21 48.98
C GLU H 113 20.15 32.67 48.10
N GLU H 114 20.07 32.97 46.80
CA GLU H 114 21.11 32.55 45.85
C GLU H 114 22.46 33.13 46.27
N GLU H 115 22.68 34.41 45.99
CA GLU H 115 23.89 35.07 46.45
C GLU H 115 23.62 35.73 47.79
N TYR H 116 24.66 36.34 48.35
CA TYR H 116 24.63 36.98 49.67
C TYR H 116 24.42 36.00 50.82
N LYS H 117 24.16 34.72 50.49
CA LYS H 117 23.83 33.70 51.49
C LYS H 117 24.77 33.74 52.69
N ASP H 118 26.04 33.99 52.41
CA ASP H 118 27.00 34.31 53.46
C ASP H 118 27.13 35.83 53.55
N SER H 119 26.94 36.34 54.77
CA SER H 119 27.06 37.74 55.21
C SER H 119 25.72 38.33 55.65
N VAL H 120 24.65 38.01 54.94
CA VAL H 120 23.34 38.58 55.31
C VAL H 120 22.80 37.89 56.56
N ASP H 121 22.68 38.65 57.63
CA ASP H 121 22.18 38.13 58.89
C ASP H 121 20.67 37.96 58.82
N GLN H 122 19.96 39.05 59.07
CA GLN H 122 18.51 39.09 58.97
C GLN H 122 18.11 40.18 57.99
N ILE H 123 16.95 40.02 57.35
CA ILE H 123 16.51 41.01 56.38
C ILE H 123 15.45 41.93 56.97
N PHE H 124 15.18 43.03 56.28
CA PHE H 124 14.17 43.98 56.71
C PHE H 124 13.38 44.53 55.53
N VAL H 125 12.09 44.76 55.74
CA VAL H 125 11.26 45.42 54.75
C VAL H 125 10.76 46.75 55.30
N VAL H 126 11.07 47.84 54.58
CA VAL H 126 10.80 49.19 55.09
C VAL H 126 9.90 50.00 54.15
N GLY H 128 7.56 50.39 51.62
CA GLY H 128 6.29 51.07 51.73
C GLY H 128 5.12 50.11 51.60
N ALA H 129 3.91 50.65 51.60
CA ALA H 129 2.71 49.84 51.49
C ALA H 129 2.69 49.11 50.16
N GLY H 130 2.00 47.98 50.12
CA GLY H 130 2.05 47.15 48.93
C GLY H 130 3.17 46.13 49.09
N LEU H 131 4.34 46.62 49.48
CA LEU H 131 5.44 45.73 49.84
C LEU H 131 5.12 45.07 51.16
N TYR H 132 4.57 45.86 52.09
CA TYR H 132 4.08 45.35 53.35
C TYR H 132 3.00 44.31 53.14
N GLU H 133 2.00 44.64 52.33
CA GLU H 133 0.87 43.75 52.11
C GLU H 133 1.31 42.51 51.32
N ALA H 134 2.36 42.67 50.52
CA ALA H 134 2.96 41.54 49.82
C ALA H 134 3.56 40.60 50.84
N ALA H 135 4.36 41.18 51.73
CA ALA H 135 5.05 40.45 52.78
C ALA H 135 4.08 39.75 53.73
N LEU H 136 2.89 40.33 53.87
CA LEU H 136 1.88 39.78 54.77
C LEU H 136 1.06 38.68 54.11
N SER H 137 0.59 38.93 52.90
CA SER H 137 -0.19 37.94 52.16
C SER H 137 0.66 36.72 51.80
N LEU H 138 1.95 36.95 51.57
CA LEU H 138 2.89 35.86 51.30
C LEU H 138 3.35 35.23 52.61
N GLY H 139 2.88 35.79 53.73
CA GLY H 139 3.12 35.24 55.05
C GLY H 139 4.55 34.91 55.38
N VAL H 140 5.45 35.85 55.15
CA VAL H 140 6.88 35.61 55.37
C VAL H 140 7.45 36.45 56.52
N ALA H 141 6.66 37.40 57.01
CA ALA H 141 7.11 38.27 58.10
C ALA H 141 6.78 37.66 59.46
N SER H 142 7.82 37.33 60.22
CA SER H 142 7.65 36.69 61.53
C SER H 142 7.48 37.73 62.63
N HIS H 143 8.14 38.88 62.46
CA HIS H 143 8.10 39.95 63.44
C HIS H 143 7.69 41.29 62.84
N LEU H 144 7.15 42.17 63.67
CA LEU H 144 6.79 43.53 63.26
C LEU H 144 7.41 44.58 64.18
N TYR H 145 8.30 45.40 63.65
CA TYR H 145 8.85 46.52 64.42
C TYR H 145 8.03 47.77 64.15
N ILE H 146 7.06 48.04 65.02
CA ILE H 146 6.11 49.13 64.80
C ILE H 146 6.35 50.33 65.70
N THR H 147 6.51 51.49 65.09
CA THR H 147 6.53 52.76 65.83
C THR H 147 5.11 53.34 65.88
N ARG H 148 4.49 53.28 67.06
CA ARG H 148 3.14 53.77 67.23
C ARG H 148 3.10 55.28 67.39
N VAL H 149 2.85 55.99 66.30
CA VAL H 149 2.58 57.41 66.37
C VAL H 149 1.20 57.64 66.99
N ALA H 150 1.15 58.38 68.10
CA ALA H 150 -0.10 58.54 68.84
C ALA H 150 -1.07 59.52 68.17
N ARG H 151 -0.52 60.54 67.50
CA ARG H 151 -1.34 61.51 66.79
C ARG H 151 -1.78 60.97 65.44
N GLU H 152 -2.97 61.38 65.01
CA GLU H 152 -3.40 61.09 63.65
C GLU H 152 -3.01 62.23 62.73
N PHE H 153 -2.69 61.88 61.49
CA PHE H 153 -2.34 62.87 60.48
C PHE H 153 -3.05 62.53 59.17
N PRO H 154 -3.25 63.53 58.31
CA PRO H 154 -3.74 63.28 56.96
C PRO H 154 -2.85 62.30 56.22
N CYS H 155 -3.46 61.25 55.65
CA CYS H 155 -2.71 60.24 54.92
C CYS H 155 -3.49 59.74 53.72
N ASP H 156 -2.77 59.28 52.71
CA ASP H 156 -3.39 58.64 51.56
C ASP H 156 -2.78 57.26 51.33
N VAL H 157 -1.90 56.84 52.25
CA VAL H 157 -1.28 55.53 52.17
C VAL H 157 -1.25 54.86 53.55
N PHE H 158 -1.81 53.66 53.64
CA PHE H 158 -1.99 53.01 54.91
C PHE H 158 -1.34 51.63 55.01
N PHE H 159 -0.99 51.25 56.23
CA PHE H 159 -0.50 49.90 56.52
C PHE H 159 -1.69 48.93 56.56
N PRO H 160 -1.56 47.76 55.92
CA PRO H 160 -2.64 46.78 55.80
C PRO H 160 -3.18 46.31 57.15
N ALA H 161 -4.48 46.08 57.22
CA ALA H 161 -5.10 45.56 58.43
C ALA H 161 -4.59 44.15 58.71
N PHE H 162 -4.42 43.83 59.99
CA PHE H 162 -3.85 42.54 60.37
C PHE H 162 -4.31 42.14 61.78
N PRO H 163 -4.34 40.83 62.06
CA PRO H 163 -4.66 40.33 63.40
C PRO H 163 -3.65 40.81 64.43
N GLY H 164 -4.13 41.55 65.43
CA GLY H 164 -3.27 42.16 66.41
C GLY H 164 -3.43 43.67 66.33
N ASP H 165 -4.24 44.10 65.34
CA ASP H 165 -4.52 45.51 65.11
C ASP H 165 -4.93 46.25 66.38
N ASP H 166 -5.42 45.50 67.36
CA ASP H 166 -5.79 46.03 68.67
C ASP H 166 -4.70 46.86 69.33
N ILE H 167 -3.44 46.68 68.92
CA ILE H 167 -2.33 47.40 69.54
C ILE H 167 -2.25 48.85 69.04
N LEU H 168 -3.00 49.19 68.01
CA LEU H 168 -3.00 50.55 67.48
C LEU H 168 -4.15 51.39 68.04
N SER H 169 -5.35 50.84 68.00
CA SER H 169 -6.52 51.50 68.60
C SER H 169 -7.64 50.48 68.79
N ASN H 170 -8.83 50.95 69.15
CA ASN H 170 -9.93 50.06 69.53
C ASN H 170 -10.69 49.45 68.35
N LYS H 171 -9.98 49.27 67.23
CA LYS H 171 -10.58 48.68 66.04
C LYS H 171 -11.06 47.26 66.33
N GLU H 180 -5.59 30.17 63.25
CA GLU H 180 -5.55 31.52 62.69
C GLU H 180 -4.31 32.27 63.15
N ALA H 181 -3.50 32.71 62.20
CA ALA H 181 -2.26 33.42 62.51
C ALA H 181 -2.55 34.81 63.08
N THR H 182 -1.89 35.14 64.18
CA THR H 182 -2.09 36.44 64.83
C THR H 182 -0.76 36.99 65.36
N TYR H 183 -0.71 38.31 65.49
CA TYR H 183 0.50 38.99 65.95
C TYR H 183 0.39 39.45 67.40
N ARG H 184 1.14 38.78 68.27
CA ARG H 184 1.16 39.15 69.67
C ARG H 184 2.36 40.04 69.97
N PRO H 185 2.14 41.12 70.75
CA PRO H 185 3.24 42.00 71.14
C PRO H 185 4.12 41.35 72.20
N ILE H 186 5.40 41.71 72.21
CA ILE H 186 6.38 41.07 73.07
C ILE H 186 7.24 42.15 73.74
N PHE H 187 7.20 43.32 73.13
CA PHE H 187 8.04 44.45 73.48
C PHE H 187 7.19 45.71 73.45
N ILE H 188 7.11 46.42 74.58
CA ILE H 188 6.43 47.70 74.60
C ILE H 188 7.26 48.71 75.38
N SER H 189 7.65 49.78 74.71
CA SER H 189 8.64 50.71 75.25
C SER H 189 8.05 51.92 75.96
N LYS H 190 8.93 52.71 76.56
CA LYS H 190 8.59 54.00 77.14
C LYS H 190 8.06 54.91 76.03
N THR H 191 7.24 55.89 76.40
CA THR H 191 6.71 56.83 75.41
C THR H 191 7.70 57.95 75.14
N PHE H 192 8.00 58.16 73.85
CA PHE H 192 8.93 59.22 73.44
C PHE H 192 8.18 60.35 72.75
N SER H 193 8.87 61.45 72.48
CA SER H 193 8.23 62.60 71.85
C SER H 193 9.21 63.44 71.03
N ASP H 194 8.76 63.85 69.85
CA ASP H 194 9.52 64.80 69.03
C ASP H 194 8.58 65.71 68.25
N ASN H 195 8.88 67.01 68.29
CA ASN H 195 8.11 68.03 67.57
C ASN H 195 6.63 68.01 67.93
N GLY H 196 6.31 67.62 69.16
CA GLY H 196 4.93 67.60 69.62
C GLY H 196 4.22 66.32 69.24
N VAL H 197 4.99 65.32 68.83
CA VAL H 197 4.44 64.02 68.46
C VAL H 197 4.93 62.93 69.41
N PRO H 198 4.00 62.34 70.17
CA PRO H 198 4.28 61.22 71.06
C PRO H 198 4.26 59.89 70.30
N TYR H 199 5.23 59.00 70.57
CA TYR H 199 5.19 57.69 69.94
C TYR H 199 5.79 56.56 70.78
N ASP H 200 5.49 55.34 70.36
CA ASP H 200 5.91 54.14 71.07
C ASP H 200 6.72 53.23 70.16
N PHE H 201 7.42 52.28 70.76
CA PHE H 201 8.10 51.24 69.99
C PHE H 201 7.62 49.87 70.46
N VAL H 202 6.97 49.13 69.57
CA VAL H 202 6.54 47.78 69.90
C VAL H 202 7.08 46.77 68.90
N VAL H 203 7.30 45.55 69.39
CA VAL H 203 7.72 44.45 68.53
C VAL H 203 6.71 43.32 68.64
N LEU H 204 6.16 42.90 67.50
CA LEU H 204 5.15 41.85 67.46
C LEU H 204 5.74 40.59 66.85
N GLU H 205 5.16 39.44 67.17
CA GLU H 205 5.57 38.19 66.55
C GLU H 205 4.35 37.35 66.18
N LYS H 206 4.52 36.49 65.18
CA LYS H 206 3.44 35.56 64.80
C LYS H 206 3.30 34.44 65.82
N ARG H 207 2.06 34.10 66.14
CA ARG H 207 1.78 33.01 67.08
C ARG H 207 0.53 32.22 66.71
N SER H 241 31.08 28.30 89.91
CA SER H 241 31.73 27.81 91.11
C SER H 241 31.06 28.36 92.37
N SER H 242 31.02 29.68 92.49
CA SER H 242 30.43 30.33 93.65
C SER H 242 28.90 30.25 93.62
N ALA H 243 28.34 30.23 92.41
CA ALA H 243 26.90 30.10 92.26
C ALA H 243 26.43 28.74 92.78
N ALA H 244 27.27 27.73 92.57
CA ALA H 244 26.97 26.38 93.02
C ALA H 244 27.04 26.32 94.54
N ALA H 245 28.01 27.04 95.12
CA ALA H 245 28.14 27.11 96.57
C ALA H 245 26.96 27.83 97.20
N ILE H 246 26.47 28.86 96.52
CA ILE H 246 25.38 29.68 97.04
C ILE H 246 24.04 28.95 96.94
N ALA H 247 23.87 28.22 95.83
CA ALA H 247 22.61 27.59 95.45
C ALA H 247 21.84 26.85 96.57
N PRO H 248 22.49 25.91 97.28
CA PRO H 248 21.69 25.10 98.22
C PRO H 248 21.13 25.89 99.39
N VAL H 249 21.60 27.12 99.58
CA VAL H 249 21.10 27.97 100.66
C VAL H 249 19.91 28.78 100.17
N LEU H 250 20.05 29.36 98.98
CA LEU H 250 18.96 30.00 98.28
C LEU H 250 17.78 29.06 98.16
N ALA H 251 18.08 27.78 97.93
CA ALA H 251 17.05 26.75 97.82
C ALA H 251 16.12 26.75 99.04
N TRP H 252 16.67 26.44 100.21
CA TRP H 252 15.87 26.31 101.42
C TRP H 252 15.33 27.66 101.88
N MET H 253 16.04 28.73 101.56
CA MET H 253 15.53 30.06 101.90
C MET H 253 14.33 30.44 101.05
N ASP H 254 14.23 29.85 99.86
CA ASP H 254 13.10 30.13 98.98
C ASP H 254 11.92 29.21 99.27
N GLU H 255 12.22 27.93 99.51
CA GLU H 255 11.22 26.87 99.71
C GLU H 255 9.93 27.31 100.38
N GLU H 256 10.03 27.78 101.61
CA GLU H 256 8.88 28.31 102.33
C GLU H 256 8.96 29.83 102.39
N ASP H 257 8.01 30.51 101.75
CA ASP H 257 6.91 29.85 101.06
C ASP H 257 7.17 29.76 99.55
N LYS H 264 -2.63 31.23 94.61
CA LYS H 264 -2.35 29.88 94.11
C LYS H 264 -1.88 29.94 92.66
N GLU H 265 -2.66 30.59 91.81
CA GLU H 265 -2.25 30.87 90.44
C GLU H 265 -2.08 32.38 90.24
N LEU H 266 -0.84 32.79 90.03
CA LEU H 266 -0.49 34.20 89.89
C LEU H 266 -1.12 34.82 88.66
N ILE H 267 -1.83 35.93 88.84
CA ILE H 267 -2.30 36.72 87.71
C ILE H 267 -1.20 37.69 87.31
N ARG H 268 -1.15 38.06 86.05
CA ARG H 268 -0.10 38.95 85.56
C ARG H 268 -0.55 39.72 84.34
N ALA H 269 -0.23 41.01 84.31
CA ALA H 269 -0.60 41.87 83.19
C ALA H 269 0.12 41.43 81.92
N VAL H 270 -0.67 41.21 80.87
CA VAL H 270 -0.21 40.73 79.55
C VAL H 270 1.14 40.02 79.56
N PRO H 271 1.16 38.76 80.05
CA PRO H 271 2.39 37.99 80.27
C PRO H 271 3.22 37.75 79.03
N HIS H 272 2.60 37.83 77.85
CA HIS H 272 3.32 37.60 76.60
C HIS H 272 4.28 38.73 76.27
N VAL H 273 4.13 39.86 76.93
CA VAL H 273 5.06 40.97 76.75
C VAL H 273 6.23 40.84 77.70
N HIS H 274 7.36 40.35 77.18
CA HIS H 274 8.54 40.13 77.99
C HIS H 274 9.30 41.44 78.27
N PHE H 275 9.43 42.29 77.27
CA PHE H 275 10.15 43.55 77.46
C PHE H 275 9.17 44.70 77.72
N ARG H 276 9.04 45.05 78.99
CA ARG H 276 8.00 45.95 79.46
C ARG H 276 8.53 47.34 79.82
N GLY H 277 8.77 48.17 78.80
CA GLY H 277 9.33 49.49 79.01
C GLY H 277 8.30 50.55 79.36
N HIS H 278 7.04 50.31 78.98
CA HIS H 278 5.97 51.26 79.24
C HIS H 278 5.80 51.49 80.73
N GLU H 279 5.60 52.74 81.11
CA GLU H 279 5.55 53.10 82.54
C GLU H 279 4.21 52.76 83.17
N GLU H 280 3.23 52.38 82.36
CA GLU H 280 1.91 51.98 82.87
C GLU H 280 1.96 50.57 83.48
N PHE H 281 2.99 49.83 83.11
CA PHE H 281 3.24 48.53 83.69
C PHE H 281 3.51 48.63 85.18
N GLN H 282 3.87 49.82 85.64
CA GLN H 282 3.96 50.07 87.07
C GLN H 282 2.59 49.88 87.71
N TYR H 283 1.59 50.53 87.11
CA TYR H 283 0.22 50.44 87.58
C TYR H 283 -0.33 49.03 87.46
N LEU H 284 -0.16 48.44 86.27
CA LEU H 284 -0.66 47.09 86.03
C LEU H 284 -0.04 46.07 86.99
N ASP H 285 1.28 46.12 87.14
CA ASP H 285 1.98 45.22 88.06
C ASP H 285 1.64 45.53 89.51
N LEU H 286 1.21 46.76 89.78
CA LEU H 286 0.74 47.09 91.13
C LEU H 286 -0.57 46.37 91.39
N ILE H 287 -1.48 46.44 90.41
CA ILE H 287 -2.75 45.72 90.50
C ILE H 287 -2.50 44.24 90.74
N ALA H 288 -1.67 43.65 89.87
CA ALA H 288 -1.34 42.23 89.97
C ALA H 288 -0.73 41.89 91.33
N ASP H 289 0.25 42.67 91.76
CA ASP H 289 0.94 42.43 93.02
C ASP H 289 -0.02 42.49 94.20
N ILE H 290 -0.99 43.40 94.13
CA ILE H 290 -1.97 43.53 95.20
C ILE H 290 -2.92 42.34 95.21
N ILE H 291 -3.41 41.95 94.04
CA ILE H 291 -4.34 40.83 93.96
C ILE H 291 -3.68 39.51 94.39
N ASN H 292 -2.41 39.34 94.06
CA ASN H 292 -1.69 38.11 94.37
C ASN H 292 -1.12 38.05 95.79
N ASN H 293 -0.62 39.18 96.29
CA ASN H 293 0.14 39.20 97.53
C ASN H 293 -0.45 40.08 98.63
N GLY H 294 -1.66 40.59 98.41
CA GLY H 294 -2.29 41.45 99.39
C GLY H 294 -3.04 40.65 100.45
N ARG H 295 -3.51 41.32 101.48
CA ARG H 295 -4.33 40.68 102.51
C ARG H 295 -5.78 41.13 102.39
N THR H 296 -6.72 40.20 102.52
CA THR H 296 -8.13 40.54 102.46
C THR H 296 -8.61 41.12 103.77
N MET H 297 -9.00 42.39 103.74
CA MET H 297 -9.35 43.13 104.95
C MET H 297 -10.74 43.75 104.87
N ASP H 298 -11.21 44.28 105.99
CA ASP H 298 -12.44 45.07 106.04
C ASP H 298 -12.09 46.55 105.93
N ASP H 299 -13.11 47.40 105.97
CA ASP H 299 -12.90 48.83 105.92
C ASP H 299 -14.13 49.64 106.34
N ARG H 300 -14.03 50.94 106.21
CA ARG H 300 -15.11 51.87 106.54
C ARG H 300 -16.38 51.59 105.74
N THR H 301 -16.23 51.34 104.45
CA THR H 301 -17.36 51.20 103.54
C THR H 301 -18.15 49.92 103.76
N GLY H 302 -17.46 48.87 104.22
CA GLY H 302 -18.09 47.57 104.42
C GLY H 302 -18.01 46.72 103.17
N VAL H 303 -17.41 47.28 102.12
CA VAL H 303 -17.25 46.57 100.85
C VAL H 303 -16.19 45.47 100.99
N GLY H 304 -15.10 45.79 101.68
CA GLY H 304 -14.01 44.86 101.86
C GLY H 304 -12.95 45.02 100.78
N VAL H 305 -11.69 45.00 101.18
CA VAL H 305 -10.61 45.26 100.23
C VAL H 305 -9.55 44.17 100.23
N ILE H 306 -8.64 44.25 99.27
CA ILE H 306 -7.40 43.48 99.29
C ILE H 306 -6.27 44.50 99.31
N SER H 307 -5.55 44.58 100.42
CA SER H 307 -4.64 45.71 100.60
C SER H 307 -3.18 45.31 100.83
N LYS H 308 -2.31 46.27 100.52
CA LYS H 308 -0.89 46.19 100.86
C LYS H 308 -0.50 47.52 101.49
N PHE H 309 0.72 47.61 102.03
CA PHE H 309 1.16 48.83 102.69
C PHE H 309 2.55 49.25 102.20
N GLY H 310 2.67 50.51 101.77
CA GLY H 310 3.93 51.03 101.29
C GLY H 310 4.21 50.64 99.85
N CYS H 311 3.70 51.45 98.93
CA CYS H 311 3.89 51.18 97.50
C CYS H 311 4.40 52.42 96.79
N THR H 312 5.09 52.21 95.68
CA THR H 312 5.81 53.27 95.01
C THR H 312 5.66 53.23 93.50
N MET H 313 5.36 54.38 92.90
CA MET H 313 5.42 54.52 91.45
C MET H 313 6.13 55.81 91.10
N ARG H 314 6.61 55.92 89.86
CA ARG H 314 7.12 57.20 89.38
C ARG H 314 6.99 57.29 87.87
N TYR H 315 6.50 58.44 87.40
CA TYR H 315 6.20 58.63 85.99
C TYR H 315 6.93 59.84 85.43
N SER H 316 7.60 59.62 84.30
CA SER H 316 8.37 60.68 83.65
C SER H 316 7.46 61.71 83.00
N LEU H 317 7.88 62.97 83.03
CA LEU H 317 7.03 64.06 82.53
C LEU H 317 7.65 64.87 81.39
N ASP H 318 8.89 64.56 81.01
CA ASP H 318 9.58 65.37 80.00
C ASP H 318 9.15 65.03 78.58
N GLN H 319 8.91 63.74 78.31
CA GLN H 319 8.54 63.30 76.98
C GLN H 319 7.02 63.32 76.79
N ALA H 320 6.30 62.72 77.74
CA ALA H 320 4.85 62.61 77.61
C ALA H 320 4.14 62.78 78.94
N PHE H 321 2.81 62.64 78.91
CA PHE H 321 1.99 62.78 80.11
C PHE H 321 1.34 61.44 80.45
N PRO H 322 1.46 61.02 81.71
CA PRO H 322 0.97 59.71 82.15
C PRO H 322 -0.54 59.66 82.30
N LEU H 323 -1.28 59.89 81.21
CA LEU H 323 -2.71 59.69 81.22
C LEU H 323 -3.01 58.25 80.83
N LEU H 324 -3.35 57.43 81.83
CA LEU H 324 -3.48 55.98 81.68
C LEU H 324 -4.29 55.56 80.45
N THR H 325 -3.81 54.51 79.77
CA THR H 325 -4.37 54.13 78.48
C THR H 325 -5.16 52.82 78.48
N THR H 326 -4.93 51.97 79.48
CA THR H 326 -5.63 50.69 79.56
C THR H 326 -7.11 50.88 79.87
N LYS H 327 -7.47 52.11 80.26
CA LYS H 327 -8.86 52.49 80.43
C LYS H 327 -8.95 54.01 80.31
N ARG H 328 -10.06 54.51 79.81
CA ARG H 328 -10.22 55.95 79.63
C ARG H 328 -10.29 56.66 80.97
N VAL H 329 -9.45 57.68 81.15
CA VAL H 329 -9.40 58.44 82.39
C VAL H 329 -10.17 59.75 82.25
N PHE H 330 -10.93 60.09 83.29
CA PHE H 330 -11.77 61.29 83.27
C PHE H 330 -10.94 62.58 83.37
N TRP H 331 -10.34 62.94 82.25
CA TRP H 331 -9.43 64.08 82.18
C TRP H 331 -10.07 65.39 82.57
N LYS H 332 -11.28 65.65 82.07
CA LYS H 332 -12.01 66.86 82.40
C LYS H 332 -12.21 66.96 83.91
N GLY H 333 -12.54 65.83 84.52
CA GLY H 333 -12.70 65.76 85.96
C GLY H 333 -11.40 66.06 86.67
N VAL H 334 -10.31 65.52 86.16
CA VAL H 334 -8.98 65.80 86.72
C VAL H 334 -8.71 67.31 86.72
N LEU H 335 -8.77 67.90 85.53
CA LEU H 335 -8.52 69.32 85.33
C LEU H 335 -9.39 70.22 86.21
N GLU H 336 -10.69 69.99 86.15
CA GLU H 336 -11.65 70.80 86.91
C GLU H 336 -11.44 70.65 88.40
N GLU H 337 -11.20 69.44 88.88
CA GLU H 337 -10.97 69.24 90.30
C GLU H 337 -9.68 69.93 90.75
N LEU H 338 -8.67 69.93 89.88
CA LEU H 338 -7.41 70.58 90.22
C LEU H 338 -7.55 72.10 90.27
N LEU H 339 -8.25 72.67 89.30
CA LEU H 339 -8.51 74.10 89.30
C LEU H 339 -9.31 74.50 90.53
N TRP H 340 -10.31 73.68 90.85
CA TRP H 340 -11.07 73.75 92.09
C TRP H 340 -10.14 73.86 93.30
N PHE H 341 -9.29 72.85 93.46
CA PHE H 341 -8.28 72.82 94.50
C PHE H 341 -7.50 74.13 94.59
N ILE H 342 -6.95 74.57 93.47
CA ILE H 342 -6.11 75.76 93.45
C ILE H 342 -6.88 77.02 93.85
N ARG H 343 -8.14 77.11 93.44
CA ARG H 343 -8.98 78.22 93.89
C ARG H 343 -9.21 78.11 95.39
N GLY H 344 -9.17 76.88 95.91
CA GLY H 344 -9.43 76.65 97.32
C GLY H 344 -10.92 76.66 97.55
N ASP H 345 -11.64 76.20 96.54
CA ASP H 345 -13.09 76.10 96.59
C ASP H 345 -13.49 74.86 97.37
N THR H 346 -14.49 75.00 98.23
CA THR H 346 -14.96 73.86 99.03
C THR H 346 -16.43 73.56 98.69
N ASN H 347 -16.88 74.09 97.57
CA ASN H 347 -18.24 73.86 97.10
C ASN H 347 -18.24 72.80 95.99
N ALA H 348 -18.76 71.61 96.31
CA ALA H 348 -18.76 70.52 95.35
C ALA H 348 -19.77 70.74 94.22
N ASN H 349 -20.74 71.63 94.47
CA ASN H 349 -21.75 71.93 93.46
C ASN H 349 -21.14 72.63 92.26
N HIS H 350 -20.04 73.32 92.47
CA HIS H 350 -19.32 73.97 91.38
C HIS H 350 -18.68 72.93 90.47
N LEU H 351 -18.36 71.79 91.04
CA LEU H 351 -17.82 70.65 90.29
C LEU H 351 -18.95 69.90 89.60
N SER H 352 -20.07 69.76 90.31
CA SER H 352 -21.21 69.00 89.83
C SER H 352 -21.89 69.69 88.66
N GLU H 353 -21.92 71.03 88.70
N GLU H 353 -21.91 71.03 88.67
CA GLU H 353 -22.53 71.83 87.65
CA GLU H 353 -22.58 71.79 87.62
C GLU H 353 -21.81 71.64 86.31
C GLU H 353 -21.77 71.80 86.32
N LYS H 354 -20.50 71.40 86.40
CA LYS H 354 -19.68 71.25 85.20
C LYS H 354 -19.63 69.80 84.74
N GLY H 355 -20.46 68.95 85.32
CA GLY H 355 -20.55 67.56 84.93
C GLY H 355 -19.58 66.66 85.67
N VAL H 356 -18.80 67.26 86.57
CA VAL H 356 -17.85 66.51 87.38
C VAL H 356 -18.44 66.18 88.74
N LYS H 357 -19.02 64.99 88.87
CA LYS H 357 -19.69 64.62 90.12
C LYS H 357 -18.96 63.53 90.89
N ILE H 358 -17.64 63.67 91.01
CA ILE H 358 -16.83 62.71 91.74
C ILE H 358 -16.95 62.90 93.24
N TRP H 359 -17.55 64.01 93.65
CA TRP H 359 -17.62 64.36 95.07
C TRP H 359 -19.00 64.19 95.68
N ASP H 360 -20.01 64.10 94.82
CA ASP H 360 -21.41 64.16 95.26
C ASP H 360 -21.78 63.13 96.33
N LYS H 361 -21.38 61.88 96.13
CA LYS H 361 -21.72 60.81 97.06
C LYS H 361 -21.11 61.03 98.45
N ASN H 362 -20.17 61.97 98.54
CA ASN H 362 -19.52 62.28 99.83
C ASN H 362 -19.97 63.62 100.40
N VAL H 363 -20.92 64.26 99.74
CA VAL H 363 -21.45 65.53 100.21
C VAL H 363 -22.98 65.56 100.21
N THR H 364 -23.59 64.38 100.24
CA THR H 364 -25.02 64.27 100.40
C THR H 364 -25.42 64.50 101.86
N ARG H 365 -26.69 64.81 102.07
CA ARG H 365 -27.23 65.00 103.42
C ARG H 365 -26.95 63.79 104.30
N GLU H 366 -27.19 62.61 103.76
CA GLU H 366 -27.02 61.37 104.50
C GLU H 366 -25.59 61.17 104.97
N PHE H 367 -24.64 61.36 104.05
CA PHE H 367 -23.22 61.13 104.35
C PHE H 367 -22.70 62.21 105.31
N LEU H 368 -23.09 63.45 105.07
CA LEU H 368 -22.71 64.55 105.94
C LEU H 368 -23.21 64.30 107.36
N ASP H 369 -24.42 63.76 107.46
CA ASP H 369 -25.00 63.41 108.73
C ASP H 369 -24.25 62.23 109.37
N SER H 370 -23.78 61.31 108.54
CA SER H 370 -23.00 60.19 109.01
C SER H 370 -21.66 60.66 109.57
N ARG H 371 -21.18 61.78 109.04
CA ARG H 371 -19.94 62.40 109.53
C ARG H 371 -20.20 63.37 110.67
N ASN H 372 -21.37 63.26 111.29
CA ASN H 372 -21.77 64.15 112.39
C ASN H 372 -21.71 65.62 112.00
N LEU H 373 -22.18 65.94 110.80
CA LEU H 373 -22.16 67.32 110.31
C LEU H 373 -23.51 67.75 109.75
N PRO H 374 -24.54 67.82 110.62
CA PRO H 374 -25.88 68.19 110.13
C PRO H 374 -25.95 69.65 109.70
N HIS H 375 -25.01 70.47 110.16
CA HIS H 375 -25.03 71.90 109.89
C HIS H 375 -24.35 72.27 108.57
N ARG H 376 -23.98 71.25 107.80
CA ARG H 376 -23.34 71.47 106.50
C ARG H 376 -24.36 71.49 105.37
N GLU H 377 -24.21 72.46 104.45
CA GLU H 377 -25.00 72.47 103.23
C GLU H 377 -24.61 71.28 102.36
N VAL H 378 -25.55 70.81 101.54
CA VAL H 378 -25.25 69.77 100.57
C VAL H 378 -24.24 70.31 99.56
N GLY H 379 -23.05 69.70 99.53
CA GLY H 379 -22.01 70.12 98.62
C GLY H 379 -20.77 70.64 99.33
N ASP H 380 -20.94 71.05 100.59
CA ASP H 380 -19.83 71.59 101.36
C ASP H 380 -18.92 70.49 101.89
N ILE H 381 -17.70 70.42 101.34
CA ILE H 381 -16.76 69.39 101.74
C ILE H 381 -16.01 69.77 103.03
N GLY H 382 -16.35 70.92 103.58
CA GLY H 382 -15.69 71.41 104.78
C GLY H 382 -14.32 71.96 104.46
N PRO H 383 -13.49 72.20 105.48
CA PRO H 383 -12.15 72.77 105.28
C PRO H 383 -11.14 71.74 104.76
N GLY H 384 -11.44 71.16 103.61
CA GLY H 384 -10.58 70.14 103.02
C GLY H 384 -9.67 70.65 101.91
N TYR H 385 -8.88 69.72 101.38
CA TYR H 385 -7.88 69.93 100.31
C TYR H 385 -7.51 71.39 99.99
N GLY H 386 -8.19 71.97 99.01
CA GLY H 386 -7.89 73.32 98.56
C GLY H 386 -7.88 74.38 99.64
N PHE H 387 -8.86 74.31 100.55
CA PHE H 387 -8.94 75.27 101.63
C PHE H 387 -7.72 75.21 102.53
N GLN H 388 -7.14 74.02 102.69
CA GLN H 388 -5.93 73.88 103.46
C GLN H 388 -4.75 74.41 102.64
N TRP H 389 -4.74 74.04 101.37
CA TRP H 389 -3.74 74.50 100.39
C TRP H 389 -3.51 76.01 100.45
N ARG H 390 -4.61 76.76 100.35
CA ARG H 390 -4.51 78.21 100.21
C ARG H 390 -4.67 78.94 101.54
N HIS H 391 -5.38 78.31 102.49
CA HIS H 391 -5.63 78.94 103.78
C HIS H 391 -5.46 77.96 104.94
N PHE H 392 -4.30 77.34 105.05
CA PHE H 392 -4.03 76.41 106.15
C PHE H 392 -4.24 77.04 107.52
N GLY H 393 -4.94 76.33 108.39
CA GLY H 393 -5.10 76.74 109.78
C GLY H 393 -6.18 77.78 110.02
N ALA H 394 -6.85 78.19 108.95
CA ALA H 394 -7.89 79.21 109.05
C ALA H 394 -9.16 78.61 109.65
N ALA H 395 -9.95 79.46 110.32
CA ALA H 395 -11.22 79.04 110.89
C ALA H 395 -12.28 78.95 109.79
N TYR H 396 -12.82 77.75 109.60
CA TYR H 396 -13.78 77.52 108.52
C TYR H 396 -15.22 77.80 108.94
N LYS H 397 -15.96 78.45 108.06
CA LYS H 397 -17.38 78.75 108.29
C LYS H 397 -18.26 77.90 107.39
N ASP H 398 -18.35 78.30 106.13
CA ASP H 398 -19.05 77.50 105.13
C ASP H 398 -18.43 77.69 103.75
N MET H 399 -19.05 77.09 102.73
CA MET H 399 -18.50 77.10 101.38
C MET H 399 -18.79 78.39 100.64
N HIS H 400 -19.40 79.35 101.33
CA HIS H 400 -19.75 80.63 100.70
C HIS H 400 -18.90 81.77 101.25
N THR H 401 -18.18 81.49 102.34
CA THR H 401 -17.41 82.52 103.02
C THR H 401 -16.12 82.84 102.30
N ASP H 402 -15.79 84.13 102.23
CA ASP H 402 -14.55 84.58 101.61
C ASP H 402 -13.39 84.49 102.61
N TYR H 403 -12.42 83.63 102.32
CA TYR H 403 -11.31 83.38 103.24
C TYR H 403 -10.01 84.03 102.81
N THR H 404 -10.07 84.97 101.87
CA THR H 404 -8.83 85.56 101.34
C THR H 404 -8.08 86.34 102.41
N GLY H 405 -6.76 86.13 102.46
CA GLY H 405 -5.92 86.77 103.45
C GLY H 405 -5.68 85.91 104.68
N GLN H 406 -6.64 85.04 104.99
CA GLN H 406 -6.55 84.20 106.17
C GLN H 406 -5.71 82.94 105.94
N GLY H 407 -5.06 82.48 106.99
CA GLY H 407 -4.28 81.25 106.94
C GLY H 407 -3.00 81.36 106.16
N VAL H 408 -2.32 80.24 105.98
CA VAL H 408 -1.06 80.18 105.23
C VAL H 408 -1.33 79.79 103.78
N ASP H 409 -0.74 80.54 102.85
CA ASP H 409 -0.87 80.21 101.43
C ASP H 409 0.29 79.33 100.99
N GLN H 410 0.17 78.04 101.28
CA GLN H 410 1.23 77.06 101.01
C GLN H 410 1.62 77.03 99.54
N LEU H 411 0.64 77.15 98.64
CA LEU H 411 0.92 77.11 97.22
C LEU H 411 1.78 78.29 96.80
N LYS H 412 1.36 79.48 97.24
CA LYS H 412 2.09 80.71 96.91
C LYS H 412 3.49 80.69 97.49
N ASN H 413 3.62 80.16 98.71
CA ASN H 413 4.92 80.07 99.35
C ASN H 413 5.83 79.09 98.62
N VAL H 414 5.29 77.95 98.21
CA VAL H 414 6.04 76.95 97.46
C VAL H 414 6.53 77.51 96.14
N ILE H 415 5.63 78.18 95.42
CA ILE H 415 6.02 78.81 94.16
C ILE H 415 7.08 79.88 94.36
N GLN H 416 6.90 80.71 95.39
CA GLN H 416 7.84 81.78 95.70
C GLN H 416 9.23 81.23 95.98
N MET H 417 9.31 80.22 96.83
CA MET H 417 10.58 79.59 97.16
C MET H 417 11.18 78.90 95.94
N LEU H 418 10.32 78.39 95.06
CA LEU H 418 10.81 77.78 93.82
C LEU H 418 11.45 78.81 92.91
N ARG H 419 10.86 80.00 92.86
CA ARG H 419 11.33 81.04 91.95
C ARG H 419 12.51 81.84 92.50
N THR H 420 12.63 81.90 93.83
CA THR H 420 13.70 82.69 94.45
C THR H 420 14.88 81.84 94.89
N ASN H 421 14.60 80.64 95.37
CA ASN H 421 15.63 79.81 96.00
C ASN H 421 15.29 78.32 95.94
N PRO H 422 15.53 77.69 94.77
CA PRO H 422 15.06 76.32 94.50
C PRO H 422 15.83 75.22 95.24
N THR H 423 16.90 75.56 95.96
CA THR H 423 17.68 74.55 96.67
C THR H 423 17.13 74.28 98.05
N ASP H 424 16.16 75.10 98.46
CA ASP H 424 15.51 74.92 99.76
C ASP H 424 14.76 73.61 99.83
N ARG H 425 14.85 72.93 100.97
CA ARG H 425 14.24 71.60 101.12
C ARG H 425 12.98 71.62 101.96
N ARG H 426 12.39 72.80 102.12
CA ARG H 426 11.16 72.94 102.88
C ARG H 426 9.99 73.31 101.98
N MET H 427 10.07 72.90 100.72
CA MET H 427 9.04 73.24 99.74
C MET H 427 7.92 72.21 99.72
N LEU H 428 7.06 72.25 100.73
CA LEU H 428 5.98 71.28 100.88
C LEU H 428 4.61 71.91 100.95
N MET H 429 3.60 71.12 100.60
CA MET H 429 2.21 71.52 100.74
C MET H 429 1.45 70.37 101.38
N THR H 430 0.86 70.62 102.54
CA THR H 430 0.15 69.58 103.27
C THR H 430 -1.34 69.88 103.37
N ALA H 431 -2.15 68.83 103.32
CA ALA H 431 -3.59 68.97 103.45
C ALA H 431 -4.06 68.37 104.77
N TRP H 432 -3.16 67.71 105.47
CA TRP H 432 -3.50 67.02 106.71
C TRP H 432 -3.45 67.96 107.90
N ASN H 433 -4.63 68.40 108.33
CA ASN H 433 -4.74 69.24 109.53
C ASN H 433 -5.58 68.55 110.58
N PRO H 434 -4.93 67.95 111.58
CA PRO H 434 -5.56 67.28 112.72
C PRO H 434 -6.64 68.12 113.40
N ALA H 435 -6.46 69.44 113.42
CA ALA H 435 -7.38 70.34 114.10
C ALA H 435 -8.64 70.60 113.30
N ALA H 436 -8.73 70.04 112.10
CA ALA H 436 -9.87 70.29 111.22
C ALA H 436 -10.32 69.02 110.50
N LEU H 437 -9.81 67.87 110.92
CA LEU H 437 -10.17 66.61 110.30
C LEU H 437 -11.65 66.30 110.48
N ASP H 438 -12.15 66.49 111.70
CA ASP H 438 -13.53 66.17 112.04
C ASP H 438 -14.54 67.04 111.30
N GLU H 439 -14.09 68.19 110.80
CA GLU H 439 -14.99 69.14 110.16
C GLU H 439 -15.13 68.90 108.66
N MET H 440 -14.33 68.00 108.13
CA MET H 440 -14.32 67.75 106.69
C MET H 440 -15.19 66.55 106.33
N ALA H 441 -15.75 66.59 105.13
CA ALA H 441 -16.57 65.50 104.62
C ALA H 441 -15.75 64.23 104.54
N LEU H 442 -14.52 64.36 104.03
CA LEU H 442 -13.59 63.25 103.98
C LEU H 442 -12.18 63.71 104.31
N PRO H 443 -11.50 62.98 105.21
CA PRO H 443 -10.06 63.20 105.46
C PRO H 443 -9.27 63.02 104.18
N PRO H 444 -8.33 63.93 103.90
CA PRO H 444 -7.63 63.92 102.60
C PRO H 444 -6.83 62.64 102.35
N CYS H 445 -6.96 62.10 101.15
CA CYS H 445 -6.17 60.93 100.75
C CYS H 445 -4.79 61.41 100.31
N HIS H 446 -4.74 62.13 99.19
CA HIS H 446 -3.51 62.80 98.81
C HIS H 446 -3.31 64.00 99.73
N LEU H 447 -2.51 63.81 100.77
CA LEU H 447 -2.43 64.78 101.86
C LEU H 447 -1.14 65.58 101.90
N LEU H 448 -0.17 65.22 101.06
CA LEU H 448 1.12 65.91 101.08
C LEU H 448 1.83 65.87 99.73
N CYS H 449 2.49 66.98 99.38
CA CYS H 449 3.32 67.00 98.19
C CYS H 449 4.57 67.84 98.39
N GLN H 450 5.67 67.42 97.79
CA GLN H 450 6.95 68.12 97.92
C GLN H 450 7.61 68.28 96.55
N PHE H 451 8.22 69.43 96.32
CA PHE H 451 8.82 69.71 95.01
C PHE H 451 10.34 69.76 95.09
N TYR H 452 10.99 69.54 93.96
CA TYR H 452 12.44 69.41 93.91
C TYR H 452 13.01 69.91 92.58
N VAL H 453 14.05 70.73 92.65
CA VAL H 453 14.69 71.23 91.43
C VAL H 453 16.15 70.81 91.43
N ASN H 454 16.63 70.37 90.27
CA ASN H 454 18.04 70.06 90.11
C ASN H 454 18.79 71.22 89.47
N ASP H 455 19.98 70.95 88.94
CA ASP H 455 20.80 71.99 88.34
C ASP H 455 20.40 72.29 86.90
N GLN H 456 19.48 71.48 86.36
CA GLN H 456 19.05 71.64 84.98
C GLN H 456 17.71 72.37 84.89
N LYS H 457 17.33 73.03 85.99
CA LYS H 457 16.03 73.70 86.10
C LYS H 457 14.88 72.73 85.83
N GLU H 458 15.03 71.48 86.26
CA GLU H 458 14.00 70.47 86.08
C GLU H 458 13.22 70.22 87.37
N LEU H 459 11.90 70.29 87.28
CA LEU H 459 11.04 70.14 88.45
C LEU H 459 10.54 68.70 88.61
N SER H 460 10.57 68.21 89.84
CA SER H 460 10.03 66.91 90.19
C SER H 460 9.09 67.07 91.38
N CYS H 461 8.09 66.19 91.48
CA CYS H 461 7.11 66.28 92.55
C CYS H 461 6.79 64.92 93.17
N ILE H 462 6.96 64.84 94.49
CA ILE H 462 6.51 63.69 95.27
C ILE H 462 5.13 63.98 95.85
N MET H 463 4.26 62.97 95.86
CA MET H 463 2.97 63.09 96.52
C MET H 463 2.71 61.86 97.38
N TYR H 464 2.47 62.09 98.67
CA TYR H 464 2.14 61.00 99.57
C TYR H 464 0.63 60.84 99.69
N GLN H 465 0.17 59.60 99.54
CA GLN H 465 -1.25 59.30 99.63
C GLN H 465 -1.51 58.21 100.67
N ARG H 466 -2.33 58.52 101.66
CA ARG H 466 -2.58 57.61 102.77
C ARG H 466 -3.43 56.41 102.36
N SER H 467 -4.33 56.63 101.40
CA SER H 467 -5.32 55.63 101.04
C SER H 467 -5.57 55.64 99.55
N CYS H 468 -5.38 54.49 98.90
CA CYS H 468 -5.42 54.43 97.45
C CYS H 468 -6.42 53.42 96.89
N ASP H 469 -7.51 53.92 96.33
CA ASP H 469 -8.40 53.10 95.54
C ASP H 469 -7.73 52.83 94.21
N VAL H 470 -7.01 51.72 94.12
CA VAL H 470 -6.21 51.41 92.95
C VAL H 470 -7.04 51.31 91.68
N GLY H 471 -8.25 50.77 91.81
CA GLY H 471 -9.13 50.60 90.67
C GLY H 471 -9.63 51.92 90.13
N LEU H 472 -10.10 52.79 91.03
CA LEU H 472 -10.81 53.99 90.62
C LEU H 472 -9.95 55.25 90.73
N GLY H 473 -9.46 55.53 91.93
CA GLY H 473 -8.84 56.81 92.22
C GLY H 473 -7.40 57.04 91.78
N VAL H 474 -6.59 55.99 91.77
CA VAL H 474 -5.16 56.12 91.53
C VAL H 474 -4.78 56.76 90.18
N PRO H 475 -5.36 56.27 89.05
CA PRO H 475 -4.99 56.92 87.78
C PRO H 475 -5.33 58.41 87.80
N PHE H 476 -6.51 58.69 88.34
CA PHE H 476 -7.00 60.05 88.53
C PHE H 476 -5.98 60.90 89.29
N ASN H 477 -5.47 60.35 90.40
CA ASN H 477 -4.51 61.08 91.22
C ASN H 477 -3.19 61.32 90.48
N ILE H 478 -2.71 60.29 89.81
CA ILE H 478 -1.51 60.40 88.97
C ILE H 478 -1.66 61.57 88.01
N ALA H 479 -2.73 61.55 87.24
CA ALA H 479 -3.01 62.62 86.27
C ALA H 479 -3.05 63.97 86.97
N SER H 480 -3.73 64.02 88.11
CA SER H 480 -3.90 65.25 88.86
C SER H 480 -2.57 65.89 89.25
N TYR H 481 -1.74 65.17 90.00
CA TYR H 481 -0.51 65.77 90.49
C TYR H 481 0.55 65.91 89.39
N SER H 482 0.48 65.08 88.35
CA SER H 482 1.34 65.29 87.20
C SER H 482 1.01 66.63 86.54
N LEU H 483 -0.29 66.87 86.37
CA LEU H 483 -0.78 68.13 85.81
C LEU H 483 -0.35 69.31 86.68
N LEU H 484 -0.53 69.18 87.99
CA LEU H 484 -0.09 70.21 88.92
C LEU H 484 1.38 70.51 88.73
N THR H 485 2.18 69.45 88.58
CA THR H 485 3.61 69.61 88.33
C THR H 485 3.87 70.39 87.06
N LEU H 486 3.13 70.07 86.00
CA LEU H 486 3.25 70.81 84.74
C LEU H 486 2.97 72.29 84.92
N MET H 487 1.87 72.61 85.59
CA MET H 487 1.47 74.00 85.81
C MET H 487 2.49 74.78 86.63
N VAL H 488 2.88 74.23 87.78
CA VAL H 488 3.89 74.84 88.63
C VAL H 488 5.19 75.06 87.86
N ALA H 489 5.63 74.03 87.16
CA ALA H 489 6.84 74.11 86.34
C ALA H 489 6.73 75.24 85.33
N HIS H 490 5.54 75.43 84.75
CA HIS H 490 5.39 76.54 83.81
C HIS H 490 5.48 77.89 84.50
N VAL H 491 4.76 78.08 85.60
CA VAL H 491 4.78 79.40 86.25
C VAL H 491 6.10 79.67 86.99
N CYS H 492 6.99 78.68 87.03
CA CYS H 492 8.29 78.88 87.65
C CYS H 492 9.44 78.88 86.64
N ASN H 493 9.09 78.86 85.35
CA ASN H 493 10.07 78.74 84.28
C ASN H 493 10.96 77.51 84.44
N LEU H 494 10.37 76.45 84.98
CA LEU H 494 11.07 75.18 85.13
C LEU H 494 10.53 74.16 84.13
N LYS H 495 11.28 73.09 83.91
CA LYS H 495 10.87 72.04 83.00
C LYS H 495 10.42 70.81 83.78
N PRO H 496 9.18 70.37 83.55
CA PRO H 496 8.67 69.19 84.25
C PRO H 496 9.50 67.95 83.91
N LYS H 497 9.82 67.15 84.93
CA LYS H 497 10.71 66.02 84.75
C LYS H 497 10.11 64.71 85.26
N GLU H 498 9.50 64.75 86.44
CA GLU H 498 9.07 63.51 87.09
C GLU H 498 8.01 63.72 88.16
N PHE H 499 7.05 62.79 88.21
CA PHE H 499 6.12 62.72 89.32
C PHE H 499 6.33 61.44 90.13
N ILE H 500 6.66 61.60 91.40
CA ILE H 500 6.89 60.45 92.26
C ILE H 500 5.68 60.21 93.18
N HIS H 501 5.12 59.02 93.08
CA HIS H 501 3.90 58.66 93.77
C HIS H 501 4.16 57.71 94.95
N PHE H 502 3.97 58.23 96.16
CA PHE H 502 4.13 57.46 97.39
C PHE H 502 2.78 57.07 97.96
N MET H 503 2.57 55.78 98.18
CA MET H 503 1.26 55.25 98.56
C MET H 503 1.31 54.48 99.88
N GLY H 504 0.41 54.82 100.80
CA GLY H 504 0.32 54.15 102.08
C GLY H 504 -0.53 52.89 102.02
N ASN H 505 -1.78 53.00 102.47
CA ASN H 505 -2.72 51.89 102.33
C ASN H 505 -3.14 51.75 100.88
N THR H 506 -2.61 50.72 100.22
CA THR H 506 -2.87 50.53 98.80
C THR H 506 -3.80 49.34 98.57
N HIS H 507 -5.07 49.63 98.33
CA HIS H 507 -6.10 48.60 98.34
C HIS H 507 -6.91 48.50 97.05
N VAL H 508 -7.36 47.29 96.75
CA VAL H 508 -8.25 47.04 95.62
C VAL H 508 -9.58 46.51 96.15
N TYR H 509 -10.66 47.22 95.88
CA TYR H 509 -11.98 46.81 96.35
C TYR H 509 -12.41 45.51 95.69
N THR H 510 -13.00 44.62 96.48
CA THR H 510 -13.35 43.28 96.02
C THR H 510 -14.30 43.29 94.83
N ASN H 511 -15.17 44.28 94.75
CA ASN H 511 -16.11 44.38 93.63
C ASN H 511 -15.49 45.09 92.42
N HIS H 512 -14.17 45.18 92.40
CA HIS H 512 -13.44 45.77 91.27
C HIS H 512 -12.57 44.72 90.60
N VAL H 513 -12.34 43.62 91.32
CA VAL H 513 -11.34 42.63 90.94
C VAL H 513 -11.50 42.06 89.54
N GLU H 514 -12.72 41.69 89.18
CA GLU H 514 -12.98 41.11 87.88
C GLU H 514 -12.70 42.12 86.77
N ALA H 515 -13.20 43.34 86.95
CA ALA H 515 -12.99 44.41 85.98
C ALA H 515 -11.51 44.70 85.80
N LEU H 516 -10.77 44.69 86.91
CA LEU H 516 -9.34 44.91 86.87
C LEU H 516 -8.62 43.77 86.17
N LYS H 517 -9.16 42.57 86.31
CA LYS H 517 -8.60 41.41 85.65
C LYS H 517 -8.84 41.51 84.16
N GLU H 518 -9.93 42.17 83.79
CA GLU H 518 -10.20 42.47 82.40
C GLU H 518 -9.21 43.51 81.89
N GLN H 519 -8.95 44.52 82.72
CA GLN H 519 -8.06 45.62 82.37
C GLN H 519 -6.62 45.13 82.19
N LEU H 520 -6.24 44.11 82.95
CA LEU H 520 -4.87 43.62 82.94
C LEU H 520 -4.54 42.85 81.68
N ARG H 521 -5.56 42.51 80.90
CA ARG H 521 -5.36 41.81 79.64
C ARG H 521 -5.16 42.80 78.50
N ARG H 522 -5.14 44.08 78.84
CA ARG H 522 -4.99 45.15 77.86
C ARG H 522 -3.57 45.68 77.81
N GLU H 523 -2.97 45.63 76.62
CA GLU H 523 -1.64 46.21 76.42
C GLU H 523 -1.74 47.72 76.29
N PRO H 524 -0.88 48.43 77.03
CA PRO H 524 -0.88 49.89 77.09
C PRO H 524 -0.57 50.54 75.75
N ARG H 525 -1.15 51.70 75.50
CA ARG H 525 -0.85 52.48 74.31
C ARG H 525 0.06 53.66 74.68
N PRO H 526 0.67 54.30 73.67
CA PRO H 526 1.50 55.50 73.92
C PRO H 526 0.80 56.53 74.79
N PHE H 527 1.51 57.04 75.79
CA PHE H 527 1.04 58.19 76.56
C PHE H 527 0.86 59.37 75.62
N PRO H 528 -0.19 60.18 75.86
CA PRO H 528 -0.35 61.43 75.12
C PRO H 528 0.58 62.49 75.68
N ILE H 529 0.63 63.67 75.06
CA ILE H 529 1.30 64.80 75.70
C ILE H 529 0.25 65.86 76.02
N VAL H 530 0.38 66.47 77.19
CA VAL H 530 -0.52 67.54 77.57
C VAL H 530 0.15 68.88 77.35
N ASN H 531 -0.45 69.70 76.49
CA ASN H 531 0.10 71.03 76.21
C ASN H 531 -0.66 72.13 76.93
N ILE H 532 0.09 73.05 77.52
CA ILE H 532 -0.50 74.26 78.07
C ILE H 532 -0.64 75.28 76.96
N LEU H 533 -1.87 75.70 76.68
CA LEU H 533 -2.14 76.69 75.67
C LEU H 533 -2.07 78.09 76.28
N ASN H 534 -1.79 79.10 75.45
CA ASN H 534 -1.69 80.49 75.91
C ASN H 534 -0.68 80.66 77.03
N LYS H 535 0.52 80.09 76.83
CA LYS H 535 1.58 80.16 77.83
C LYS H 535 2.02 81.59 78.09
N GLU H 536 1.82 82.46 77.10
CA GLU H 536 2.19 83.86 77.22
C GLU H 536 1.34 84.57 78.25
N ARG H 537 0.05 84.23 78.29
CA ARG H 537 -0.91 84.92 79.14
C ARG H 537 -0.80 84.49 80.60
N ILE H 538 -0.33 83.27 80.84
CA ILE H 538 -0.32 82.70 82.17
C ILE H 538 1.00 82.94 82.90
N LYS H 539 0.95 83.79 83.94
CA LYS H 539 2.15 84.13 84.70
C LYS H 539 2.09 83.65 86.14
N GLU H 540 0.88 83.44 86.65
CA GLU H 540 0.69 82.94 88.01
C GLU H 540 -0.20 81.70 88.02
N ILE H 541 -0.12 80.92 89.10
CA ILE H 541 -0.84 79.66 89.19
C ILE H 541 -2.36 79.87 89.13
N ASP H 542 -2.82 81.06 89.48
CA ASP H 542 -4.24 81.37 89.47
C ASP H 542 -4.74 81.69 88.06
N ASP H 543 -3.81 81.91 87.15
CA ASP H 543 -4.17 82.37 85.80
C ASP H 543 -4.68 81.25 84.89
N PHE H 544 -4.52 80.00 85.33
CA PHE H 544 -4.97 78.86 84.53
C PHE H 544 -6.49 78.76 84.50
N THR H 545 -7.03 78.50 83.31
CA THR H 545 -8.45 78.20 83.17
C THR H 545 -8.61 76.79 82.62
N ALA H 546 -9.85 76.33 82.49
CA ALA H 546 -10.11 74.97 82.01
C ALA H 546 -9.98 74.88 80.49
N GLU H 547 -9.51 75.96 79.87
CA GLU H 547 -9.41 76.03 78.42
C GLU H 547 -7.98 76.20 77.96
N ASP H 548 -7.04 76.15 78.90
CA ASP H 548 -5.63 76.35 78.57
C ASP H 548 -4.86 75.04 78.45
N PHE H 549 -5.56 73.98 78.03
CA PHE H 549 -4.93 72.67 77.91
C PHE H 549 -5.44 71.92 76.69
N GLU H 550 -4.52 71.25 76.00
CA GLU H 550 -4.92 70.28 74.99
C GLU H 550 -4.28 68.94 75.30
N VAL H 551 -5.07 67.89 75.17
CA VAL H 551 -4.55 66.53 75.35
C VAL H 551 -4.32 65.93 73.98
N VAL H 552 -3.04 65.84 73.62
CA VAL H 552 -2.64 65.47 72.27
C VAL H 552 -2.19 64.02 72.16
N GLY H 553 -2.88 63.25 71.32
CA GLY H 553 -2.50 61.89 71.02
C GLY H 553 -2.97 60.86 72.02
N TYR H 554 -4.14 61.08 72.61
CA TYR H 554 -4.68 60.15 73.59
C TYR H 554 -5.54 59.09 72.92
N VAL H 555 -5.03 57.85 72.88
CA VAL H 555 -5.74 56.74 72.27
C VAL H 555 -5.91 55.58 73.26
N PRO H 556 -6.88 55.68 74.18
CA PRO H 556 -7.06 54.68 75.23
C PRO H 556 -8.03 53.56 74.87
N HIS H 557 -8.04 52.50 75.68
CA HIS H 557 -9.04 51.46 75.54
C HIS H 557 -10.37 51.97 76.06
N GLY H 558 -11.41 51.15 75.96
CA GLY H 558 -12.74 51.55 76.39
C GLY H 558 -12.83 51.81 77.88
N ARG H 559 -13.83 52.59 78.28
CA ARG H 559 -14.06 52.86 79.69
C ARG H 559 -14.46 51.59 80.43
N ILE H 560 -13.90 51.39 81.62
CA ILE H 560 -14.28 50.24 82.44
C ILE H 560 -14.99 50.71 83.70
N GLN H 561 -16.28 50.39 83.80
CA GLN H 561 -17.12 50.89 84.89
C GLN H 561 -16.79 50.23 86.22
N MET H 562 -16.57 51.06 87.23
CA MET H 562 -16.32 50.59 88.60
C MET H 562 -17.04 51.48 89.60
N GLU H 563 -17.99 50.90 90.35
CA GLU H 563 -18.79 51.67 91.30
C GLU H 563 -17.99 52.10 92.52
N MET H 564 -18.16 53.36 92.90
CA MET H 564 -17.42 53.95 94.01
C MET H 564 -17.94 53.49 95.36
N ALA H 565 -17.09 52.82 96.13
CA ALA H 565 -17.43 52.43 97.50
C ALA H 565 -17.62 53.68 98.36
N VAL H 566 -18.87 54.03 98.61
CA VAL H 566 -19.21 55.27 99.31
C VAL H 566 -18.75 55.24 100.77
N1 UMP I . 1.55 -5.19 -13.59
C2 UMP I . 0.90 -4.20 -12.79
N3 UMP I . -0.32 -4.41 -12.35
C4 UMP I . -0.97 -5.53 -12.62
C5 UMP I . -0.37 -6.54 -13.42
C6 UMP I . 0.91 -6.33 -13.90
O2 UMP I . 1.43 -3.10 -12.46
O4 UMP I . -2.11 -5.70 -12.19
C1' UMP I . 2.90 -5.02 -14.12
C2' UMP I . 3.98 -4.83 -13.08
C3' UMP I . 5.24 -5.24 -13.83
C4' UMP I . 4.74 -6.09 -14.98
O3' UMP I . 5.74 -4.10 -14.51
O4' UMP I . 3.31 -6.17 -14.86
C5' UMP I . 5.51 -7.41 -15.20
O5' UMP I . 5.50 -8.27 -14.12
P UMP I . 6.84 -8.78 -13.35
OP1 UMP I . 6.41 -10.16 -13.08
OP2 UMP I . 6.91 -7.82 -12.15
OP3 UMP I . 8.04 -8.71 -14.20
CAG 1UG J . -4.39 -4.31 -16.59
CAE 1UG J . -5.59 -4.10 -17.17
CAJ 1UG J . -5.74 -3.27 -18.27
CAU 1UG J . -4.65 -2.63 -18.81
CAI 1UG J . -4.93 -1.82 -19.92
CAC 1UG J . -3.90 -1.14 -20.52
CAD 1UG J . -2.66 -1.34 -19.97
CAL 1UG J . -2.37 -2.15 -18.85
CAX 1UG J . -3.40 -2.83 -18.23
CAR 1UG J . -3.26 -3.69 -17.10
SAP 1UG J . -1.83 -4.12 -16.19
CAS 1UG J . -1.43 -5.88 -16.61
CAY 1UG J . -0.17 -6.18 -17.05
CAZ 1UG J . 0.95 -5.44 -17.26
CAT 1UG J . 1.26 -4.11 -17.13
OAB 1UG J . 0.46 -3.27 -16.73
NAN 1UG J . 2.53 -3.65 -17.43
CAQ 1UG J . 3.49 -4.55 -17.88
NAA 1UG J . 4.70 -4.12 -18.17
NAM 1UG J . 3.15 -5.84 -18.00
CAW 1UG J . 1.90 -6.27 -17.69
NAO 1UG J . 1.40 -7.50 -17.76
CAV 1UG J . 0.13 -7.46 -17.36
CAK 1UG J . -0.76 -8.47 -17.26
CAF 1UG J . -2.05 -8.23 -16.83
CAH 1UG J . -2.38 -6.92 -16.50
N1 FOL K . -21.24 30.55 -6.46
C2 FOL K . -21.09 29.26 -6.05
NA2 FOL K . -19.88 28.69 -5.94
N3 FOL K . -22.13 28.46 -5.73
C4 FOL K . -23.40 28.87 -5.78
O4 FOL K . -24.39 28.17 -5.50
C4A FOL K . -23.64 30.24 -6.22
N5 FOL K . -24.93 30.66 -6.28
C6 FOL K . -25.14 31.89 -6.68
C7 FOL K . -24.02 32.68 -7.00
N8 FOL K . -22.69 32.31 -6.95
C8A FOL K . -22.46 31.07 -6.57
C9 FOL K . -26.58 32.42 -6.77
N10 FOL K . -27.61 31.73 -5.97
C11 FOL K . -27.86 31.66 -1.81
C12 FOL K . -26.70 32.05 -2.44
C13 FOL K . -26.61 32.07 -3.84
C14 FOL K . -27.71 31.70 -4.60
C15 FOL K . -28.90 31.31 -3.98
C16 FOL K . -28.97 31.28 -2.58
C FOL K . -27.83 31.66 -0.31
O FOL K . -28.86 31.65 0.35
N FOL K . -26.63 31.64 0.28
CA FOL K . -26.33 31.61 1.70
CB FOL K . -25.65 30.28 2.06
CG FOL K . -26.29 29.48 3.17
CD FOL K . -25.17 29.00 4.10
OE1 FOL K . -24.69 27.84 3.98
OE2 FOL K . -24.73 29.80 4.96
CT FOL K . -25.41 32.75 2.08
O1 FOL K . -25.64 33.34 3.17
O2 FOL K . -24.45 33.08 1.33
PA NDP L . -27.82 38.00 -14.69
O1A NDP L . -26.57 38.30 -15.36
O2A NDP L . -27.83 37.65 -13.27
O5B NDP L . -28.84 39.19 -14.90
C5B NDP L . -29.09 39.75 -16.21
C4B NDP L . -29.68 41.15 -15.97
O4B NDP L . -28.75 41.94 -15.17
C3B NDP L . -29.80 41.90 -17.29
O3B NDP L . -31.07 41.62 -17.82
C2B NDP L . -29.55 43.34 -16.87
O2B NDP L . -30.65 43.83 -16.07
C1B NDP L . -28.44 43.16 -15.82
N9A NDP L . -27.08 43.15 -16.38
C8A NDP L . -26.23 42.11 -16.34
N7A NDP L . -25.05 42.39 -16.94
C5A NDP L . -25.15 43.66 -17.38
C6A NDP L . -24.27 44.57 -18.09
N6A NDP L . -23.02 44.17 -18.45
N1A NDP L . -24.73 45.82 -18.36
C2A NDP L . -25.96 46.24 -17.99
N3A NDP L . -26.81 45.43 -17.34
C4A NDP L . -26.48 44.16 -17.01
O3 NDP L . -28.70 36.88 -15.46
PN NDP L . -28.16 35.52 -16.19
O1N NDP L . -26.90 35.69 -16.94
O2N NDP L . -29.39 34.88 -16.79
O5D NDP L . -27.86 34.60 -14.92
C5D NDP L . -28.94 34.11 -14.12
C4D NDP L . -28.91 32.59 -14.21
O4D NDP L . -27.62 32.19 -13.80
C3D NDP L . -29.87 31.97 -13.24
O3D NDP L . -30.20 30.69 -13.76
C2D NDP L . -29.03 31.81 -12.02
O2D NDP L . -29.60 30.87 -11.14
C1D NDP L . -27.72 31.40 -12.60
N1N NDP L . -26.56 31.70 -11.80
C2N NDP L . -25.71 30.70 -11.53
C3N NDP L . -24.57 30.88 -10.78
C7N NDP L . -23.66 29.71 -10.51
O7N NDP L . -22.57 29.91 -10.02
N7N NDP L . -24.07 28.49 -10.83
C4N NDP L . -24.23 32.25 -10.23
C5N NDP L . -25.22 33.24 -10.59
C6N NDP L . -26.32 32.93 -11.35
P2B NDP L . -31.97 44.53 -16.65
O1X NDP L . -32.81 44.65 -15.43
O2X NDP L . -31.42 45.79 -17.25
O3X NDP L . -32.66 43.64 -17.66
N1 UMP M . 1.32 -9.82 17.45
C2 UMP M . 2.26 -8.87 16.93
N3 UMP M . 3.40 -9.29 16.42
C4 UMP M . 3.71 -10.58 16.37
C5 UMP M . 2.81 -11.55 16.87
C6 UMP M . 1.60 -11.13 17.41
O2 UMP M . 2.06 -7.63 16.93
O4 UMP M . 4.77 -10.93 15.88
C1' UMP M . 0.04 -9.45 18.03
C2' UMP M . -0.87 -8.65 17.13
C3' UMP M . -2.25 -9.04 17.63
C4' UMP M . -2.08 -10.46 18.05
O3' UMP M . -2.46 -8.39 18.86
O4' UMP M . -0.70 -10.64 18.41
C5' UMP M . -2.68 -11.52 17.10
O5' UMP M . -4.03 -11.77 17.25
P UMP M . -5.01 -11.89 15.95
OP1 UMP M . -4.59 -13.24 15.51
OP2 UMP M . -4.54 -10.72 15.09
OP3 UMP M . -6.45 -11.82 16.31
CAG 1UG N . 7.44 -9.43 21.76
CAE 1UG N . 8.26 -9.15 22.82
CAJ 1UG N . 7.92 -9.51 24.11
CAU 1UG N . 6.74 -10.14 24.36
CAI 1UG N . 6.51 -10.46 25.71
CAC 1UG N . 5.34 -11.11 26.04
CAD 1UG N . 4.49 -11.39 24.99
CAL 1UG N . 4.70 -11.08 23.65
CAX 1UG N . 5.88 -10.44 23.28
CAR 1UG N . 6.23 -10.08 21.96
SAP 1UG N . 5.37 -10.28 20.43
CAS 1UG N . 4.54 -11.93 20.21
CAY 1UG N . 3.19 -12.05 20.40
CAZ 1UG N . 2.20 -11.19 20.77
CAT 1UG N . 2.15 -9.88 21.09
OAB 1UG N . 3.13 -9.14 21.09
NAN 1UG N . 0.92 -9.28 21.44
CAQ 1UG N . -0.23 -10.04 21.47
NAA 1UG N . -1.38 -9.49 21.79
NAM 1UG N . -0.13 -11.34 21.15
CAW 1UG N . 1.05 -11.89 20.81
NAO 1UG N . 1.32 -13.15 20.47
CAV 1UG N . 2.62 -13.27 20.22
CAK 1UG N . 3.31 -14.36 19.84
CAF 1UG N . 4.68 -14.29 19.62
CAH 1UG N . 5.29 -13.05 19.80
N1 FOL O . 32.87 18.63 19.83
C2 FOL O . 32.43 17.55 19.13
NA2 FOL O . 31.11 17.32 18.95
N3 FOL O . 33.24 16.63 18.58
C4 FOL O . 34.57 16.72 18.67
O4 FOL O . 35.38 15.90 18.18
C4A FOL O . 35.12 17.83 19.40
N5 FOL O . 36.46 17.91 19.50
C6 FOL O . 36.97 18.92 20.15
C7 FOL O . 36.09 19.86 20.72
N8 FOL O . 34.72 19.83 20.67
C8A FOL O . 34.18 18.82 20.00
C9 FOL O . 38.50 19.01 20.26
N10 FOL O . 39.25 18.21 19.29
C11 FOL O . 39.85 19.28 15.30
C12 FOL O . 38.90 19.94 16.07
C13 FOL O . 38.71 19.58 17.41
C14 FOL O . 39.45 18.55 17.98
C15 FOL O . 40.40 17.88 17.21
C16 FOL O . 40.60 18.24 15.88
C FOL O . 40.01 19.71 13.88
O FOL O . 40.99 19.35 13.25
N FOL O . 39.07 20.45 13.30
CA FOL O . 39.11 20.94 11.92
CB FOL O . 38.74 19.81 10.93
CG FOL O . 37.26 19.48 10.74
CD FOL O . 37.16 18.19 9.92
OE1 FOL O . 38.01 17.27 10.06
OE2 FOL O . 36.21 18.10 9.09
CT FOL O . 38.22 22.16 11.73
O1 FOL O . 38.68 23.09 11.06
O2 FOL O . 37.06 22.21 12.25
PA NDP P . 41.61 21.40 29.27
O1A NDP P . 40.24 21.82 29.56
O2A NDP P . 42.05 21.28 27.88
O5B NDP P . 42.63 22.39 29.99
C5B NDP P . 43.01 22.29 31.37
C4B NDP P . 44.05 23.42 31.53
O4B NDP P . 43.43 24.65 31.04
C3B NDP P . 44.42 23.69 32.96
O3B NDP P . 45.56 22.93 33.29
C2B NDP P . 44.56 25.22 33.03
O2B NDP P . 45.81 25.72 32.50
C1B NDP P . 43.49 25.67 32.03
N9A NDP P . 42.17 25.88 32.67
C8A NDP P . 41.06 25.14 32.47
N7A NDP P . 40.01 25.58 33.19
C5A NDP P . 40.47 26.65 33.88
C6A NDP P . 39.87 27.58 34.85
N6A NDP P . 38.57 27.45 35.19
N1A NDP P . 40.67 28.55 35.34
C2A NDP P . 41.96 28.70 35.00
N3A NDP P . 42.55 27.87 34.12
C4A NDP P . 41.87 26.84 33.54
O3 NDP P . 42.09 20.07 30.04
PN NDP P . 41.28 18.68 30.28
O1N NDP P . 40.18 18.74 31.27
O2N NDP P . 42.34 17.62 30.36
O5D NDP P . 40.62 18.44 28.84
C5D NDP P . 41.40 17.87 27.78
C4D NDP P . 40.91 16.45 27.56
O4D NDP P . 39.59 16.54 27.02
C3D NDP P . 41.72 15.76 26.50
O3D NDP P . 41.64 14.37 26.73
C2D NDP P . 40.98 16.11 25.25
O2D NDP P . 41.36 15.26 24.19
C1D NDP P . 39.56 15.99 25.70
N1N NDP P . 38.60 16.76 24.94
C2N NDP P . 37.50 16.12 24.49
C3N NDP P . 36.52 16.78 23.78
C7N NDP P . 35.32 16.01 23.28
O7N NDP P . 34.38 16.61 22.81
N7N NDP P . 35.32 14.69 23.38
C4N NDP P . 36.64 18.26 23.47
C5N NDP P . 37.85 18.82 24.02
C6N NDP P . 38.76 18.05 24.72
P2B NDP P . 47.00 26.23 33.43
O1X NDP P . 47.97 26.79 32.44
O2X NDP P . 46.31 27.17 34.37
O3X NDP P . 47.63 25.05 34.16
N1 UMP Q . 36.34 -84.59 -41.10
C2 UMP Q . 36.59 -83.19 -40.91
N3 UMP Q . 37.77 -82.68 -41.23
C4 UMP Q . 38.74 -83.44 -41.72
C5 UMP Q . 38.54 -84.83 -41.92
C6 UMP Q . 37.31 -85.38 -41.58
O2 UMP Q . 35.74 -82.39 -40.46
O4 UMP Q . 39.81 -82.93 -42.00
C1' UMP Q . 35.07 -85.21 -40.76
C2' UMP Q . 33.90 -84.69 -41.54
C3' UMP Q . 32.90 -85.82 -41.45
C4' UMP Q . 33.71 -87.04 -41.11
O3' UMP Q . 32.14 -85.63 -40.28
O4' UMP Q . 35.09 -86.62 -41.04
C5' UMP Q . 33.40 -88.29 -41.95
O5' UMP Q . 33.50 -88.13 -43.32
P UMP Q . 32.26 -88.36 -44.35
OP1 UMP Q . 33.04 -89.00 -45.44
OP2 UMP Q . 31.76 -86.93 -44.61
OP3 UMP Q . 31.22 -89.25 -43.80
CAG 1UG R . 41.68 -83.96 -36.54
CAE 1UG R . 42.63 -83.81 -35.57
CAJ 1UG R . 42.54 -84.50 -34.37
CAU 1UG R . 41.50 -85.35 -34.13
CAI 1UG R . 41.52 -86.00 -32.88
CAC 1UG R . 40.51 -86.87 -32.57
CAD 1UG R . 39.53 -87.04 -33.52
CAL 1UG R . 39.50 -86.39 -34.77
CAX 1UG R . 40.52 -85.52 -35.11
CAR 1UG R . 40.61 -84.80 -36.34
SAP 1UG R . 39.50 -84.83 -37.71
CAS 1UG R . 40.37 -85.74 -39.07
CAY 1UG R . 39.83 -86.87 -39.58
CAZ 1UG R . 38.69 -87.58 -39.31
CAT 1UG R . 37.66 -87.44 -38.43
OAB 1UG R . 37.58 -86.51 -37.64
NAN 1UG R . 36.62 -88.36 -38.40
CAQ 1UG R . 36.64 -89.44 -39.28
NAA 1UG R . 35.65 -90.33 -39.26
NAM 1UG R . 37.67 -89.54 -40.13
CAW 1UG R . 38.67 -88.64 -40.14
NAO 1UG R . 39.75 -88.59 -40.91
CAV 1UG R . 40.47 -87.52 -40.58
CAK 1UG R . 41.64 -87.09 -41.10
CAF 1UG R . 42.23 -85.94 -40.61
CAH 1UG R . 41.59 -85.25 -39.59
N1 FOL S . 46.95 -49.25 -19.05
C2 FOL S . 47.12 -49.88 -20.24
NA2 FOL S . 46.09 -50.52 -20.85
N3 FOL S . 48.28 -49.92 -20.91
C4 FOL S . 49.40 -49.33 -20.44
O4 FOL S . 50.50 -49.35 -21.01
C4A FOL S . 49.31 -48.63 -19.17
N5 FOL S . 50.42 -48.05 -18.70
C6 FOL S . 50.35 -47.42 -17.55
C7 FOL S . 49.09 -47.39 -16.89
N8 FOL S . 47.92 -47.99 -17.33
C8A FOL S . 47.99 -48.62 -18.49
C9 FOL S . 51.59 -46.73 -16.97
N10 FOL S . 52.66 -46.35 -17.91
C11 FOL S . 52.38 -43.47 -20.93
C12 FOL S . 51.23 -43.96 -20.32
C13 FOL S . 51.33 -44.92 -19.30
C14 FOL S . 52.58 -45.40 -18.90
C15 FOL S . 53.73 -44.92 -19.51
C16 FOL S . 53.63 -43.96 -20.53
C FOL S . 52.17 -42.45 -22.01
O FOL S . 53.06 -41.70 -22.34
N FOL S . 50.97 -42.42 -22.60
CA FOL S . 50.55 -41.53 -23.69
CB FOL S . 50.26 -42.37 -24.94
CG FOL S . 50.96 -41.95 -26.21
CD FOL S . 49.90 -41.91 -27.33
OE1 FOL S . 49.72 -42.91 -28.08
OE2 FOL S . 49.23 -40.86 -27.47
CT FOL S . 49.31 -40.75 -23.29
O1 FOL S . 49.28 -39.55 -23.64
O2 FOL S . 48.37 -41.31 -22.67
PA NDP T . 52.00 -48.10 -7.33
O1A NDP T . 50.78 -48.70 -6.83
O2A NDP T . 51.98 -47.34 -8.60
O5B NDP T . 52.62 -47.15 -6.22
C5B NDP T . 52.91 -47.63 -4.90
C4B NDP T . 53.09 -46.38 -4.02
O4B NDP T . 51.91 -45.53 -4.16
C3B NDP T . 53.12 -46.77 -2.55
O3B NDP T . 54.46 -47.05 -2.20
C2B NDP T . 52.48 -45.57 -1.89
O2B NDP T . 53.33 -44.40 -2.01
C1B NDP T . 51.36 -45.26 -2.87
N9A NDP T . 50.13 -46.04 -2.65
C8A NDP T . 49.61 -46.95 -3.49
N7A NDP T . 48.48 -47.50 -3.02
C5A NDP T . 48.25 -46.92 -1.83
C6A NDP T . 47.23 -47.05 -0.80
N6A NDP T . 46.20 -47.92 -0.97
N1A NDP T . 47.34 -46.27 0.31
C2A NDP T . 48.36 -45.40 0.48
N3A NDP T . 49.33 -45.25 -0.43
C4A NDP T . 49.33 -45.96 -1.59
O3 NDP T . 53.25 -49.11 -7.41
PN NDP T . 53.20 -50.66 -7.88
O1N NDP T . 52.04 -51.43 -7.39
O2N NDP T . 54.61 -51.16 -7.74
O5D NDP T . 53.03 -50.51 -9.46
C5D NDP T . 54.09 -49.98 -10.27
C4D NDP T . 54.54 -51.08 -11.22
O4D NDP T . 53.40 -51.44 -11.98
C3D NDP T . 55.53 -50.56 -12.22
O3D NDP T . 56.28 -51.68 -12.69
C2D NDP T . 54.65 -50.06 -13.31
O2D NDP T . 55.36 -49.88 -14.51
C1D NDP T . 53.60 -51.11 -13.36
N1N NDP T . 52.31 -50.70 -13.88
C2N NDP T . 51.76 -51.46 -14.85
C3N NDP T . 50.54 -51.14 -15.40
C7N NDP T . 49.96 -52.02 -16.48
O7N NDP T . 48.80 -51.91 -16.78
N7N NDP T . 50.76 -52.92 -17.06
C4N NDP T . 49.77 -49.93 -14.92
C5N NDP T . 50.48 -49.20 -13.89
C6N NDP T . 51.70 -49.62 -13.43
P2B NDP T . 54.31 -43.84 -0.90
O1X NDP T . 54.91 -42.66 -1.59
O2X NDP T . 53.40 -43.59 0.25
O3X NDP T . 55.40 -44.87 -0.60
N1 UMP U . 34.26 -66.32 -66.64
C2 UMP U . 33.17 -66.35 -65.71
N3 UMP U . 32.28 -67.33 -65.77
C4 UMP U . 32.38 -68.30 -66.68
C5 UMP U . 33.44 -68.31 -67.60
C6 UMP U . 34.37 -67.28 -67.56
O2 UMP U . 32.98 -65.49 -64.81
O4 UMP U . 31.53 -69.19 -66.69
C1' UMP U . 35.28 -65.29 -66.64
C2' UMP U . 36.03 -65.14 -65.34
C3' UMP U . 37.40 -64.66 -65.78
C4' UMP U . 37.58 -65.34 -67.11
O3' UMP U . 37.26 -63.30 -66.17
O4' UMP U . 36.26 -65.57 -67.66
C5' UMP U . 38.55 -66.53 -67.13
O5' UMP U . 39.89 -66.21 -67.19
P UMP U . 41.00 -66.95 -66.24
OP1 UMP U . 41.05 -68.24 -66.96
OP2 UMP U . 40.29 -66.96 -64.88
OP3 UMP U . 42.30 -66.25 -66.23
CAG 1UG V . 27.84 -64.90 -70.32
CAE 1UG V . 26.83 -64.22 -70.94
CAJ 1UG V . 27.06 -63.42 -72.04
CAU 1UG V . 28.33 -63.30 -72.55
CAI 1UG V . 28.45 -62.47 -73.67
CAC 1UG V . 29.68 -62.29 -74.24
CAD 1UG V . 30.72 -62.97 -73.64
CAL 1UG V . 30.62 -63.81 -72.52
CAX 1UG V . 29.38 -64.00 -71.93
CAR 1UG V . 29.13 -64.83 -70.80
SAP 1UG V . 30.21 -65.80 -69.79
CAS 1UG V . 31.58 -66.70 -70.68
CAY 1UG V . 32.85 -66.21 -70.68
CAZ 1UG V . 33.45 -65.10 -70.15
CAT 1UG V . 33.02 -64.05 -69.41
OAB 1UG V . 31.85 -63.90 -69.05
NAN 1UG V . 33.90 -63.04 -69.02
CAQ 1UG V . 35.24 -63.13 -69.39
NAA 1UG V . 36.10 -62.19 -69.03
NAM 1UG V . 35.62 -64.19 -70.13
CAW 1UG V . 34.75 -65.15 -70.49
NAO 1UG V . 34.97 -66.24 -71.20
CAV 1UG V . 33.82 -66.91 -71.33
CAK 1UG V . 33.59 -68.07 -71.98
CAF 1UG V . 32.31 -68.62 -72.01
CAH 1UG V . 31.31 -67.92 -71.34
N1 FOL W . -4.20 -54.58 -52.50
C2 FOL W . -3.39 -55.65 -52.66
NA2 FOL W . -2.06 -55.54 -52.53
N3 FOL W . -3.82 -56.89 -52.97
C4 FOL W . -5.12 -57.15 -53.15
O4 FOL W . -5.59 -58.27 -53.44
C4A FOL W . -6.06 -56.07 -52.99
N5 FOL W . -7.37 -56.34 -53.16
C6 FOL W . -8.23 -55.35 -53.02
C7 FOL W . -7.73 -54.08 -52.69
N8 FOL W . -6.41 -53.74 -52.51
C8A FOL W . -5.53 -54.72 -52.65
C9 FOL W . -9.71 -55.66 -53.22
N10 FOL W . -10.07 -57.08 -53.16
C11 FOL W . -10.51 -59.27 -49.63
C12 FOL W . -9.84 -58.05 -49.62
C13 FOL W . -9.70 -57.32 -50.80
C14 FOL W . -10.22 -57.81 -52.01
C15 FOL W . -10.89 -59.03 -52.02
C16 FOL W . -11.04 -59.76 -50.83
C FOL W . -10.63 -60.00 -48.33
O FOL W . -11.44 -60.90 -48.21
N FOL W . -9.83 -59.67 -47.31
CA FOL W . -9.83 -60.29 -45.99
CB FOL W . -9.03 -61.63 -46.04
CG FOL W . -7.51 -61.57 -45.93
CD FOL W . -6.97 -62.98 -46.16
OE1 FOL W . -7.49 -63.75 -47.01
OE2 FOL W . -5.97 -63.36 -45.47
CT FOL W . -9.30 -59.36 -44.93
O1 FOL W . -9.93 -59.33 -43.85
O2 FOL W . -8.27 -58.65 -45.11
PA NDP X . -14.44 -48.77 -58.33
O1A NDP X . -13.21 -48.04 -58.03
O2A NDP X . -14.82 -49.92 -57.49
O5B NDP X . -15.66 -47.77 -58.30
C5B NDP X . -16.28 -47.21 -59.49
C4B NDP X . -17.58 -46.59 -58.94
O4B NDP X . -17.25 -45.89 -57.69
C3B NDP X . -18.14 -45.50 -59.84
O3B NDP X . -19.04 -46.09 -60.75
C2B NDP X . -18.73 -44.48 -58.86
O2B NDP X . -20.01 -44.90 -58.29
C1B NDP X . -17.72 -44.55 -57.70
N9A NDP X . -16.60 -43.60 -57.89
C8A NDP X . -15.33 -43.91 -58.17
N7A NDP X . -14.53 -42.83 -58.27
C5A NDP X . -15.34 -41.77 -58.06
C6A NDP X . -15.14 -40.32 -58.03
N6A NDP X . -13.92 -39.79 -58.25
N1A NDP X . -16.23 -39.54 -57.77
C2A NDP X . -17.46 -40.06 -57.55
N3A NDP X . -17.68 -41.39 -57.57
C4A NDP X . -16.69 -42.28 -57.81
O3 NDP X . -14.60 -49.23 -59.87
PN NDP X . -13.47 -49.79 -60.91
O1N NDP X . -12.56 -48.77 -61.47
O2N NDP X . -14.21 -50.76 -61.79
O5D NDP X . -12.59 -50.75 -59.98
C5D NDP X . -13.06 -52.06 -59.67
C4D NDP X . -12.20 -53.06 -60.43
O4D NDP X . -10.89 -53.02 -59.86
C3D NDP X . -12.68 -54.47 -60.20
O3D NDP X . -12.25 -55.25 -61.29
C2D NDP X . -11.93 -54.87 -58.97
O2D NDP X . -11.96 -56.26 -58.80
C1D NDP X . -10.58 -54.28 -59.26
N1N NDP X . -9.77 -53.99 -58.09
C2N NDP X . -8.50 -54.40 -58.10
C3N NDP X . -7.65 -54.15 -57.03
C7N NDP X . -6.22 -54.64 -57.07
O7N NDP X . -5.46 -54.26 -56.22
N7N NDP X . -5.86 -55.45 -58.06
C4N NDP X . -8.15 -53.39 -55.82
C5N NDP X . -9.54 -53.01 -55.95
C6N NDP X . -10.27 -53.31 -57.07
P2B NDP X . -21.39 -44.27 -58.77
O1X NDP X . -22.39 -44.96 -57.89
O2X NDP X . -21.18 -42.80 -58.58
O3X NDP X . -21.64 -44.61 -60.23
N1 UMP Y . -55.98 24.02 -54.69
C2 UMP Y . -55.26 23.03 -55.46
N3 UMP Y . -54.50 23.41 -56.47
C4 UMP Y . -54.39 24.70 -56.80
C5 UMP Y . -55.07 25.69 -56.07
C6 UMP Y . -55.88 25.32 -55.01
O2 UMP Y . -55.32 21.80 -55.23
O4 UMP Y . -53.66 25.01 -57.73
C1' UMP Y . -56.85 23.67 -53.58
C2' UMP Y . -56.19 22.90 -52.46
C3' UMP Y . -57.10 23.19 -51.27
C4' UMP Y . -57.85 24.44 -51.64
O3' UMP Y . -58.13 22.21 -51.26
O4' UMP Y . -57.38 24.84 -52.93
C5' UMP Y . -57.90 25.51 -50.55
O5' UMP Y . -56.67 25.94 -50.07
P UMP Y . -56.21 25.83 -48.51
OP1 UMP Y . -55.44 24.56 -48.60
OP2 UMP Y . -55.42 27.13 -48.31
OP3 UMP Y . -57.37 25.70 -47.59
CAG 1UG Z . -58.34 24.72 -61.50
CAE 1UG Z . -59.16 24.65 -62.60
CAJ 1UG Z . -60.55 24.74 -62.50
CAU 1UG Z . -61.14 24.91 -61.28
CAI 1UG Z . -62.53 25.00 -61.27
CAC 1UG Z . -63.19 25.16 -60.07
CAD 1UG Z . -62.39 25.23 -58.95
CAL 1UG Z . -60.99 25.14 -58.94
CAX 1UG Z . -60.31 24.98 -60.13
CAR 1UG Z . -58.90 24.89 -60.25
SAP 1UG Z . -57.70 24.93 -58.96
CAS 1UG Z . -57.86 26.55 -58.06
CAY 1UG Z . -58.48 26.59 -56.85
CAZ 1UG Z . -59.07 25.66 -56.05
CAT 1UG Z . -59.29 24.32 -56.13
OAB 1UG Z . -58.92 23.64 -57.10
NAN 1UG Z . -59.95 23.64 -55.11
CAQ 1UG Z . -60.40 24.34 -54.00
NAA 1UG Z . -61.03 23.71 -53.04
NAM 1UG Z . -60.17 25.65 -53.96
CAW 1UG Z . -59.52 26.31 -54.96
NAO 1UG Z . -59.22 27.59 -55.06
CAV 1UG Z . -58.58 27.79 -56.21
CAK 1UG Z . -58.09 28.94 -56.73
CAF 1UG Z . -57.45 28.94 -57.96
CAH 1UG Z . -57.33 27.73 -58.62
N1 FOL AA . -52.58 -5.05 -86.14
C2 FOL AA . -51.94 -4.04 -85.52
NA2 FOL AA . -52.00 -3.85 -84.19
N3 FOL AA . -51.19 -3.13 -86.18
C4 FOL AA . -51.02 -3.15 -87.51
O4 FOL AA . -50.35 -2.34 -88.16
C4A FOL AA . -51.69 -4.21 -88.24
N5 FOL AA . -51.53 -4.25 -89.58
C6 FOL AA . -52.13 -5.22 -90.24
C7 FOL AA . -52.90 -6.14 -89.51
N8 FOL AA . -53.10 -6.15 -88.13
C8A FOL AA . -52.50 -5.18 -87.46
C9 FOL AA . -51.98 -5.30 -91.76
N10 FOL AA . -50.80 -4.65 -92.36
C11 FOL AA . -46.85 -5.85 -91.83
C12 FOL AA . -47.84 -6.31 -90.98
C13 FOL AA . -49.17 -5.92 -91.17
C14 FOL AA . -49.50 -5.04 -92.20
C15 FOL AA . -48.49 -4.57 -93.05
C16 FOL AA . -47.17 -4.98 -92.87
C FOL AA . -45.45 -6.34 -91.54
O FOL AA . -44.58 -6.28 -92.39
N FOL AA . -45.19 -6.81 -90.31
CA FOL AA . -43.92 -7.30 -89.81
CB FOL AA . -43.41 -6.35 -88.71
CG FOL AA . -41.98 -5.86 -88.86
CD FOL AA . -41.29 -6.04 -87.51
OE1 FOL AA . -41.25 -5.08 -86.67
OE2 FOL AA . -40.77 -7.16 -87.26
CT FOL AA . -44.06 -8.69 -89.23
O1 FOL AA . -43.16 -9.52 -89.51
O2 FOL AA . -45.06 -9.00 -88.50
PA NDP BA . -60.45 -7.52 -95.99
O1A NDP BA . -61.45 -7.93 -95.02
O2A NDP BA . -59.03 -7.62 -95.68
O5B NDP BA . -60.70 -8.29 -97.36
C5B NDP BA . -61.99 -8.26 -98.00
C4B NDP BA . -61.99 -9.46 -98.99
O4B NDP BA . -61.68 -10.68 -98.26
C3B NDP BA . -63.37 -9.67 -99.55
O3B NDP BA . -63.49 -8.89 -100.71
C2B NDP BA . -63.41 -11.18 -99.74
O2B NDP BA . -62.51 -11.59 -100.80
C1B NDP BA . -62.68 -11.66 -98.49
N9A NDP BA . -63.54 -11.83 -97.31
C8A NDP BA . -63.44 -11.14 -96.15
N7A NDP BA . -64.36 -11.52 -95.24
C5A NDP BA . -65.08 -12.49 -95.83
C6A NDP BA . -66.22 -13.32 -95.42
N6A NDP BA . -66.75 -13.17 -94.19
N1A NDP BA . -66.70 -14.22 -96.32
C2A NDP BA . -66.16 -14.37 -97.55
N3A NDP BA . -65.13 -13.64 -97.97
C4A NDP BA . -64.55 -12.69 -97.18
O3 NDP BA . -60.71 -6.04 -96.58
PN NDP BA . -61.19 -4.71 -95.78
O1N NDP BA . -62.26 -4.94 -94.79
O2N NDP BA . -61.27 -3.62 -96.82
O5D NDP BA . -59.86 -4.33 -94.97
C5D NDP BA . -58.70 -3.90 -95.66
C4D NDP BA . -58.41 -2.47 -95.21
O4D NDP BA . -58.21 -2.52 -93.80
C3D NDP BA . -57.11 -1.95 -95.76
O3D NDP BA . -57.18 -0.55 -95.73
C2D NDP BA . -56.13 -2.45 -94.76
O2D NDP BA . -54.90 -1.79 -94.89
C1D NDP BA . -56.85 -2.18 -93.48
N1N NDP BA . -56.49 -3.00 -92.35
C2N NDP BA . -56.24 -2.39 -91.18
C3N NDP BA . -55.88 -3.10 -90.05
C7N NDP BA . -55.62 -2.36 -88.76
O7N NDP BA . -55.49 -2.99 -87.74
N7N NDP BA . -55.53 -1.02 -88.80
C4N NDP BA . -55.75 -4.60 -90.09
C5N NDP BA . -56.04 -5.14 -91.41
C6N NDP BA . -56.39 -4.32 -92.45
P2B NDP BA . -62.90 -11.83 -102.32
O1X NDP BA . -61.58 -12.17 -102.92
O2X NDP BA . -63.94 -12.92 -102.23
O3X NDP BA . -63.43 -10.55 -102.95
N1 UMP CA . -25.78 18.35 -48.19
C2 UMP CA . -26.73 17.41 -47.66
N3 UMP CA . -27.38 17.69 -46.56
C4 UMP CA . -27.18 18.84 -45.90
C5 UMP CA . -26.26 19.78 -46.38
C6 UMP CA . -25.56 19.50 -47.55
O2 UMP CA . -26.99 16.31 -48.21
O4 UMP CA . -27.81 19.05 -44.88
C1' UMP CA . -25.03 18.11 -49.41
C2' UMP CA . -25.87 18.00 -50.66
C3' UMP CA . -24.94 18.49 -51.75
C4' UMP CA . -24.13 19.55 -51.04
O3' UMP CA . -23.96 17.49 -51.96
O4' UMP CA . -24.10 19.18 -49.65
C5' UMP CA . -24.51 21.00 -51.37
O5' UMP CA . -24.03 21.50 -52.55
P UMP CA . -24.98 22.33 -53.61
OP1 UMP CA . -26.13 21.39 -53.62
OP2 UMP CA . -25.22 23.65 -52.87
OP3 UMP CA . -24.35 22.50 -54.93
CAG 1UG DA . -23.95 16.72 -41.96
CAE 1UG DA . -23.53 16.36 -40.71
CAJ 1UG DA . -22.26 15.86 -40.48
CAU 1UG DA . -21.36 15.72 -41.50
CAI 1UG DA . -20.09 15.21 -41.16
CAC 1UG DA . -19.15 15.05 -42.14
CAD 1UG DA . -19.53 15.40 -43.41
CAL 1UG DA . -20.79 15.91 -43.77
CAX 1UG DA . -21.77 16.08 -42.80
CAR 1UG DA . -23.08 16.59 -43.03
SAP 1UG DA . -23.82 17.11 -44.54
CAS 1UG DA . -23.37 18.88 -44.79
CAY 1UG DA . -22.71 19.25 -45.92
CAZ 1UG DA . -22.27 18.59 -47.02
CAT 1UG DA . -22.30 17.29 -47.42
OAB 1UG DA . -22.81 16.40 -46.76
NAN 1UG DA . -21.75 16.90 -48.64
CAQ 1UG DA . -21.15 17.87 -49.44
NAA 1UG DA . -20.62 17.50 -50.60
NAM 1UG DA . -21.13 19.14 -49.01
CAW 1UG DA . -21.68 19.48 -47.83
NAO 1UG DA . -21.76 20.68 -47.27
CAV 1UG DA . -22.39 20.56 -46.09
CAK 1UG DA . -22.68 21.51 -45.18
CAF 1UG DA . -23.35 21.18 -44.00
CAH 1UG DA . -23.70 19.84 -43.82
N1 FOL EA . -38.88 -16.51 -27.47
C2 FOL EA . -39.13 -15.19 -27.66
NA2 FOL EA . -38.92 -14.58 -28.83
N3 FOL EA . -39.62 -14.38 -26.69
C4 FOL EA . -39.89 -14.82 -25.46
O4 FOL EA . -40.34 -14.13 -24.53
C4A FOL EA . -39.64 -16.22 -25.18
N5 FOL EA . -39.92 -16.66 -23.94
C6 FOL EA . -39.70 -17.93 -23.67
C7 FOL EA . -39.19 -18.75 -24.70
N8 FOL EA . -38.89 -18.34 -25.99
C8A FOL EA . -39.11 -17.07 -26.27
C9 FOL EA . -40.00 -18.44 -22.26
N10 FOL EA . -40.91 -17.61 -21.47
C11 FOL EA . -45.06 -17.46 -21.89
C12 FOL EA . -44.27 -18.00 -22.90
C13 FOL EA . -42.88 -18.05 -22.75
C14 FOL EA . -42.28 -17.56 -21.61
C15 FOL EA . -43.06 -17.00 -20.60
C16 FOL EA . -44.46 -16.95 -20.74
C FOL EA . -46.54 -17.42 -22.11
O FOL EA . -47.29 -17.21 -21.18
N FOL EA . -47.02 -17.61 -23.35
CA FOL EA . -48.44 -17.61 -23.71
CB FOL EA . -48.95 -16.16 -23.85
CG FOL EA . -48.70 -15.43 -25.18
CD FOL EA . -49.15 -13.97 -25.03
OE1 FOL EA . -48.99 -13.36 -23.93
OE2 FOL EA . -49.69 -13.41 -26.01
CT FOL EA . -48.68 -18.43 -24.96
O1 FOL EA . -49.68 -19.20 -24.94
O2 FOL EA . -47.91 -18.36 -25.96
PA NDP FA . -33.06 -24.30 -18.60
O1A NDP FA . -32.58 -24.40 -19.97
O2A NDP FA . -34.45 -23.89 -18.35
O5B NDP FA . -32.87 -25.68 -17.86
C5B NDP FA . -31.65 -26.10 -17.23
C4B NDP FA . -32.03 -27.45 -16.59
O4B NDP FA . -32.65 -28.26 -17.65
C3B NDP FA . -30.83 -28.24 -16.12
O3B NDP FA . -30.60 -27.93 -14.77
C2B NDP FA . -31.21 -29.69 -16.44
O2B NDP FA . -32.12 -30.28 -15.48
C1B NDP FA . -31.99 -29.52 -17.74
N9A NDP FA . -31.13 -29.58 -18.94
C8A NDP FA . -30.83 -28.55 -19.77
N7A NDP FA . -30.02 -28.91 -20.78
C5A NDP FA . -29.77 -30.22 -20.60
C6A NDP FA . -28.99 -31.24 -21.32
N6A NDP FA . -28.30 -30.89 -22.43
N1A NDP FA . -28.99 -32.50 -20.82
C2A NDP FA . -29.68 -32.84 -19.71
N3A NDP FA . -30.42 -31.96 -19.02
C4A NDP FA . -30.50 -30.65 -19.41
O3 NDP FA . -32.12 -23.46 -17.61
PN NDP FA . -31.33 -22.05 -17.86
O1N NDP FA . -30.15 -22.12 -18.74
O2N NDP FA . -31.27 -21.41 -16.50
O5D NDP FA . -32.44 -21.19 -18.62
C5D NDP FA . -33.50 -20.56 -17.89
C4D NDP FA . -33.25 -19.06 -17.91
O4D NDP FA . -33.42 -18.63 -19.26
C3D NDP FA . -34.30 -18.32 -17.13
O3D NDP FA . -33.73 -17.12 -16.64
C2D NDP FA . -35.33 -18.00 -18.16
O2D NDP FA . -36.18 -16.96 -17.72
C1D NDP FA . -34.49 -17.68 -19.35
N1N NDP FA . -35.13 -17.90 -20.64
C2N NDP FA . -35.09 -16.90 -21.53
C3N NDP FA . -35.66 -17.02 -22.78
C7N NDP FA . -35.59 -15.86 -23.76
O7N NDP FA . -35.97 -16.03 -24.90
N7N NDP FA . -35.09 -14.70 -23.34
C4N NDP FA . -36.36 -18.29 -23.19
C5N NDP FA . -36.33 -19.29 -22.14
C6N NDP FA . -35.72 -19.04 -20.93
P2B NDP FA . -31.65 -31.31 -14.36
O1X NDP FA . -32.95 -31.66 -13.69
O2X NDP FA . -30.96 -32.37 -15.15
O3X NDP FA . -30.70 -30.64 -13.41
N1 UMP GA . 18.23 65.90 109.32
C2 UMP GA . 17.95 64.50 109.13
N3 UMP GA . 17.22 63.85 110.00
C4 UMP GA . 16.73 64.46 111.08
C5 UMP GA . 16.97 65.83 111.31
C6 UMP GA . 17.74 66.52 110.39
O2 UMP GA . 18.37 63.83 108.15
O4 UMP GA . 16.05 63.81 111.87
C1' UMP GA . 19.03 66.67 108.38
C2' UMP GA . 18.48 66.74 106.98
C3' UMP GA . 19.10 68.02 106.43
C4' UMP GA . 19.51 68.80 107.65
O3' UMP GA . 20.34 67.69 105.86
O4' UMP GA . 19.13 68.05 108.81
C5' UMP GA . 19.09 70.30 107.63
O5' UMP GA . 17.75 70.53 107.46
P UMP GA . 17.13 71.38 106.21
OP1 UMP GA . 16.77 70.23 105.34
OP2 UMP GA . 15.98 72.13 106.88
OP3 UMP GA . 18.12 72.26 105.58
CAG 1UG HA . 20.64 62.47 114.97
CAE 1UG HA . 21.36 61.87 115.96
CAJ 1UG HA . 22.69 62.18 116.21
CAU 1UG HA . 23.33 63.13 115.46
CAI 1UG HA . 24.66 63.38 115.79
CAC 1UG HA . 25.37 64.32 115.08
CAD 1UG HA . 24.67 64.95 114.07
CAL 1UG HA . 23.34 64.72 113.72
CAX 1UG HA . 22.61 63.77 114.44
CAR 1UG HA . 21.25 63.45 114.19
SAP 1UG HA . 20.16 64.10 112.97
CAS 1UG HA . 19.66 65.78 113.55
CAY 1UG HA . 20.06 66.88 112.87
CAZ 1UG HA . 20.83 67.07 111.77
CAT 1UG HA . 21.48 66.25 110.90
OAB 1UG HA . 21.48 65.03 111.00
NAN 1UG HA . 22.20 66.78 109.83
CAQ 1UG HA . 22.24 68.15 109.64
NAA 1UG HA . 22.92 68.65 108.63
NAM 1UG HA . 21.59 68.93 110.52
CAW 1UG HA . 20.90 68.40 111.55
NAO 1UG HA . 20.21 69.02 112.50
CAV 1UG HA . 19.69 68.10 113.32
CAK 1UG HA . 18.92 68.28 114.41
CAF 1UG HA . 18.47 67.19 115.14
CAH 1UG HA . 18.85 65.93 114.70
N1 FOL IA . 26.97 23.85 111.55
C2 FOL IA . 25.99 24.76 111.73
NA2 FOL IA . 25.85 25.81 110.90
N3 FOL IA . 25.11 24.72 112.74
C4 FOL IA . 25.12 23.75 113.66
O4 FOL IA . 24.32 23.66 114.62
C4A FOL IA . 26.14 22.72 113.54
N5 FOL IA . 26.16 21.74 114.46
C6 FOL IA . 27.08 20.81 114.36
C7 FOL IA . 27.98 20.90 113.28
N8 FOL IA . 28.01 21.88 112.30
C8A FOL IA . 27.09 22.83 112.41
C9 FOL IA . 27.12 19.68 115.39
N10 FOL IA . 25.88 19.41 116.13
C11 FOL IA . 22.41 17.76 114.47
C12 FOL IA . 23.36 18.37 113.67
C13 FOL IA . 24.53 18.91 114.24
C14 FOL IA . 24.73 18.86 115.61
C15 FOL IA . 23.78 18.24 116.42
C16 FOL IA . 22.63 17.70 115.86
C FOL IA . 21.21 17.21 113.77
O FOL IA . 20.49 16.37 114.28
N FOL IA . 20.94 17.71 112.55
CA FOL IA . 19.82 17.36 111.67
CB FOL IA . 18.96 18.62 111.45
CG FOL IA . 17.47 18.47 111.73
CD FOL IA . 16.70 19.08 110.56
OE1 FOL IA . 16.31 20.29 110.59
OE2 FOL IA . 16.49 18.36 109.55
CT FOL IA . 20.31 16.86 110.33
O1 FOL IA . 19.67 15.93 109.80
O2 FOL IA . 21.32 17.38 109.77
PA NDP JA . 36.35 17.66 117.98
O1A NDP JA . 37.34 18.37 117.17
O2A NDP JA . 35.01 17.39 117.44
O5B NDP JA . 36.95 16.28 118.47
C5B NDP JA . 38.25 16.21 119.09
C4B NDP JA . 38.72 14.75 118.93
O4B NDP JA . 38.69 14.40 117.50
C3B NDP JA . 40.17 14.63 119.32
O3B NDP JA . 40.20 14.35 120.70
C2B NDP JA . 40.67 13.52 118.41
O2B NDP JA . 40.06 12.26 118.78
C1B NDP JA . 39.95 13.87 117.11
N9A NDP JA . 40.69 14.83 116.26
C8A NDP JA . 40.28 16.08 115.96
N7A NDP JA . 41.16 16.72 115.16
C5A NDP JA . 42.17 15.86 114.95
C6A NDP JA . 43.41 15.90 114.19
N6A NDP JA . 43.75 17.02 113.51
N1A NDP JA . 44.20 14.78 114.21
C2A NDP JA . 43.86 13.67 114.89
N3A NDP JA . 42.73 13.59 115.59
C4A NDP JA . 41.86 14.62 115.66
O3 NDP JA . 36.15 18.29 119.44
PN NDP JA . 36.16 19.88 119.82
O1N NDP JA . 37.16 20.68 119.09
O2N NDP JA . 36.03 19.93 121.32
O5D NDP JA . 34.72 20.33 119.30
C5D NDP JA . 33.53 19.83 119.94
C4D NDP JA . 32.82 21.02 120.55
O4D NDP JA . 32.49 21.91 119.50
C3D NDP JA . 31.51 20.62 121.15
O3D NDP JA . 31.16 21.57 122.13
C2D NDP JA . 30.58 20.73 119.99
O2D NDP JA . 29.24 20.75 120.39
C1D NDP JA . 31.06 21.99 119.34
N1N NDP JA . 30.80 22.10 117.91
C2N NDP JA . 30.22 23.23 117.48
C3N NDP JA . 29.94 23.43 116.14
C7N NDP JA . 29.28 24.72 115.70
O7N NDP JA . 29.24 24.98 114.52
N7N NDP JA . 28.78 25.52 116.62
C4N NDP JA . 30.28 22.36 115.12
C5N NDP JA . 30.89 21.20 115.72
C6N NDP JA . 31.12 21.13 117.08
P2B NDP JA . 40.66 11.21 119.80
O1X NDP JA . 39.54 10.23 119.95
O2X NDP JA . 41.90 10.74 119.10
O3X NDP JA . 40.94 11.86 121.15
N1 UMP KA . -9.70 57.96 97.22
C2 UMP KA . -8.58 57.96 96.34
N3 UMP KA . -8.15 59.10 95.82
C4 UMP KA . -8.75 60.26 96.09
C5 UMP KA . -9.88 60.30 96.96
C6 UMP KA . -10.33 59.11 97.52
O2 UMP KA . -7.93 56.93 96.02
O4 UMP KA . -8.33 61.29 95.60
C1' UMP KA . -10.23 56.75 97.83
C2' UMP KA . -9.24 56.02 98.71
C3' UMP KA . -10.13 55.36 99.75
C4' UMP KA . -11.24 56.36 99.92
O3' UMP KA . -10.79 54.29 99.13
O4' UMP KA . -11.35 57.09 98.68
C5' UMP KA . -11.21 57.19 101.22
O5' UMP KA . -11.66 56.56 102.36
P UMP KA . -10.87 56.66 103.78
OP1 UMP KA . -9.51 56.32 103.28
OP2 UMP KA . -11.10 58.12 104.19
OP3 UMP KA . -11.36 55.69 104.79
CAG 1UG LA . -11.47 58.97 90.38
CAE 1UG LA . -11.90 58.52 89.16
CAJ 1UG LA . -13.24 58.34 88.90
CAU 1UG LA . -14.18 58.59 89.86
CAI 1UG LA . -15.51 58.37 89.48
CAC 1UG LA . -16.51 58.60 90.39
CAD 1UG LA . -16.11 59.06 91.62
CAL 1UG LA . -14.78 59.28 92.02
CAX 1UG LA . -13.75 59.05 91.13
CAR 1UG LA . -12.37 59.25 91.39
SAP 1UG LA . -11.50 59.79 92.83
CAS 1UG LA . -12.54 60.52 94.19
CAY 1UG LA . -13.04 59.74 95.18
CAZ 1UG LA . -13.00 58.40 95.48
CAT 1UG LA . -12.43 57.31 94.89
OAB 1UG LA . -11.76 57.37 93.86
NAN 1UG LA . -12.59 56.04 95.46
CAQ 1UG LA . -13.32 55.90 96.63
NAA 1UG LA . -13.48 54.70 97.18
NAM 1UG LA . -13.87 57.00 97.17
CAW 1UG LA . -13.71 58.21 96.60
NAO 1UG LA . -14.18 59.38 97.01
CAV 1UG LA . -13.79 60.32 96.16
CAK 1UG LA . -14.04 61.65 96.21
CAF 1UG LA . -13.54 62.49 95.22
CAH 1UG LA . -12.78 61.91 94.21
N1 FOL MA . 10.35 52.60 60.01
C2 FOL MA . 10.23 53.44 61.07
NA2 FOL MA . 9.99 52.99 62.31
N3 FOL MA . 10.34 54.78 60.98
C4 FOL MA . 10.58 55.40 59.83
O4 FOL MA . 10.70 56.63 59.67
C4A FOL MA . 10.72 54.58 58.64
N5 FOL MA . 10.97 55.20 57.47
C6 FOL MA . 11.09 54.45 56.40
C7 FOL MA . 10.97 53.06 56.53
N8 FOL MA . 10.72 52.37 57.69
C8A FOL MA . 10.59 53.10 58.79
C9 FOL MA . 11.36 55.17 55.07
N10 FOL MA . 11.90 56.54 55.18
C11 FOL MA . 15.84 57.50 56.12
C12 FOL MA . 15.37 56.22 56.33
C13 FOL MA . 14.04 55.89 56.01
C14 FOL MA . 13.19 56.86 55.48
C15 FOL MA . 13.65 58.16 55.28
C16 FOL MA . 14.98 58.49 55.60
C FOL MA . 17.27 57.80 56.49
O FOL MA . 17.78 58.82 56.11
N FOL MA . 17.94 56.93 57.25
CA FOL MA . 19.33 57.08 57.67
CB FOL MA . 19.44 58.12 58.83
CG FOL MA . 19.02 57.66 60.24
CD FOL MA . 19.04 58.90 61.15
OE1 FOL MA . 18.61 60.01 60.74
OE2 FOL MA . 19.51 58.76 62.31
CT FOL MA . 19.95 55.75 58.03
O1 FOL MA . 21.09 55.51 57.56
O2 FOL MA . 19.36 54.92 58.77
PA NDP NA . 5.96 51.71 47.63
O1A NDP NA . 5.71 50.62 48.56
O2A NDP NA . 7.12 52.57 47.83
O5B NDP NA . 6.06 51.13 46.16
C5B NDP NA . 5.01 51.16 45.18
C4B NDP NA . 5.73 50.77 43.88
O4B NDP NA . 6.64 49.66 44.20
C3B NDP NA . 4.80 50.23 42.81
O3B NDP NA . 4.38 51.28 41.98
C2B NDP NA . 5.61 49.11 42.14
O2B NDP NA . 6.61 49.59 41.19
C1B NDP NA . 6.42 48.56 43.32
N9A NDP NA . 5.73 47.46 44.01
C8A NDP NA . 5.22 47.50 45.26
N7A NDP NA . 4.64 46.33 45.61
C5A NDP NA . 4.77 45.52 44.56
C6A NDP NA . 4.38 44.14 44.27
N6A NDP NA . 3.72 43.41 45.19
N1A NDP NA . 4.70 43.64 43.04
C2A NDP NA . 5.35 44.36 42.11
N3A NDP NA . 5.74 45.63 42.33
C4A NDP NA . 5.48 46.25 43.50
O3 NDP NA . 4.70 52.68 47.37
PN NDP NA . 3.61 53.24 48.46
O1N NDP NA . 2.63 52.25 48.94
O2N NDP NA . 3.18 54.58 47.93
O5D NDP NA . 4.55 53.61 49.70
C5D NDP NA . 5.25 54.86 49.72
C4D NDP NA . 4.58 55.77 50.75
O4D NDP NA . 4.79 55.18 52.03
C3D NDP NA . 5.26 57.10 50.82
O3D NDP NA . 4.32 58.04 51.29
C2D NDP NA . 6.32 56.89 51.86
O2D NDP NA . 6.82 58.11 52.33
C1D NDP NA . 5.56 56.07 52.85
N1N NDP NA . 6.37 55.24 53.72
C2N NDP NA . 6.14 55.28 55.04
C3N NDP NA . 6.86 54.52 55.93
C7N NDP NA . 6.57 54.61 57.40
O7N NDP NA . 7.09 53.84 58.17
N7N NDP NA . 5.71 55.53 57.83
C4N NDP NA . 7.95 53.58 55.44
C5N NDP NA . 8.09 53.63 54.00
C6N NDP NA . 7.30 54.44 53.21
P2B NDP NA . 6.37 49.52 39.61
O1X NDP NA . 7.68 49.99 39.06
O2X NDP NA . 5.97 48.10 39.40
O3X NDP NA . 5.27 50.48 39.21
#